data_5GJV
#
_entry.id   5GJV
#
_cell.length_a   1
_cell.length_b   1
_cell.length_c   1
_cell.angle_alpha   90.00
_cell.angle_beta   90.00
_cell.angle_gamma   90.00
#
_symmetry.space_group_name_H-M   'P 1'
#
loop_
_entity.id
_entity.type
_entity.pdbx_description
1 polymer 'Voltage-dependent L-type calcium channel subunit alpha-1S'
2 polymer 'Voltage-dependent L-type calcium channel subunit beta-1'
3 polymer 'Voltage-dependent L-type calcium channel subunit beta-1'
4 polymer 'Voltage-dependent calcium channel gamma-1 subunit'
5 polymer 'Voltage-dependent calcium channel subunit alpha-2/delta-1'
6 branched 2-acetamido-2-deoxy-beta-D-glucopyranose-(1-4)-2-acetamido-2-deoxy-beta-D-glucopyranose
7 branched beta-D-mannopyranose-(1-4)-2-acetamido-2-deoxy-beta-D-glucopyranose-(1-4)-2-acetamido-2-deoxy-beta-D-glucopyranose
8 branched 2-acetamido-2-deoxy-beta-D-glucopyranose-(1-4)-2-acetamido-2-deoxy-beta-D-glucopyranose-(1-4)-2-acetamido-2-deoxy-beta-D-glucopyranose
9 non-polymer 2-acetamido-2-deoxy-beta-D-glucopyranose
10 non-polymer 1,2-DIACYL-SN-GLYCERO-3-PHOSPHOCHOLINE
11 non-polymer 'CALCIUM ION'
#
loop_
_entity_poly.entity_id
_entity_poly.type
_entity_poly.pdbx_seq_one_letter_code
_entity_poly.pdbx_strand_id
1 'polypeptide(L)'
;MEPSSPQDEGLRKKQPKKPLPEVLPRPPRALFCLTLQNPLRKACISIVEWKPFETIILLTIFANCVALAVYLPMPEDDNN
SLNLGLEKLEYFFLTVFSIEAAMKIIAYGFLFHQDAYLRSGWNVLDFIIVFLGVFTAILEQVNVIQSNTAPMSSKGAGLD
VKALRAFRVLRPLRLVSGVPSLQVVLNSIFKAMLPLFHIALLVLFMVIIYAIIGLELFKGKMHKTCYYIGTDIVATVENE
KPSPCARTGSGRPCTINGSECRGGWPGPNHGITHFDNFGFSMLTVYQCITMEGWTDVLYWVNDAIGNEWPWIYFVTLILL
GSFFILNLVLGVLSGEFTKEREKAKSRGTFQKLREKQQLEEDLRGYMSWITQGEVMDVEDLREGKLSLEEGGSDTESLYE
IEGLNKIIQFIRHWRQWNRVFRWKCHDLVKSRVFYWLVILIVALNTLSIASEHHNQPLWLTHLQDIANRVLLSLFTIEML
LKMYGLGLRQYFMSIFNRFDCFVVCSGILELLLVESGAMTPLGISVLRCIRLLRLFKITKYWTSLSNLVASLLNSIRSIA
SLLLLLFLFIIIFALLGMQLFGGRYDFEDTEVRRSNFDNFPQALISVFQVLTGEDWNSVMYNGIMAYGGPSYPGVLVCIY
FIILFVCGNYILLNVFLAIAVDNLAEAESLTSAQKAKAEERKRRKMSRGLPDKTEEEKSVMAKKLEQKPKGEGIPTTAKL
KVDEFESNVNEVKDPYPSADFPGDDEEDEPEIPVSPRPRPLAELQLKEKAVPIPEASSFFIFSPTNKVRVLCHRIVNATW
FTNFILLFILLSSAALAAEDPIRAESVRNQILGYFDIAFTSVFTVEIVLKMTTYGAFLHKGSFCRNYFNILDLLVVAVSL
ISMGLESSTISVVKILRVLRVLRPLRAINRAKGLKHVVQCVFVAIRTIGNIVLVTTLLQFMFACIGVQLFKGKFFSCNDL
SKMTEEECRGYYYVYKDGDPTQMELRPRQWIHNDFHFDNVLSAMMSLFTVSTFEGWPQLLYRAIDSNEEDMGPVYNNRVE
MAIFFIIYIILIAFFMMNIFVGFVIVTFQEQGETEYKNCELDKNQRQCVQYALKARPLRCYIPKNPYQYQVWYVVTSSYF
EYLMFALIMLNTICLGMQHYHQSEEMNHISDILNVAFTIIFTLEMILKLLAFKARGYFGDPWNVFDFLIVIGSIIDVILS
EIDTFLASSGGLYCLGGGCGNVDPDESARISSAFFRLFRVMRLIKLLSRAEGVRTLLWTFIKSFQALPYVALLIVMLFFI
YAVIGMQMFGKIALVDGTQINRNNNFQTFPQAVLLLFRCATGEAWQEILLACSYGKLCDPESDYAPGEEYTCGTNFAYYY
FISFYMLCAFLIINLFVAVIMDNFDYLTRDWSILGPHHLDEFKAIWAEYDPEAKGRIKHLDVVTLLRRIQPPLGFGKFCP
HRVACKRLVGMNMPLNSDGTVTFNATLFALVRTALKIKTEGNFEQANEELRAIIKKIWKRTSMKLLDQVIPPIGDDEVTV
GKFYATFLIQEHFRKFMKRQEEYYGYRPKKDTVQIQAGLRTIEEEAAPEIRRTISGDLTAEEELERAMVEAAMEERIFRR
TGGLFGQVDTFLERTNSLPPVMANQRPLQFAEIEMEELESPVFLEDFPQDARTNPLARANTNNANANVAYGNSNHSNNQM
FSSVHCEREFPGEAETPAAGRGALSHSHRALGPHSKPCAGKLNGQLVQPGMPINQAPPAPCQQPSTDPPERGQRRTSLTG
SLQDEAPQRRSSEGSTPRRPAPATALLIQEALVRGGLDTLAADAGFVTATSQALADACQMEPEEVEVAATELLKARESVQ
GMASVPGSLSRRSSLGSLDQVQGSQETLIPPRP
;
A
2 'polypeptide(L)'
;SLEVLFQGPHMALRKEAERQALAQLEKAKTKPVAFAVRTNVGYNPSPGDEVPVEGVAITFEPKDFLHIKEKYNNDWWIGR
LVKEGCEVGFIPSPVKLDSLRLLQEQ
;
B
3 'polypeptide(L)'
;VPPYDVVPSMRPIILVGPSLKGYEVTDMMQKALFDFLKHLFDGRISITRVTADISLAKRSVLNNPSKHIIIERSNTRSSL
AEVQSEIERIFELARTLQLVALDADTINHPAQLSKTSLAPIIVYIKITSPKVLQRLIKSRGKSQSKHLNVQIAASEKLAQ
CPPEMFDIILDENQLEDACEHLAEYLEAYWKATHPPSST
;
C
4 'polypeptide(L)'
;MSPTEAPKVRVTLFCILVGIVLAMTAVVSDHWAVLSPHMENHNTTCEAAHFGLWRICTKRIALGEDRSCGPITLPGEKNC
SYFRHFNPGESSEIFEFTTQKEYSISAAAISVFSLGFLIMGTICALMAFRKKRDYLLRPASMFYVFAGLCLFVSLEVMRQ
SVKRMIDSEDTVWIEYYYSWSFACACAAFVLLFLGGISLLLFSLPRMPQNPWESCMDAEPEH
;
E
5 'polypeptide(L)'
;MAAGRPLAWTLTLWQAWLILIGPSSEEPFPSAVTIKSWVDKMQEDLVTLAKTASGVHQLVDIYEKYQDLYTVEPNNARQL
VEIAARDIEKLLSNRSKALVRLALEAEKVQAAHQWREDFASNEVVYYNAKDDLDPEKNDSEPGSQRIKPVFIDDANFRRQ
VSYQHAAVHIPTDIYEGSTIVLNELNWTSALDDVFKKNREEDPSLLWQVFGSATGLARYYPASPWVDNSRTPNKIDLYDV
RRRPWYIQGAASPKDMLILVDVSGSVSGLTLKLIRTSVSEMLETLSDDDFVNVASFNSNAQDVSCFQHLVQANVRNKKVL
KDAVNNITAKGITDYKKGFSFAFEQLLNYNVSRANCNKIIMLFTDGGEERAQEIFAKYNKDKKVRVFTFSVGQHNYDRGP
IQWMACENKGYYYEIPSIGAIRINTQEYLDVLGRPMVLAGDKAKQVQWTNVYLDALELGLVITGTLPVFNITGQFENKTN
LKNQLILGVMGVDVSLEDIKRLTPRFTLCPNGYYFAIDPNGYVLLHPNLQPKPIGVGIPTINLRKRRPNVQNPKSQEPVT
LDFLDAELENDIKVEIRNKMIDGESGEKTFRTLVKSQDERYIDKGNRTYTWTPVNGTDYSSLALVLPTYSFYYIKAKIEE
TITQARYSETLKPDNFEESGYTFLAPRDYCSDLKPSDNNTEFLLNFNEFIDRKTPNNPSCNTDLINRVLLDAGFTNELVQ
NYWSKQKNIKGVKARFVVTDGGITRVYPKEAGENWQENPETYEDSFYKRSLDNDNYVFTAPYFNKSGPGAYESGIMVSKA
VEIYIQGKLLKPAVVGIKIDVNSWIENFTKTSIRDPCAGPVCDCKRNSDVMDCVILDDGGFLLMANHDDYTNQIGRFFGE
IDPSLMRHLVNISVYAFNKSYDYQSVCEPGAAPKQGAGHRSAYVPSIADILQIGWWATAAAWSILQQFLLSLTFPRLLEA
ADMEDDDFTASMSKQSCITEQTQYFFDNDSKSFSGVLDCGNCSRIFHVEKLMNTNLIFIMVESKGTCPCDTRLLIQAEQT
SDGPDPCDMVKQPRYRKGPDVCFDNNVLEDYTDC(ETA)GVSGLNPSLWSIIGIQFVLLWLVSGSRHCLL
;
F
#
# COMPACT_ATOMS: atom_id res chain seq x y z
N PHE A 32 -11.77 43.17 38.12
CA PHE A 32 -10.42 43.67 37.86
C PHE A 32 -10.39 44.76 36.80
N CYS A 33 -11.44 45.59 36.75
CA CYS A 33 -11.68 46.57 35.69
C CYS A 33 -10.56 47.60 35.53
N LEU A 34 -10.53 48.27 34.38
CA LEU A 34 -9.39 49.10 34.01
C LEU A 34 -9.79 50.57 33.95
N THR A 35 -9.61 51.27 35.08
CA THR A 35 -9.67 52.72 35.31
C THR A 35 -11.07 53.34 35.26
N LEU A 36 -12.07 52.59 34.78
CA LEU A 36 -13.49 52.94 34.78
C LEU A 36 -13.84 54.37 34.32
N GLN A 37 -13.55 54.69 33.06
CA GLN A 37 -13.65 56.08 32.62
C GLN A 37 -14.88 56.31 31.72
N ASN A 38 -15.34 57.55 31.63
CA ASN A 38 -16.39 57.87 30.66
C ASN A 38 -16.04 59.04 29.75
N PRO A 39 -15.14 58.89 28.75
CA PRO A 39 -15.10 59.82 27.61
C PRO A 39 -16.15 59.47 26.57
N LEU A 40 -15.97 59.95 25.35
CA LEU A 40 -16.67 59.42 24.17
C LEU A 40 -16.44 57.92 23.92
N ARG A 41 -15.51 57.28 24.63
CA ARG A 41 -15.29 55.84 24.52
C ARG A 41 -16.52 55.04 24.95
N LYS A 42 -17.42 55.64 25.74
CA LYS A 42 -18.64 54.96 26.12
C LYS A 42 -19.57 54.78 24.92
N ALA A 43 -19.42 55.62 23.89
CA ALA A 43 -20.23 55.46 22.69
C ALA A 43 -19.73 54.31 21.83
N CYS A 44 -18.49 53.87 22.06
CA CYS A 44 -17.99 52.68 21.36
C CYS A 44 -18.75 51.45 21.80
N ILE A 45 -19.14 51.40 23.08
CA ILE A 45 -19.84 50.25 23.65
C ILE A 45 -21.21 50.07 22.99
N SER A 46 -21.80 51.17 22.55
CA SER A 46 -23.03 51.12 21.78
C SER A 46 -22.78 50.62 20.36
N ILE A 47 -21.53 50.63 19.91
CA ILE A 47 -21.20 50.19 18.56
C ILE A 47 -20.46 48.85 18.58
N VAL A 48 -19.71 48.59 19.65
CA VAL A 48 -19.06 47.28 19.84
C VAL A 48 -20.08 46.16 19.89
N GLU A 49 -21.20 46.37 20.58
CA GLU A 49 -22.14 45.29 20.85
C GLU A 49 -23.49 45.48 20.18
N TRP A 50 -23.50 46.18 19.04
CA TRP A 50 -24.71 46.66 18.40
C TRP A 50 -25.53 45.44 18.06
N LYS A 51 -26.17 45.39 16.90
CA LYS A 51 -26.61 44.02 16.58
C LYS A 51 -25.62 43.21 15.72
N PRO A 52 -25.25 43.68 14.49
CA PRO A 52 -24.64 42.73 13.55
C PRO A 52 -23.15 42.65 13.67
N PHE A 53 -22.58 43.07 14.80
CA PHE A 53 -21.15 43.00 15.00
C PHE A 53 -20.66 41.55 14.98
N GLU A 54 -21.54 40.62 15.36
CA GLU A 54 -21.27 39.21 15.13
C GLU A 54 -21.15 38.91 13.64
N THR A 55 -22.02 39.52 12.83
CA THR A 55 -22.10 39.16 11.42
C THR A 55 -20.88 39.66 10.65
N ILE A 56 -20.35 40.83 11.03
CA ILE A 56 -19.17 41.34 10.37
C ILE A 56 -17.96 40.51 10.75
N ILE A 57 -17.94 40.01 11.98
CA ILE A 57 -16.80 39.19 12.36
C ILE A 57 -16.99 37.75 11.87
N LEU A 58 -18.23 37.32 11.65
CA LEU A 58 -18.45 36.01 11.04
C LEU A 58 -17.99 36.02 9.58
N LEU A 59 -18.19 37.14 8.89
CA LEU A 59 -17.83 37.18 7.48
C LEU A 59 -16.34 37.43 7.28
N THR A 60 -15.60 37.77 8.34
CA THR A 60 -14.17 38.00 8.14
C THR A 60 -13.35 36.83 8.65
N ILE A 61 -13.89 35.99 9.53
CA ILE A 61 -13.17 34.78 9.91
C ILE A 61 -13.36 33.73 8.84
N PHE A 62 -14.54 33.73 8.20
CA PHE A 62 -14.79 32.85 7.07
C PHE A 62 -13.89 33.20 5.89
N ALA A 63 -13.40 34.43 5.81
CA ALA A 63 -12.42 34.77 4.79
C ALA A 63 -11.07 34.14 5.09
N ASN A 64 -10.72 34.05 6.36
CA ASN A 64 -9.50 33.38 6.78
C ASN A 64 -9.52 31.90 6.38
N CYS A 65 -10.69 31.27 6.48
CA CYS A 65 -10.81 29.87 6.10
C CYS A 65 -10.50 29.70 4.62
N VAL A 66 -10.92 30.65 3.80
CA VAL A 66 -10.60 30.60 2.38
C VAL A 66 -9.19 31.10 2.15
N ALA A 67 -8.71 32.05 2.98
CA ALA A 67 -7.35 32.53 2.82
C ALA A 67 -6.33 31.48 3.18
N LEU A 68 -6.66 30.59 4.09
CA LEU A 68 -5.76 29.47 4.38
C LEU A 68 -6.04 28.24 3.55
N ALA A 69 -7.09 28.25 2.74
CA ALA A 69 -7.36 27.09 1.88
C ALA A 69 -6.63 27.23 0.56
N VAL A 70 -6.37 28.46 0.13
CA VAL A 70 -5.74 28.66 -1.17
C VAL A 70 -4.24 28.83 -0.97
N TYR A 71 -3.79 28.72 0.25
CA TYR A 71 -2.37 28.75 0.54
C TYR A 71 -1.72 27.49 0.01
N LEU A 72 -1.09 27.55 -1.15
CA LEU A 72 -0.51 26.33 -1.67
C LEU A 72 0.90 26.24 -1.11
N PRO A 73 1.24 25.19 -0.37
CA PRO A 73 2.57 25.12 0.22
C PRO A 73 3.60 24.69 -0.81
N MET A 74 4.84 25.08 -0.56
CA MET A 74 5.93 24.86 -1.51
C MET A 74 7.15 24.32 -0.79
N PRO A 75 7.87 23.38 -1.43
CA PRO A 75 8.82 22.53 -0.70
C PRO A 75 9.99 23.22 -0.02
N GLU A 76 10.84 23.91 -0.77
CA GLU A 76 12.01 24.52 -0.16
C GLU A 76 11.98 26.02 -0.42
N ASP A 77 11.22 26.73 0.42
CA ASP A 77 11.10 28.19 0.39
C ASP A 77 10.73 28.72 -0.99
N ASP A 78 9.53 28.45 -1.46
CA ASP A 78 9.13 28.93 -2.77
C ASP A 78 7.76 29.59 -2.60
N ASN A 79 7.45 30.56 -3.46
CA ASN A 79 6.19 31.29 -3.35
C ASN A 79 5.69 31.66 -4.74
N ASN A 80 4.44 31.29 -5.06
CA ASN A 80 3.98 31.42 -6.43
C ASN A 80 3.75 32.82 -6.96
N SER A 81 2.50 33.29 -6.84
CA SER A 81 2.16 34.70 -6.87
C SER A 81 0.98 34.89 -5.94
N LEU A 82 0.04 33.97 -6.05
CA LEU A 82 -1.16 34.01 -5.23
C LEU A 82 -0.82 33.64 -3.80
N ASN A 83 0.16 32.75 -3.65
CA ASN A 83 0.72 32.47 -2.34
C ASN A 83 1.46 33.69 -1.80
N LEU A 84 1.98 34.52 -2.70
CA LEU A 84 2.77 35.67 -2.28
C LEU A 84 1.88 36.84 -1.96
N GLY A 85 0.71 36.91 -2.61
CA GLY A 85 -0.25 37.95 -2.26
C GLY A 85 -1.00 37.64 -0.99
N LEU A 86 -1.22 36.36 -0.70
CA LEU A 86 -1.94 36.00 0.52
C LEU A 86 -1.10 36.17 1.76
N GLU A 87 0.22 36.33 1.62
CA GLU A 87 1.02 36.65 2.78
C GLU A 87 0.72 38.06 3.24
N LYS A 88 0.49 38.96 2.29
CA LYS A 88 0.19 40.35 2.64
C LYS A 88 -1.24 40.51 3.07
N LEU A 89 -2.11 39.55 2.75
CA LEU A 89 -3.52 39.68 3.11
C LEU A 89 -3.71 39.36 4.59
N GLU A 90 -2.73 38.70 5.22
CA GLU A 90 -2.78 38.43 6.64
C GLU A 90 -2.74 39.70 7.46
N TYR A 91 -2.06 40.72 6.93
CA TYR A 91 -1.93 41.98 7.67
C TYR A 91 -3.26 42.72 7.69
N PHE A 92 -4.12 42.45 6.71
CA PHE A 92 -5.51 42.89 6.81
C PHE A 92 -6.21 42.19 7.96
N PHE A 93 -6.08 40.86 8.03
CA PHE A 93 -6.76 40.13 9.10
C PHE A 93 -6.00 40.23 10.40
N LEU A 94 -4.81 40.81 10.38
CA LEU A 94 -4.13 41.12 11.62
C LEU A 94 -4.74 42.35 12.26
N THR A 95 -5.01 43.38 11.46
CA THR A 95 -5.45 44.64 12.04
C THR A 95 -6.94 44.64 12.34
N VAL A 96 -7.75 43.94 11.54
CA VAL A 96 -9.19 43.93 11.77
C VAL A 96 -9.51 43.11 13.00
N PHE A 97 -8.76 42.05 13.25
CA PHE A 97 -8.91 41.34 14.51
C PHE A 97 -8.27 42.11 15.65
N SER A 98 -7.46 43.13 15.35
CA SER A 98 -6.93 44.00 16.39
C SER A 98 -7.79 45.23 16.59
N ILE A 99 -8.36 45.75 15.49
CA ILE A 99 -9.36 46.81 15.60
C ILE A 99 -10.58 46.33 16.37
N GLU A 100 -10.99 45.08 16.13
CA GLU A 100 -12.07 44.47 16.90
C GLU A 100 -11.70 44.36 18.37
N ALA A 101 -10.58 43.69 18.67
CA ALA A 101 -10.28 43.28 20.03
C ALA A 101 -9.93 44.44 20.94
N ALA A 102 -9.33 45.51 20.39
CA ALA A 102 -9.05 46.69 21.22
C ALA A 102 -10.33 47.40 21.57
N MET A 103 -11.31 47.38 20.66
CA MET A 103 -12.64 47.88 21.00
C MET A 103 -13.34 47.00 22.02
N LYS A 104 -13.00 45.71 22.06
CA LYS A 104 -13.58 44.85 23.09
C LYS A 104 -12.97 45.17 24.46
N ILE A 105 -11.73 45.71 24.46
CA ILE A 105 -11.12 46.17 25.70
C ILE A 105 -11.74 47.48 26.16
N ILE A 106 -11.94 48.42 25.23
CA ILE A 106 -12.58 49.70 25.52
C ILE A 106 -14.03 49.48 25.95
N ALA A 107 -14.66 48.40 25.45
CA ALA A 107 -16.03 48.09 25.83
C ALA A 107 -16.16 47.72 27.31
N TYR A 108 -15.38 46.76 27.79
CA TYR A 108 -15.45 46.50 29.22
C TYR A 108 -14.11 46.65 29.94
N GLY A 109 -13.11 45.87 29.54
CA GLY A 109 -11.86 45.84 30.27
C GLY A 109 -11.39 44.46 30.66
N PHE A 110 -10.64 44.34 31.77
CA PHE A 110 -10.03 43.06 32.14
C PHE A 110 -11.04 42.03 32.62
N LEU A 111 -12.25 42.45 32.95
CA LEU A 111 -13.33 41.54 33.30
C LEU A 111 -13.95 40.93 32.06
N PHE A 112 -13.63 41.45 30.87
CA PHE A 112 -14.13 40.91 29.63
C PHE A 112 -13.23 39.79 29.10
N HIS A 113 -12.42 39.20 29.97
CA HIS A 113 -11.92 37.85 29.84
C HIS A 113 -12.81 36.84 30.56
N GLN A 114 -14.11 37.11 30.66
CA GLN A 114 -14.98 36.25 31.44
C GLN A 114 -15.43 35.03 30.64
N ASP A 115 -15.84 35.25 29.39
CA ASP A 115 -16.07 34.13 28.49
C ASP A 115 -14.75 33.48 28.16
N ALA A 116 -14.63 32.19 28.49
CA ALA A 116 -13.41 31.43 28.19
C ALA A 116 -13.21 31.30 26.69
N TYR A 117 -14.28 31.37 25.92
CA TYR A 117 -14.15 31.34 24.48
C TYR A 117 -13.73 32.68 23.92
N LEU A 118 -13.90 33.75 24.69
CA LEU A 118 -13.24 35.00 24.34
C LEU A 118 -11.82 35.04 24.87
N ARG A 119 -11.51 34.23 25.87
CA ARG A 119 -10.16 34.18 26.41
C ARG A 119 -9.17 33.62 25.39
N SER A 120 -9.65 32.78 24.47
CA SER A 120 -8.80 32.36 23.36
C SER A 120 -8.70 33.44 22.30
N GLY A 121 -9.66 34.37 22.28
CA GLY A 121 -9.73 35.41 21.27
C GLY A 121 -8.54 36.34 21.29
N TRP A 122 -8.19 36.86 22.47
CA TRP A 122 -6.97 37.64 22.57
C TRP A 122 -5.74 36.75 22.49
N ASN A 123 -5.90 35.45 22.73
CA ASN A 123 -4.75 34.55 22.71
C ASN A 123 -4.28 34.32 21.29
N VAL A 124 -5.21 34.19 20.34
CA VAL A 124 -4.88 34.04 18.93
C VAL A 124 -4.18 35.29 18.40
N LEU A 125 -4.65 36.45 18.83
CA LEU A 125 -4.10 37.71 18.33
C LEU A 125 -2.73 37.99 18.92
N ASP A 126 -2.51 37.59 20.18
CA ASP A 126 -1.27 37.94 20.86
C ASP A 126 -0.08 37.11 20.36
N PHE A 127 -0.31 36.05 19.58
CA PHE A 127 0.81 35.39 18.93
C PHE A 127 1.20 36.09 17.64
N ILE A 128 0.21 36.64 16.93
CA ILE A 128 0.49 37.15 15.59
C ILE A 128 1.14 38.53 15.69
N ILE A 129 0.90 39.24 16.78
CA ILE A 129 1.65 40.47 17.04
C ILE A 129 3.11 40.14 17.31
N VAL A 130 3.38 39.01 17.96
CA VAL A 130 4.75 38.53 18.12
C VAL A 130 5.31 38.11 16.76
N PHE A 131 4.45 37.65 15.86
CA PHE A 131 4.90 37.26 14.53
C PHE A 131 5.34 38.46 13.71
N LEU A 132 4.75 39.64 13.96
CA LEU A 132 5.22 40.83 13.27
C LEU A 132 6.59 41.26 13.78
N GLY A 133 6.88 41.00 15.05
CA GLY A 133 8.18 41.32 15.61
C GLY A 133 9.27 40.44 15.02
N VAL A 134 8.97 39.14 14.88
CA VAL A 134 9.93 38.21 14.29
C VAL A 134 9.98 38.41 12.78
N PHE A 135 8.95 39.03 12.20
CA PHE A 135 9.01 39.44 10.80
C PHE A 135 10.06 40.52 10.57
N THR A 136 10.24 41.43 11.52
CA THR A 136 11.23 42.49 11.35
C THR A 136 12.63 41.98 11.65
N ALA A 137 12.74 40.84 12.35
CA ALA A 137 14.05 40.23 12.57
C ALA A 137 14.64 39.67 11.29
N ILE A 138 13.81 39.31 10.32
CA ILE A 138 14.30 38.79 9.05
C ILE A 138 14.91 39.89 8.20
N LEU A 139 14.25 41.05 8.10
CA LEU A 139 14.79 42.17 7.35
C LEU A 139 15.84 42.92 8.17
N VAL A 161 10.23 30.68 13.39
CA VAL A 161 9.99 31.30 12.09
C VAL A 161 8.79 30.63 11.42
N LYS A 162 8.81 29.29 11.37
CA LYS A 162 7.65 28.55 10.94
C LYS A 162 6.86 27.96 12.10
N ALA A 163 7.19 28.35 13.33
CA ALA A 163 6.40 27.90 14.47
C ALA A 163 5.11 28.70 14.59
N LEU A 164 5.19 30.01 14.35
CA LEU A 164 3.99 30.83 14.39
C LEU A 164 3.16 30.69 13.11
N ARG A 165 3.75 30.04 12.11
CA ARG A 165 3.05 29.77 10.86
C ARG A 165 1.90 28.79 11.15
N ALA A 166 2.10 27.92 12.13
CA ALA A 166 1.12 26.89 12.40
C ALA A 166 0.02 27.40 13.32
N PHE A 167 0.24 28.52 14.00
CA PHE A 167 -0.79 29.00 14.91
C PHE A 167 -1.91 29.73 14.20
N ARG A 168 -1.71 30.14 12.94
CA ARG A 168 -2.81 30.75 12.21
C ARG A 168 -3.86 29.72 11.82
N VAL A 169 -3.52 28.42 11.88
CA VAL A 169 -4.48 27.35 11.71
C VAL A 169 -5.56 27.39 12.77
N LEU A 170 -5.22 27.83 13.98
CA LEU A 170 -6.13 27.89 15.11
C LEU A 170 -7.28 28.88 14.92
N ARG A 171 -7.22 29.83 13.97
CA ARG A 171 -8.25 30.90 13.86
C ARG A 171 -9.76 30.57 13.62
N PRO A 172 -9.89 29.44 12.78
CA PRO A 172 -11.31 29.06 12.70
C PRO A 172 -11.89 28.53 14.00
N LEU A 173 -11.09 28.25 15.03
CA LEU A 173 -11.74 27.96 16.30
C LEU A 173 -12.46 29.18 16.85
N ARG A 174 -12.13 30.35 16.33
CA ARG A 174 -12.85 31.57 16.69
C ARG A 174 -14.24 31.53 16.07
N LEU A 175 -14.34 30.84 14.93
CA LEU A 175 -15.62 30.66 14.25
C LEU A 175 -16.59 29.84 15.07
N VAL A 176 -16.09 28.93 15.90
CA VAL A 176 -16.91 28.31 16.91
C VAL A 176 -17.46 29.32 17.90
N SER A 177 -16.60 30.13 18.49
CA SER A 177 -16.98 31.01 19.59
C SER A 177 -17.92 32.12 19.13
N GLY A 178 -17.87 32.49 17.86
CA GLY A 178 -18.79 33.46 17.34
C GLY A 178 -20.19 32.90 17.26
N VAL A 179 -20.37 31.87 16.46
CA VAL A 179 -21.68 31.29 16.16
C VAL A 179 -22.19 30.49 17.34
N PRO A 180 -23.33 30.83 17.92
CA PRO A 180 -23.89 30.00 18.99
C PRO A 180 -24.52 28.74 18.40
N SER A 181 -24.99 27.85 19.29
CA SER A 181 -25.50 26.50 19.04
C SER A 181 -24.31 25.54 18.98
N LEU A 182 -23.17 26.03 18.54
CA LEU A 182 -22.00 25.17 18.69
C LEU A 182 -21.38 25.39 20.06
N GLN A 183 -21.88 26.39 20.79
CA GLN A 183 -21.59 26.47 22.21
C GLN A 183 -22.39 25.43 22.97
N VAL A 184 -23.44 24.91 22.36
CA VAL A 184 -24.19 23.81 22.95
C VAL A 184 -23.41 22.52 22.78
N VAL A 185 -22.75 22.37 21.63
CA VAL A 185 -22.13 21.09 21.28
C VAL A 185 -20.86 20.87 22.10
N LEU A 186 -19.96 21.85 22.11
CA LEU A 186 -18.71 21.68 22.84
C LEU A 186 -18.92 21.63 24.34
N ASN A 187 -19.99 22.24 24.84
CA ASN A 187 -20.31 22.06 26.24
C ASN A 187 -20.85 20.66 26.50
N SER A 188 -21.54 20.08 25.53
CA SER A 188 -22.14 18.77 25.74
C SER A 188 -21.10 17.67 25.56
N ILE A 189 -20.03 17.97 24.84
CA ILE A 189 -19.09 16.93 24.45
C ILE A 189 -18.10 16.66 25.56
N PHE A 190 -17.90 17.62 26.46
CA PHE A 190 -17.00 17.38 27.58
C PHE A 190 -17.74 16.71 28.73
N LYS A 191 -19.08 16.76 28.70
CA LYS A 191 -19.85 16.15 29.76
C LYS A 191 -20.01 14.64 29.56
N ALA A 192 -19.59 14.14 28.40
CA ALA A 192 -19.55 12.70 28.20
C ALA A 192 -18.25 12.11 28.73
N MET A 193 -17.29 12.97 29.07
CA MET A 193 -15.94 12.50 29.31
C MET A 193 -15.74 12.11 30.76
N LEU A 194 -16.70 12.44 31.61
CA LEU A 194 -16.60 12.03 33.02
C LEU A 194 -16.81 10.54 33.28
N PRO A 195 -17.83 9.85 32.75
CA PRO A 195 -17.92 8.42 33.07
C PRO A 195 -16.95 7.57 32.28
N LEU A 196 -16.35 8.10 31.23
CA LEU A 196 -15.40 7.34 30.42
C LEU A 196 -14.02 7.26 31.05
N PHE A 197 -13.79 7.95 32.15
CA PHE A 197 -12.42 8.16 32.62
C PHE A 197 -11.77 6.89 33.13
N HIS A 198 -12.54 5.97 33.71
CA HIS A 198 -11.93 4.74 34.20
C HIS A 198 -11.65 3.77 33.06
N ILE A 199 -12.47 3.81 32.01
CA ILE A 199 -12.22 2.98 30.85
C ILE A 199 -10.97 3.43 30.12
N ALA A 200 -10.79 4.74 29.99
CA ALA A 200 -9.64 5.26 29.26
C ALA A 200 -8.37 5.10 30.07
N LEU A 201 -8.48 5.02 31.39
CA LEU A 201 -7.28 4.91 32.20
C LEU A 201 -6.82 3.46 32.28
N LEU A 202 -7.70 2.53 31.99
CA LEU A 202 -7.27 1.14 31.94
C LEU A 202 -6.64 0.81 30.60
N VAL A 203 -7.08 1.48 29.55
CA VAL A 203 -6.40 1.31 28.27
C VAL A 203 -5.03 1.97 28.32
N LEU A 204 -4.91 3.00 29.15
CA LEU A 204 -3.61 3.59 29.39
C LEU A 204 -2.72 2.65 30.22
N PHE A 205 -3.31 1.79 31.04
CA PHE A 205 -2.50 0.78 31.72
C PHE A 205 -2.34 -0.46 30.87
N MET A 206 -3.22 -0.61 29.88
CA MET A 206 -3.14 -1.73 28.96
C MET A 206 -1.96 -1.59 28.02
N VAL A 207 -1.66 -0.35 27.62
CA VAL A 207 -0.54 -0.09 26.73
C VAL A 207 0.77 -0.19 27.48
N ILE A 208 0.82 0.32 28.72
CA ILE A 208 2.08 0.38 29.45
C ILE A 208 2.55 -1.02 29.85
N ILE A 209 1.61 -1.92 30.12
CA ILE A 209 2.02 -3.31 30.36
C ILE A 209 2.57 -3.92 29.09
N TYR A 210 1.86 -3.78 27.97
CA TYR A 210 2.35 -4.38 26.74
C TYR A 210 3.43 -3.56 26.06
N ALA A 211 3.82 -2.42 26.62
CA ALA A 211 5.00 -1.76 26.07
C ALA A 211 6.25 -2.27 26.75
N ILE A 212 6.16 -2.57 28.04
CA ILE A 212 7.32 -3.04 28.79
C ILE A 212 7.60 -4.51 28.48
N ILE A 213 6.55 -5.31 28.32
CA ILE A 213 6.71 -6.70 27.90
C ILE A 213 7.24 -6.84 26.48
N GLY A 214 6.79 -5.99 25.56
CA GLY A 214 7.39 -5.98 24.25
C GLY A 214 8.73 -5.31 24.20
N LEU A 215 9.05 -4.48 25.17
CA LEU A 215 10.41 -3.96 25.23
C LEU A 215 11.49 -4.91 25.68
N GLU A 216 11.21 -5.69 26.72
CA GLU A 216 12.18 -6.64 27.24
C GLU A 216 12.24 -7.95 26.46
N LEU A 217 11.19 -8.32 25.76
CA LEU A 217 11.23 -9.55 24.98
C LEU A 217 11.84 -9.36 23.60
N PHE A 218 11.83 -8.14 23.05
CA PHE A 218 12.22 -7.94 21.67
C PHE A 218 13.26 -6.86 21.46
N LYS A 219 14.01 -6.43 22.47
CA LYS A 219 15.06 -5.43 22.28
C LYS A 219 16.11 -5.91 21.30
N GLY A 220 16.28 -5.16 20.23
CA GLY A 220 17.38 -5.41 19.32
C GLY A 220 17.22 -6.57 18.37
N LYS A 221 16.06 -7.22 18.37
CA LYS A 221 15.86 -8.45 17.63
C LYS A 221 15.66 -8.26 16.12
N MET A 222 15.32 -7.03 15.72
CA MET A 222 14.97 -6.76 14.33
C MET A 222 16.17 -6.39 13.45
N HIS A 223 17.34 -6.18 14.03
CA HIS A 223 18.38 -5.44 13.32
C HIS A 223 19.15 -6.26 12.30
N LYS A 224 18.75 -7.50 12.07
CA LYS A 224 19.43 -8.36 11.10
C LYS A 224 18.94 -7.99 9.70
N THR A 225 19.74 -8.29 8.69
CA THR A 225 19.33 -7.89 7.33
C THR A 225 19.39 -9.13 6.44
N CYS A 226 18.98 -9.00 5.18
CA CYS A 226 19.32 -9.92 4.10
C CYS A 226 19.99 -9.16 2.96
N TYR A 227 21.08 -8.44 3.23
CA TYR A 227 21.77 -7.72 2.17
C TYR A 227 22.34 -8.67 1.12
N TYR A 228 22.65 -8.11 -0.04
CA TYR A 228 23.41 -8.83 -1.06
C TYR A 228 24.84 -9.05 -0.60
N ILE A 229 25.63 -9.72 -1.46
CA ILE A 229 26.76 -10.59 -1.10
C ILE A 229 27.77 -9.94 -0.17
N GLY A 230 28.43 -8.88 -0.63
CA GLY A 230 28.79 -7.83 0.28
C GLY A 230 28.53 -6.51 -0.40
N THR A 231 27.48 -5.81 0.02
CA THR A 231 27.00 -4.58 -0.61
C THR A 231 26.30 -3.76 0.46
N ASP A 232 25.43 -2.86 0.04
CA ASP A 232 24.56 -2.14 0.96
C ASP A 232 23.09 -2.30 0.58
N ILE A 233 22.79 -3.04 -0.48
CA ILE A 233 21.41 -3.15 -0.92
C ILE A 233 20.69 -4.24 -0.13
N VAL A 234 19.49 -3.92 0.36
CA VAL A 234 18.61 -4.88 1.01
C VAL A 234 17.89 -5.65 -0.08
N ALA A 235 17.84 -6.97 0.06
CA ALA A 235 17.31 -7.80 -1.02
C ALA A 235 15.84 -8.13 -0.82
N THR A 236 15.01 -7.72 -1.77
CA THR A 236 13.57 -7.96 -1.70
C THR A 236 13.15 -8.66 -2.98
N VAL A 237 11.87 -9.05 -3.03
CA VAL A 237 11.29 -9.59 -4.27
C VAL A 237 10.01 -8.80 -4.53
N GLU A 238 10.13 -7.67 -5.23
CA GLU A 238 9.11 -7.14 -6.14
C GLU A 238 7.80 -6.68 -5.52
N ASN A 239 7.46 -7.16 -4.33
CA ASN A 239 6.50 -6.55 -3.42
C ASN A 239 6.92 -6.74 -1.96
N GLU A 240 7.97 -7.53 -1.73
CA GLU A 240 8.27 -8.00 -0.39
C GLU A 240 8.86 -6.86 0.42
N LYS A 241 8.19 -6.58 1.53
CA LYS A 241 8.65 -5.59 2.49
C LYS A 241 10.02 -5.98 3.03
N PRO A 242 10.81 -5.06 3.33
CA PRO A 242 12.17 -5.39 3.80
C PRO A 242 12.19 -5.94 5.23
N SER A 243 12.02 -7.26 5.32
CA SER A 243 11.77 -7.91 6.59
C SER A 243 13.03 -8.60 7.13
N PRO A 244 13.20 -8.66 8.45
CA PRO A 244 14.47 -9.04 9.02
C PRO A 244 14.81 -10.51 8.87
N CYS A 245 15.98 -10.88 9.36
CA CYS A 245 16.55 -12.21 9.24
C CYS A 245 17.11 -12.66 10.59
N ALA A 246 17.71 -13.85 10.58
CA ALA A 246 18.47 -14.37 11.71
C ALA A 246 19.39 -15.46 11.17
N ARG A 247 20.70 -15.33 11.44
CA ARG A 247 21.65 -16.34 11.00
C ARG A 247 21.47 -17.64 11.78
N THR A 248 21.04 -17.53 13.02
CA THR A 248 20.79 -18.63 13.94
C THR A 248 19.40 -19.17 13.62
N GLY A 249 18.87 -20.10 14.39
CA GLY A 249 17.69 -20.84 13.97
C GLY A 249 16.39 -20.06 13.99
N SER A 250 15.35 -20.74 13.48
CA SER A 250 13.92 -20.48 13.60
C SER A 250 13.38 -19.33 12.76
N GLY A 251 14.23 -18.52 12.14
CA GLY A 251 13.73 -17.41 11.36
C GLY A 251 14.54 -17.13 10.12
N ARG A 252 13.87 -17.20 8.98
CA ARG A 252 14.34 -16.84 7.64
C ARG A 252 15.70 -17.36 7.19
N PRO A 253 15.75 -18.55 6.60
CA PRO A 253 16.93 -18.98 5.85
C PRO A 253 17.51 -18.01 4.82
N CYS A 254 16.76 -17.00 4.36
CA CYS A 254 17.18 -15.97 3.42
C CYS A 254 17.62 -16.61 2.11
N THR A 255 16.67 -17.19 1.39
CA THR A 255 16.95 -17.98 0.20
C THR A 255 16.79 -17.15 -1.06
N ILE A 256 17.23 -15.91 -1.03
CA ILE A 256 17.04 -15.00 -2.16
C ILE A 256 18.34 -14.99 -2.96
N ASN A 257 19.12 -16.05 -2.81
CA ASN A 257 20.06 -16.53 -3.82
C ASN A 257 21.19 -15.57 -4.17
N GLY A 258 22.17 -15.48 -3.30
CA GLY A 258 23.25 -14.53 -3.46
C GLY A 258 23.13 -13.38 -2.50
N SER A 259 22.93 -13.73 -1.23
CA SER A 259 22.67 -12.77 -0.18
C SER A 259 23.00 -13.42 1.15
N GLU A 260 23.51 -12.66 2.12
CA GLU A 260 23.85 -13.26 3.39
C GLU A 260 23.48 -12.30 4.50
N CYS A 261 22.88 -12.84 5.56
CA CYS A 261 22.35 -12.02 6.64
C CYS A 261 23.47 -11.42 7.48
N ARG A 262 23.51 -10.10 7.54
CA ARG A 262 24.54 -9.39 8.28
C ARG A 262 23.94 -8.27 9.10
N GLY A 263 24.60 -7.92 10.20
CA GLY A 263 24.07 -6.94 11.12
C GLY A 263 23.99 -5.56 10.50
N GLY A 264 23.40 -4.65 11.25
CA GLY A 264 23.18 -3.35 10.68
C GLY A 264 21.70 -3.07 10.69
N TRP A 265 21.11 -2.82 9.51
CA TRP A 265 19.75 -2.33 9.58
C TRP A 265 18.90 -2.58 8.35
N PRO A 266 18.01 -3.60 8.39
CA PRO A 266 17.09 -3.88 7.28
C PRO A 266 15.76 -3.22 7.44
N GLY A 267 15.64 -2.41 8.48
CA GLY A 267 14.62 -2.62 9.46
C GLY A 267 13.17 -2.43 9.09
N PRO A 268 12.31 -2.66 10.06
CA PRO A 268 10.92 -2.27 9.94
C PRO A 268 10.74 -0.79 9.61
N ASN A 269 9.51 -0.41 9.30
CA ASN A 269 9.13 0.35 8.11
C ASN A 269 10.20 1.24 7.52
N HIS A 270 10.74 2.17 8.28
CA HIS A 270 12.02 2.74 7.88
C HIS A 270 12.93 2.94 9.07
N GLY A 271 12.58 2.41 10.22
CA GLY A 271 13.21 2.83 11.44
C GLY A 271 12.20 3.08 12.53
N ILE A 272 10.93 2.89 12.21
CA ILE A 272 9.87 3.45 13.04
C ILE A 272 9.14 2.34 13.78
N THR A 273 9.38 1.09 13.41
CA THR A 273 8.57 0.02 14.00
C THR A 273 9.48 -0.93 14.79
N HIS A 274 10.30 -0.38 15.67
CA HIS A 274 11.24 -1.12 16.48
C HIS A 274 10.55 -1.74 17.68
N PHE A 275 11.37 -2.22 18.61
CA PHE A 275 10.95 -2.50 19.97
C PHE A 275 11.93 -2.05 21.03
N ASP A 276 12.85 -1.14 20.70
CA ASP A 276 13.78 -0.67 21.70
C ASP A 276 13.44 0.77 22.04
N ASN A 277 13.87 1.25 23.20
CA ASN A 277 13.56 2.62 23.52
C ASN A 277 12.08 2.75 23.84
N PHE A 278 11.75 2.91 25.10
CA PHE A 278 10.35 2.93 25.52
C PHE A 278 9.37 3.63 24.59
N GLY A 279 9.75 4.76 23.99
CA GLY A 279 8.84 5.44 23.10
C GLY A 279 8.48 4.73 21.81
N PHE A 280 9.37 3.90 21.26
CA PHE A 280 8.99 3.14 20.07
C PHE A 280 8.14 1.93 20.42
N SER A 281 8.36 1.37 21.60
CA SER A 281 7.62 0.18 21.94
C SER A 281 6.21 0.68 22.13
N MET A 282 6.06 1.83 22.77
CA MET A 282 4.71 2.29 23.09
C MET A 282 4.02 2.79 21.83
N LEU A 283 4.78 3.14 20.81
CA LEU A 283 4.17 3.56 19.55
C LEU A 283 3.68 2.35 18.77
N THR A 284 4.42 1.24 18.81
CA THR A 284 4.06 0.10 17.99
C THR A 284 3.24 -0.92 18.76
N VAL A 285 2.85 -0.64 20.00
CA VAL A 285 1.75 -1.37 20.56
C VAL A 285 0.53 -0.49 20.57
N TYR A 286 0.69 0.76 20.18
CA TYR A 286 -0.49 1.58 19.94
C TYR A 286 -1.13 1.20 18.64
N GLN A 287 -0.34 1.23 17.56
CA GLN A 287 -0.84 0.92 16.23
C GLN A 287 -1.46 -0.47 16.21
N CYS A 288 -0.85 -1.39 16.94
CA CYS A 288 -1.37 -2.74 17.03
C CYS A 288 -2.73 -2.76 17.71
N ILE A 289 -2.95 -1.89 18.69
CA ILE A 289 -4.22 -1.85 19.39
C ILE A 289 -5.35 -1.39 18.47
N THR A 290 -5.05 -0.55 17.49
CA THR A 290 -6.13 -0.07 16.62
C THR A 290 -6.43 -1.05 15.48
N MET A 291 -5.97 -2.30 15.61
CA MET A 291 -6.11 -3.39 14.65
C MET A 291 -5.66 -3.06 13.25
N GLU A 292 -4.83 -2.03 13.09
CA GLU A 292 -4.40 -1.60 11.77
C GLU A 292 -2.91 -1.79 11.63
N GLY A 293 -2.49 -2.69 10.75
CA GLY A 293 -1.10 -3.00 10.67
C GLY A 293 -0.56 -3.78 11.83
N TRP A 294 -1.42 -4.51 12.55
CA TRP A 294 -0.89 -5.33 13.62
C TRP A 294 -0.27 -6.59 13.09
N THR A 295 -0.45 -6.87 11.81
CA THR A 295 0.09 -8.11 11.30
C THR A 295 1.47 -7.91 10.71
N ASP A 296 1.88 -6.68 10.49
CA ASP A 296 3.27 -6.57 10.08
C ASP A 296 4.18 -6.63 11.28
N VAL A 297 3.75 -6.07 12.40
CA VAL A 297 4.54 -6.13 13.62
C VAL A 297 4.53 -7.55 14.16
N LEU A 298 3.49 -8.30 13.88
CA LEU A 298 3.55 -9.73 14.16
C LEU A 298 4.52 -10.41 13.23
N TYR A 299 4.36 -10.22 11.93
CA TYR A 299 5.17 -11.01 11.00
C TYR A 299 6.60 -10.54 10.90
N TRP A 300 6.98 -9.46 11.57
CA TRP A 300 8.38 -9.08 11.63
C TRP A 300 9.08 -9.75 12.78
N VAL A 301 8.44 -9.78 13.95
CA VAL A 301 8.94 -10.54 15.08
C VAL A 301 9.02 -12.01 14.74
N ASN A 302 7.92 -12.56 14.24
CA ASN A 302 7.79 -13.93 13.74
C ASN A 302 8.78 -14.26 12.62
N ASP A 303 9.57 -13.30 12.19
CA ASP A 303 10.51 -13.47 11.14
C ASP A 303 11.92 -13.37 11.64
N ALA A 304 12.08 -12.86 12.87
CA ALA A 304 13.36 -12.56 13.47
C ALA A 304 13.68 -13.49 14.63
N ILE A 305 12.78 -13.59 15.61
CA ILE A 305 12.87 -14.64 16.61
C ILE A 305 12.62 -15.99 15.98
N GLY A 306 11.44 -16.14 15.42
CA GLY A 306 10.92 -17.42 15.01
C GLY A 306 9.50 -17.46 15.51
N ASN A 307 8.63 -18.21 14.87
CA ASN A 307 7.23 -18.22 15.30
C ASN A 307 7.03 -19.08 16.54
N GLU A 308 5.76 -19.36 16.80
CA GLU A 308 5.20 -20.29 17.78
C GLU A 308 5.29 -19.79 19.22
N TRP A 309 6.15 -18.86 19.54
CA TRP A 309 5.96 -18.06 20.74
C TRP A 309 5.33 -16.68 20.57
N PRO A 310 5.71 -15.83 19.61
CA PRO A 310 5.21 -14.46 19.69
C PRO A 310 3.81 -14.27 19.15
N TRP A 311 3.11 -15.32 18.74
CA TRP A 311 1.70 -15.14 18.42
C TRP A 311 0.89 -14.86 19.67
N ILE A 312 1.31 -15.38 20.81
CA ILE A 312 0.53 -15.26 22.03
C ILE A 312 0.65 -13.85 22.60
N TYR A 313 1.61 -13.07 22.11
CA TYR A 313 1.72 -11.69 22.53
C TYR A 313 0.68 -10.84 21.83
N PHE A 314 0.56 -10.98 20.52
CA PHE A 314 -0.30 -10.07 19.78
C PHE A 314 -1.76 -10.50 19.81
N VAL A 315 -2.05 -11.81 19.80
CA VAL A 315 -3.47 -12.19 19.86
C VAL A 315 -4.00 -12.12 21.29
N THR A 316 -3.23 -11.71 22.27
CA THR A 316 -3.83 -11.28 23.52
C THR A 316 -3.84 -9.77 23.64
N LEU A 317 -3.11 -9.09 22.77
CA LEU A 317 -3.21 -7.64 22.72
C LEU A 317 -4.42 -7.21 21.91
N ILE A 318 -4.77 -8.01 20.90
CA ILE A 318 -5.97 -7.74 20.12
C ILE A 318 -7.21 -8.09 20.93
N LEU A 319 -7.21 -9.26 21.56
CA LEU A 319 -8.38 -9.71 22.33
C LEU A 319 -8.58 -8.92 23.61
N LEU A 320 -7.56 -8.23 24.10
CA LEU A 320 -7.84 -7.31 25.19
C LEU A 320 -8.02 -5.89 24.68
N GLY A 321 -7.40 -5.55 23.57
CA GLY A 321 -7.63 -4.24 22.98
C GLY A 321 -9.03 -4.13 22.39
N SER A 322 -9.57 -5.25 21.91
CA SER A 322 -10.96 -5.27 21.45
C SER A 322 -11.90 -5.13 22.63
N PHE A 323 -11.69 -5.94 23.67
CA PHE A 323 -12.60 -6.02 24.81
C PHE A 323 -12.67 -4.74 25.61
N PHE A 324 -11.60 -3.95 25.69
CA PHE A 324 -11.69 -2.71 26.43
C PHE A 324 -11.86 -1.49 25.55
N ILE A 325 -12.11 -1.66 24.24
CA ILE A 325 -12.78 -0.58 23.53
C ILE A 325 -14.23 -0.96 23.31
N LEU A 326 -14.53 -2.25 23.35
CA LEU A 326 -15.91 -2.71 23.22
C LEU A 326 -16.71 -2.28 24.42
N ASN A 327 -16.04 -2.07 25.54
CA ASN A 327 -16.74 -1.53 26.69
C ASN A 327 -16.33 -0.09 26.95
N LEU A 328 -15.86 0.60 25.91
CA LEU A 328 -15.78 2.06 25.95
C LEU A 328 -16.97 2.64 25.24
N VAL A 329 -17.35 2.04 24.12
CA VAL A 329 -18.57 2.38 23.38
C VAL A 329 -19.80 2.17 24.24
N LEU A 330 -19.79 1.17 25.11
CA LEU A 330 -20.91 1.02 26.02
C LEU A 330 -20.74 1.89 27.25
N GLY A 331 -19.62 2.59 27.36
CA GLY A 331 -19.40 3.45 28.50
C GLY A 331 -20.16 4.75 28.34
N VAL A 332 -20.04 5.36 27.16
CA VAL A 332 -20.67 6.65 26.90
C VAL A 332 -22.17 6.53 26.88
N LEU A 333 -22.67 5.37 26.51
CA LEU A 333 -24.09 5.14 26.38
C LEU A 333 -24.73 4.83 27.72
N SER A 334 -23.97 4.95 28.79
CA SER A 334 -24.51 4.80 30.14
C SER A 334 -24.99 6.12 30.70
N GLY A 335 -24.15 7.14 30.57
CA GLY A 335 -24.35 8.39 31.29
C GLY A 335 -25.53 9.20 30.80
N GLU A 336 -25.84 9.11 29.51
CA GLU A 336 -26.92 9.94 28.97
C GLU A 336 -28.24 9.19 28.90
N PHE A 337 -28.22 7.86 29.03
CA PHE A 337 -29.50 7.16 29.01
C PHE A 337 -30.24 7.30 30.32
N THR A 338 -29.52 7.35 31.43
CA THR A 338 -30.18 7.43 32.73
C THR A 338 -30.85 8.77 32.93
N LYS A 339 -30.36 9.80 32.24
CA LYS A 339 -31.07 11.05 32.16
C LYS A 339 -32.39 10.89 31.41
N GLU A 340 -32.41 10.00 30.42
CA GLU A 340 -33.57 9.92 29.54
C GLU A 340 -34.62 8.96 30.08
N ARG A 341 -34.26 8.14 31.07
CA ARG A 341 -35.28 7.31 31.71
C ARG A 341 -36.19 8.14 32.59
N GLU A 342 -35.72 9.32 33.03
CA GLU A 342 -36.47 10.26 33.86
C GLU A 342 -37.43 11.11 33.07
N LYS A 343 -37.44 11.07 31.74
CA LYS A 343 -38.48 11.73 30.97
C LYS A 343 -39.46 10.75 30.33
N ALA A 344 -39.33 9.45 30.59
CA ALA A 344 -40.23 8.44 30.07
C ALA A 344 -41.57 8.40 30.79
N LYS A 345 -41.77 9.24 31.81
CA LYS A 345 -42.94 9.19 32.67
C LYS A 345 -44.01 10.15 32.17
N SER A 346 -43.84 10.65 30.95
CA SER A 346 -44.80 11.52 30.29
C SER A 346 -45.68 10.70 29.34
N ARG A 347 -46.04 9.49 29.76
CA ARG A 347 -46.87 8.57 29.00
C ARG A 347 -48.26 9.15 28.70
N GLY A 348 -48.79 10.02 29.56
CA GLY A 348 -50.05 10.68 29.25
C GLY A 348 -49.95 11.78 28.22
N THR A 349 -48.73 12.14 27.80
CA THR A 349 -48.55 13.16 26.78
C THR A 349 -48.48 12.59 25.38
N PHE A 350 -48.03 11.34 25.23
CA PHE A 350 -48.13 10.67 23.94
C PHE A 350 -49.57 10.26 23.65
N GLN A 351 -50.35 10.05 24.72
CA GLN A 351 -51.77 9.83 24.58
C GLN A 351 -52.46 11.07 24.01
N LYS A 352 -51.97 12.26 24.33
CA LYS A 352 -52.48 13.46 23.70
C LYS A 352 -51.92 13.63 22.29
N LEU A 353 -50.73 13.10 22.04
CA LEU A 353 -50.08 13.29 20.75
C LEU A 353 -50.74 12.43 19.68
N ARG A 354 -50.99 11.15 19.98
CA ARG A 354 -51.55 10.24 18.97
C ARG A 354 -53.01 10.55 18.70
N GLU A 355 -53.68 11.29 19.59
CA GLU A 355 -55.00 11.82 19.28
C GLU A 355 -54.91 12.94 18.26
N LYS A 356 -53.91 13.83 18.41
CA LYS A 356 -53.75 14.97 17.51
C LYS A 356 -53.39 14.53 16.10
N GLN A 357 -52.53 13.52 15.98
CA GLN A 357 -52.18 13.01 14.67
C GLN A 357 -53.30 12.15 14.10
N GLN A 358 -54.20 11.67 14.95
CA GLN A 358 -55.47 11.15 14.47
C GLN A 358 -56.37 12.27 13.98
N LEU A 359 -56.31 13.43 14.64
CA LEU A 359 -57.08 14.58 14.19
C LEU A 359 -56.53 15.15 12.89
N GLU A 360 -55.21 15.12 12.70
CA GLU A 360 -54.63 15.54 11.43
C GLU A 360 -54.91 14.52 10.32
N GLU A 361 -55.15 13.27 10.72
CA GLU A 361 -55.43 12.23 9.73
C GLU A 361 -56.82 12.40 9.14
N ASP A 362 -57.81 12.70 9.98
CA ASP A 362 -59.18 12.82 9.49
C ASP A 362 -59.38 14.11 8.71
N LEU A 363 -58.72 15.18 9.15
CA LEU A 363 -59.02 16.52 8.65
C LEU A 363 -58.53 16.70 7.23
N ARG A 364 -57.41 16.07 6.88
CA ARG A 364 -56.98 16.05 5.49
C ARG A 364 -57.88 15.12 4.66
N GLY A 365 -58.36 14.05 5.29
CA GLY A 365 -59.12 13.05 4.54
C GLY A 365 -60.51 13.52 4.18
N TYR A 366 -61.17 14.15 5.15
CA TYR A 366 -62.50 14.69 4.94
C TYR A 366 -62.48 15.88 4.00
N MET A 367 -61.34 16.58 3.96
CA MET A 367 -61.23 17.74 3.07
C MET A 367 -61.04 17.29 1.63
N SER A 368 -60.43 16.12 1.42
CA SER A 368 -60.42 15.52 0.09
C SER A 368 -61.79 14.98 -0.27
N TRP A 369 -62.57 14.65 0.76
CA TRP A 369 -63.97 14.30 0.58
C TRP A 369 -64.70 15.54 0.08
N ILE A 370 -64.33 16.70 0.61
CA ILE A 370 -64.89 17.96 0.12
C ILE A 370 -64.35 18.27 -1.28
N THR A 371 -63.06 18.02 -1.52
CA THR A 371 -62.40 18.48 -2.74
C THR A 371 -62.91 17.73 -3.97
N GLN A 372 -63.07 16.41 -3.87
CA GLN A 372 -63.48 15.63 -5.03
C GLN A 372 -65.00 15.58 -5.17
N GLY A 373 -65.71 16.44 -4.45
CA GLY A 373 -67.12 16.65 -4.75
C GLY A 373 -67.37 17.93 -5.52
N GLU A 374 -66.37 18.80 -5.60
CA GLU A 374 -66.58 20.12 -6.18
C GLU A 374 -66.35 20.12 -7.70
N VAL A 375 -65.42 19.31 -8.18
CA VAL A 375 -64.98 19.39 -9.58
C VAL A 375 -65.87 18.44 -10.37
N MET A 376 -66.61 17.58 -9.67
CA MET A 376 -67.56 16.68 -10.30
C MET A 376 -68.79 17.43 -10.77
N TRP A 417 -71.01 11.45 -19.33
CA TRP A 417 -70.07 11.90 -20.34
C TRP A 417 -68.64 11.68 -19.91
N ASN A 418 -68.00 12.73 -19.39
CA ASN A 418 -66.64 12.61 -18.93
C ASN A 418 -66.54 11.90 -17.59
N ARG A 419 -67.63 11.84 -16.84
CA ARG A 419 -67.66 11.04 -15.62
C ARG A 419 -67.68 9.55 -15.93
N VAL A 420 -68.12 9.19 -17.14
CA VAL A 420 -68.16 7.78 -17.54
C VAL A 420 -66.75 7.25 -17.71
N PHE A 421 -65.81 8.10 -18.14
CA PHE A 421 -64.40 7.72 -18.15
C PHE A 421 -63.84 7.64 -16.73
N ARG A 422 -64.50 8.34 -15.81
CA ARG A 422 -64.02 8.46 -14.44
C ARG A 422 -64.08 7.13 -13.70
N TRP A 423 -65.25 6.52 -13.67
CA TRP A 423 -65.40 5.26 -12.94
C TRP A 423 -64.53 4.18 -13.54
N LYS A 424 -64.23 4.28 -14.84
CA LYS A 424 -63.22 3.45 -15.47
C LYS A 424 -61.86 3.66 -14.81
N CYS A 425 -61.56 4.90 -14.43
CA CYS A 425 -60.28 5.22 -13.80
C CYS A 425 -60.32 5.02 -12.29
N HIS A 426 -61.41 4.46 -11.76
CA HIS A 426 -61.37 3.92 -10.41
C HIS A 426 -61.19 2.40 -10.46
N ASP A 427 -61.83 1.75 -11.43
CA ASP A 427 -61.94 0.30 -11.47
C ASP A 427 -60.72 -0.32 -12.12
N LEU A 428 -59.99 0.46 -12.90
CA LEU A 428 -58.71 0.00 -13.41
C LEU A 428 -57.55 0.37 -12.52
N VAL A 429 -57.65 1.49 -11.81
CA VAL A 429 -56.52 2.02 -11.08
C VAL A 429 -56.41 1.36 -9.71
N LYS A 430 -57.47 1.45 -8.92
CA LYS A 430 -57.40 0.96 -7.55
C LYS A 430 -57.60 -0.54 -7.44
N SER A 431 -57.76 -1.20 -8.59
CA SER A 431 -57.92 -2.65 -8.64
C SER A 431 -56.67 -3.41 -8.26
N ARG A 432 -56.78 -4.73 -8.24
CA ARG A 432 -55.63 -5.63 -8.13
C ARG A 432 -54.66 -5.51 -9.30
N VAL A 433 -55.13 -5.04 -10.46
CA VAL A 433 -54.33 -4.98 -11.68
C VAL A 433 -53.11 -4.07 -11.58
N PHE A 434 -53.26 -2.83 -11.15
CA PHE A 434 -52.10 -1.95 -11.08
C PHE A 434 -51.25 -2.19 -9.83
N TYR A 435 -51.65 -3.11 -8.98
CA TYR A 435 -50.70 -3.64 -8.02
C TYR A 435 -49.76 -4.63 -8.71
N TRP A 436 -50.16 -5.16 -9.86
CA TRP A 436 -49.34 -6.12 -10.57
C TRP A 436 -48.98 -5.69 -11.99
N LEU A 437 -49.66 -4.70 -12.56
CA LEU A 437 -49.25 -4.23 -13.88
C LEU A 437 -48.01 -3.36 -13.80
N VAL A 438 -47.78 -2.72 -12.66
CA VAL A 438 -46.71 -1.75 -12.53
C VAL A 438 -45.41 -2.49 -12.23
N ILE A 439 -45.50 -3.59 -11.48
CA ILE A 439 -44.30 -4.34 -11.09
C ILE A 439 -43.64 -4.99 -12.30
N LEU A 440 -44.43 -5.50 -13.24
CA LEU A 440 -43.84 -6.05 -14.45
C LEU A 440 -43.10 -4.95 -15.19
N ILE A 441 -43.56 -3.71 -15.07
CA ILE A 441 -42.84 -2.63 -15.73
C ILE A 441 -41.58 -2.30 -14.93
N VAL A 442 -41.74 -2.12 -13.62
CA VAL A 442 -40.66 -1.63 -12.76
C VAL A 442 -39.55 -2.66 -12.64
N ALA A 443 -39.90 -3.92 -12.40
CA ALA A 443 -38.88 -4.96 -12.36
C ALA A 443 -38.28 -5.14 -13.75
N LEU A 444 -39.02 -4.76 -14.79
CA LEU A 444 -38.43 -4.81 -16.12
C LEU A 444 -37.60 -3.57 -16.39
N ASN A 445 -37.81 -2.50 -15.62
CA ASN A 445 -36.93 -1.35 -15.74
C ASN A 445 -35.62 -1.59 -15.02
N THR A 446 -35.66 -2.14 -13.81
CA THR A 446 -34.44 -2.30 -13.04
C THR A 446 -33.57 -3.44 -13.57
N LEU A 447 -34.08 -4.24 -14.49
CA LEU A 447 -33.20 -5.10 -15.27
C LEU A 447 -32.70 -4.39 -16.50
N SER A 448 -33.40 -3.37 -16.98
CA SER A 448 -32.90 -2.63 -18.13
C SER A 448 -31.73 -1.76 -17.71
N ILE A 449 -31.84 -1.13 -16.55
CA ILE A 449 -30.82 -0.17 -16.15
C ILE A 449 -29.62 -0.86 -15.52
N ALA A 450 -29.75 -2.13 -15.17
CA ALA A 450 -28.65 -2.83 -14.55
C ALA A 450 -28.04 -3.89 -15.44
N SER A 451 -28.36 -3.90 -16.72
CA SER A 451 -27.64 -4.80 -17.60
C SER A 451 -26.18 -4.39 -17.73
N GLU A 452 -25.92 -3.30 -18.46
CA GLU A 452 -24.70 -2.50 -18.42
C GLU A 452 -23.34 -3.21 -18.43
N HIS A 453 -22.94 -3.84 -19.52
CA HIS A 453 -21.60 -4.40 -19.55
C HIS A 453 -20.55 -3.37 -19.96
N HIS A 454 -19.34 -3.82 -20.25
CA HIS A 454 -18.39 -2.99 -20.97
C HIS A 454 -18.63 -3.00 -22.47
N ASN A 455 -18.84 -4.18 -23.06
CA ASN A 455 -18.88 -4.29 -24.51
C ASN A 455 -20.32 -4.30 -25.04
N GLN A 456 -21.23 -5.11 -24.46
CA GLN A 456 -22.68 -5.08 -24.69
C GLN A 456 -23.01 -5.36 -26.15
N PRO A 457 -22.74 -6.56 -26.67
CA PRO A 457 -22.02 -6.71 -27.95
C PRO A 457 -22.41 -5.75 -29.06
N LEU A 458 -23.61 -5.86 -29.63
CA LEU A 458 -24.15 -4.72 -30.37
C LEU A 458 -25.65 -4.60 -30.14
N TRP A 459 -26.30 -5.72 -29.82
CA TRP A 459 -27.75 -5.74 -29.78
C TRP A 459 -28.27 -5.23 -28.45
N LEU A 460 -27.48 -5.42 -27.38
CA LEU A 460 -27.84 -4.92 -26.06
C LEU A 460 -27.97 -3.43 -26.00
N THR A 461 -27.04 -2.68 -26.58
CA THR A 461 -27.12 -1.24 -26.50
C THR A 461 -28.21 -0.67 -27.39
N HIS A 462 -28.71 -1.43 -28.36
CA HIS A 462 -29.92 -1.01 -29.06
C HIS A 462 -31.15 -1.23 -28.20
N LEU A 463 -31.13 -2.26 -27.36
CA LEU A 463 -32.28 -2.54 -26.50
C LEU A 463 -32.34 -1.58 -25.33
N GLN A 464 -31.20 -1.01 -24.95
CA GLN A 464 -31.18 -0.04 -23.86
C GLN A 464 -31.96 1.19 -24.22
N ASP A 465 -31.90 1.61 -25.49
CA ASP A 465 -32.55 2.85 -25.88
C ASP A 465 -34.01 2.64 -26.21
N ILE A 466 -34.37 1.47 -26.74
CA ILE A 466 -35.78 1.29 -27.07
C ILE A 466 -36.58 1.03 -25.81
N ALA A 467 -36.02 0.24 -24.90
CA ALA A 467 -36.67 -0.05 -23.64
C ALA A 467 -36.99 1.25 -22.90
N ASN A 468 -35.98 2.10 -22.77
CA ASN A 468 -36.17 3.41 -22.14
C ASN A 468 -37.25 4.20 -22.86
N ARG A 469 -37.35 4.01 -24.17
CA ARG A 469 -38.36 4.67 -24.98
C ARG A 469 -39.72 4.00 -24.75
N VAL A 470 -39.72 2.67 -24.66
CA VAL A 470 -40.94 1.92 -24.41
C VAL A 470 -41.43 2.15 -22.98
N LEU A 471 -40.54 2.01 -21.99
CA LEU A 471 -41.01 1.97 -20.61
C LEU A 471 -41.41 3.34 -20.11
N LEU A 472 -40.92 4.41 -20.77
CA LEU A 472 -41.49 5.72 -20.50
C LEU A 472 -42.91 5.85 -21.03
N SER A 473 -43.25 5.12 -22.10
CA SER A 473 -44.60 5.21 -22.63
C SER A 473 -45.59 4.54 -21.69
N LEU A 474 -45.12 3.64 -20.84
CA LEU A 474 -45.96 3.09 -19.80
C LEU A 474 -45.96 3.97 -18.55
N PHE A 475 -44.87 4.68 -18.34
CA PHE A 475 -44.73 5.55 -17.17
C PHE A 475 -45.69 6.73 -17.24
N THR A 476 -45.74 7.37 -18.40
CA THR A 476 -46.61 8.53 -18.59
C THR A 476 -48.07 8.14 -18.45
N ILE A 477 -48.46 7.01 -19.04
CA ILE A 477 -49.85 6.56 -19.03
C ILE A 477 -50.28 6.24 -17.61
N GLU A 478 -49.47 5.46 -16.92
CA GLU A 478 -49.71 5.13 -15.52
C GLU A 478 -49.89 6.40 -14.72
N MET A 479 -49.04 7.40 -14.99
CA MET A 479 -49.19 8.68 -14.32
C MET A 479 -50.48 9.36 -14.76
N LEU A 480 -50.79 9.30 -16.05
CA LEU A 480 -51.92 10.06 -16.59
C LEU A 480 -53.25 9.47 -16.16
N LEU A 481 -53.28 8.17 -15.89
CA LEU A 481 -54.50 7.57 -15.35
C LEU A 481 -54.73 8.01 -13.90
N LYS A 482 -53.65 8.35 -13.19
CA LYS A 482 -53.81 8.95 -11.87
C LYS A 482 -54.20 10.41 -11.97
N MET A 483 -53.94 11.04 -13.11
CA MET A 483 -54.24 12.45 -13.27
C MET A 483 -55.75 12.69 -13.36
N TYR A 484 -56.47 11.82 -14.08
CA TYR A 484 -57.90 12.00 -14.18
C TYR A 484 -58.64 11.42 -12.99
N GLY A 485 -58.55 10.10 -12.79
CA GLY A 485 -59.42 9.44 -11.85
C GLY A 485 -58.93 9.29 -10.42
N LEU A 486 -58.24 10.32 -9.91
CA LEU A 486 -57.85 10.33 -8.51
C LEU A 486 -58.14 11.70 -7.89
N GLY A 487 -58.25 12.73 -8.73
CA GLY A 487 -58.29 14.07 -8.22
C GLY A 487 -56.95 14.77 -8.37
N LEU A 488 -56.96 16.00 -8.87
CA LEU A 488 -55.71 16.68 -9.21
C LEU A 488 -54.99 17.14 -7.94
N ARG A 489 -55.75 17.62 -6.96
CA ARG A 489 -55.14 18.16 -5.75
C ARG A 489 -54.67 17.03 -4.84
N GLN A 490 -55.33 15.87 -4.94
CA GLN A 490 -54.93 14.72 -4.13
C GLN A 490 -53.63 14.12 -4.64
N TYR A 491 -53.39 14.21 -5.95
CA TYR A 491 -52.23 13.55 -6.53
C TYR A 491 -50.93 14.25 -6.15
N PHE A 492 -50.87 15.56 -6.32
CA PHE A 492 -49.63 16.28 -6.03
C PHE A 492 -49.36 16.42 -4.55
N MET A 493 -50.38 16.22 -3.69
CA MET A 493 -50.16 16.40 -2.27
C MET A 493 -49.31 15.27 -1.69
N SER A 494 -49.50 14.06 -2.20
CA SER A 494 -48.70 12.92 -1.78
C SER A 494 -47.27 13.10 -2.28
N ILE A 495 -46.30 12.89 -1.37
CA ILE A 495 -44.91 13.18 -1.69
C ILE A 495 -44.34 12.12 -2.62
N PHE A 496 -44.79 10.88 -2.48
CA PHE A 496 -44.25 9.78 -3.27
C PHE A 496 -44.68 9.89 -4.72
N ASN A 497 -45.82 10.51 -4.98
CA ASN A 497 -46.26 10.71 -6.35
C ASN A 497 -45.79 12.05 -6.89
N ARG A 498 -45.42 12.98 -6.01
CA ARG A 498 -44.67 14.15 -6.46
C ARG A 498 -43.29 13.72 -6.95
N PHE A 499 -42.74 12.67 -6.34
CA PHE A 499 -41.50 12.07 -6.84
C PHE A 499 -41.72 11.47 -8.22
N ASP A 500 -42.90 10.89 -8.45
CA ASP A 500 -43.17 10.25 -9.73
C ASP A 500 -43.39 11.29 -10.81
N CYS A 501 -43.70 12.52 -10.42
CA CYS A 501 -43.75 13.61 -11.38
C CYS A 501 -42.37 13.96 -11.91
N PHE A 502 -41.38 14.03 -11.00
CA PHE A 502 -40.03 14.43 -11.35
C PHE A 502 -39.36 13.36 -12.21
N VAL A 503 -39.80 12.13 -12.07
CA VAL A 503 -39.29 11.03 -12.89
C VAL A 503 -39.77 11.18 -14.33
N VAL A 504 -41.09 11.34 -14.49
CA VAL A 504 -41.69 11.25 -15.82
C VAL A 504 -41.35 12.48 -16.65
N CYS A 505 -41.22 13.64 -16.01
CA CYS A 505 -40.76 14.84 -16.70
C CYS A 505 -39.32 14.69 -17.17
N SER A 506 -38.45 14.15 -16.31
CA SER A 506 -37.03 14.07 -16.63
C SER A 506 -36.76 13.03 -17.70
N GLY A 507 -37.64 12.04 -17.82
CA GLY A 507 -37.49 11.05 -18.86
C GLY A 507 -37.79 11.66 -20.21
N ILE A 508 -38.73 12.59 -20.24
CA ILE A 508 -39.10 13.25 -21.49
C ILE A 508 -38.05 14.29 -21.85
N LEU A 509 -37.51 15.00 -20.86
CA LEU A 509 -36.50 16.03 -21.11
C LEU A 509 -35.22 15.41 -21.65
N GLU A 510 -34.88 14.21 -21.19
CA GLU A 510 -33.60 13.64 -21.59
C GLU A 510 -33.71 12.95 -22.94
N LEU A 511 -34.92 12.56 -23.35
CA LEU A 511 -35.05 11.89 -24.64
C LEU A 511 -35.06 12.91 -25.77
N LEU A 512 -35.66 14.08 -25.53
CA LEU A 512 -35.80 15.06 -26.59
C LEU A 512 -34.52 15.85 -26.77
N LEU A 513 -33.73 15.99 -25.70
CA LEU A 513 -32.47 16.72 -25.76
C LEU A 513 -31.44 15.98 -26.61
N VAL A 514 -31.56 14.65 -26.67
CA VAL A 514 -30.68 13.88 -27.55
C VAL A 514 -31.11 14.09 -29.00
N GLU A 515 -32.42 14.17 -29.24
CA GLU A 515 -32.91 14.39 -30.60
C GLU A 515 -32.59 15.80 -31.08
N SER A 516 -32.47 16.75 -30.14
CA SER A 516 -32.00 18.09 -30.49
C SER A 516 -30.56 18.08 -30.95
N GLY A 517 -29.73 17.18 -30.42
CA GLY A 517 -28.41 16.98 -30.95
C GLY A 517 -27.36 17.90 -30.37
N ALA A 518 -27.72 19.15 -30.10
CA ALA A 518 -26.78 20.09 -29.50
C ALA A 518 -26.59 19.76 -28.02
N MET A 519 -25.77 18.76 -27.74
CA MET A 519 -25.46 18.41 -26.36
C MET A 519 -24.06 17.81 -26.32
N THR A 520 -23.29 18.24 -25.32
CA THR A 520 -21.92 17.83 -25.13
C THR A 520 -21.86 16.38 -24.68
N PRO A 521 -20.78 15.63 -24.99
CA PRO A 521 -20.70 14.24 -24.51
C PRO A 521 -20.46 14.14 -23.02
N LEU A 522 -20.08 15.25 -22.39
CA LEU A 522 -20.13 15.34 -20.94
C LEU A 522 -21.55 15.29 -20.41
N GLY A 523 -22.53 15.77 -21.16
CA GLY A 523 -23.88 15.91 -20.65
C GLY A 523 -24.78 14.71 -20.82
N ILE A 524 -24.52 13.88 -21.83
CA ILE A 524 -25.37 12.75 -22.12
C ILE A 524 -25.10 11.64 -21.10
N SER A 525 -23.90 11.66 -20.55
CA SER A 525 -23.56 10.78 -19.43
C SER A 525 -24.33 11.22 -18.18
N VAL A 526 -24.49 12.53 -18.02
CA VAL A 526 -25.24 13.07 -16.89
C VAL A 526 -26.72 12.74 -17.00
N LEU A 527 -27.27 12.78 -18.20
CA LEU A 527 -28.67 12.43 -18.40
C LEU A 527 -28.91 10.95 -18.12
N ARG A 528 -27.91 10.13 -18.41
CA ARG A 528 -28.01 8.69 -18.19
C ARG A 528 -28.05 8.36 -16.70
N CYS A 529 -27.36 9.18 -15.91
CA CYS A 529 -27.31 8.98 -14.46
C CYS A 529 -28.58 9.49 -13.79
N ILE A 530 -29.37 10.26 -14.54
CA ILE A 530 -30.61 10.82 -14.01
C ILE A 530 -31.72 9.76 -14.00
N ARG A 531 -31.67 8.83 -14.94
CA ARG A 531 -32.65 7.76 -14.99
C ARG A 531 -32.50 6.87 -13.78
N LEU A 532 -31.26 6.73 -13.33
CA LEU A 532 -30.94 5.80 -12.26
C LEU A 532 -31.80 6.05 -11.03
N LEU A 533 -32.41 7.23 -10.98
CA LEU A 533 -33.27 7.60 -9.86
C LEU A 533 -34.59 6.84 -9.89
N ARG A 534 -34.78 6.03 -10.93
CA ARG A 534 -36.00 5.25 -11.08
C ARG A 534 -36.03 4.07 -10.11
N LEU A 535 -34.86 3.70 -9.61
CA LEU A 535 -34.75 2.59 -8.66
C LEU A 535 -35.56 2.86 -7.41
N PHE A 536 -35.81 4.12 -7.09
CA PHE A 536 -36.65 4.41 -5.94
C PHE A 536 -38.12 4.16 -6.22
N LYS A 537 -38.46 3.95 -7.48
CA LYS A 537 -39.81 3.55 -7.86
C LYS A 537 -40.14 2.23 -7.15
N ILE A 538 -39.15 1.36 -7.02
CA ILE A 538 -39.32 0.13 -6.27
C ILE A 538 -39.79 0.43 -4.86
N THR A 539 -39.37 1.55 -4.28
CA THR A 539 -39.66 1.83 -2.88
C THR A 539 -41.05 2.41 -2.65
N LYS A 540 -41.90 2.38 -3.67
CA LYS A 540 -43.31 2.67 -3.46
C LYS A 540 -43.67 1.46 -2.44
N TYR A 541 -42.84 0.43 -2.36
CA TYR A 541 -43.07 -0.63 -1.38
C TYR A 541 -42.32 -0.37 -0.08
N TRP A 542 -42.15 -1.42 0.73
CA TRP A 542 -41.71 -1.27 2.11
C TRP A 542 -42.90 -0.61 2.83
N THR A 543 -43.52 -1.34 3.74
CA THR A 543 -44.75 -0.87 4.38
C THR A 543 -44.48 0.14 5.48
N SER A 544 -43.32 0.04 6.11
CA SER A 544 -42.94 0.98 7.14
C SER A 544 -42.02 2.07 6.59
N LEU A 545 -41.95 2.17 5.25
CA LEU A 545 -41.13 3.20 4.62
C LEU A 545 -41.40 4.57 5.32
N SER A 546 -42.68 4.93 5.55
CA SER A 546 -43.01 6.23 6.13
C SER A 546 -42.69 6.27 7.61
N ASN A 547 -42.65 5.10 8.26
CA ASN A 547 -42.07 5.02 9.59
C ASN A 547 -40.57 5.14 9.53
N LEU A 548 -39.96 4.64 8.46
CA LEU A 548 -38.51 4.53 8.38
C LEU A 548 -37.88 5.89 8.12
N VAL A 549 -38.43 6.66 7.18
CA VAL A 549 -37.93 8.00 6.89
C VAL A 549 -38.14 8.92 8.07
N ALA A 550 -39.24 8.74 8.81
CA ALA A 550 -39.46 9.52 10.01
C ALA A 550 -38.51 9.12 11.12
N SER A 551 -37.98 7.90 11.07
CA SER A 551 -36.93 7.54 12.01
C SER A 551 -35.60 8.18 11.63
N LEU A 552 -35.26 8.17 10.35
CA LEU A 552 -33.95 8.63 9.92
C LEU A 552 -33.87 10.14 9.88
N LEU A 553 -34.88 10.81 9.32
CA LEU A 553 -34.79 12.26 9.17
C LEU A 553 -34.96 12.95 10.52
N ASN A 554 -35.58 12.30 11.49
CA ASN A 554 -35.57 12.84 12.84
C ASN A 554 -34.19 12.70 13.46
N SER A 555 -33.44 11.68 13.07
CA SER A 555 -32.12 11.49 13.64
C SER A 555 -31.12 12.53 13.12
N ILE A 556 -31.24 12.93 11.84
CA ILE A 556 -30.25 13.82 11.24
C ILE A 556 -30.33 15.21 11.87
N ARG A 557 -31.54 15.65 12.20
CA ARG A 557 -31.67 16.94 12.86
C ARG A 557 -31.28 16.89 14.32
N SER A 558 -31.00 15.69 14.84
CA SER A 558 -30.25 15.57 16.08
C SER A 558 -28.76 15.44 15.87
N ILE A 559 -28.30 15.35 14.62
CA ILE A 559 -26.90 15.21 14.29
C ILE A 559 -26.36 16.45 13.58
N ALA A 560 -27.23 17.23 12.96
CA ALA A 560 -26.81 18.39 12.16
C ALA A 560 -26.15 19.48 12.98
N SER A 561 -26.31 19.47 14.30
CA SER A 561 -25.43 20.29 15.14
C SER A 561 -24.05 19.65 15.22
N LEU A 562 -24.00 18.38 15.60
CA LEU A 562 -22.73 17.67 15.76
C LEU A 562 -22.02 17.41 14.45
N LEU A 563 -22.76 17.21 13.37
CA LEU A 563 -22.10 16.86 12.12
C LEU A 563 -21.40 18.09 11.53
N LEU A 564 -21.89 19.28 11.86
CA LEU A 564 -21.19 20.49 11.45
C LEU A 564 -20.01 20.78 12.36
N LEU A 565 -19.97 20.15 13.54
CA LEU A 565 -18.74 20.23 14.32
C LEU A 565 -17.71 19.24 13.81
N LEU A 566 -18.14 18.12 13.25
CA LEU A 566 -17.20 17.15 12.71
C LEU A 566 -16.54 17.68 11.46
N PHE A 567 -17.30 18.39 10.62
CA PHE A 567 -16.70 18.92 9.41
C PHE A 567 -15.77 20.08 9.70
N LEU A 568 -16.01 20.81 10.77
CA LEU A 568 -15.10 21.90 11.12
C LEU A 568 -13.96 21.39 11.99
N PHE A 569 -14.00 20.11 12.35
CA PHE A 569 -12.85 19.48 12.99
C PHE A 569 -11.87 18.97 11.95
N ILE A 570 -12.40 18.46 10.84
CA ILE A 570 -11.58 17.87 9.81
C ILE A 570 -10.99 18.95 8.92
N ILE A 571 -11.45 20.19 9.07
CA ILE A 571 -10.84 21.31 8.37
C ILE A 571 -9.61 21.81 9.12
N ILE A 572 -9.69 21.94 10.45
CA ILE A 572 -8.57 22.43 11.24
C ILE A 572 -7.38 21.50 11.11
N PHE A 573 -7.62 20.21 11.16
CA PHE A 573 -6.56 19.25 10.95
C PHE A 573 -6.12 19.15 9.50
N ALA A 574 -6.95 19.56 8.55
CA ALA A 574 -6.45 19.64 7.18
C ALA A 574 -5.65 20.90 6.96
N LEU A 575 -6.00 21.99 7.65
CA LEU A 575 -5.21 23.21 7.51
C LEU A 575 -3.94 23.12 8.32
N LEU A 576 -3.92 22.25 9.33
CA LEU A 576 -2.70 22.08 10.11
C LEU A 576 -1.71 21.20 9.38
N GLY A 577 -2.19 20.10 8.81
CA GLY A 577 -1.29 19.15 8.18
C GLY A 577 -0.65 19.69 6.95
N MET A 578 -1.35 20.58 6.26
CA MET A 578 -0.78 21.31 5.15
C MET A 578 0.31 22.28 5.58
N GLN A 579 0.37 22.67 6.86
CA GLN A 579 1.46 23.53 7.29
C GLN A 579 2.66 22.75 7.79
N LEU A 580 2.44 21.58 8.41
CA LEU A 580 3.54 20.78 8.91
C LEU A 580 4.18 19.95 7.81
N PHE A 581 3.39 19.34 6.95
CA PHE A 581 3.92 18.44 5.93
C PHE A 581 4.04 19.08 4.56
N GLY A 582 3.05 19.83 4.10
CA GLY A 582 3.19 20.92 3.16
C GLY A 582 4.11 20.80 1.96
N GLY A 583 4.14 19.63 1.36
CA GLY A 583 5.14 19.41 0.35
C GLY A 583 6.52 19.24 0.93
N ARG A 584 6.63 18.65 2.12
CA ARG A 584 7.91 18.07 2.50
C ARG A 584 8.00 16.63 2.08
N TYR A 585 6.99 16.13 1.37
CA TYR A 585 7.08 14.78 0.84
C TYR A 585 7.87 14.79 -0.46
N ASP A 586 9.15 15.12 -0.38
CA ASP A 586 9.99 15.19 -1.58
C ASP A 586 10.78 13.89 -1.78
N PHE A 587 11.64 13.55 -0.83
CA PHE A 587 12.18 12.22 -0.56
C PHE A 587 13.18 11.63 -1.55
N GLU A 588 13.34 12.25 -2.72
CA GLU A 588 14.24 11.85 -3.79
C GLU A 588 14.10 10.37 -4.14
N ASP A 589 12.87 9.88 -4.24
CA ASP A 589 12.64 8.47 -4.51
C ASP A 589 11.63 8.32 -5.62
N THR A 590 11.26 7.09 -5.97
CA THR A 590 10.32 6.93 -7.08
C THR A 590 9.01 6.29 -6.69
N GLU A 591 8.87 5.82 -5.45
CA GLU A 591 7.60 5.22 -5.08
C GLU A 591 6.56 6.30 -4.86
N VAL A 592 5.31 5.96 -5.09
CA VAL A 592 4.24 6.93 -5.03
C VAL A 592 3.73 7.09 -3.61
N ARG A 593 4.17 8.17 -2.94
CA ARG A 593 3.61 8.56 -1.66
C ARG A 593 2.39 9.38 -2.01
N ARG A 594 1.27 8.71 -2.23
CA ARG A 594 0.17 9.29 -2.97
C ARG A 594 -0.76 10.13 -2.13
N SER A 595 -0.93 9.80 -0.85
CA SER A 595 -1.74 10.64 0.02
C SER A 595 -0.93 11.79 0.62
N ASN A 596 -0.38 12.63 -0.24
CA ASN A 596 0.44 13.76 0.21
C ASN A 596 -0.47 14.88 0.63
N PHE A 597 0.08 15.96 1.19
CA PHE A 597 -0.79 17.03 1.65
C PHE A 597 -0.63 18.28 0.82
N ASP A 598 0.11 18.26 -0.28
CA ASP A 598 0.50 19.47 -1.00
C ASP A 598 -0.63 20.01 -1.87
N ASN A 599 -1.81 20.22 -1.30
CA ASN A 599 -3.00 20.74 -1.98
C ASN A 599 -4.07 20.91 -0.92
N PHE A 600 -5.16 21.60 -1.20
CA PHE A 600 -6.23 21.51 -0.20
C PHE A 600 -7.09 20.25 -0.34
N PRO A 601 -7.52 19.79 -1.52
CA PRO A 601 -8.29 18.53 -1.52
C PRO A 601 -7.46 17.31 -1.16
N GLN A 602 -6.19 17.24 -1.54
CA GLN A 602 -5.36 16.10 -1.20
C GLN A 602 -5.13 16.00 0.28
N ALA A 603 -5.19 17.13 0.99
CA ALA A 603 -5.11 17.08 2.43
C ALA A 603 -6.48 16.88 3.03
N LEU A 604 -7.52 16.83 2.21
CA LEU A 604 -8.85 16.62 2.76
C LEU A 604 -9.29 15.18 2.53
N ILE A 605 -8.78 14.55 1.48
CA ILE A 605 -8.82 13.10 1.36
C ILE A 605 -7.99 12.47 2.45
N SER A 606 -6.76 12.94 2.62
CA SER A 606 -5.77 12.26 3.43
C SER A 606 -6.09 12.33 4.90
N VAL A 607 -6.74 13.41 5.34
CA VAL A 607 -7.16 13.44 6.74
C VAL A 607 -8.34 12.50 6.94
N PHE A 608 -9.28 12.50 6.00
CA PHE A 608 -10.43 11.65 6.13
C PHE A 608 -10.09 10.18 5.94
N GLN A 609 -8.93 9.88 5.39
CA GLN A 609 -8.42 8.51 5.36
C GLN A 609 -7.91 8.07 6.73
N VAL A 610 -7.20 8.95 7.45
CA VAL A 610 -6.72 8.54 8.76
C VAL A 610 -7.79 8.74 9.80
N LEU A 611 -8.92 9.31 9.42
CA LEU A 611 -10.03 9.42 10.35
C LEU A 611 -10.79 8.11 10.43
N THR A 612 -11.11 7.53 9.29
CA THR A 612 -11.81 6.26 9.22
C THR A 612 -10.92 5.06 9.52
N GLY A 613 -9.66 5.27 9.85
CA GLY A 613 -8.83 4.20 10.30
C GLY A 613 -8.06 3.46 9.24
N GLU A 614 -8.50 3.57 7.99
CA GLU A 614 -7.86 2.82 6.90
C GLU A 614 -6.48 3.32 6.47
N ASP A 615 -5.45 2.57 6.86
CA ASP A 615 -4.10 2.77 6.35
C ASP A 615 -3.52 4.07 6.87
N TRP A 616 -3.81 4.41 8.12
CA TRP A 616 -3.14 5.55 8.70
C TRP A 616 -1.72 5.22 9.10
N ASN A 617 -1.35 3.95 8.96
CA ASN A 617 0.00 3.52 9.30
C ASN A 617 1.03 4.00 8.28
N SER A 618 0.72 3.83 7.00
CA SER A 618 1.59 4.27 5.93
C SER A 618 1.67 5.80 5.89
N VAL A 619 0.61 6.44 6.35
CA VAL A 619 0.56 7.90 6.37
C VAL A 619 1.47 8.46 7.46
N MET A 620 1.36 7.90 8.66
CA MET A 620 2.19 8.33 9.78
C MET A 620 3.66 8.02 9.52
N TYR A 621 3.94 6.97 8.77
CA TYR A 621 5.34 6.65 8.46
C TYR A 621 5.91 7.60 7.41
N ASN A 622 5.11 8.52 6.90
CA ASN A 622 5.67 9.50 5.98
C ASN A 622 5.87 10.83 6.65
N GLY A 623 4.96 11.20 7.55
CA GLY A 623 5.16 12.40 8.33
C GLY A 623 6.34 12.28 9.28
N ILE A 624 6.62 11.08 9.76
CA ILE A 624 7.80 10.87 10.57
C ILE A 624 9.05 10.91 9.71
N MET A 625 8.94 10.42 8.48
CA MET A 625 10.14 10.36 7.68
C MET A 625 10.34 11.64 6.89
N ALA A 626 9.32 12.49 6.80
CA ALA A 626 9.50 13.78 6.15
C ALA A 626 10.40 14.69 6.95
N TYR A 627 10.16 14.78 8.26
CA TYR A 627 11.01 15.68 9.02
C TYR A 627 12.40 15.12 9.23
N GLY A 628 12.53 14.10 10.05
CA GLY A 628 13.84 13.80 10.56
C GLY A 628 14.16 12.34 10.76
N GLY A 629 13.66 11.44 9.89
CA GLY A 629 13.22 10.11 10.24
C GLY A 629 14.07 9.30 11.20
N PRO A 630 13.45 8.37 11.90
CA PRO A 630 13.32 8.47 13.36
C PRO A 630 14.47 9.16 14.07
N SER A 631 14.09 10.13 14.91
CA SER A 631 15.03 10.82 15.79
C SER A 631 14.31 11.33 17.04
N TYR A 632 14.95 12.27 17.72
CA TYR A 632 14.35 12.93 18.86
C TYR A 632 13.29 13.91 18.40
N PRO A 633 13.71 15.00 17.78
CA PRO A 633 12.75 16.08 17.50
C PRO A 633 11.69 15.62 16.52
N GLY A 634 11.99 14.59 15.72
CA GLY A 634 11.25 14.29 14.51
C GLY A 634 10.07 13.36 14.72
N VAL A 635 10.19 12.42 15.67
CA VAL A 635 9.12 11.47 15.92
C VAL A 635 8.07 12.07 16.84
N LEU A 636 8.23 13.34 17.21
CA LEU A 636 7.13 14.03 17.87
C LEU A 636 6.07 14.51 16.89
N VAL A 637 6.12 14.04 15.64
CA VAL A 637 5.07 14.26 14.67
C VAL A 637 4.17 13.04 14.65
N CYS A 638 4.47 12.04 15.48
CA CYS A 638 3.46 11.06 15.84
C CYS A 638 2.26 11.72 16.47
N ILE A 639 2.50 12.79 17.24
CA ILE A 639 1.47 13.46 18.02
C ILE A 639 0.40 14.08 17.11
N TYR A 640 0.74 14.37 15.85
CA TYR A 640 -0.31 14.81 14.94
C TYR A 640 -1.24 13.66 14.58
N PHE A 641 -0.71 12.47 14.30
CA PHE A 641 -1.58 11.37 13.92
C PHE A 641 -2.11 10.59 15.11
N ILE A 642 -1.96 11.10 16.33
CA ILE A 642 -2.59 10.46 17.48
C ILE A 642 -3.85 11.24 17.82
N ILE A 643 -3.71 12.56 17.99
CA ILE A 643 -4.83 13.42 18.36
C ILE A 643 -5.87 13.46 17.25
N LEU A 644 -5.42 13.33 16.01
CA LEU A 644 -6.36 13.17 14.91
C LEU A 644 -7.13 11.87 14.99
N PHE A 645 -6.53 10.84 15.55
CA PHE A 645 -7.22 9.56 15.58
C PHE A 645 -7.94 9.32 16.89
N VAL A 646 -7.55 9.98 17.97
CA VAL A 646 -8.29 9.82 19.21
C VAL A 646 -9.43 10.82 19.27
N CYS A 647 -9.13 12.11 19.11
CA CYS A 647 -10.17 13.11 19.16
C CYS A 647 -11.09 13.01 17.96
N GLY A 648 -10.54 12.64 16.81
CA GLY A 648 -11.35 12.56 15.60
C GLY A 648 -12.31 11.39 15.60
N ASN A 649 -12.12 10.49 16.55
CA ASN A 649 -13.05 9.39 16.70
C ASN A 649 -14.01 9.67 17.85
N TYR A 650 -13.55 10.41 18.86
CA TYR A 650 -14.38 10.76 20.01
C TYR A 650 -15.46 11.76 19.65
N ILE A 651 -15.24 12.60 18.65
CA ILE A 651 -16.35 13.37 18.09
C ILE A 651 -17.34 12.41 17.46
N LEU A 652 -16.80 11.45 16.73
CA LEU A 652 -17.61 10.54 15.94
C LEU A 652 -18.22 9.46 16.81
N LEU A 653 -17.71 9.30 18.01
CA LEU A 653 -18.39 8.46 18.97
C LEU A 653 -19.50 9.22 19.65
N ASN A 654 -19.53 10.54 19.50
CA ASN A 654 -20.58 11.31 20.13
C ASN A 654 -21.75 11.55 19.18
N VAL A 655 -21.60 11.23 17.90
CA VAL A 655 -22.79 11.15 17.05
C VAL A 655 -23.47 9.82 17.26
N PHE A 656 -22.80 8.90 17.95
CA PHE A 656 -23.40 7.62 18.29
C PHE A 656 -24.34 7.74 19.48
N LEU A 657 -24.17 8.78 20.29
CA LEU A 657 -25.08 8.96 21.43
C LEU A 657 -26.30 9.76 21.06
N ALA A 658 -26.11 10.84 20.29
CA ALA A 658 -27.21 11.75 20.03
C ALA A 658 -28.28 11.09 19.19
N ILE A 659 -27.90 10.12 18.37
CA ILE A 659 -28.88 9.22 17.79
C ILE A 659 -29.54 8.38 18.87
N ALA A 660 -28.74 7.81 19.76
CA ALA A 660 -29.26 6.83 20.70
C ALA A 660 -30.16 7.46 21.75
N VAL A 661 -30.01 8.75 22.02
CA VAL A 661 -30.97 9.42 22.89
C VAL A 661 -32.17 9.89 22.09
N ASP A 662 -32.02 9.99 20.77
CA ASP A 662 -33.17 10.33 19.93
C ASP A 662 -33.94 9.09 19.53
N ASN A 663 -33.22 7.98 19.32
CA ASN A 663 -33.88 6.73 18.97
C ASN A 663 -34.46 6.05 20.20
N LEU A 664 -34.15 6.56 21.40
CA LEU A 664 -34.78 6.02 22.60
C LEU A 664 -36.07 6.74 22.95
N ALA A 665 -36.28 7.96 22.45
CA ALA A 665 -37.51 8.68 22.73
C ALA A 665 -38.70 8.03 22.02
N GLU A 666 -38.45 7.41 20.87
CA GLU A 666 -39.54 6.76 20.15
C GLU A 666 -39.88 5.40 20.78
N ALA A 667 -38.95 4.81 21.51
CA ALA A 667 -39.19 3.50 22.11
C ALA A 667 -40.03 3.58 23.37
N GLU A 668 -40.33 4.78 23.86
CA GLU A 668 -41.19 4.93 25.03
C GLU A 668 -42.67 4.83 24.67
N SER A 669 -42.98 4.71 23.39
CA SER A 669 -44.35 4.81 22.93
C SER A 669 -44.58 4.10 21.60
N VAL A 788 -35.95 -55.06 21.41
CA VAL A 788 -36.67 -54.59 22.58
C VAL A 788 -36.40 -53.10 22.77
N ARG A 789 -37.47 -52.31 22.77
CA ARG A 789 -37.32 -50.86 22.72
C ARG A 789 -37.08 -50.29 24.10
N VAL A 790 -37.26 -51.09 25.15
CA VAL A 790 -36.86 -50.66 26.48
C VAL A 790 -35.35 -50.55 26.57
N LEU A 791 -34.63 -51.43 25.88
CA LEU A 791 -33.17 -51.40 25.87
C LEU A 791 -32.62 -50.20 25.09
N CYS A 792 -33.26 -49.84 23.98
CA CYS A 792 -32.81 -48.65 23.26
C CYS A 792 -33.24 -47.37 23.94
N HIS A 793 -34.23 -47.45 24.84
CA HIS A 793 -34.66 -46.27 25.57
C HIS A 793 -33.66 -45.85 26.63
N ARG A 794 -32.98 -46.80 27.24
N ARG A 794 -33.07 -46.87 27.23
CA ARG A 794 -32.01 -46.45 28.27
CA ARG A 794 -32.02 -46.68 28.22
C ARG A 794 -30.75 -45.85 27.66
C ARG A 794 -30.85 -45.90 27.63
N ILE A 795 -30.33 -46.43 26.54
CA ILE A 795 -29.04 -46.09 25.92
C ILE A 795 -29.00 -44.60 25.60
N VAL A 796 -30.06 -44.08 24.99
CA VAL A 796 -30.15 -42.67 24.62
C VAL A 796 -30.11 -41.77 25.86
N ASN A 797 -30.67 -42.23 26.96
CA ASN A 797 -30.61 -41.51 28.22
C ASN A 797 -29.59 -42.10 29.18
N ALA A 798 -28.53 -42.73 28.67
CA ALA A 798 -27.47 -43.24 29.53
C ALA A 798 -26.38 -42.20 29.71
N THR A 799 -25.68 -42.29 30.84
CA THR A 799 -24.46 -41.49 31.02
C THR A 799 -23.32 -42.10 30.23
N TRP A 800 -23.41 -43.40 29.95
CA TRP A 800 -22.35 -44.11 29.24
C TRP A 800 -22.27 -43.66 27.78
N PHE A 801 -23.39 -43.17 27.24
CA PHE A 801 -23.52 -42.90 25.81
C PHE A 801 -23.40 -41.41 25.50
N THR A 802 -23.94 -40.55 26.37
CA THR A 802 -23.82 -39.12 26.16
C THR A 802 -22.40 -38.65 26.38
N ASN A 803 -21.78 -39.10 27.47
CA ASN A 803 -20.39 -38.75 27.74
C ASN A 803 -19.45 -39.46 26.77
N PHE A 804 -19.93 -40.55 26.15
CA PHE A 804 -19.20 -41.20 25.07
C PHE A 804 -19.05 -40.26 23.89
N ILE A 805 -20.17 -39.66 23.46
CA ILE A 805 -20.25 -38.81 22.27
C ILE A 805 -19.40 -37.55 22.40
N LEU A 806 -19.52 -36.84 23.53
CA LEU A 806 -18.76 -35.62 23.79
C LEU A 806 -17.26 -35.88 23.80
N LEU A 807 -16.86 -37.03 24.29
CA LEU A 807 -15.46 -37.42 24.19
C LEU A 807 -15.13 -37.90 22.78
N PHE A 808 -16.14 -38.39 22.05
CA PHE A 808 -15.88 -38.92 20.72
C PHE A 808 -15.88 -37.82 19.68
N ILE A 809 -16.67 -36.77 19.88
CA ILE A 809 -16.61 -35.58 19.02
C ILE A 809 -15.22 -34.96 19.06
N LEU A 810 -14.68 -34.82 20.27
CA LEU A 810 -13.39 -34.16 20.48
C LEU A 810 -12.24 -34.95 19.86
N LEU A 811 -12.38 -36.26 19.73
CA LEU A 811 -11.35 -37.04 19.06
C LEU A 811 -11.63 -37.14 17.57
N SER A 812 -12.88 -36.89 17.17
CA SER A 812 -13.21 -36.89 15.74
C SER A 812 -12.62 -35.68 15.05
N SER A 813 -12.68 -34.54 15.72
CA SER A 813 -12.28 -33.29 15.09
C SER A 813 -10.84 -32.94 15.40
N ALA A 814 -10.21 -33.66 16.32
CA ALA A 814 -8.79 -33.44 16.54
C ALA A 814 -7.97 -33.98 15.38
N ALA A 815 -8.36 -35.12 14.82
CA ALA A 815 -7.70 -35.58 13.61
C ALA A 815 -8.16 -34.78 12.41
N LEU A 816 -9.42 -34.39 12.40
CA LEU A 816 -9.97 -33.62 11.30
C LEU A 816 -9.42 -32.21 11.28
N ALA A 817 -8.91 -31.74 12.42
CA ALA A 817 -8.19 -30.47 12.45
C ALA A 817 -6.94 -30.54 11.59
N ALA A 818 -5.98 -31.38 11.98
CA ALA A 818 -4.68 -31.38 11.32
C ALA A 818 -4.55 -32.65 10.49
N GLU A 819 -5.01 -32.57 9.25
CA GLU A 819 -4.93 -33.73 8.36
C GLU A 819 -3.48 -33.86 7.87
N ASP A 820 -3.25 -33.38 6.66
CA ASP A 820 -1.90 -33.23 6.14
C ASP A 820 -1.62 -31.74 6.16
N PRO A 821 -2.41 -31.00 5.38
CA PRO A 821 -3.37 -31.63 4.48
C PRO A 821 -2.84 -31.74 3.06
N ILE A 822 -1.62 -31.27 2.79
CA ILE A 822 -1.07 -31.50 1.46
C ILE A 822 0.13 -32.44 1.41
N ARG A 823 -0.13 -33.74 1.48
CA ARG A 823 0.93 -34.69 1.15
C ARG A 823 0.38 -35.82 0.28
N ALA A 824 -0.79 -36.30 0.68
CA ALA A 824 -1.57 -37.34 0.00
C ALA A 824 -0.90 -38.71 -0.07
N GLU A 825 0.31 -38.83 0.49
CA GLU A 825 1.07 -40.06 0.38
C GLU A 825 1.72 -40.43 1.70
N SER A 826 1.92 -39.45 2.58
CA SER A 826 2.85 -39.62 3.68
C SER A 826 2.27 -40.47 4.81
N VAL A 827 3.02 -40.52 5.90
CA VAL A 827 2.74 -41.40 7.03
C VAL A 827 1.57 -40.83 7.83
N ARG A 828 1.37 -39.52 7.72
CA ARG A 828 0.28 -38.85 8.41
C ARG A 828 -1.05 -39.04 7.67
N ASN A 829 -1.06 -39.84 6.61
CA ASN A 829 -2.31 -40.18 5.91
C ASN A 829 -2.87 -41.56 6.26
N GLN A 830 -2.00 -42.57 6.26
CA GLN A 830 -2.36 -43.96 6.49
C GLN A 830 -2.86 -44.15 7.91
N ILE A 831 -2.32 -43.35 8.82
CA ILE A 831 -2.81 -43.30 10.19
C ILE A 831 -4.23 -42.73 10.23
N LEU A 832 -4.48 -41.68 9.45
CA LEU A 832 -5.75 -40.97 9.59
C LEU A 832 -6.85 -41.62 8.75
N GLY A 833 -6.49 -42.29 7.66
CA GLY A 833 -7.47 -43.05 6.92
C GLY A 833 -8.03 -44.20 7.73
N TYR A 834 -7.20 -44.77 8.60
CA TYR A 834 -7.68 -45.78 9.55
C TYR A 834 -8.45 -45.11 10.68
N PHE A 835 -8.17 -43.84 10.92
CA PHE A 835 -8.77 -43.18 12.07
C PHE A 835 -10.06 -42.48 11.67
N ASP A 836 -10.32 -42.42 10.37
CA ASP A 836 -11.51 -41.72 9.86
C ASP A 836 -12.66 -42.67 9.54
N ILE A 837 -12.37 -43.76 8.83
CA ILE A 837 -13.40 -44.69 8.38
C ILE A 837 -13.97 -45.46 9.57
N ALA A 838 -13.12 -45.77 10.54
CA ALA A 838 -13.57 -46.38 11.78
C ALA A 838 -14.44 -45.43 12.59
N PHE A 839 -14.29 -44.12 12.41
CA PHE A 839 -15.11 -43.18 13.14
C PHE A 839 -16.46 -42.96 12.51
N THR A 840 -16.58 -43.19 11.21
CA THR A 840 -17.89 -43.08 10.57
C THR A 840 -18.81 -44.21 11.02
N SER A 841 -18.22 -45.32 11.45
CA SER A 841 -18.99 -46.46 11.91
C SER A 841 -19.82 -46.12 13.14
N VAL A 842 -19.14 -45.61 14.17
CA VAL A 842 -19.81 -45.24 15.42
C VAL A 842 -20.91 -44.21 15.17
N PHE A 843 -20.57 -43.16 14.41
CA PHE A 843 -21.52 -42.10 14.09
C PHE A 843 -22.84 -42.69 13.59
N THR A 844 -22.77 -43.40 12.46
CA THR A 844 -23.95 -44.01 11.88
C THR A 844 -24.66 -44.91 12.89
N VAL A 845 -23.90 -45.42 13.85
CA VAL A 845 -24.46 -46.29 14.87
C VAL A 845 -25.36 -45.52 15.83
N GLU A 846 -25.04 -44.23 16.00
CA GLU A 846 -25.80 -43.36 16.87
C GLU A 846 -27.13 -42.96 16.23
N ILE A 847 -27.14 -42.81 14.91
CA ILE A 847 -28.40 -42.44 14.25
C ILE A 847 -29.34 -43.64 14.15
N VAL A 848 -28.82 -44.85 14.34
CA VAL A 848 -29.71 -46.00 14.47
C VAL A 848 -30.45 -45.93 15.80
N LEU A 849 -29.73 -45.68 16.88
CA LEU A 849 -30.30 -45.82 18.22
C LEU A 849 -31.20 -44.64 18.59
N LYS A 850 -31.15 -43.56 17.80
CA LYS A 850 -32.13 -42.49 17.98
C LYS A 850 -33.44 -42.80 17.28
N MET A 851 -33.37 -43.48 16.13
CA MET A 851 -34.56 -43.72 15.31
C MET A 851 -35.35 -44.93 15.82
N THR A 852 -34.70 -45.84 16.54
CA THR A 852 -35.42 -46.96 17.15
C THR A 852 -36.15 -46.57 18.41
N THR A 853 -36.03 -45.31 18.86
CA THR A 853 -36.76 -44.81 20.00
C THR A 853 -38.01 -44.04 19.63
N TYR A 854 -37.98 -43.25 18.55
CA TYR A 854 -39.17 -42.52 18.14
C TYR A 854 -39.65 -42.97 16.77
N GLY A 855 -38.77 -42.94 15.77
CA GLY A 855 -39.17 -43.35 14.44
C GLY A 855 -39.01 -42.18 13.47
N ALA A 856 -39.85 -42.20 12.44
CA ALA A 856 -39.72 -41.27 11.32
C ALA A 856 -40.15 -39.86 11.69
N PHE A 857 -40.89 -39.72 12.80
CA PHE A 857 -41.39 -38.42 13.21
C PHE A 857 -40.43 -37.70 14.17
N LEU A 858 -39.23 -38.23 14.38
CA LEU A 858 -38.23 -37.58 15.22
C LEU A 858 -37.52 -36.43 14.52
N HIS A 859 -37.71 -36.28 13.21
CA HIS A 859 -37.02 -35.25 12.43
C HIS A 859 -37.55 -33.84 12.64
N LYS A 860 -38.50 -33.66 13.55
CA LYS A 860 -39.07 -32.36 13.91
C LYS A 860 -38.03 -31.40 14.45
N GLY A 861 -37.16 -31.90 15.33
CA GLY A 861 -36.08 -31.10 15.90
C GLY A 861 -35.02 -30.71 14.90
N SER A 862 -34.54 -29.47 15.00
CA SER A 862 -33.56 -28.93 14.06
C SER A 862 -32.19 -29.59 14.25
N PHE A 863 -31.96 -30.15 15.44
CA PHE A 863 -30.73 -30.87 15.73
C PHE A 863 -30.71 -32.27 15.13
N CYS A 864 -31.89 -32.87 14.90
CA CYS A 864 -31.93 -34.20 14.32
C CYS A 864 -31.94 -34.14 12.80
N ARG A 865 -32.38 -33.01 12.24
CA ARG A 865 -32.30 -32.82 10.80
C ARG A 865 -30.86 -32.64 10.34
N ASN A 866 -30.00 -32.17 11.25
CA ASN A 866 -28.58 -32.06 10.96
C ASN A 866 -27.84 -33.33 11.34
N TYR A 867 -28.34 -34.04 12.34
CA TYR A 867 -27.76 -35.32 12.76
C TYR A 867 -27.92 -36.37 11.67
N PHE A 868 -29.06 -36.35 10.97
CA PHE A 868 -29.29 -37.30 9.90
C PHE A 868 -28.66 -36.85 8.59
N ASN A 869 -28.20 -35.59 8.53
CA ASN A 869 -27.56 -35.08 7.33
C ASN A 869 -26.06 -35.35 7.30
N ILE A 870 -25.39 -35.20 8.45
CA ILE A 870 -23.94 -35.40 8.51
C ILE A 870 -23.60 -36.88 8.57
N LEU A 871 -24.50 -37.68 9.11
CA LEU A 871 -24.24 -39.11 9.26
C LEU A 871 -24.36 -39.84 7.93
N ASP A 872 -25.35 -39.45 7.12
CA ASP A 872 -25.56 -40.12 5.84
C ASP A 872 -24.44 -39.83 4.85
N LEU A 873 -23.79 -38.66 4.97
CA LEU A 873 -22.68 -38.33 4.10
C LEU A 873 -21.39 -39.02 4.54
N LEU A 874 -21.18 -39.13 5.85
CA LEU A 874 -20.03 -39.87 6.36
C LEU A 874 -20.15 -41.36 6.09
N VAL A 875 -21.37 -41.86 5.93
CA VAL A 875 -21.55 -43.26 5.56
C VAL A 875 -21.24 -43.47 4.09
N VAL A 876 -21.53 -42.46 3.26
CA VAL A 876 -21.33 -42.63 1.82
C VAL A 876 -19.88 -42.39 1.45
N ALA A 877 -19.09 -41.81 2.36
CA ALA A 877 -17.65 -41.78 2.16
C ALA A 877 -17.07 -43.18 2.25
N VAL A 878 -17.70 -44.04 3.08
CA VAL A 878 -17.32 -45.45 3.09
C VAL A 878 -17.78 -46.13 1.81
N SER A 879 -18.85 -45.63 1.20
CA SER A 879 -19.22 -46.08 -0.13
C SER A 879 -18.29 -45.46 -1.18
N LEU A 880 -17.74 -44.28 -0.89
CA LEU A 880 -16.77 -43.67 -1.79
C LEU A 880 -15.36 -44.20 -1.53
N ILE A 881 -15.10 -44.70 -0.32
CA ILE A 881 -13.83 -45.41 -0.08
C ILE A 881 -13.95 -46.85 -0.53
N SER A 882 -15.16 -47.28 -0.86
CA SER A 882 -15.41 -48.64 -1.32
C SER A 882 -15.13 -48.78 -2.81
N MET A 883 -14.98 -47.64 -3.50
CA MET A 883 -14.72 -47.63 -4.93
C MET A 883 -13.23 -47.45 -5.21
N GLY A 884 -12.60 -46.55 -4.46
CA GLY A 884 -11.18 -46.27 -4.63
C GLY A 884 -10.33 -47.49 -4.35
N LEU A 885 -10.88 -48.46 -3.62
CA LEU A 885 -10.16 -49.68 -3.30
C LEU A 885 -10.41 -50.76 -4.33
N VAL A 892 -16.89 -36.16 -3.78
CA VAL A 892 -17.38 -37.51 -3.54
C VAL A 892 -16.49 -38.19 -2.51
N VAL A 893 -15.19 -38.10 -2.71
CA VAL A 893 -14.25 -38.62 -1.72
C VAL A 893 -14.08 -37.63 -0.58
N LYS A 894 -13.59 -36.43 -0.89
CA LYS A 894 -13.22 -35.44 0.12
C LYS A 894 -14.37 -34.53 0.51
N ILE A 895 -15.45 -34.49 -0.29
CA ILE A 895 -16.62 -33.70 0.07
C ILE A 895 -17.30 -34.32 1.28
N LEU A 896 -17.44 -35.64 1.30
CA LEU A 896 -18.12 -36.33 2.38
C LEU A 896 -17.25 -36.39 3.63
N ARG A 897 -15.96 -36.12 3.47
CA ARG A 897 -15.04 -36.07 4.59
C ARG A 897 -15.42 -34.80 5.36
N VAL A 898 -15.71 -33.73 4.64
CA VAL A 898 -15.88 -32.41 5.24
C VAL A 898 -17.31 -32.24 5.72
N LEU A 899 -18.21 -33.11 5.28
CA LEU A 899 -19.55 -33.09 5.86
C LEU A 899 -19.60 -33.68 7.27
N ARG A 900 -18.48 -34.23 7.72
CA ARG A 900 -18.37 -34.71 9.09
C ARG A 900 -18.01 -33.60 10.08
N VAL A 901 -17.77 -32.38 9.60
CA VAL A 901 -17.42 -31.28 10.51
C VAL A 901 -18.63 -30.73 11.24
N LEU A 902 -19.84 -31.06 10.81
CA LEU A 902 -21.04 -30.45 11.37
C LEU A 902 -21.30 -30.89 12.79
N ARG A 903 -20.86 -32.09 13.12
CA ARG A 903 -21.03 -32.72 14.40
C ARG A 903 -21.19 -31.74 15.56
N PRO A 904 -20.11 -31.06 15.93
CA PRO A 904 -20.18 -30.29 17.18
C PRO A 904 -21.26 -29.23 17.22
N LEU A 905 -21.90 -28.96 16.08
CA LEU A 905 -23.04 -28.07 16.04
C LEU A 905 -24.17 -28.66 16.88
N ARG A 906 -24.31 -29.98 16.83
CA ARG A 906 -25.29 -30.68 17.63
C ARG A 906 -25.05 -30.45 19.11
N ALA A 907 -23.77 -30.44 19.50
CA ALA A 907 -23.42 -30.18 20.90
C ALA A 907 -23.74 -28.76 21.31
N ILE A 908 -23.87 -27.86 20.34
CA ILE A 908 -24.20 -26.47 20.64
C ILE A 908 -25.67 -26.33 20.99
N ASN A 909 -26.54 -27.12 20.36
CA ASN A 909 -27.94 -27.14 20.76
C ASN A 909 -28.15 -27.82 22.11
N ARG A 910 -27.12 -28.46 22.66
N ARG A 910 -27.15 -28.48 22.67
CA ARG A 910 -27.16 -29.03 23.99
CA ARG A 910 -27.24 -29.01 24.02
C ARG A 910 -26.71 -28.01 25.03
C ARG A 910 -26.73 -28.00 25.06
N ALA A 911 -26.42 -26.79 24.59
CA ALA A 911 -26.04 -25.70 25.46
C ALA A 911 -27.24 -24.77 25.62
N LYS A 912 -27.37 -24.21 26.81
N LYS A 912 -27.38 -24.05 26.72
CA LYS A 912 -28.57 -23.43 27.15
CA LYS A 912 -28.61 -23.34 27.02
C LYS A 912 -28.36 -21.92 27.20
C LYS A 912 -28.38 -21.84 27.12
N GLY A 913 -27.13 -21.44 27.34
CA GLY A 913 -26.94 -20.02 27.49
C GLY A 913 -27.35 -19.25 26.26
N LEU A 914 -27.22 -19.88 25.10
CA LEU A 914 -27.38 -19.19 23.81
C LEU A 914 -28.84 -18.93 23.48
N LYS A 915 -29.73 -19.70 24.10
CA LYS A 915 -31.16 -19.55 23.88
C LYS A 915 -31.62 -18.16 24.27
N HIS A 916 -30.92 -17.56 25.23
CA HIS A 916 -31.25 -16.22 25.67
C HIS A 916 -30.66 -15.18 24.71
N VAL A 917 -29.46 -15.47 24.20
CA VAL A 917 -28.72 -14.46 23.45
C VAL A 917 -29.18 -14.42 22.01
N VAL A 918 -29.26 -15.59 21.37
CA VAL A 918 -29.63 -15.65 19.96
C VAL A 918 -31.08 -15.24 19.78
N GLN A 919 -31.95 -15.56 20.75
CA GLN A 919 -33.35 -15.18 20.66
C GLN A 919 -33.52 -13.68 20.81
N CYS A 920 -32.72 -13.06 21.68
CA CYS A 920 -32.80 -11.61 21.86
C CYS A 920 -32.33 -10.86 20.63
N VAL A 921 -31.44 -11.47 19.84
CA VAL A 921 -30.91 -10.80 18.66
C VAL A 921 -31.91 -10.86 17.53
N PHE A 922 -32.58 -12.01 17.35
CA PHE A 922 -33.60 -12.08 16.31
C PHE A 922 -34.84 -11.26 16.64
N VAL A 923 -35.01 -10.84 17.91
CA VAL A 923 -35.96 -9.77 18.19
C VAL A 923 -35.50 -8.50 17.52
N ALA A 924 -34.20 -8.21 17.60
CA ALA A 924 -33.69 -6.93 17.13
C ALA A 924 -33.63 -6.87 15.62
N ILE A 925 -33.49 -8.02 14.95
CA ILE A 925 -33.45 -8.04 13.49
C ILE A 925 -34.80 -7.69 12.90
N ARG A 926 -35.88 -8.13 13.54
CA ARG A 926 -37.22 -7.81 13.09
C ARG A 926 -37.51 -6.30 12.98
N THR A 927 -36.86 -5.50 13.81
CA THR A 927 -37.11 -4.07 13.84
C THR A 927 -36.08 -3.29 13.04
N ILE A 928 -34.96 -3.93 12.74
CA ILE A 928 -33.88 -3.33 11.98
C ILE A 928 -33.87 -3.81 10.54
N GLY A 929 -34.55 -4.91 10.29
CA GLY A 929 -34.76 -5.41 8.95
C GLY A 929 -35.07 -4.33 7.92
N ASN A 930 -35.88 -3.34 8.33
CA ASN A 930 -36.26 -2.25 7.45
C ASN A 930 -35.06 -1.44 7.00
N ILE A 931 -34.12 -1.22 7.92
CA ILE A 931 -32.91 -0.46 7.61
C ILE A 931 -31.96 -1.29 6.76
N VAL A 932 -31.86 -2.59 7.05
CA VAL A 932 -30.93 -3.45 6.31
C VAL A 932 -31.39 -3.63 4.87
N LEU A 933 -32.69 -3.60 4.67
CA LEU A 933 -33.22 -3.72 3.32
C LEU A 933 -33.05 -2.43 2.53
N VAL A 934 -32.75 -1.32 3.20
CA VAL A 934 -32.48 -0.09 2.46
C VAL A 934 -30.98 0.07 2.24
N THR A 935 -30.16 -0.35 3.19
CA THR A 935 -28.72 -0.18 3.03
C THR A 935 -28.15 -1.16 2.02
N THR A 936 -28.89 -2.20 1.65
CA THR A 936 -28.46 -3.05 0.56
C THR A 936 -29.12 -2.64 -0.73
N LEU A 937 -29.96 -1.61 -0.68
CA LEU A 937 -30.43 -1.02 -1.92
C LEU A 937 -29.46 0.04 -2.40
N LEU A 938 -28.80 0.73 -1.47
CA LEU A 938 -27.84 1.76 -1.86
C LEU A 938 -26.60 1.15 -2.47
N GLN A 939 -26.22 -0.04 -2.02
CA GLN A 939 -25.12 -0.72 -2.66
C GLN A 939 -25.51 -1.24 -4.03
N PHE A 940 -26.80 -1.28 -4.33
CA PHE A 940 -27.21 -1.51 -5.70
C PHE A 940 -27.39 -0.20 -6.45
N MET A 941 -27.79 0.86 -5.76
CA MET A 941 -27.98 2.12 -6.48
C MET A 941 -26.64 2.80 -6.75
N PHE A 942 -25.72 2.73 -5.79
CA PHE A 942 -24.39 3.26 -6.06
C PHE A 942 -23.51 2.26 -6.79
N ALA A 943 -23.98 1.04 -7.03
CA ALA A 943 -23.31 0.22 -8.01
C ALA A 943 -23.63 0.71 -9.40
N CYS A 944 -24.91 0.94 -9.67
CA CYS A 944 -25.36 1.37 -10.99
C CYS A 944 -24.95 2.79 -11.34
N ILE A 945 -24.74 3.67 -10.36
CA ILE A 945 -24.10 4.93 -10.70
C ILE A 945 -22.59 4.74 -10.72
N GLY A 946 -22.11 3.71 -10.02
CA GLY A 946 -20.68 3.46 -10.02
C GLY A 946 -20.21 2.80 -11.30
N VAL A 947 -21.02 1.88 -11.83
CA VAL A 947 -20.73 1.29 -13.13
C VAL A 947 -20.69 2.36 -14.19
N GLN A 948 -21.75 3.15 -14.25
CA GLN A 948 -22.04 4.15 -15.26
C GLN A 948 -20.92 5.13 -15.48
N LEU A 949 -20.19 5.39 -14.43
CA LEU A 949 -19.23 6.45 -14.31
C LEU A 949 -17.80 5.93 -14.40
N PHE A 950 -17.60 4.63 -14.16
CA PHE A 950 -16.30 3.99 -14.24
C PHE A 950 -16.29 2.74 -15.10
N LYS A 951 -17.09 2.65 -16.16
CA LYS A 951 -16.99 1.51 -17.07
C LYS A 951 -15.68 1.54 -17.83
N GLY A 952 -14.97 0.43 -17.85
CA GLY A 952 -13.83 0.30 -18.72
C GLY A 952 -12.59 1.01 -18.28
N LYS A 953 -12.70 1.93 -17.32
CA LYS A 953 -11.57 2.51 -16.62
C LYS A 953 -10.98 1.47 -15.69
N PHE A 954 -10.01 1.88 -14.88
CA PHE A 954 -9.26 1.02 -13.98
C PHE A 954 -8.59 -0.08 -14.79
N PHE A 955 -8.09 0.27 -15.97
CA PHE A 955 -7.56 -0.73 -16.88
C PHE A 955 -6.15 -0.30 -17.20
N SER A 956 -5.23 -0.70 -16.35
CA SER A 956 -3.95 0.00 -16.31
C SER A 956 -2.84 -0.82 -16.94
N CYS A 957 -2.02 -0.16 -17.73
CA CYS A 957 -0.87 -0.78 -18.36
C CYS A 957 0.37 -0.78 -17.49
N ASN A 958 1.24 -1.75 -17.71
CA ASN A 958 2.15 -2.18 -16.69
C ASN A 958 3.21 -1.11 -16.46
N ASP A 959 3.87 -0.65 -17.52
CA ASP A 959 4.73 0.53 -17.44
C ASP A 959 3.89 1.77 -17.72
N LEU A 960 3.94 2.74 -16.83
CA LEU A 960 2.87 3.73 -16.85
C LEU A 960 3.09 4.81 -17.90
N SER A 961 3.33 4.40 -19.14
CA SER A 961 3.71 5.34 -20.18
C SER A 961 3.12 5.01 -21.53
N LYS A 962 2.21 4.03 -21.61
CA LYS A 962 1.79 3.57 -22.92
C LYS A 962 0.31 3.72 -23.22
N MET A 963 -0.56 3.76 -22.22
CA MET A 963 -1.88 4.37 -22.31
C MET A 963 -2.93 3.73 -23.22
N THR A 964 -2.64 2.69 -24.01
CA THR A 964 -3.72 2.10 -24.80
C THR A 964 -3.44 0.65 -25.16
N GLU A 965 -4.41 0.04 -25.81
CA GLU A 965 -4.45 -1.40 -25.89
C GLU A 965 -3.27 -1.98 -26.63
N GLU A 966 -3.21 -1.71 -27.92
CA GLU A 966 -2.25 -2.42 -28.74
C GLU A 966 -0.83 -2.21 -28.27
N GLU A 967 -0.50 -1.02 -27.77
CA GLU A 967 0.89 -0.72 -27.57
C GLU A 967 1.36 -0.94 -26.13
N CYS A 968 0.64 -1.73 -25.37
CA CYS A 968 1.13 -2.11 -24.04
C CYS A 968 1.47 -3.58 -24.20
N ARG A 969 2.61 -3.83 -24.84
CA ARG A 969 3.03 -5.15 -25.30
C ARG A 969 4.53 -5.09 -25.56
N GLY A 970 5.19 -6.24 -25.47
CA GLY A 970 6.62 -6.24 -25.67
C GLY A 970 7.39 -6.17 -24.37
N TYR A 971 8.66 -5.77 -24.40
CA TYR A 971 9.47 -5.73 -23.19
C TYR A 971 9.87 -4.32 -22.82
N TYR A 972 10.06 -4.04 -21.54
CA TYR A 972 10.47 -2.70 -21.15
C TYR A 972 11.57 -2.78 -20.11
N TYR A 973 11.92 -1.63 -19.52
CA TYR A 973 12.93 -1.59 -18.48
C TYR A 973 12.31 -1.29 -17.13
N VAL A 974 12.62 -2.10 -16.13
CA VAL A 974 12.28 -1.76 -14.76
C VAL A 974 13.56 -1.30 -14.10
N TYR A 975 13.64 -0.02 -13.76
CA TYR A 975 14.80 0.52 -13.10
C TYR A 975 14.64 0.27 -11.62
N LYS A 976 15.62 -0.40 -11.02
CA LYS A 976 15.62 -0.61 -9.58
C LYS A 976 15.96 0.68 -8.85
N ASP A 977 15.88 0.50 -7.53
CA ASP A 977 15.93 1.47 -6.46
C ASP A 977 15.49 2.81 -6.95
N GLY A 978 16.48 3.53 -7.42
CA GLY A 978 16.31 4.85 -7.97
C GLY A 978 17.11 5.23 -9.18
N ASP A 979 18.15 4.49 -9.53
CA ASP A 979 19.10 5.05 -10.48
C ASP A 979 19.09 4.29 -11.79
N PRO A 980 19.35 4.94 -12.92
CA PRO A 980 19.24 4.30 -14.23
C PRO A 980 20.49 3.54 -14.66
N THR A 981 21.09 2.82 -13.72
CA THR A 981 22.18 1.93 -14.03
C THR A 981 21.88 0.51 -13.57
N GLN A 982 20.64 0.26 -13.17
CA GLN A 982 20.24 -1.07 -12.71
C GLN A 982 19.00 -1.54 -13.46
N MET A 983 19.05 -1.50 -14.79
CA MET A 983 17.92 -1.90 -15.61
C MET A 983 17.69 -3.39 -15.61
N GLU A 984 16.46 -3.79 -15.33
CA GLU A 984 15.98 -5.15 -15.45
C GLU A 984 14.91 -5.14 -16.53
N LEU A 985 14.76 -6.23 -17.25
CA LEU A 985 13.87 -6.21 -18.39
C LEU A 985 12.69 -7.15 -18.17
N ARG A 986 11.53 -6.59 -17.92
CA ARG A 986 10.33 -7.40 -17.75
C ARG A 986 9.41 -7.18 -18.94
N PRO A 987 8.44 -8.06 -19.12
CA PRO A 987 7.44 -7.85 -20.16
C PRO A 987 6.35 -6.95 -19.64
N ARG A 988 5.50 -6.46 -20.54
CA ARG A 988 4.38 -5.67 -20.06
C ARG A 988 3.07 -6.15 -20.67
N GLN A 989 2.01 -6.04 -19.88
CA GLN A 989 0.68 -6.47 -20.27
C GLN A 989 -0.34 -5.61 -19.57
N TRP A 990 -1.61 -5.72 -19.98
CA TRP A 990 -2.67 -5.07 -19.22
C TRP A 990 -2.86 -5.70 -17.86
N ILE A 991 -2.76 -4.94 -16.83
CA ILE A 991 -3.21 -5.38 -15.52
C ILE A 991 -4.60 -4.81 -15.30
N HIS A 992 -5.54 -5.65 -14.93
CA HIS A 992 -6.92 -5.23 -14.71
C HIS A 992 -7.14 -5.18 -13.21
N ASN A 993 -7.60 -4.05 -12.67
CA ASN A 993 -7.40 -3.81 -11.25
C ASN A 993 -8.41 -4.53 -10.37
N ASP A 994 -8.70 -5.79 -10.66
CA ASP A 994 -9.13 -6.82 -9.72
C ASP A 994 -10.41 -6.57 -8.94
N PHE A 995 -10.84 -5.32 -8.86
CA PHE A 995 -12.03 -4.83 -8.17
C PHE A 995 -12.63 -3.76 -9.05
N HIS A 996 -12.63 -4.03 -10.33
CA HIS A 996 -13.08 -3.09 -11.33
C HIS A 996 -14.59 -2.89 -11.25
N PHE A 997 -15.08 -1.85 -11.92
CA PHE A 997 -16.51 -1.62 -11.99
C PHE A 997 -16.91 -1.90 -13.42
N ASP A 998 -17.34 -3.13 -13.69
CA ASP A 998 -17.67 -3.51 -15.06
C ASP A 998 -19.11 -3.97 -15.14
N ASN A 999 -19.47 -4.90 -14.26
CA ASN A 999 -20.82 -5.39 -14.20
C ASN A 999 -21.45 -4.87 -12.92
N VAL A 1000 -22.77 -4.85 -12.87
CA VAL A 1000 -23.44 -4.44 -11.63
C VAL A 1000 -23.17 -5.45 -10.54
N LEU A 1001 -23.08 -6.73 -10.91
CA LEU A 1001 -22.60 -7.72 -9.97
C LEU A 1001 -21.14 -7.50 -9.63
N SER A 1002 -20.32 -7.18 -10.64
CA SER A 1002 -18.90 -7.02 -10.38
C SER A 1002 -18.58 -5.67 -9.77
N ALA A 1003 -19.57 -4.80 -9.63
CA ALA A 1003 -19.34 -3.56 -8.91
C ALA A 1003 -19.89 -3.63 -7.51
N MET A 1004 -20.77 -4.59 -7.23
CA MET A 1004 -21.15 -4.78 -5.84
C MET A 1004 -20.04 -5.46 -5.07
N MET A 1005 -19.16 -6.17 -5.77
CA MET A 1005 -17.97 -6.74 -5.13
C MET A 1005 -17.08 -5.65 -4.59
N SER A 1006 -16.69 -4.72 -5.44
CA SER A 1006 -15.72 -3.70 -5.06
C SER A 1006 -16.31 -2.73 -4.07
N LEU A 1007 -17.57 -2.41 -4.22
CA LEU A 1007 -18.18 -1.46 -3.33
C LEU A 1007 -18.58 -2.12 -2.03
N PHE A 1008 -18.38 -3.43 -1.91
CA PHE A 1008 -18.51 -4.11 -0.64
C PHE A 1008 -17.24 -3.96 0.20
N THR A 1009 -16.08 -3.83 -0.44
CA THR A 1009 -14.85 -3.69 0.36
C THR A 1009 -14.62 -2.25 0.78
N VAL A 1010 -15.04 -1.27 -0.04
CA VAL A 1010 -14.96 0.08 0.47
C VAL A 1010 -16.05 0.35 1.48
N SER A 1011 -17.07 -0.52 1.54
CA SER A 1011 -18.03 -0.47 2.61
C SER A 1011 -17.45 -0.93 3.93
N THR A 1012 -16.45 -1.81 3.91
CA THR A 1012 -15.88 -2.34 5.15
C THR A 1012 -14.62 -1.58 5.56
N PHE A 1013 -14.41 -0.39 4.99
CA PHE A 1013 -13.30 0.53 5.29
C PHE A 1013 -11.95 -0.11 5.07
N GLU A 1014 -11.88 -1.05 4.13
CA GLU A 1014 -10.61 -1.75 3.90
C GLU A 1014 -10.23 -1.76 2.43
N GLY A 1015 -9.13 -1.09 2.11
CA GLY A 1015 -8.67 -1.08 0.74
C GLY A 1015 -9.32 -0.04 -0.14
N TRP A 1016 -9.92 0.97 0.44
CA TRP A 1016 -10.46 2.01 -0.43
C TRP A 1016 -9.44 3.02 -0.97
N PRO A 1017 -8.48 3.43 -0.16
CA PRO A 1017 -7.44 4.38 -0.59
C PRO A 1017 -6.83 3.97 -1.92
N GLN A 1018 -6.30 2.74 -1.97
CA GLN A 1018 -5.69 2.23 -3.20
C GLN A 1018 -6.68 2.27 -4.36
N LEU A 1019 -7.93 1.91 -4.07
CA LEU A 1019 -8.97 1.92 -5.09
C LEU A 1019 -9.47 3.34 -5.35
N LEU A 1020 -9.59 4.13 -4.28
CA LEU A 1020 -10.05 5.51 -4.42
C LEU A 1020 -9.09 6.33 -5.27
N TYR A 1021 -7.80 6.18 -4.99
CA TYR A 1021 -6.74 6.90 -5.71
C TYR A 1021 -6.56 6.43 -7.12
N ARG A 1022 -7.18 5.31 -7.44
CA ARG A 1022 -7.26 4.82 -8.81
C ARG A 1022 -8.42 5.47 -9.56
N ALA A 1023 -9.54 5.65 -8.86
CA ALA A 1023 -10.72 6.27 -9.44
C ALA A 1023 -10.48 7.73 -9.76
N ILE A 1024 -9.63 8.40 -8.97
CA ILE A 1024 -9.14 9.70 -9.36
C ILE A 1024 -8.37 9.61 -10.68
N ASP A 1025 -7.37 8.75 -10.78
CA ASP A 1025 -6.45 8.74 -11.92
C ASP A 1025 -7.06 8.32 -13.25
N SER A 1026 -8.34 8.03 -13.34
CA SER A 1026 -8.85 7.42 -14.57
C SER A 1026 -9.21 8.47 -15.62
N ASN A 1027 -9.16 8.05 -16.89
CA ASN A 1027 -9.69 8.84 -18.00
C ASN A 1027 -10.43 7.90 -18.96
N GLU A 1028 -10.60 8.35 -20.21
CA GLU A 1028 -11.51 7.77 -21.21
C GLU A 1028 -11.36 6.27 -21.45
N GLU A 1029 -12.35 5.68 -22.12
CA GLU A 1029 -12.75 4.27 -22.02
C GLU A 1029 -11.69 3.21 -21.91
N ASP A 1030 -10.84 3.03 -22.90
CA ASP A 1030 -9.76 2.05 -22.77
C ASP A 1030 -8.44 2.80 -22.85
N MET A 1031 -8.07 3.39 -21.73
CA MET A 1031 -6.88 4.20 -21.64
C MET A 1031 -6.31 4.05 -20.24
N GLY A 1032 -5.00 4.12 -20.15
CA GLY A 1032 -4.34 4.04 -18.88
C GLY A 1032 -4.54 5.31 -18.07
N PRO A 1033 -4.07 5.27 -16.84
CA PRO A 1033 -4.30 6.39 -15.94
C PRO A 1033 -3.42 7.60 -16.21
N VAL A 1034 -4.02 8.77 -16.11
CA VAL A 1034 -3.32 10.04 -16.10
C VAL A 1034 -3.22 10.42 -14.62
N TYR A 1035 -2.16 11.12 -14.24
CA TYR A 1035 -1.70 11.14 -12.85
C TYR A 1035 -2.71 11.70 -11.87
N ASN A 1036 -3.15 12.94 -12.04
CA ASN A 1036 -4.06 13.50 -11.06
C ASN A 1036 -5.24 14.13 -11.73
N ASN A 1037 -5.64 13.57 -12.87
CA ASN A 1037 -6.90 13.85 -13.52
C ASN A 1037 -8.06 13.77 -12.54
N ARG A 1038 -8.97 14.73 -12.64
CA ARG A 1038 -10.32 14.76 -12.05
C ARG A 1038 -10.45 14.27 -10.61
N VAL A 1039 -9.91 15.04 -9.65
CA VAL A 1039 -10.09 14.77 -8.23
C VAL A 1039 -11.56 14.92 -7.81
N GLU A 1040 -12.41 15.50 -8.66
CA GLU A 1040 -13.84 15.62 -8.42
C GLU A 1040 -14.55 14.28 -8.28
N MET A 1041 -13.97 13.19 -8.78
CA MET A 1041 -14.51 11.85 -8.57
C MET A 1041 -14.03 11.23 -7.28
N ALA A 1042 -13.61 12.04 -6.33
CA ALA A 1042 -13.40 11.54 -4.98
C ALA A 1042 -14.59 11.85 -4.10
N ILE A 1043 -15.58 12.53 -4.67
CA ILE A 1043 -16.78 12.89 -3.92
C ILE A 1043 -17.77 11.73 -3.87
N PHE A 1044 -17.59 10.78 -4.78
CA PHE A 1044 -18.46 9.62 -4.86
C PHE A 1044 -18.10 8.76 -3.65
N PHE A 1045 -16.83 8.49 -3.48
CA PHE A 1045 -16.33 7.56 -2.47
C PHE A 1045 -16.42 8.15 -1.08
N ILE A 1046 -16.75 9.45 -1.01
CA ILE A 1046 -16.88 10.13 0.27
C ILE A 1046 -18.33 10.15 0.75
N ILE A 1047 -19.23 10.61 -0.11
CA ILE A 1047 -20.64 10.68 0.22
C ILE A 1047 -21.20 9.30 0.52
N TYR A 1048 -20.80 8.32 -0.28
CA TYR A 1048 -21.27 6.95 -0.11
C TYR A 1048 -20.68 6.34 1.16
N ILE A 1049 -19.38 6.57 1.37
CA ILE A 1049 -18.70 6.07 2.56
C ILE A 1049 -19.31 6.67 3.82
N ILE A 1050 -19.65 7.96 3.75
CA ILE A 1050 -20.26 8.65 4.87
C ILE A 1050 -21.68 8.16 5.12
N LEU A 1051 -22.40 7.90 4.02
CA LEU A 1051 -23.77 7.40 4.11
C LEU A 1051 -23.81 6.03 4.75
N ILE A 1052 -23.04 5.10 4.18
CA ILE A 1052 -22.97 3.74 4.71
C ILE A 1052 -22.47 3.72 6.14
N ALA A 1053 -21.62 4.69 6.49
CA ALA A 1053 -21.26 4.87 7.90
C ALA A 1053 -22.44 5.31 8.73
N PHE A 1054 -23.43 5.95 8.13
CA PHE A 1054 -24.60 6.41 8.86
C PHE A 1054 -25.70 5.35 8.93
N PHE A 1055 -25.74 4.43 7.96
CA PHE A 1055 -26.69 3.34 8.07
C PHE A 1055 -26.10 2.17 8.83
N MET A 1056 -24.77 2.08 8.90
CA MET A 1056 -24.19 1.04 9.74
C MET A 1056 -24.31 1.42 11.20
N MET A 1057 -24.37 2.73 11.47
CA MET A 1057 -24.47 3.20 12.84
C MET A 1057 -25.91 3.15 13.34
N ASN A 1058 -26.88 3.33 12.44
CA ASN A 1058 -28.28 3.23 12.85
C ASN A 1058 -28.69 1.80 13.12
N ILE A 1059 -28.02 0.85 12.49
CA ILE A 1059 -28.25 -0.54 12.82
C ILE A 1059 -27.76 -0.84 14.23
N PHE A 1060 -26.51 -0.44 14.47
CA PHE A 1060 -25.85 -0.66 15.75
C PHE A 1060 -26.67 -0.08 16.89
N VAL A 1061 -27.21 1.13 16.69
CA VAL A 1061 -28.03 1.72 17.74
C VAL A 1061 -29.28 0.88 17.97
N GLY A 1062 -29.79 0.25 16.92
CA GLY A 1062 -30.93 -0.64 17.01
C GLY A 1062 -30.70 -1.84 17.93
N PHE A 1063 -29.58 -2.55 17.76
CA PHE A 1063 -29.24 -3.67 18.64
C PHE A 1063 -29.02 -3.23 20.09
N VAL A 1064 -28.75 -1.95 20.32
CA VAL A 1064 -28.58 -1.50 21.69
C VAL A 1064 -29.92 -1.21 22.33
N ILE A 1065 -30.75 -0.41 21.65
CA ILE A 1065 -32.04 0.03 22.21
C ILE A 1065 -32.97 -1.15 22.41
N VAL A 1066 -32.89 -2.16 21.54
CA VAL A 1066 -33.73 -3.34 21.69
C VAL A 1066 -33.36 -4.12 22.94
N THR A 1067 -32.07 -4.24 23.23
CA THR A 1067 -31.68 -5.08 24.35
C THR A 1067 -31.94 -4.40 25.69
N PHE A 1068 -31.77 -3.08 25.76
CA PHE A 1068 -32.17 -2.37 26.97
C PHE A 1068 -33.68 -2.41 27.22
N GLN A 1069 -34.50 -2.61 26.19
CA GLN A 1069 -35.88 -3.00 26.43
C GLN A 1069 -35.97 -4.43 26.95
N GLU A 1070 -35.19 -5.34 26.36
CA GLU A 1070 -35.37 -6.77 26.61
C GLU A 1070 -34.77 -7.17 27.95
N GLN A 1071 -33.86 -6.38 28.50
CA GLN A 1071 -33.40 -6.67 29.85
C GLN A 1071 -34.40 -6.16 30.86
N GLY A 1072 -35.01 -5.00 30.58
CA GLY A 1072 -35.98 -4.45 31.51
C GLY A 1072 -37.31 -5.18 31.48
N GLU A 1073 -37.50 -6.05 30.48
CA GLU A 1073 -38.67 -6.94 30.45
C GLU A 1073 -38.69 -7.86 31.67
N THR A 1074 -37.51 -8.23 32.19
CA THR A 1074 -37.45 -9.00 33.42
C THR A 1074 -37.82 -8.16 34.63
N GLU A 1075 -37.58 -6.85 34.59
CA GLU A 1075 -37.94 -5.99 35.71
C GLU A 1075 -39.24 -5.22 35.49
N TYR A 1076 -40.08 -5.65 34.55
CA TYR A 1076 -41.44 -5.11 34.47
C TYR A 1076 -42.29 -5.66 35.59
N LYS A 1077 -41.91 -6.84 36.10
CA LYS A 1077 -42.45 -7.36 37.35
C LYS A 1077 -41.84 -6.51 38.45
N ASN A 1078 -42.50 -5.39 38.78
CA ASN A 1078 -41.82 -4.45 39.66
C ASN A 1078 -42.51 -4.33 41.01
N CYS A 1079 -43.70 -3.70 41.02
CA CYS A 1079 -44.45 -3.24 42.20
C CYS A 1079 -43.56 -2.74 43.36
N GLU A 1080 -42.52 -1.98 43.03
CA GLU A 1080 -41.44 -1.67 43.96
C GLU A 1080 -40.97 -0.26 43.65
N LEU A 1081 -40.09 0.31 44.49
CA LEU A 1081 -39.68 1.69 44.30
C LEU A 1081 -38.75 1.89 43.11
N ASP A 1082 -37.54 1.32 43.13
CA ASP A 1082 -36.58 1.61 42.08
C ASP A 1082 -35.50 0.54 42.02
N LYS A 1083 -34.66 0.57 40.98
CA LYS A 1083 -33.47 -0.28 40.82
C LYS A 1083 -32.45 -0.08 41.92
N ASN A 1084 -32.13 1.19 42.23
CA ASN A 1084 -31.25 1.50 43.36
C ASN A 1084 -31.92 1.10 44.65
N GLN A 1085 -33.23 1.31 44.72
CA GLN A 1085 -34.05 0.85 45.84
C GLN A 1085 -34.23 -0.65 45.84
N ARG A 1086 -33.93 -1.33 44.73
CA ARG A 1086 -33.95 -2.78 44.72
C ARG A 1086 -32.64 -3.39 45.18
N GLN A 1087 -31.51 -2.85 44.74
CA GLN A 1087 -30.24 -3.46 45.10
C GLN A 1087 -29.88 -3.22 46.55
N CYS A 1088 -30.21 -2.04 47.08
CA CYS A 1088 -29.77 -1.70 48.45
C CYS A 1088 -30.56 -2.47 49.49
N VAL A 1089 -31.76 -2.96 49.13
CA VAL A 1089 -32.44 -3.93 49.99
C VAL A 1089 -31.69 -5.25 49.95
N GLN A 1090 -31.28 -5.68 48.77
CA GLN A 1090 -30.52 -6.92 48.63
C GLN A 1090 -29.09 -6.74 49.13
N TYR A 1091 -28.65 -5.50 49.29
CA TYR A 1091 -27.38 -5.25 49.96
C TYR A 1091 -27.54 -5.32 51.47
N ALA A 1092 -28.72 -5.00 51.98
CA ALA A 1092 -28.88 -5.05 53.43
C ALA A 1092 -29.32 -6.43 53.88
N LEU A 1093 -30.20 -7.06 53.13
CA LEU A 1093 -30.78 -8.35 53.52
C LEU A 1093 -29.76 -9.47 53.44
N LYS A 1094 -28.72 -9.31 52.63
CA LYS A 1094 -27.86 -10.43 52.36
C LYS A 1094 -26.48 -10.29 53.01
N ALA A 1095 -26.03 -9.05 53.24
CA ALA A 1095 -24.64 -8.82 53.65
C ALA A 1095 -24.32 -9.31 55.05
N ARG A 1096 -23.05 -9.43 55.37
CA ARG A 1096 -22.60 -9.88 56.68
C ARG A 1096 -21.34 -9.14 57.07
N PRO A 1097 -20.97 -9.17 58.34
CA PRO A 1097 -19.78 -8.44 58.78
C PRO A 1097 -18.48 -8.91 58.11
N LEU A 1098 -17.38 -8.26 58.48
CA LEU A 1098 -16.11 -8.41 57.79
C LEU A 1098 -15.15 -9.15 58.73
N ARG A 1099 -14.01 -9.57 58.21
CA ARG A 1099 -13.10 -10.42 58.97
C ARG A 1099 -12.61 -9.77 60.26
N CYS A 1100 -11.69 -8.83 60.12
CA CYS A 1100 -11.02 -8.15 61.24
C CYS A 1100 -10.20 -9.10 62.12
N TYR A 1101 -9.09 -9.56 61.54
CA TYR A 1101 -8.24 -10.62 62.08
C TYR A 1101 -7.11 -10.05 62.92
N ILE A 1102 -7.53 -9.35 63.95
CA ILE A 1102 -6.65 -8.69 64.94
C ILE A 1102 -5.84 -9.65 65.81
N PRO A 1103 -4.51 -9.44 65.97
CA PRO A 1103 -3.70 -10.42 66.71
C PRO A 1103 -3.48 -10.12 68.19
N LYS A 1104 -2.98 -11.13 68.92
CA LYS A 1104 -2.45 -11.06 70.28
C LYS A 1104 -0.92 -10.93 70.18
N ASN A 1105 -0.14 -11.17 71.28
CA ASN A 1105 1.32 -11.19 71.34
C ASN A 1105 1.99 -9.88 70.98
N PRO A 1106 2.08 -8.91 71.93
CA PRO A 1106 2.57 -7.55 71.64
C PRO A 1106 3.95 -7.42 71.00
N TYR A 1107 4.75 -8.49 70.95
CA TYR A 1107 5.87 -8.52 70.02
C TYR A 1107 5.36 -8.48 68.58
N GLN A 1108 4.40 -9.35 68.27
CA GLN A 1108 3.86 -9.42 66.92
C GLN A 1108 2.92 -8.26 66.65
N TYR A 1109 2.28 -7.73 67.70
CA TYR A 1109 1.26 -6.69 67.51
C TYR A 1109 1.90 -5.38 67.07
N GLN A 1110 3.15 -5.14 67.47
CA GLN A 1110 3.85 -3.97 66.99
C GLN A 1110 4.16 -4.09 65.50
N VAL A 1111 4.40 -5.32 65.04
CA VAL A 1111 4.70 -5.55 63.63
C VAL A 1111 3.47 -5.31 62.77
N TRP A 1112 2.32 -5.82 63.21
CA TRP A 1112 1.06 -5.55 62.52
C TRP A 1112 0.70 -4.08 62.57
N TYR A 1113 1.10 -3.38 63.65
CA TYR A 1113 0.80 -1.97 63.81
C TYR A 1113 1.50 -1.11 62.77
N VAL A 1114 2.54 -1.65 62.14
CA VAL A 1114 3.20 -0.99 61.02
C VAL A 1114 2.57 -1.39 59.69
N VAL A 1115 2.25 -2.67 59.53
CA VAL A 1115 2.01 -3.22 58.19
C VAL A 1115 0.70 -2.70 57.62
N THR A 1116 -0.36 -2.69 58.42
CA THR A 1116 -1.64 -2.23 57.89
C THR A 1116 -1.73 -0.71 57.81
N SER A 1117 -0.72 0.01 58.26
CA SER A 1117 -0.77 1.47 58.29
C SER A 1117 -0.53 2.06 56.91
N SER A 1118 -0.48 3.39 56.86
CA SER A 1118 -0.12 4.06 55.62
C SER A 1118 1.39 4.25 55.49
N TYR A 1119 2.16 3.71 56.43
CA TYR A 1119 3.61 3.71 56.25
C TYR A 1119 4.00 2.74 55.14
N PHE A 1120 3.66 1.47 55.33
CA PHE A 1120 3.92 0.45 54.32
C PHE A 1120 3.06 0.66 53.06
N GLU A 1121 1.86 1.21 53.26
CA GLU A 1121 0.95 1.45 52.15
C GLU A 1121 1.55 2.43 51.14
N TYR A 1122 2.11 3.52 51.65
CA TYR A 1122 2.72 4.54 50.81
C TYR A 1122 4.16 4.22 50.41
N LEU A 1123 4.80 3.25 51.08
CA LEU A 1123 6.18 2.93 50.75
C LEU A 1123 6.26 1.84 49.70
N MET A 1124 5.44 0.81 49.82
CA MET A 1124 5.51 -0.28 48.86
C MET A 1124 4.81 0.10 47.57
N PHE A 1125 3.91 1.08 47.62
CA PHE A 1125 3.43 1.72 46.41
C PHE A 1125 4.54 2.54 45.76
N ALA A 1126 5.43 3.10 46.57
CA ALA A 1126 6.45 3.98 46.03
C ALA A 1126 7.53 3.19 45.30
N LEU A 1127 7.95 2.06 45.86
CA LEU A 1127 9.08 1.34 45.29
C LEU A 1127 8.71 0.56 44.05
N ILE A 1128 7.41 0.42 43.77
CA ILE A 1128 7.00 -0.07 42.46
C ILE A 1128 7.23 0.98 41.40
N MET A 1129 6.99 2.25 41.76
CA MET A 1129 7.14 3.34 40.81
C MET A 1129 8.60 3.55 40.43
N LEU A 1130 9.51 3.32 41.38
CA LEU A 1130 10.93 3.33 41.03
C LEU A 1130 11.29 2.08 40.25
N ASN A 1131 10.57 0.98 40.51
CA ASN A 1131 10.78 -0.23 39.75
C ASN A 1131 10.16 -0.12 38.36
N THR A 1132 9.22 0.80 38.19
CA THR A 1132 8.68 1.06 36.86
C THR A 1132 9.72 1.72 35.98
N ILE A 1133 10.32 2.80 36.46
CA ILE A 1133 11.25 3.58 35.67
C ILE A 1133 12.57 2.85 35.48
N CYS A 1134 12.92 1.98 36.43
CA CYS A 1134 14.05 1.08 36.24
C CYS A 1134 13.82 0.14 35.06
N LEU A 1135 12.58 -0.26 34.84
CA LEU A 1135 12.22 -0.98 33.62
C LEU A 1135 11.89 -0.03 32.48
N GLY A 1136 11.62 1.23 32.79
CA GLY A 1136 11.27 2.18 31.78
C GLY A 1136 12.42 2.53 30.88
N MET A 1137 13.63 2.70 31.44
CA MET A 1137 14.75 3.18 30.66
C MET A 1137 15.19 2.20 29.59
N GLN A 1138 15.91 1.15 30.00
CA GLN A 1138 16.23 -0.08 29.28
C GLN A 1138 16.39 0.01 27.76
N HIS A 1139 17.09 1.03 27.28
CA HIS A 1139 17.17 1.22 25.84
C HIS A 1139 18.24 0.32 25.23
N TYR A 1140 18.59 0.56 23.96
CA TYR A 1140 19.45 -0.36 23.25
C TYR A 1140 20.73 0.35 22.85
N HIS A 1141 21.80 -0.46 22.73
CA HIS A 1141 23.20 -0.03 22.78
C HIS A 1141 23.45 0.79 24.03
N GLN A 1142 22.90 0.34 25.15
CA GLN A 1142 23.20 1.00 26.41
C GLN A 1142 24.62 0.68 26.86
N SER A 1143 25.15 1.49 27.75
CA SER A 1143 26.54 1.39 28.19
C SER A 1143 26.70 0.21 29.13
N GLU A 1144 27.95 -0.14 29.39
CA GLU A 1144 28.20 -1.24 30.31
C GLU A 1144 28.12 -0.78 31.75
N GLU A 1145 28.31 0.52 32.01
CA GLU A 1145 28.08 1.04 33.35
C GLU A 1145 26.60 1.01 33.69
N MET A 1146 25.74 1.19 32.67
CA MET A 1146 24.31 1.13 32.91
C MET A 1146 23.84 -0.31 33.04
N ASN A 1147 24.51 -1.24 32.35
CA ASN A 1147 24.20 -2.65 32.54
C ASN A 1147 24.57 -3.12 33.93
N HIS A 1148 25.62 -2.54 34.52
CA HIS A 1148 25.97 -2.91 35.88
C HIS A 1148 24.98 -2.37 36.89
N ILE A 1149 24.35 -1.23 36.61
CA ILE A 1149 23.47 -0.63 37.61
C ILE A 1149 22.13 -1.34 37.62
N SER A 1150 21.55 -1.60 36.45
CA SER A 1150 20.23 -2.23 36.41
C SER A 1150 20.30 -3.69 36.83
N ASP A 1151 21.48 -4.31 36.77
CA ASP A 1151 21.64 -5.64 37.34
C ASP A 1151 21.67 -5.56 38.86
N ILE A 1152 22.15 -4.45 39.41
CA ILE A 1152 22.04 -4.25 40.85
C ILE A 1152 20.61 -3.95 41.22
N LEU A 1153 20.00 -3.02 40.48
CA LEU A 1153 18.62 -2.63 40.72
C LEU A 1153 17.73 -3.85 40.89
N ASN A 1154 17.70 -4.71 39.88
CA ASN A 1154 16.89 -5.92 39.94
C ASN A 1154 17.11 -6.69 41.24
N VAL A 1155 18.35 -6.72 41.71
CA VAL A 1155 18.68 -7.42 42.94
C VAL A 1155 18.14 -6.65 44.15
N ALA A 1156 18.14 -5.32 44.06
CA ALA A 1156 17.63 -4.48 45.14
C ALA A 1156 16.13 -4.59 45.28
N PHE A 1157 15.42 -4.61 44.16
CA PHE A 1157 13.96 -4.56 44.20
C PHE A 1157 13.38 -5.93 44.56
N THR A 1158 14.14 -7.00 44.36
CA THR A 1158 13.66 -8.29 44.83
C THR A 1158 13.78 -8.41 46.34
N ILE A 1159 14.87 -7.91 46.91
CA ILE A 1159 15.11 -8.03 48.34
C ILE A 1159 14.10 -7.20 49.12
N ILE A 1160 13.68 -6.07 48.56
CA ILE A 1160 12.65 -5.28 49.21
C ILE A 1160 11.31 -5.99 49.15
N PHE A 1161 10.96 -6.51 47.97
CA PHE A 1161 9.65 -7.13 47.83
C PHE A 1161 9.58 -8.47 48.52
N THR A 1162 10.71 -9.15 48.68
CA THR A 1162 10.66 -10.35 49.50
C THR A 1162 10.69 -9.97 50.96
N LEU A 1163 11.11 -8.75 51.29
CA LEU A 1163 11.00 -8.29 52.66
C LEU A 1163 9.57 -7.84 52.97
N GLU A 1164 8.78 -7.60 51.93
CA GLU A 1164 7.35 -7.40 52.13
C GLU A 1164 6.68 -8.68 52.60
N MET A 1165 6.96 -9.78 51.92
CA MET A 1165 6.26 -11.02 52.23
C MET A 1165 6.84 -11.70 53.46
N ILE A 1166 7.98 -11.22 53.96
CA ILE A 1166 8.49 -11.71 55.23
C ILE A 1166 7.78 -11.03 56.39
N LEU A 1167 7.68 -9.70 56.32
CA LEU A 1167 7.03 -8.95 57.37
C LEU A 1167 5.54 -9.24 57.44
N LYS A 1168 4.89 -9.38 56.29
CA LYS A 1168 3.47 -9.63 56.31
C LYS A 1168 3.17 -11.04 56.79
N LEU A 1169 4.03 -11.99 56.48
CA LEU A 1169 3.76 -13.36 56.90
C LEU A 1169 4.06 -13.55 58.38
N LEU A 1170 5.00 -12.78 58.93
CA LEU A 1170 5.21 -12.76 60.36
C LEU A 1170 4.20 -11.89 61.08
N ALA A 1171 3.39 -11.14 60.34
CA ALA A 1171 2.31 -10.37 60.94
C ALA A 1171 1.00 -11.12 60.79
N PHE A 1172 0.71 -11.55 59.58
CA PHE A 1172 -0.64 -12.02 59.29
C PHE A 1172 -0.91 -13.43 59.74
N LYS A 1173 0.13 -14.20 60.12
CA LYS A 1173 -0.01 -15.53 60.72
C LYS A 1173 -0.75 -16.46 59.76
N ALA A 1174 0.03 -16.96 58.81
CA ALA A 1174 -0.38 -17.71 57.62
C ALA A 1174 -1.81 -17.89 57.19
N ARG A 1175 -2.63 -18.17 58.18
CA ARG A 1175 -4.10 -18.24 58.05
C ARG A 1175 -4.48 -17.08 57.14
N GLY A 1176 -4.27 -15.85 57.61
CA GLY A 1176 -4.86 -14.68 56.98
C GLY A 1176 -4.09 -14.22 55.76
N TYR A 1177 -2.82 -14.57 55.66
CA TYR A 1177 -2.01 -14.05 54.56
C TYR A 1177 -2.38 -14.66 53.22
N PHE A 1178 -2.76 -15.93 53.18
CA PHE A 1178 -3.23 -16.54 51.94
C PHE A 1178 -4.66 -16.17 51.60
N GLY A 1179 -5.36 -15.49 52.52
CA GLY A 1179 -6.77 -15.24 52.40
C GLY A 1179 -7.11 -14.36 51.22
N ASP A 1180 -6.55 -13.16 51.18
CA ASP A 1180 -6.73 -12.30 50.02
C ASP A 1180 -5.96 -12.87 48.84
N PRO A 1181 -6.48 -12.75 47.63
CA PRO A 1181 -5.75 -13.26 46.47
C PRO A 1181 -4.59 -12.37 46.06
N TRP A 1182 -4.58 -11.11 46.48
CA TRP A 1182 -3.50 -10.23 46.05
C TRP A 1182 -2.19 -10.62 46.71
N ASN A 1183 -2.26 -11.14 47.92
CA ASN A 1183 -1.04 -11.59 48.57
C ASN A 1183 -0.56 -12.89 47.95
N VAL A 1184 -1.48 -13.73 47.49
CA VAL A 1184 -1.10 -14.95 46.81
C VAL A 1184 -0.52 -14.63 45.44
N PHE A 1185 -0.98 -13.54 44.84
CA PHE A 1185 -0.38 -13.10 43.59
C PHE A 1185 1.01 -12.50 43.80
N ASP A 1186 1.27 -11.95 44.98
CA ASP A 1186 2.62 -11.45 45.25
C ASP A 1186 3.58 -12.60 45.42
N PHE A 1187 3.13 -13.69 46.00
CA PHE A 1187 3.94 -14.87 46.20
C PHE A 1187 4.32 -15.50 44.87
N LEU A 1188 3.49 -15.30 43.85
CA LEU A 1188 3.81 -15.76 42.51
C LEU A 1188 4.87 -14.89 41.87
N ILE A 1189 4.84 -13.58 42.14
CA ILE A 1189 5.81 -12.66 41.55
C ILE A 1189 7.16 -12.78 42.21
N VAL A 1190 7.19 -12.91 43.54
CA VAL A 1190 8.44 -12.91 44.29
C VAL A 1190 9.31 -14.09 43.91
N ILE A 1191 8.73 -15.28 43.87
CA ILE A 1191 9.50 -16.47 43.55
C ILE A 1191 9.95 -16.46 42.09
N GLY A 1192 9.12 -15.93 41.20
CA GLY A 1192 9.54 -15.80 39.82
C GLY A 1192 10.63 -14.77 39.62
N SER A 1193 10.77 -13.84 40.57
CA SER A 1193 11.87 -12.89 40.53
C SER A 1193 13.13 -13.49 41.11
N ILE A 1194 13.01 -14.22 42.22
CA ILE A 1194 14.16 -14.85 42.86
C ILE A 1194 14.77 -15.90 41.93
N ILE A 1195 13.92 -16.62 41.22
CA ILE A 1195 14.42 -17.59 40.25
C ILE A 1195 14.84 -16.87 38.97
N ASP A 1196 14.60 -15.57 38.87
CA ASP A 1196 15.13 -14.80 37.74
C ASP A 1196 16.48 -14.20 38.08
N VAL A 1197 16.68 -13.83 39.34
CA VAL A 1197 17.99 -13.36 39.79
C VAL A 1197 19.00 -14.49 39.73
N ILE A 1198 18.62 -15.64 40.27
CA ILE A 1198 19.50 -16.80 40.38
C ILE A 1198 19.88 -17.31 38.99
N LEU A 1199 18.92 -17.32 38.07
CA LEU A 1199 19.16 -17.88 36.75
C LEU A 1199 20.07 -16.97 35.93
N SER A 1200 20.07 -15.67 36.25
CA SER A 1200 20.95 -14.76 35.54
C SER A 1200 22.39 -14.86 36.04
N GLU A 1201 22.56 -15.00 37.36
CA GLU A 1201 23.92 -14.95 37.89
C GLU A 1201 24.60 -16.33 37.84
N ILE A 1202 23.83 -17.42 37.74
CA ILE A 1202 24.44 -18.71 37.48
C ILE A 1202 25.04 -18.74 36.07
N ASP A 1203 24.39 -18.05 35.16
CA ASP A 1203 24.91 -17.85 33.82
C ASP A 1203 26.25 -17.09 33.83
N THR A 1204 26.45 -16.20 34.81
CA THR A 1204 27.68 -15.43 34.85
C THR A 1204 28.86 -16.26 35.30
N PHE A 1205 28.63 -17.46 35.83
CA PHE A 1205 29.71 -18.40 36.02
C PHE A 1205 30.17 -18.91 34.65
N ARG A 1229 21.76 -19.39 27.57
CA ARG A 1229 21.18 -18.49 28.55
C ARG A 1229 20.05 -17.66 27.94
N ILE A 1230 19.64 -18.04 26.73
CA ILE A 1230 18.58 -17.33 26.04
C ILE A 1230 17.25 -17.66 26.71
N SER A 1231 17.19 -18.79 27.42
CA SER A 1231 15.93 -19.33 27.94
C SER A 1231 15.36 -18.50 29.08
N SER A 1232 16.13 -17.56 29.63
CA SER A 1232 15.65 -16.75 30.74
C SER A 1232 14.63 -15.71 30.31
N ALA A 1233 14.26 -15.67 29.03
CA ALA A 1233 13.42 -14.62 28.51
C ALA A 1233 11.99 -14.72 29.01
N PHE A 1234 11.58 -15.87 29.53
CA PHE A 1234 10.25 -15.96 30.12
C PHE A 1234 10.26 -15.47 31.55
N PHE A 1235 11.37 -15.68 32.25
CA PHE A 1235 11.43 -15.40 33.67
C PHE A 1235 11.47 -13.91 33.89
N ARG A 1236 11.84 -13.18 32.84
CA ARG A 1236 11.91 -11.73 32.89
C ARG A 1236 10.51 -11.13 32.98
N LEU A 1237 9.54 -11.83 32.39
CA LEU A 1237 8.16 -11.36 32.45
C LEU A 1237 7.69 -11.17 33.87
N PHE A 1238 8.20 -11.99 34.78
CA PHE A 1238 7.83 -11.90 36.19
C PHE A 1238 8.28 -10.58 36.78
N ARG A 1239 9.35 -10.01 36.22
CA ARG A 1239 9.87 -8.74 36.68
C ARG A 1239 8.88 -7.63 36.32
N VAL A 1240 8.13 -7.85 35.24
CA VAL A 1240 7.21 -6.83 34.72
C VAL A 1240 5.92 -6.82 35.52
N MET A 1241 5.47 -7.97 36.00
CA MET A 1241 4.14 -8.13 36.58
C MET A 1241 3.96 -7.35 37.87
N ARG A 1242 5.02 -6.76 38.43
CA ARG A 1242 4.93 -5.90 39.59
C ARG A 1242 4.09 -4.66 39.34
N LEU A 1243 3.97 -4.24 38.08
CA LEU A 1243 3.14 -3.10 37.74
C LEU A 1243 1.66 -3.39 37.99
N ILE A 1244 1.28 -4.66 38.03
CA ILE A 1244 -0.11 -5.02 38.29
C ILE A 1244 -0.41 -4.90 39.78
N LYS A 1245 0.62 -4.72 40.61
CA LYS A 1245 0.35 -4.41 42.00
C LYS A 1245 -0.15 -2.99 42.17
N LEU A 1246 -0.01 -2.17 41.13
CA LEU A 1246 -0.36 -0.76 41.21
C LEU A 1246 -1.88 -0.70 41.34
N LEU A 1247 -2.57 -1.37 40.42
CA LEU A 1247 -4.03 -1.29 40.34
C LEU A 1247 -4.68 -1.84 41.60
N SER A 1248 -3.88 -2.46 42.46
CA SER A 1248 -4.37 -3.03 43.70
C SER A 1248 -4.97 -1.95 44.61
N ARG A 1249 -4.27 -0.81 44.68
N ARG A 1249 -4.14 -0.93 44.38
CA ARG A 1249 -4.72 0.30 45.51
CA ARG A 1249 -4.20 0.29 45.18
C ARG A 1249 -5.67 1.21 44.74
C ARG A 1249 -5.30 1.22 44.70
N ALA A 1250 -5.62 1.12 43.41
CA ALA A 1250 -6.46 1.94 42.55
C ALA A 1250 -7.90 1.46 42.60
N GLU A 1251 -8.65 1.93 43.60
CA GLU A 1251 -9.96 1.37 43.94
C GLU A 1251 -10.99 1.60 42.85
N GLY A 1252 -10.86 2.68 42.10
CA GLY A 1252 -11.84 2.92 41.07
C GLY A 1252 -11.67 2.11 39.81
N VAL A 1253 -10.57 1.38 39.68
CA VAL A 1253 -10.29 0.61 38.47
C VAL A 1253 -10.53 -0.88 38.70
N ARG A 1254 -10.06 -1.37 39.85
CA ARG A 1254 -10.29 -2.75 40.25
C ARG A 1254 -11.78 -3.05 40.28
N THR A 1255 -12.58 -2.07 40.68
CA THR A 1255 -14.02 -2.27 40.71
C THR A 1255 -14.60 -2.35 39.32
N LEU A 1256 -13.79 -2.12 38.28
CA LEU A 1256 -14.32 -2.19 36.94
C LEU A 1256 -13.87 -3.48 36.24
N LEU A 1257 -12.70 -3.99 36.59
CA LEU A 1257 -12.31 -5.31 36.11
C LEU A 1257 -13.17 -6.38 36.75
N TRP A 1258 -13.42 -6.24 38.05
CA TRP A 1258 -14.17 -7.24 38.81
C TRP A 1258 -15.62 -7.31 38.35
N THR A 1259 -16.12 -6.22 37.78
CA THR A 1259 -17.42 -6.24 37.14
C THR A 1259 -17.41 -7.16 35.93
N PHE A 1260 -16.30 -7.24 35.21
CA PHE A 1260 -16.30 -7.99 33.97
C PHE A 1260 -16.12 -9.48 34.25
N ILE A 1261 -15.41 -9.81 35.33
CA ILE A 1261 -15.21 -11.20 35.72
C ILE A 1261 -16.51 -11.75 36.29
N LYS A 1262 -17.29 -10.86 36.90
CA LYS A 1262 -18.63 -11.21 37.37
C LYS A 1262 -19.60 -11.29 36.20
N SER A 1263 -19.29 -10.57 35.13
CA SER A 1263 -20.11 -10.56 33.92
C SER A 1263 -19.82 -11.76 33.03
N PHE A 1264 -18.69 -12.42 33.25
CA PHE A 1264 -18.33 -13.54 32.39
C PHE A 1264 -19.28 -14.72 32.59
N GLN A 1265 -20.55 -14.46 32.33
CA GLN A 1265 -21.61 -15.46 32.44
C GLN A 1265 -22.23 -15.78 31.08
N ALA A 1266 -22.86 -14.78 30.46
CA ALA A 1266 -23.50 -15.00 29.17
C ALA A 1266 -22.54 -14.82 28.00
N LEU A 1267 -21.37 -14.25 28.25
CA LEU A 1267 -20.34 -14.15 27.23
C LEU A 1267 -19.80 -15.47 26.71
N PRO A 1268 -19.28 -16.41 27.52
CA PRO A 1268 -18.43 -17.46 26.95
C PRO A 1268 -19.19 -18.52 26.18
N TYR A 1269 -20.51 -18.56 26.27
CA TYR A 1269 -21.22 -19.41 25.32
C TYR A 1269 -21.28 -18.75 23.96
N VAL A 1270 -21.26 -17.42 23.90
CA VAL A 1270 -21.18 -16.75 22.61
C VAL A 1270 -19.79 -16.90 22.05
N ALA A 1271 -18.78 -16.94 22.92
CA ALA A 1271 -17.42 -17.21 22.48
C ALA A 1271 -17.26 -18.64 21.99
N LEU A 1272 -18.18 -19.53 22.36
CA LEU A 1272 -18.10 -20.90 21.87
C LEU A 1272 -18.47 -20.94 20.40
N LEU A 1273 -19.39 -20.07 19.98
CA LEU A 1273 -19.71 -19.99 18.57
C LEU A 1273 -18.62 -19.33 17.77
N ILE A 1274 -17.82 -18.47 18.39
CA ILE A 1274 -16.69 -17.86 17.70
C ILE A 1274 -15.65 -18.92 17.41
N VAL A 1275 -15.35 -19.75 18.41
CA VAL A 1275 -14.35 -20.80 18.28
C VAL A 1275 -14.79 -21.83 17.26
N MET A 1276 -16.08 -22.17 17.30
CA MET A 1276 -16.65 -23.08 16.32
C MET A 1276 -16.59 -22.48 14.92
N LEU A 1277 -16.83 -21.18 14.81
CA LEU A 1277 -16.78 -20.50 13.53
C LEU A 1277 -15.38 -20.57 12.93
N PHE A 1278 -14.38 -20.23 13.74
CA PHE A 1278 -13.00 -20.35 13.28
C PHE A 1278 -12.61 -21.80 13.05
N PHE A 1279 -13.26 -22.73 13.72
CA PHE A 1279 -12.87 -24.13 13.52
C PHE A 1279 -13.41 -24.69 12.22
N ILE A 1280 -14.64 -24.33 11.84
CA ILE A 1280 -15.22 -24.86 10.61
C ILE A 1280 -14.57 -24.25 9.39
N TYR A 1281 -14.39 -22.93 9.41
CA TYR A 1281 -13.81 -22.24 8.26
C TYR A 1281 -12.32 -22.50 8.15
N ALA A 1282 -11.67 -22.97 9.21
CA ALA A 1282 -10.30 -23.44 9.04
C ALA A 1282 -10.26 -24.71 8.22
N VAL A 1283 -11.09 -25.67 8.60
CA VAL A 1283 -11.03 -27.01 8.01
C VAL A 1283 -11.57 -27.01 6.59
N ILE A 1284 -12.57 -26.18 6.31
CA ILE A 1284 -13.11 -26.12 4.95
C ILE A 1284 -12.08 -25.56 3.98
N GLY A 1285 -11.32 -24.55 4.41
CA GLY A 1285 -10.35 -23.96 3.51
C GLY A 1285 -9.05 -24.71 3.44
N MET A 1286 -8.76 -25.51 4.45
CA MET A 1286 -7.45 -26.16 4.54
C MET A 1286 -7.30 -27.27 3.51
N GLN A 1287 -8.36 -28.04 3.27
CA GLN A 1287 -8.31 -29.02 2.20
C GLN A 1287 -8.34 -28.37 0.83
N MET A 1288 -8.87 -27.17 0.77
CA MET A 1288 -9.30 -26.56 -0.46
C MET A 1288 -8.27 -25.53 -0.91
N PHE A 1289 -7.85 -24.67 -0.01
CA PHE A 1289 -6.84 -23.66 -0.31
C PHE A 1289 -5.50 -24.07 0.05
N GLY A 1290 -5.18 -25.32 0.34
CA GLY A 1290 -3.81 -25.80 0.32
C GLY A 1290 -3.34 -25.95 -1.12
N LYS A 1291 -2.18 -26.59 -1.26
CA LYS A 1291 -1.45 -26.76 -2.51
C LYS A 1291 -1.14 -25.37 -3.06
N ILE A 1292 -0.84 -24.37 -2.24
CA ILE A 1292 -1.04 -23.00 -2.68
C ILE A 1292 0.30 -22.26 -2.81
N ALA A 1293 1.40 -22.99 -2.67
CA ALA A 1293 2.72 -22.56 -3.14
C ALA A 1293 3.26 -21.28 -2.53
N LEU A 1294 3.81 -21.36 -1.32
CA LEU A 1294 4.14 -20.24 -0.46
C LEU A 1294 5.24 -19.38 -1.06
N VAL A 1295 4.96 -18.73 -2.17
CA VAL A 1295 5.93 -17.82 -2.77
C VAL A 1295 5.82 -16.49 -2.05
N ASP A 1296 6.95 -15.96 -1.63
CA ASP A 1296 6.95 -14.72 -0.89
C ASP A 1296 6.75 -13.54 -1.81
N GLY A 1297 6.05 -12.52 -1.32
CA GLY A 1297 5.76 -11.37 -2.14
C GLY A 1297 4.34 -11.41 -2.65
N THR A 1298 3.67 -12.54 -2.50
CA THR A 1298 2.40 -12.78 -3.18
C THR A 1298 1.25 -12.96 -2.19
N GLN A 1299 1.48 -12.55 -0.95
CA GLN A 1299 0.48 -12.35 0.11
C GLN A 1299 -0.10 -13.66 0.65
N ILE A 1300 0.17 -14.78 -0.01
CA ILE A 1300 0.19 -16.05 0.72
C ILE A 1300 1.64 -16.50 0.80
N ASN A 1301 2.24 -16.33 1.96
CA ASN A 1301 3.67 -16.46 2.11
C ASN A 1301 3.93 -17.26 3.38
N ARG A 1302 5.20 -17.26 3.81
CA ARG A 1302 5.60 -18.21 4.83
C ARG A 1302 5.07 -17.83 6.19
N ASN A 1303 4.72 -16.57 6.38
CA ASN A 1303 4.05 -16.15 7.60
C ASN A 1303 2.57 -16.35 7.50
N ASN A 1304 2.01 -16.40 6.29
CA ASN A 1304 0.57 -16.35 6.17
C ASN A 1304 0.02 -17.56 5.46
N ASN A 1305 0.45 -18.76 5.86
CA ASN A 1305 0.12 -19.99 5.15
C ASN A 1305 -1.36 -20.26 5.26
N PHE A 1306 -1.83 -21.10 4.35
CA PHE A 1306 -3.13 -21.67 4.56
C PHE A 1306 -3.01 -23.11 4.99
N GLN A 1307 -1.80 -23.66 4.92
CA GLN A 1307 -1.55 -25.09 5.04
C GLN A 1307 -1.90 -25.70 6.38
N THR A 1308 -1.21 -25.38 7.45
CA THR A 1308 -1.46 -26.16 8.66
C THR A 1308 -2.71 -25.65 9.35
N PHE A 1309 -3.07 -26.31 10.44
CA PHE A 1309 -4.25 -25.83 11.15
C PHE A 1309 -4.04 -24.56 11.93
N PRO A 1310 -2.98 -24.34 12.70
CA PRO A 1310 -2.90 -23.06 13.40
C PRO A 1310 -2.41 -21.92 12.54
N GLN A 1311 -1.81 -22.20 11.38
CA GLN A 1311 -1.61 -21.15 10.40
C GLN A 1311 -2.89 -20.75 9.70
N ALA A 1312 -3.86 -21.64 9.63
CA ALA A 1312 -5.12 -21.27 9.03
C ALA A 1312 -6.07 -20.68 10.06
N VAL A 1313 -5.79 -20.83 11.34
CA VAL A 1313 -6.58 -20.09 12.30
C VAL A 1313 -6.14 -18.64 12.34
N LEU A 1314 -4.84 -18.40 12.18
CA LEU A 1314 -4.37 -17.04 12.31
C LEU A 1314 -4.73 -16.20 11.10
N LEU A 1315 -4.75 -16.84 9.93
CA LEU A 1315 -5.15 -16.18 8.70
C LEU A 1315 -6.58 -15.69 8.82
N LEU A 1316 -7.44 -16.50 9.45
CA LEU A 1316 -8.82 -16.11 9.66
C LEU A 1316 -8.93 -15.09 10.77
N PHE A 1317 -7.99 -15.06 11.69
CA PHE A 1317 -8.03 -13.99 12.65
C PHE A 1317 -7.53 -12.70 12.03
N ARG A 1318 -6.82 -12.79 10.91
CA ARG A 1318 -6.48 -11.62 10.13
C ARG A 1318 -7.70 -11.07 9.43
N CYS A 1319 -8.53 -11.95 8.86
CA CYS A 1319 -9.72 -11.49 8.16
C CYS A 1319 -10.83 -11.10 9.14
N ALA A 1320 -10.72 -11.50 10.40
CA ALA A 1320 -11.76 -11.15 11.36
C ALA A 1320 -11.57 -9.74 11.89
N THR A 1321 -10.32 -9.30 12.05
CA THR A 1321 -10.03 -7.90 12.30
C THR A 1321 -9.73 -7.14 11.03
N GLY A 1322 -10.24 -7.57 9.88
CA GLY A 1322 -10.28 -6.79 8.67
C GLY A 1322 -8.95 -6.45 8.03
N GLU A 1323 -7.87 -7.04 8.56
CA GLU A 1323 -6.52 -6.74 8.13
C GLU A 1323 -6.24 -7.15 6.69
N ALA A 1324 -6.67 -6.30 5.75
CA ALA A 1324 -6.38 -6.50 4.33
C ALA A 1324 -6.80 -7.88 3.84
N TRP A 1325 -8.06 -8.25 4.12
CA TRP A 1325 -8.57 -9.53 3.66
C TRP A 1325 -8.85 -9.59 2.18
N GLN A 1326 -8.79 -8.43 1.51
CA GLN A 1326 -9.15 -8.32 0.11
C GLN A 1326 -8.07 -8.90 -0.80
N GLU A 1327 -6.86 -9.02 -0.27
CA GLU A 1327 -5.75 -9.58 -1.03
C GLU A 1327 -5.78 -11.10 -0.97
N ILE A 1328 -6.00 -11.63 0.22
CA ILE A 1328 -6.10 -13.08 0.41
C ILE A 1328 -7.13 -13.66 -0.55
N LEU A 1329 -8.19 -12.90 -0.81
CA LEU A 1329 -9.23 -13.31 -1.73
C LEU A 1329 -8.68 -13.40 -3.15
N LEU A 1330 -7.79 -12.48 -3.47
CA LEU A 1330 -7.17 -12.46 -4.80
C LEU A 1330 -5.99 -13.43 -4.88
N ALA A 1331 -5.58 -13.96 -3.73
CA ALA A 1331 -4.46 -14.89 -3.70
C ALA A 1331 -4.97 -16.28 -4.04
N CYS A 1332 -6.23 -16.51 -3.67
CA CYS A 1332 -6.95 -17.73 -4.04
C CYS A 1332 -7.74 -17.35 -5.29
N SER A 1333 -7.55 -18.11 -6.35
CA SER A 1333 -7.98 -17.67 -7.66
C SER A 1333 -8.10 -18.86 -8.59
N TYR A 1334 -7.62 -18.76 -9.80
CA TYR A 1334 -7.56 -19.97 -10.59
C TYR A 1334 -6.18 -20.20 -11.12
N GLY A 1335 -5.30 -19.21 -11.02
CA GLY A 1335 -4.01 -19.43 -11.63
C GLY A 1335 -2.81 -19.26 -10.71
N LYS A 1336 -2.85 -19.87 -9.54
CA LYS A 1336 -1.72 -19.83 -8.63
C LYS A 1336 -0.91 -21.11 -8.77
N LEU A 1337 0.34 -21.10 -8.32
CA LEU A 1337 1.17 -22.28 -8.43
C LEU A 1337 0.76 -23.33 -7.40
N CYS A 1338 1.37 -24.52 -7.49
CA CYS A 1338 0.84 -25.66 -6.77
C CYS A 1338 1.90 -26.37 -5.92
N ASP A 1339 2.84 -25.64 -5.34
CA ASP A 1339 3.66 -26.06 -4.19
C ASP A 1339 4.43 -27.35 -4.39
N PRO A 1340 5.61 -27.35 -5.04
CA PRO A 1340 6.18 -28.60 -5.58
C PRO A 1340 6.56 -29.66 -4.56
N GLU A 1341 5.53 -30.09 -3.83
CA GLU A 1341 5.62 -31.21 -2.91
C GLU A 1341 4.37 -32.05 -3.15
N SER A 1342 3.40 -31.45 -3.84
CA SER A 1342 2.18 -32.14 -4.23
C SER A 1342 2.42 -32.99 -5.46
N ASP A 1343 1.37 -33.45 -6.14
CA ASP A 1343 1.62 -34.38 -7.24
C ASP A 1343 1.75 -33.70 -8.61
N TYR A 1344 0.61 -33.25 -9.16
CA TYR A 1344 0.41 -32.47 -10.39
C TYR A 1344 1.30 -32.80 -11.58
N ALA A 1345 1.78 -34.06 -11.71
CA ALA A 1345 3.12 -34.36 -12.25
C ALA A 1345 3.44 -33.83 -13.64
N PRO A 1346 2.55 -33.90 -14.68
CA PRO A 1346 2.86 -33.13 -15.88
C PRO A 1346 2.13 -31.79 -15.90
N GLY A 1347 2.80 -30.75 -16.39
CA GLY A 1347 2.11 -29.59 -16.95
C GLY A 1347 1.34 -28.69 -16.00
N GLU A 1348 0.39 -29.27 -15.27
CA GLU A 1348 -0.59 -28.55 -14.48
C GLU A 1348 0.09 -27.95 -13.27
N GLU A 1349 0.73 -26.81 -13.48
CA GLU A 1349 1.67 -26.23 -12.52
C GLU A 1349 1.13 -24.89 -12.05
N TYR A 1350 0.14 -24.39 -12.78
CA TYR A 1350 -0.53 -23.17 -12.46
C TYR A 1350 -2.03 -23.41 -12.50
N THR A 1351 -2.48 -24.43 -11.79
CA THR A 1351 -3.91 -24.67 -11.67
C THR A 1351 -4.27 -25.21 -10.28
N CYS A 1352 -3.81 -24.55 -9.24
CA CYS A 1352 -4.28 -24.87 -7.90
C CYS A 1352 -4.71 -23.56 -7.25
N GLY A 1353 -5.91 -23.11 -7.58
CA GLY A 1353 -6.43 -21.96 -6.88
C GLY A 1353 -7.85 -22.03 -6.36
N THR A 1354 -8.75 -22.78 -7.02
CA THR A 1354 -10.17 -22.92 -6.69
C THR A 1354 -10.98 -21.65 -6.37
N ASN A 1355 -11.57 -20.98 -7.38
CA ASN A 1355 -12.43 -19.82 -7.15
C ASN A 1355 -13.73 -20.12 -6.42
N PHE A 1356 -13.63 -20.75 -5.26
CA PHE A 1356 -14.66 -20.78 -4.25
C PHE A 1356 -14.44 -19.65 -3.27
N ALA A 1357 -13.29 -18.97 -3.41
CA ALA A 1357 -12.86 -17.96 -2.46
C ALA A 1357 -13.79 -16.78 -2.40
N TYR A 1358 -14.36 -16.38 -3.53
CA TYR A 1358 -15.36 -15.32 -3.52
C TYR A 1358 -16.58 -15.73 -2.72
N TYR A 1359 -16.94 -17.02 -2.78
CA TYR A 1359 -18.04 -17.51 -1.96
C TYR A 1359 -17.59 -17.72 -0.53
N TYR A 1360 -16.31 -17.60 -0.25
CA TYR A 1360 -15.80 -18.11 1.01
C TYR A 1360 -15.43 -16.99 1.96
N PHE A 1361 -14.53 -16.10 1.53
CA PHE A 1361 -14.14 -14.97 2.36
C PHE A 1361 -15.29 -14.02 2.56
N ILE A 1362 -16.17 -13.90 1.58
CA ILE A 1362 -17.36 -13.07 1.76
C ILE A 1362 -18.31 -13.72 2.74
N SER A 1363 -18.51 -15.03 2.61
CA SER A 1363 -19.41 -15.72 3.52
C SER A 1363 -18.79 -15.92 4.88
N PHE A 1364 -17.46 -15.82 4.97
CA PHE A 1364 -16.87 -15.74 6.31
C PHE A 1364 -17.05 -14.35 6.87
N TYR A 1365 -17.03 -13.32 6.01
CA TYR A 1365 -16.97 -11.98 6.54
C TYR A 1365 -18.30 -11.53 7.10
N MET A 1366 -19.40 -11.92 6.47
CA MET A 1366 -20.69 -11.58 7.06
C MET A 1366 -20.98 -12.42 8.30
N LEU A 1367 -20.55 -13.68 8.30
CA LEU A 1367 -20.78 -14.53 9.46
C LEU A 1367 -19.82 -14.22 10.59
N CYS A 1368 -18.84 -13.35 10.34
CA CYS A 1368 -18.00 -12.88 11.42
C CYS A 1368 -18.57 -11.55 11.89
N ALA A 1369 -19.13 -10.77 10.97
CA ALA A 1369 -19.71 -9.49 11.35
C ALA A 1369 -20.98 -9.67 12.16
N PHE A 1370 -21.83 -10.61 11.74
CA PHE A 1370 -23.08 -10.86 12.43
C PHE A 1370 -22.85 -11.43 13.82
N LEU A 1371 -21.80 -12.24 13.98
CA LEU A 1371 -21.60 -12.93 15.24
C LEU A 1371 -20.79 -12.09 16.21
N ILE A 1372 -20.01 -11.14 15.70
CA ILE A 1372 -19.34 -10.18 16.58
C ILE A 1372 -20.35 -9.18 17.14
N ILE A 1373 -21.42 -8.91 16.39
CA ILE A 1373 -22.56 -8.19 16.96
C ILE A 1373 -23.15 -8.95 18.13
N ASN A 1374 -23.10 -10.29 18.11
CA ASN A 1374 -23.59 -11.01 19.27
C ASN A 1374 -22.60 -10.95 20.43
N LEU A 1375 -21.35 -10.60 20.16
CA LEU A 1375 -20.47 -10.25 21.26
C LEU A 1375 -20.82 -8.88 21.81
N PHE A 1376 -21.29 -7.99 20.93
CA PHE A 1376 -21.70 -6.66 21.34
C PHE A 1376 -22.96 -6.70 22.18
N VAL A 1377 -23.87 -7.61 21.82
CA VAL A 1377 -25.14 -7.77 22.54
C VAL A 1377 -24.91 -8.46 23.89
N ALA A 1378 -24.02 -9.44 23.93
CA ALA A 1378 -23.83 -10.23 25.14
C ALA A 1378 -23.14 -9.44 26.23
N VAL A 1379 -22.54 -8.30 25.90
CA VAL A 1379 -21.87 -7.50 26.90
C VAL A 1379 -22.85 -6.50 27.51
N ILE A 1380 -23.88 -6.14 26.74
CA ILE A 1380 -25.05 -5.46 27.32
C ILE A 1380 -25.72 -6.36 28.36
N MET A 1381 -25.77 -7.67 28.07
CA MET A 1381 -26.49 -8.66 28.87
C MET A 1381 -26.11 -8.70 30.35
N ASP A 1382 -24.87 -8.97 30.65
CA ASP A 1382 -24.59 -9.12 32.06
C ASP A 1382 -24.07 -7.91 32.70
N ASN A 1383 -23.55 -6.94 31.96
CA ASN A 1383 -23.08 -5.71 32.56
C ASN A 1383 -24.18 -4.69 32.76
N PHE A 1384 -25.43 -5.11 32.64
CA PHE A 1384 -26.55 -4.17 32.57
C PHE A 1384 -26.75 -3.44 33.87
N ASP A 1385 -26.43 -4.10 34.99
CA ASP A 1385 -26.48 -3.43 36.28
C ASP A 1385 -25.38 -2.40 36.41
N TYR A 1386 -24.25 -2.64 35.75
CA TYR A 1386 -23.20 -1.63 35.79
C TYR A 1386 -23.44 -0.52 34.78
N LEU A 1387 -24.10 -0.82 33.65
CA LEU A 1387 -24.25 0.22 32.63
C LEU A 1387 -25.47 1.08 32.88
N THR A 1388 -26.31 0.68 33.82
CA THR A 1388 -27.44 1.51 34.20
C THR A 1388 -27.27 1.98 35.65
N ARG A 1389 -26.08 2.48 35.98
CA ARG A 1389 -25.83 2.92 37.35
C ARG A 1389 -26.15 4.39 37.49
N ASP A 1390 -25.93 4.93 38.68
CA ASP A 1390 -26.26 6.32 38.99
C ASP A 1390 -25.35 6.84 40.10
N TRP A 1391 -24.10 6.41 40.04
CA TRP A 1391 -23.11 6.71 41.07
C TRP A 1391 -23.10 8.19 41.48
N SER A 1392 -24.28 8.73 41.76
CA SER A 1392 -24.40 10.06 42.34
C SER A 1392 -25.44 10.00 43.44
N ILE A 1393 -26.35 9.04 43.35
CA ILE A 1393 -27.47 9.00 44.27
C ILE A 1393 -27.20 8.04 45.42
N LEU A 1394 -27.13 6.74 45.14
CA LEU A 1394 -26.87 5.72 46.15
C LEU A 1394 -25.77 4.76 45.72
N GLY A 1395 -24.62 5.30 45.33
CA GLY A 1395 -23.47 4.50 44.91
C GLY A 1395 -22.98 3.54 45.97
N PRO A 1396 -22.80 2.24 45.59
CA PRO A 1396 -22.36 1.23 46.55
C PRO A 1396 -20.90 1.32 46.93
N HIS A 1397 -20.17 2.27 46.36
CA HIS A 1397 -18.84 2.59 46.89
C HIS A 1397 -18.94 3.19 48.28
N HIS A 1398 -20.00 3.93 48.56
CA HIS A 1398 -20.29 4.32 49.93
C HIS A 1398 -20.61 3.09 50.78
N LEU A 1399 -21.30 2.13 50.17
CA LEU A 1399 -21.69 0.93 50.88
C LEU A 1399 -20.50 0.01 51.11
N ASP A 1400 -19.63 -0.11 50.12
CA ASP A 1400 -18.51 -1.04 50.22
C ASP A 1400 -17.48 -0.51 51.20
N GLU A 1401 -17.31 0.81 51.24
CA GLU A 1401 -16.43 1.41 52.24
C GLU A 1401 -17.04 1.33 53.63
N PHE A 1402 -18.36 1.16 53.72
CA PHE A 1402 -19.04 1.22 55.01
C PHE A 1402 -18.74 0.01 55.88
N LYS A 1403 -18.38 -1.11 55.26
CA LYS A 1403 -17.94 -2.27 56.02
C LYS A 1403 -16.59 -2.01 56.69
N ALA A 1404 -15.82 -1.06 56.15
CA ALA A 1404 -14.46 -0.84 56.61
C ALA A 1404 -14.42 0.11 57.81
N ILE A 1405 -15.52 0.79 58.10
CA ILE A 1405 -15.57 1.51 59.37
C ILE A 1405 -15.92 0.55 60.50
N TRP A 1406 -16.64 -0.53 60.21
CA TRP A 1406 -17.00 -1.52 61.23
C TRP A 1406 -15.79 -2.22 61.83
N ALA A 1407 -14.75 -2.42 61.04
CA ALA A 1407 -13.56 -3.10 61.51
C ALA A 1407 -12.82 -2.23 62.52
N GLU A 1408 -13.03 -0.92 62.44
CA GLU A 1408 -12.43 0.01 63.39
C GLU A 1408 -13.02 -0.18 64.78
N TYR A 1409 -14.34 -0.28 64.87
CA TYR A 1409 -14.95 -0.33 66.18
C TYR A 1409 -15.36 -1.73 66.63
N ASP A 1410 -15.62 -2.62 65.68
CA ASP A 1410 -15.86 -4.01 66.04
C ASP A 1410 -14.72 -4.85 65.48
N PRO A 1411 -13.64 -5.04 66.22
CA PRO A 1411 -12.47 -5.77 65.69
C PRO A 1411 -12.42 -7.26 65.98
N GLU A 1412 -13.39 -7.84 66.69
CA GLU A 1412 -13.28 -9.24 67.07
C GLU A 1412 -14.16 -10.16 66.25
N ALA A 1413 -14.73 -9.67 65.15
CA ALA A 1413 -15.73 -10.35 64.32
C ALA A 1413 -16.93 -10.84 65.13
N LYS A 1414 -17.35 -10.10 66.15
CA LYS A 1414 -18.51 -10.51 66.94
C LYS A 1414 -19.81 -10.20 66.20
N GLY A 1415 -19.78 -9.23 65.30
CA GLY A 1415 -20.97 -8.89 64.52
C GLY A 1415 -22.05 -8.21 65.31
N ARG A 1416 -21.73 -7.71 66.50
CA ARG A 1416 -22.68 -6.98 67.36
C ARG A 1416 -21.91 -5.84 68.01
N ILE A 1417 -22.29 -4.61 67.71
CA ILE A 1417 -21.61 -3.42 68.21
C ILE A 1417 -22.35 -3.09 69.51
N LYS A 1418 -21.77 -2.21 70.33
CA LYS A 1418 -22.40 -1.42 71.38
C LYS A 1418 -23.16 -0.24 70.78
N HIS A 1419 -24.27 0.14 71.41
CA HIS A 1419 -25.07 1.26 70.92
C HIS A 1419 -24.46 2.62 71.30
N LEU A 1420 -23.32 2.62 71.99
CA LEU A 1420 -22.64 3.87 72.28
C LEU A 1420 -21.79 4.35 71.12
N ASP A 1421 -20.99 3.46 70.54
CA ASP A 1421 -20.05 3.88 69.51
C ASP A 1421 -20.57 3.71 68.09
N VAL A 1422 -21.86 3.38 67.91
CA VAL A 1422 -22.50 3.64 66.63
C VAL A 1422 -22.56 5.15 66.39
N VAL A 1423 -22.74 5.91 67.48
CA VAL A 1423 -22.89 7.37 67.44
C VAL A 1423 -21.66 8.03 66.85
N THR A 1424 -20.48 7.56 67.22
CA THR A 1424 -19.27 8.09 66.63
C THR A 1424 -19.02 7.47 65.26
N LEU A 1425 -19.68 6.36 64.96
CA LEU A 1425 -19.49 5.72 63.66
C LEU A 1425 -20.37 6.37 62.60
N LEU A 1426 -21.46 7.01 63.02
CA LEU A 1426 -22.34 7.74 62.12
C LEU A 1426 -21.61 8.92 61.50
N ARG A 1427 -20.77 9.58 62.30
CA ARG A 1427 -20.25 10.88 61.91
C ARG A 1427 -19.15 10.74 60.88
N ARG A 1428 -18.45 9.61 60.89
CA ARG A 1428 -17.40 9.37 59.92
C ARG A 1428 -17.89 8.34 58.90
N ILE A 1429 -18.68 8.77 57.92
CA ILE A 1429 -18.79 7.94 56.73
C ILE A 1429 -18.48 8.78 55.49
N GLN A 1430 -19.47 9.57 55.02
CA GLN A 1430 -19.43 10.56 53.94
C GLN A 1430 -20.83 11.17 53.83
N PRO A 1431 -20.99 12.46 53.57
CA PRO A 1431 -22.35 13.09 53.56
C PRO A 1431 -23.34 12.54 52.54
N PRO A 1432 -22.91 11.85 51.45
CA PRO A 1432 -23.91 11.01 50.76
C PRO A 1432 -24.49 9.86 51.57
N LEU A 1433 -23.78 9.38 52.60
CA LEU A 1433 -24.34 8.25 53.33
C LEU A 1433 -24.24 8.46 54.84
N GLY A 1434 -23.29 9.28 55.28
CA GLY A 1434 -23.19 9.58 56.70
C GLY A 1434 -23.99 10.82 57.05
N PHE A 1435 -23.38 11.78 57.73
CA PHE A 1435 -24.15 12.94 58.13
C PHE A 1435 -23.35 14.23 57.99
N GLY A 1436 -23.82 15.28 58.67
CA GLY A 1436 -23.25 16.60 58.48
C GLY A 1436 -21.93 16.80 59.20
N LYS A 1437 -21.21 17.87 58.84
CA LYS A 1437 -20.07 18.33 59.63
C LYS A 1437 -20.53 19.30 60.73
N PHE A 1438 -21.86 19.50 60.85
CA PHE A 1438 -22.41 20.31 61.94
C PHE A 1438 -22.52 19.54 63.26
N CYS A 1439 -21.81 18.41 63.40
CA CYS A 1439 -21.84 17.31 64.37
C CYS A 1439 -22.00 17.73 65.84
N PRO A 1440 -22.58 16.88 66.75
CA PRO A 1440 -23.19 15.59 66.35
C PRO A 1440 -24.65 15.54 65.91
N HIS A 1441 -25.66 15.76 66.77
CA HIS A 1441 -26.90 16.55 66.63
C HIS A 1441 -28.01 16.02 67.54
N ARG A 1442 -29.15 16.74 67.59
CA ARG A 1442 -30.44 16.06 67.66
C ARG A 1442 -31.11 16.04 66.26
N VAL A 1443 -30.40 15.53 65.26
CA VAL A 1443 -30.91 15.38 63.89
C VAL A 1443 -30.61 13.99 63.36
N ALA A 1444 -29.32 13.63 63.32
CA ALA A 1444 -28.93 12.26 63.10
C ALA A 1444 -29.32 11.40 64.29
N CYS A 1445 -29.22 11.96 65.50
CA CYS A 1445 -29.74 11.30 66.67
C CYS A 1445 -31.26 11.34 66.67
N LYS A 1446 -31.86 12.37 66.06
CA LYS A 1446 -33.30 12.36 65.82
C LYS A 1446 -33.65 11.35 64.73
N ARG A 1447 -32.74 11.15 63.77
CA ARG A 1447 -32.97 10.16 62.72
C ARG A 1447 -32.96 8.74 63.29
N LEU A 1448 -31.98 8.45 64.15
CA LEU A 1448 -31.78 7.08 64.61
C LEU A 1448 -32.84 6.68 65.62
N VAL A 1449 -33.28 7.63 66.44
CA VAL A 1449 -34.46 7.39 67.28
C VAL A 1449 -35.71 7.36 66.42
N GLY A 1450 -35.73 8.13 65.33
CA GLY A 1450 -36.82 8.05 64.37
C GLY A 1450 -36.87 6.75 63.60
N MET A 1451 -35.77 6.00 63.58
CA MET A 1451 -35.80 4.64 63.05
C MET A 1451 -36.03 3.63 64.16
N ASN A 1452 -36.80 2.59 63.84
CA ASN A 1452 -37.10 1.52 64.79
C ASN A 1452 -35.87 0.64 64.95
N MET A 1453 -34.85 1.16 65.64
CA MET A 1453 -33.60 0.46 65.90
C MET A 1453 -33.77 -0.48 67.07
N PRO A 1454 -33.59 -1.78 66.89
CA PRO A 1454 -33.79 -2.71 68.00
C PRO A 1454 -32.57 -2.78 68.91
N LEU A 1455 -32.81 -3.05 70.19
CA LEU A 1455 -31.73 -3.25 71.16
C LEU A 1455 -31.83 -4.68 71.69
N ASN A 1456 -30.83 -5.49 71.39
CA ASN A 1456 -30.71 -6.86 71.86
C ASN A 1456 -30.16 -6.90 73.28
N SER A 1457 -29.69 -8.07 73.70
CA SER A 1457 -29.03 -8.27 74.99
C SER A 1457 -27.89 -7.29 75.19
N ASP A 1458 -28.05 -6.42 76.19
CA ASP A 1458 -27.13 -5.38 76.69
C ASP A 1458 -27.04 -4.19 75.73
N GLY A 1459 -27.68 -4.28 74.56
CA GLY A 1459 -27.70 -3.17 73.63
C GLY A 1459 -26.57 -3.37 72.65
N THR A 1460 -26.40 -4.61 72.18
CA THR A 1460 -25.48 -4.95 71.10
C THR A 1460 -26.30 -5.11 69.83
N VAL A 1461 -26.09 -4.21 68.87
CA VAL A 1461 -26.90 -4.19 67.65
C VAL A 1461 -26.10 -5.04 66.67
N THR A 1462 -26.81 -5.60 65.68
CA THR A 1462 -26.24 -6.16 64.47
C THR A 1462 -26.02 -5.06 63.45
N PHE A 1463 -25.30 -5.38 62.39
CA PHE A 1463 -24.97 -4.35 61.42
C PHE A 1463 -26.17 -4.19 60.50
N ASN A 1464 -26.89 -5.31 60.30
CA ASN A 1464 -27.95 -5.40 59.32
C ASN A 1464 -29.15 -4.53 59.68
N ALA A 1465 -29.46 -4.45 60.97
CA ALA A 1465 -30.50 -3.53 61.41
C ALA A 1465 -30.02 -2.09 61.31
N THR A 1466 -28.72 -1.87 61.54
CA THR A 1466 -28.18 -0.52 61.45
C THR A 1466 -27.99 -0.12 60.00
N LEU A 1467 -27.60 -1.07 59.15
CA LEU A 1467 -27.44 -0.80 57.72
C LEU A 1467 -28.78 -0.45 57.09
N PHE A 1468 -29.84 -1.16 57.48
CA PHE A 1468 -31.15 -0.91 56.91
C PHE A 1468 -31.69 0.44 57.32
N ALA A 1469 -31.37 0.89 58.53
CA ALA A 1469 -31.84 2.21 58.96
C ALA A 1469 -31.05 3.31 58.25
N LEU A 1470 -29.75 3.10 58.06
CA LEU A 1470 -28.92 4.16 57.49
C LEU A 1470 -28.98 4.14 55.97
N VAL A 1471 -29.61 3.11 55.39
CA VAL A 1471 -29.93 3.20 53.97
C VAL A 1471 -31.33 3.78 53.79
N ARG A 1472 -32.20 3.60 54.79
CA ARG A 1472 -33.52 4.22 54.77
C ARG A 1472 -33.43 5.73 55.00
N THR A 1473 -32.28 6.21 55.50
CA THR A 1473 -32.02 7.64 55.59
C THR A 1473 -31.97 8.28 54.21
N ALA A 1474 -31.42 7.58 53.22
CA ALA A 1474 -31.47 8.07 51.85
C ALA A 1474 -32.71 7.53 51.13
N LEU A 1475 -33.02 6.25 51.34
CA LEU A 1475 -34.20 5.64 50.75
C LEU A 1475 -35.41 6.10 51.56
N LYS A 1476 -36.02 7.22 51.11
CA LYS A 1476 -36.89 8.08 51.90
C LYS A 1476 -38.06 7.39 52.59
N ILE A 1477 -38.52 7.96 53.69
CA ILE A 1477 -39.38 7.27 54.64
C ILE A 1477 -40.41 8.22 55.21
N LYS A 1478 -41.20 7.74 56.16
CA LYS A 1478 -42.28 8.53 56.75
C LYS A 1478 -42.33 8.20 58.25
N THR A 1479 -43.44 8.59 58.89
CA THR A 1479 -43.67 8.19 60.27
C THR A 1479 -44.33 6.81 60.30
N GLU A 1480 -44.87 6.41 61.44
CA GLU A 1480 -45.56 5.14 61.52
C GLU A 1480 -46.86 5.18 60.73
N GLY A 1481 -47.39 4.00 60.43
CA GLY A 1481 -48.47 3.90 59.49
C GLY A 1481 -47.95 3.61 58.10
N ASN A 1482 -47.16 4.55 57.56
CA ASN A 1482 -46.48 4.27 56.29
C ASN A 1482 -45.26 3.41 56.51
N PHE A 1483 -44.69 3.42 57.71
CA PHE A 1483 -43.50 2.63 57.99
C PHE A 1483 -43.84 1.15 58.11
N GLU A 1484 -44.91 0.84 58.85
CA GLU A 1484 -45.32 -0.55 59.01
C GLU A 1484 -45.92 -1.09 57.71
N GLN A 1485 -46.49 -0.21 56.90
CA GLN A 1485 -46.99 -0.61 55.59
C GLN A 1485 -45.84 -0.92 54.64
N ALA A 1486 -44.70 -0.25 54.83
CA ALA A 1486 -43.53 -0.54 54.02
C ALA A 1486 -42.82 -1.79 54.51
N ASN A 1487 -42.99 -2.14 55.78
CA ASN A 1487 -42.26 -3.29 56.35
C ASN A 1487 -42.84 -4.61 55.87
N GLU A 1488 -44.15 -4.80 56.03
CA GLU A 1488 -44.76 -6.07 55.65
C GLU A 1488 -44.81 -6.23 54.13
N GLU A 1489 -44.85 -5.13 53.40
CA GLU A 1489 -44.77 -5.20 51.95
C GLU A 1489 -43.36 -5.56 51.50
N LEU A 1490 -42.36 -5.17 52.31
CA LEU A 1490 -41.00 -5.66 52.07
C LEU A 1490 -40.88 -7.13 52.41
N ARG A 1491 -41.67 -7.59 53.39
CA ARG A 1491 -41.69 -9.00 53.74
C ARG A 1491 -42.32 -9.83 52.61
N ALA A 1492 -43.35 -9.28 51.98
CA ALA A 1492 -44.00 -9.99 50.88
C ALA A 1492 -43.12 -9.96 49.62
N ILE A 1493 -42.42 -8.84 49.40
CA ILE A 1493 -41.65 -8.70 48.16
C ILE A 1493 -40.38 -9.54 48.22
N ILE A 1494 -39.78 -9.65 49.40
CA ILE A 1494 -38.54 -10.42 49.53
C ILE A 1494 -38.84 -11.92 49.51
N LYS A 1495 -39.92 -12.33 50.16
CA LYS A 1495 -40.31 -13.74 50.19
C LYS A 1495 -40.81 -14.19 48.82
N LYS A 1496 -41.39 -13.27 48.05
CA LYS A 1496 -41.76 -13.56 46.67
C LYS A 1496 -40.50 -13.74 45.84
N ILE A 1497 -39.46 -12.97 46.18
CA ILE A 1497 -38.18 -13.13 45.51
C ILE A 1497 -37.46 -14.38 45.99
N TRP A 1498 -37.66 -14.73 47.27
CA TRP A 1498 -36.96 -15.85 47.86
C TRP A 1498 -37.51 -17.18 47.39
N LYS A 1499 -36.78 -17.87 46.52
CA LYS A 1499 -37.13 -19.25 46.18
C LYS A 1499 -36.87 -20.21 47.33
N ARG A 1500 -36.07 -19.81 48.31
CA ARG A 1500 -35.99 -20.52 49.58
C ARG A 1500 -37.21 -20.17 50.41
N THR A 1501 -38.25 -21.02 50.33
CA THR A 1501 -39.44 -20.83 51.13
C THR A 1501 -39.19 -21.20 52.59
N SER A 1502 -38.08 -21.91 52.84
CA SER A 1502 -37.56 -22.10 54.19
C SER A 1502 -36.76 -20.87 54.62
N MET A 1503 -35.95 -21.02 55.68
CA MET A 1503 -35.08 -19.98 56.21
C MET A 1503 -35.84 -18.73 56.63
N LYS A 1504 -36.66 -18.85 57.68
CA LYS A 1504 -37.37 -17.71 58.25
C LYS A 1504 -36.48 -16.79 59.08
N LEU A 1505 -35.16 -17.05 59.12
CA LEU A 1505 -34.23 -16.14 59.77
C LEU A 1505 -34.11 -14.84 58.98
N LEU A 1506 -34.35 -14.91 57.67
CA LEU A 1506 -34.49 -13.72 56.85
C LEU A 1506 -35.76 -12.96 57.23
N ASP A 1507 -36.80 -13.70 57.61
CA ASP A 1507 -37.99 -13.05 58.16
C ASP A 1507 -37.73 -12.59 59.60
N GLN A 1508 -36.80 -13.25 60.28
CA GLN A 1508 -36.32 -12.73 61.55
C GLN A 1508 -35.36 -11.57 61.33
N VAL A 1509 -34.82 -11.45 60.12
CA VAL A 1509 -33.98 -10.29 59.78
C VAL A 1509 -34.86 -9.08 59.50
N ILE A 1510 -36.02 -9.30 58.89
CA ILE A 1510 -37.03 -8.24 58.82
C ILE A 1510 -37.59 -7.92 60.20
N PRO A 1511 -37.60 -8.84 61.16
CA PRO A 1511 -37.91 -8.46 62.53
C PRO A 1511 -36.77 -7.65 63.13
N PRO A 1512 -35.54 -7.88 62.66
CA PRO A 1512 -34.45 -6.99 63.09
C PRO A 1512 -34.39 -5.69 62.32
N ILE A 1513 -34.64 -5.72 61.01
CA ILE A 1513 -34.51 -4.51 60.21
C ILE A 1513 -35.76 -3.64 60.34
N GLY A 1514 -36.93 -4.27 60.36
CA GLY A 1514 -38.17 -3.50 60.43
C GLY A 1514 -38.65 -3.28 61.84
N ASP A 1515 -38.72 -4.34 62.64
CA ASP A 1515 -39.15 -4.21 64.02
C ASP A 1515 -37.93 -4.00 64.90
N GLN B 7 -110.39 -41.24 7.03
CA GLN B 7 -109.38 -42.29 6.77
C GLN B 7 -108.62 -41.97 5.48
N GLY B 8 -108.40 -42.99 4.65
CA GLY B 8 -108.05 -42.80 3.25
C GLY B 8 -109.34 -42.56 2.47
N PRO B 9 -110.45 -42.49 3.23
CA PRO B 9 -111.65 -41.81 2.79
C PRO B 9 -111.30 -40.32 2.75
N HIS B 10 -110.83 -39.81 3.90
CA HIS B 10 -110.51 -38.39 4.05
C HIS B 10 -109.18 -37.99 3.41
N MET B 11 -108.17 -38.87 3.52
CA MET B 11 -106.82 -38.56 3.03
C MET B 11 -106.72 -38.56 1.50
N ALA B 12 -107.86 -38.42 0.83
CA ALA B 12 -107.89 -38.15 -0.60
C ALA B 12 -107.85 -36.63 -0.81
N LEU B 13 -108.78 -35.92 -0.16
CA LEU B 13 -108.88 -34.47 -0.29
C LEU B 13 -107.74 -33.74 0.42
N ARG B 14 -107.51 -34.10 1.69
CA ARG B 14 -106.49 -33.45 2.53
C ARG B 14 -105.07 -33.94 2.26
N LYS B 15 -104.83 -34.46 1.06
CA LYS B 15 -103.48 -34.72 0.58
C LYS B 15 -103.38 -34.25 -0.87
N GLU B 16 -104.55 -33.97 -1.45
CA GLU B 16 -104.65 -33.31 -2.74
C GLU B 16 -104.66 -31.79 -2.53
N ALA B 17 -105.05 -31.36 -1.34
CA ALA B 17 -105.00 -29.95 -0.98
C ALA B 17 -103.55 -29.52 -0.83
N GLU B 18 -102.76 -30.41 -0.22
CA GLU B 18 -101.33 -30.16 0.02
C GLU B 18 -100.55 -30.14 -1.29
N ARG B 19 -100.97 -30.96 -2.26
CA ARG B 19 -100.36 -30.99 -3.58
C ARG B 19 -100.69 -29.69 -4.34
N GLN B 20 -101.93 -29.22 -4.22
CA GLN B 20 -102.40 -28.01 -4.91
C GLN B 20 -101.78 -26.75 -4.29
N ALA B 21 -101.35 -26.86 -3.05
CA ALA B 21 -100.73 -25.74 -2.35
C ALA B 21 -99.26 -25.61 -2.71
N LEU B 22 -98.55 -26.74 -2.66
CA LEU B 22 -97.16 -26.79 -3.09
C LEU B 22 -97.07 -26.35 -4.56
N ALA B 23 -98.12 -26.65 -5.32
CA ALA B 23 -98.25 -26.22 -6.72
C ALA B 23 -98.09 -24.70 -6.86
N GLN B 24 -99.03 -23.95 -6.28
CA GLN B 24 -99.02 -22.49 -6.34
C GLN B 24 -97.71 -21.90 -5.82
N LEU B 25 -97.12 -22.58 -4.84
CA LEU B 25 -95.93 -22.09 -4.15
C LEU B 25 -94.71 -22.09 -5.08
N GLU B 26 -94.52 -23.16 -5.83
CA GLU B 26 -93.45 -23.24 -6.83
C GLU B 26 -93.70 -22.22 -7.95
N LYS B 27 -94.97 -22.06 -8.32
CA LYS B 27 -95.37 -21.16 -9.41
C LYS B 27 -95.20 -19.68 -9.05
N ALA B 28 -95.17 -19.36 -7.75
CA ALA B 28 -95.03 -17.96 -7.32
C ALA B 28 -93.56 -17.57 -7.25
N LYS B 29 -92.69 -18.56 -7.35
CA LYS B 29 -91.25 -18.34 -7.24
C LYS B 29 -90.75 -17.39 -8.34
N THR B 30 -91.38 -17.43 -9.51
CA THR B 30 -90.96 -16.60 -10.63
C THR B 30 -91.76 -15.29 -10.71
N LYS B 31 -92.84 -15.20 -9.94
CA LYS B 31 -93.74 -14.04 -9.99
C LYS B 31 -93.10 -12.78 -9.41
N PRO B 32 -93.59 -11.59 -9.82
CA PRO B 32 -93.08 -10.33 -9.26
C PRO B 32 -93.55 -10.10 -7.84
N VAL B 33 -92.88 -9.21 -7.13
CA VAL B 33 -93.30 -8.83 -5.79
C VAL B 33 -94.53 -7.91 -5.88
N ALA B 34 -95.67 -8.36 -5.35
CA ALA B 34 -96.89 -7.55 -5.38
C ALA B 34 -96.76 -6.32 -4.49
N PHE B 35 -96.22 -6.51 -3.28
CA PHE B 35 -95.96 -5.40 -2.36
C PHE B 35 -95.05 -5.93 -1.26
N ALA B 36 -94.52 -5.03 -0.45
CA ALA B 36 -93.70 -5.39 0.70
C ALA B 36 -94.38 -4.95 1.97
N VAL B 37 -94.15 -5.65 3.06
CA VAL B 37 -94.61 -5.16 4.35
C VAL B 37 -93.48 -5.15 5.37
N ARG B 38 -93.56 -4.22 6.32
CA ARG B 38 -92.78 -4.27 7.53
C ARG B 38 -93.69 -4.81 8.61
N THR B 39 -93.22 -5.80 9.33
CA THR B 39 -94.05 -6.45 10.34
C THR B 39 -94.04 -5.67 11.64
N ASN B 40 -95.15 -5.73 12.37
CA ASN B 40 -95.25 -5.15 13.71
C ASN B 40 -95.34 -6.25 14.75
N VAL B 41 -95.37 -7.50 14.27
CA VAL B 41 -95.48 -8.66 15.14
C VAL B 41 -94.52 -9.73 14.66
N GLY B 42 -94.29 -10.73 15.49
CA GLY B 42 -93.48 -11.88 15.11
C GLY B 42 -94.39 -13.05 14.77
N TYR B 43 -93.83 -14.07 14.12
CA TYR B 43 -94.58 -15.27 13.83
C TYR B 43 -93.64 -16.46 13.66
N ASN B 44 -93.99 -17.56 14.30
CA ASN B 44 -93.35 -18.84 14.01
C ASN B 44 -94.46 -19.88 14.04
N PRO B 45 -94.56 -20.68 12.99
CA PRO B 45 -95.71 -21.56 12.81
C PRO B 45 -95.75 -22.68 13.85
N SER B 46 -96.92 -22.91 14.41
CA SER B 46 -97.17 -24.07 15.25
C SER B 46 -98.03 -25.04 14.43
N PRO B 47 -98.00 -26.32 14.77
CA PRO B 47 -98.72 -27.31 13.97
C PRO B 47 -100.22 -26.98 13.87
N GLY B 48 -100.83 -26.61 15.01
CA GLY B 48 -102.25 -26.24 15.04
C GLY B 48 -102.61 -25.01 14.18
N ASP B 49 -101.61 -24.33 13.63
CA ASP B 49 -101.85 -23.18 12.76
C ASP B 49 -102.42 -23.63 11.43
N GLU B 50 -102.19 -24.90 11.08
CA GLU B 50 -102.78 -25.50 9.89
C GLU B 50 -102.25 -24.84 8.61
N VAL B 51 -100.93 -24.89 8.42
CA VAL B 51 -100.27 -24.33 7.24
C VAL B 51 -100.59 -25.18 6.00
N PRO B 52 -100.97 -24.55 4.87
CA PRO B 52 -101.35 -25.29 3.65
C PRO B 52 -100.32 -26.34 3.23
N VAL B 53 -99.04 -26.06 3.47
CA VAL B 53 -98.02 -27.09 3.38
C VAL B 53 -97.19 -27.07 4.66
N GLU B 54 -97.28 -28.14 5.46
CA GLU B 54 -96.62 -28.22 6.78
C GLU B 54 -95.12 -27.94 6.67
N GLY B 55 -94.62 -27.05 7.53
CA GLY B 55 -93.21 -26.67 7.50
C GLY B 55 -92.85 -25.62 6.46
N VAL B 56 -93.84 -25.19 5.66
CA VAL B 56 -93.59 -24.18 4.63
C VAL B 56 -94.05 -22.76 5.01
N ALA B 57 -94.47 -22.54 6.25
CA ALA B 57 -94.73 -21.18 6.71
C ALA B 57 -93.41 -20.47 6.95
N ILE B 58 -93.34 -19.18 6.65
CA ILE B 58 -92.13 -18.44 6.97
C ILE B 58 -92.19 -17.96 8.42
N THR B 59 -91.03 -17.70 9.00
CA THR B 59 -90.92 -17.18 10.37
C THR B 59 -90.29 -15.80 10.31
N PHE B 60 -90.73 -14.91 11.20
CA PHE B 60 -90.19 -13.57 11.23
C PHE B 60 -90.35 -12.95 12.61
N GLU B 61 -89.61 -11.86 12.85
CA GLU B 61 -89.72 -11.09 14.08
C GLU B 61 -90.39 -9.77 13.75
N PRO B 62 -90.76 -9.01 14.77
CA PRO B 62 -91.33 -7.69 14.55
C PRO B 62 -90.23 -6.81 13.91
N LYS B 63 -90.66 -5.92 13.02
CA LYS B 63 -89.77 -5.03 12.23
C LYS B 63 -88.95 -5.74 11.16
N ASP B 64 -89.29 -6.99 10.84
CA ASP B 64 -88.70 -7.64 9.66
C ASP B 64 -89.45 -7.13 8.44
N PHE B 65 -88.89 -7.39 7.26
CA PHE B 65 -89.52 -7.02 5.99
C PHE B 65 -89.88 -8.26 5.19
N LEU B 66 -91.07 -8.26 4.60
CA LEU B 66 -91.56 -9.39 3.81
C LEU B 66 -91.91 -8.92 2.41
N HIS B 67 -91.54 -9.72 1.41
CA HIS B 67 -91.98 -9.52 0.03
C HIS B 67 -93.13 -10.47 -0.26
N ILE B 68 -94.29 -9.93 -0.60
CA ILE B 68 -95.47 -10.75 -0.84
C ILE B 68 -95.69 -10.87 -2.35
N LYS B 69 -95.84 -12.11 -2.82
CA LYS B 69 -96.03 -12.39 -4.25
C LYS B 69 -97.52 -12.43 -4.58
N GLU B 70 -98.28 -13.20 -3.80
CA GLU B 70 -99.69 -13.41 -4.09
C GLU B 70 -100.48 -13.86 -2.87
N LYS B 71 -101.80 -13.87 -3.02
CA LYS B 71 -102.70 -14.33 -1.99
C LYS B 71 -103.09 -15.77 -2.28
N TYR B 72 -102.76 -16.68 -1.36
CA TYR B 72 -103.11 -18.10 -1.53
C TYR B 72 -104.59 -18.32 -1.22
N ASN B 73 -105.01 -17.89 -0.04
CA ASN B 73 -106.43 -17.80 0.30
C ASN B 73 -106.65 -16.69 1.35
N ASN B 74 -107.80 -16.71 2.02
CA ASN B 74 -108.09 -15.69 3.03
C ASN B 74 -107.17 -15.77 4.25
N ASP B 75 -106.61 -16.95 4.49
CA ASP B 75 -105.77 -17.16 5.65
C ASP B 75 -104.28 -16.99 5.37
N TRP B 76 -103.86 -17.19 4.12
CA TRP B 76 -102.43 -17.28 3.81
C TRP B 76 -102.03 -16.53 2.55
N TRP B 77 -100.92 -15.80 2.66
CA TRP B 77 -100.28 -15.18 1.52
C TRP B 77 -99.04 -15.99 1.21
N ILE B 78 -98.47 -15.75 0.04
CA ILE B 78 -97.24 -16.40 -0.36
C ILE B 78 -96.17 -15.31 -0.49
N GLY B 79 -95.04 -15.51 0.18
CA GLY B 79 -93.94 -14.54 0.09
C GLY B 79 -92.69 -15.00 0.82
N ARG B 80 -91.75 -14.07 1.00
CA ARG B 80 -90.49 -14.41 1.65
C ARG B 80 -90.02 -13.32 2.59
N LEU B 81 -89.28 -13.74 3.62
CA LEU B 81 -88.56 -12.83 4.48
C LEU B 81 -87.46 -12.19 3.64
N VAL B 82 -87.29 -10.88 3.73
CA VAL B 82 -86.22 -10.23 2.97
C VAL B 82 -84.90 -10.43 3.69
N LYS B 83 -84.23 -11.53 3.34
CA LYS B 83 -83.00 -11.93 4.00
C LYS B 83 -82.29 -12.95 3.12
N GLU B 84 -80.97 -12.84 3.01
CA GLU B 84 -80.20 -13.78 2.19
C GLU B 84 -80.39 -15.22 2.64
N GLY B 85 -80.72 -16.08 1.68
CA GLY B 85 -80.94 -17.49 1.95
C GLY B 85 -82.38 -17.82 2.21
N CYS B 86 -83.18 -16.85 2.64
CA CYS B 86 -84.60 -17.11 2.89
C CYS B 86 -85.38 -17.26 1.59
N GLU B 87 -86.28 -18.25 1.56
CA GLU B 87 -87.03 -18.59 0.36
C GLU B 87 -88.53 -18.42 0.56
N VAL B 88 -89.24 -18.53 -0.56
CA VAL B 88 -90.70 -18.40 -0.62
C VAL B 88 -91.41 -19.38 0.33
N GLY B 89 -92.53 -18.95 0.91
CA GLY B 89 -93.31 -19.77 1.83
C GLY B 89 -94.64 -19.11 2.15
N PHE B 90 -95.34 -19.63 3.15
CA PHE B 90 -96.65 -19.09 3.52
C PHE B 90 -96.57 -18.06 4.65
N ILE B 91 -97.32 -16.97 4.46
CA ILE B 91 -97.39 -15.87 5.41
C ILE B 91 -98.82 -15.80 5.93
N PRO B 92 -99.02 -15.80 7.26
CA PRO B 92 -100.40 -15.71 7.74
C PRO B 92 -100.98 -14.32 7.49
N SER B 93 -102.21 -14.26 7.00
CA SER B 93 -102.87 -12.98 6.74
C SER B 93 -103.25 -12.35 8.08
N PRO B 94 -103.63 -11.06 8.08
CA PRO B 94 -104.01 -10.45 9.37
C PRO B 94 -105.20 -11.13 10.06
N VAL B 95 -106.18 -11.60 9.29
CA VAL B 95 -107.34 -12.29 9.88
C VAL B 95 -106.91 -13.64 10.45
N LYS B 96 -105.98 -14.33 9.78
CA LYS B 96 -105.46 -15.60 10.29
C LYS B 96 -104.69 -15.38 11.60
N LEU B 97 -103.88 -14.32 11.67
CA LEU B 97 -103.17 -13.99 12.92
C LEU B 97 -104.16 -13.69 14.05
N ASP B 98 -105.22 -12.95 13.71
CA ASP B 98 -106.23 -12.62 14.70
C ASP B 98 -106.95 -13.90 15.14
N SER B 99 -107.18 -14.80 14.19
CA SER B 99 -107.90 -16.02 14.50
C SER B 99 -107.10 -16.96 15.39
N LEU B 100 -105.78 -16.99 15.19
CA LEU B 100 -104.92 -17.84 16.02
C LEU B 100 -104.91 -17.33 17.46
N ARG B 101 -104.91 -16.01 17.64
CA ARG B 101 -104.94 -15.45 18.98
C ARG B 101 -106.27 -15.77 19.66
N LEU B 102 -107.38 -15.54 18.94
CA LEU B 102 -108.73 -15.80 19.46
C LEU B 102 -108.95 -17.27 19.81
N LEU B 103 -108.47 -18.18 18.96
CA LEU B 103 -108.59 -19.61 19.25
C LEU B 103 -107.78 -19.97 20.48
N GLN B 104 -106.60 -19.37 20.60
CA GLN B 104 -105.70 -19.64 21.73
C GLN B 104 -106.36 -19.24 23.04
N GLU B 105 -107.03 -18.08 23.04
CA GLU B 105 -107.74 -17.60 24.22
C GLU B 105 -108.89 -18.54 24.60
N GLN B 106 -109.65 -18.98 23.60
CA GLN B 106 -110.80 -19.85 23.84
C GLN B 106 -110.39 -21.18 24.46
N VAL C 1 -102.96 -1.54 16.34
CA VAL C 1 -101.77 -2.36 16.08
C VAL C 1 -102.02 -3.40 14.97
N PRO C 2 -102.04 -2.96 13.69
CA PRO C 2 -102.12 -3.92 12.59
C PRO C 2 -100.79 -4.67 12.49
N PRO C 3 -100.84 -5.97 12.14
CA PRO C 3 -99.60 -6.77 12.09
C PRO C 3 -98.63 -6.37 10.96
N TYR C 4 -99.14 -5.81 9.86
CA TYR C 4 -98.31 -5.48 8.71
C TYR C 4 -98.53 -4.05 8.25
N ASP C 5 -97.45 -3.35 7.91
CA ASP C 5 -97.54 -2.04 7.27
C ASP C 5 -96.94 -2.14 5.87
N VAL C 6 -97.66 -1.67 4.86
CA VAL C 6 -97.13 -1.67 3.49
C VAL C 6 -96.01 -0.63 3.38
N VAL C 7 -94.88 -1.06 2.84
CA VAL C 7 -93.68 -0.22 2.72
C VAL C 7 -93.14 -0.41 1.30
N PRO C 8 -92.19 0.44 0.85
CA PRO C 8 -91.67 0.22 -0.50
C PRO C 8 -90.95 -1.14 -0.62
N SER C 9 -91.00 -1.73 -1.81
CA SER C 9 -90.42 -3.06 -2.05
C SER C 9 -88.89 -3.03 -1.92
N MET C 10 -88.31 -1.85 -2.12
CA MET C 10 -86.92 -1.60 -1.79
C MET C 10 -86.93 -0.39 -0.88
N ARG C 11 -86.33 -0.54 0.29
CA ARG C 11 -86.26 0.54 1.27
C ARG C 11 -85.41 1.67 0.69
N PRO C 12 -85.95 2.90 0.69
CA PRO C 12 -85.20 4.03 0.16
C PRO C 12 -84.03 4.38 1.07
N ILE C 13 -82.87 4.62 0.47
CA ILE C 13 -81.69 5.03 1.23
C ILE C 13 -81.78 6.53 1.52
N ILE C 14 -81.58 6.91 2.77
CA ILE C 14 -81.57 8.32 3.16
C ILE C 14 -80.29 8.59 3.93
N LEU C 15 -79.62 9.70 3.61
CA LEU C 15 -78.38 10.09 4.29
C LEU C 15 -78.66 11.15 5.34
N VAL C 16 -78.13 10.96 6.54
CA VAL C 16 -78.19 11.99 7.57
C VAL C 16 -76.79 12.27 8.07
N GLY C 17 -76.51 13.54 8.32
CA GLY C 17 -75.20 13.97 8.77
C GLY C 17 -74.11 14.08 7.72
N PRO C 18 -73.03 14.83 8.10
CA PRO C 18 -72.48 14.72 9.46
C PRO C 18 -73.12 15.88 10.31
N SER C 19 -73.72 16.87 9.65
CA SER C 19 -74.43 17.93 10.34
C SER C 19 -75.73 18.22 9.59
N LEU C 20 -76.15 19.49 9.58
CA LEU C 20 -77.38 19.89 8.90
C LEU C 20 -77.21 20.05 7.38
N LYS C 21 -78.18 19.55 6.62
CA LYS C 21 -78.24 19.79 5.16
C LYS C 21 -78.53 21.27 4.88
N GLY C 22 -78.16 21.73 3.69
CA GLY C 22 -78.30 23.13 3.34
C GLY C 22 -77.07 23.95 3.73
N TYR C 23 -76.09 23.28 4.34
CA TYR C 23 -74.75 23.88 4.56
C TYR C 23 -73.72 23.05 3.81
N GLU C 24 -72.58 23.67 3.52
CA GLU C 24 -71.64 23.12 2.53
C GLU C 24 -70.98 21.81 2.96
N VAL C 25 -70.53 21.72 4.22
CA VAL C 25 -69.84 20.52 4.66
C VAL C 25 -70.72 19.27 4.44
N THR C 26 -71.93 19.30 4.97
CA THR C 26 -72.85 18.17 4.82
C THR C 26 -73.27 17.94 3.36
N ASP C 27 -73.69 19.00 2.67
CA ASP C 27 -74.15 18.88 1.29
C ASP C 27 -73.05 18.33 0.38
N MET C 28 -71.83 18.83 0.52
CA MET C 28 -70.75 18.33 -0.32
C MET C 28 -70.31 16.91 0.05
N MET C 29 -70.24 16.58 1.33
CA MET C 29 -69.87 15.21 1.69
C MET C 29 -70.92 14.19 1.23
N GLN C 30 -72.20 14.54 1.34
CA GLN C 30 -73.26 13.65 0.85
C GLN C 30 -73.27 13.59 -0.68
N LYS C 31 -72.99 14.71 -1.33
CA LYS C 31 -72.94 14.75 -2.79
C LYS C 31 -71.93 13.75 -3.35
N ALA C 32 -70.77 13.64 -2.71
CA ALA C 32 -69.72 12.73 -3.17
C ALA C 32 -70.21 11.27 -3.07
N LEU C 33 -70.99 10.98 -2.02
CA LEU C 33 -71.58 9.65 -1.85
C LEU C 33 -72.63 9.34 -2.91
N PHE C 34 -73.52 10.29 -3.20
CA PHE C 34 -74.53 10.12 -4.25
C PHE C 34 -73.86 9.86 -5.60
N ASP C 35 -72.82 10.63 -5.91
CA ASP C 35 -72.13 10.46 -7.19
C ASP C 35 -71.45 9.09 -7.30
N PHE C 36 -70.87 8.61 -6.19
CA PHE C 36 -70.28 7.28 -6.16
C PHE C 36 -71.32 6.20 -6.47
N LEU C 37 -72.45 6.25 -5.77
CA LEU C 37 -73.51 5.24 -5.92
C LEU C 37 -74.05 5.20 -7.34
N LYS C 38 -74.18 6.37 -7.93
CA LYS C 38 -74.66 6.50 -9.31
C LYS C 38 -73.87 5.62 -10.28
N HIS C 39 -72.54 5.59 -10.14
CA HIS C 39 -71.70 4.75 -11.00
C HIS C 39 -71.50 3.33 -10.46
N LEU C 40 -71.39 3.21 -9.13
CA LEU C 40 -71.14 1.93 -8.48
C LEU C 40 -72.29 0.97 -8.73
N PHE C 41 -73.52 1.51 -8.75
CA PHE C 41 -74.71 0.68 -8.97
C PHE C 41 -75.43 1.00 -10.28
N ASP C 42 -74.69 1.51 -11.27
CA ASP C 42 -75.29 1.89 -12.55
C ASP C 42 -76.07 0.72 -13.16
N GLY C 43 -77.31 0.99 -13.56
CA GLY C 43 -78.18 -0.03 -14.13
C GLY C 43 -79.10 -0.68 -13.11
N ARG C 44 -78.86 -0.41 -11.82
CA ARG C 44 -79.63 -1.03 -10.73
C ARG C 44 -80.07 0.01 -9.72
N ILE C 45 -80.04 1.28 -10.08
CA ILE C 45 -80.26 2.29 -9.06
C ILE C 45 -80.96 3.52 -9.63
N SER C 46 -81.74 4.19 -8.79
CA SER C 46 -82.21 5.52 -9.11
C SER C 46 -81.96 6.42 -7.90
N ILE C 47 -81.39 7.58 -8.15
CA ILE C 47 -81.11 8.56 -7.11
C ILE C 47 -81.95 9.77 -7.43
N THR C 48 -82.82 10.17 -6.52
CA THR C 48 -83.77 11.22 -6.83
C THR C 48 -83.82 12.26 -5.72
N ARG C 49 -83.95 13.50 -6.14
CA ARG C 49 -84.14 14.61 -5.21
C ARG C 49 -85.55 14.59 -4.65
N VAL C 50 -85.66 14.74 -3.33
CA VAL C 50 -86.94 14.94 -2.66
C VAL C 50 -86.90 16.30 -1.96
N THR C 51 -87.51 17.31 -2.56
CA THR C 51 -87.59 18.64 -1.95
C THR C 51 -88.79 18.78 -1.00
N ALA C 52 -89.88 18.07 -1.27
CA ALA C 52 -91.09 18.17 -0.44
C ALA C 52 -90.78 17.62 0.94
N ASP C 53 -91.38 18.21 1.97
CA ASP C 53 -91.09 17.76 3.32
C ASP C 53 -91.85 16.48 3.66
N ILE C 54 -91.21 15.36 3.35
CA ILE C 54 -91.82 14.04 3.56
C ILE C 54 -91.87 13.61 5.05
N SER C 55 -91.24 14.37 5.95
CA SER C 55 -91.38 14.11 7.38
C SER C 55 -92.75 14.58 7.89
N LEU C 56 -93.45 15.38 7.07
CA LEU C 56 -94.79 15.85 7.42
C LEU C 56 -95.85 14.74 7.31
N ALA C 57 -95.44 13.58 6.81
CA ALA C 57 -96.33 12.42 6.78
C ALA C 57 -96.10 11.53 8.00
N ARG C 77 -95.01 25.61 3.81
CA ARG C 77 -94.57 24.23 3.86
C ARG C 77 -95.04 23.45 2.62
N SER C 78 -94.85 22.14 2.64
CA SER C 78 -95.41 21.26 1.60
C SER C 78 -96.85 20.87 1.93
N SER C 79 -97.74 21.02 0.95
CA SER C 79 -99.14 20.62 1.11
C SER C 79 -99.24 19.11 1.34
N LEU C 80 -100.36 18.67 1.87
CA LEU C 80 -100.59 17.24 2.07
C LEU C 80 -100.51 16.49 0.73
N ALA C 81 -101.12 17.05 -0.33
CA ALA C 81 -101.12 16.41 -1.66
C ALA C 81 -99.69 16.28 -2.22
N GLU C 82 -98.89 17.34 -2.09
CA GLU C 82 -97.50 17.32 -2.57
C GLU C 82 -96.66 16.25 -1.85
N VAL C 83 -96.86 16.13 -0.54
CA VAL C 83 -96.16 15.09 0.24
C VAL C 83 -96.64 13.70 -0.20
N GLN C 84 -97.95 13.49 -0.26
CA GLN C 84 -98.49 12.20 -0.66
C GLN C 84 -97.96 11.77 -2.05
N SER C 85 -97.93 12.69 -3.00
CA SER C 85 -97.47 12.33 -4.36
C SER C 85 -95.97 11.97 -4.39
N GLU C 86 -95.14 12.65 -3.58
CA GLU C 86 -93.72 12.26 -3.47
C GLU C 86 -93.59 10.88 -2.83
N ILE C 87 -94.44 10.60 -1.85
CA ILE C 87 -94.40 9.30 -1.18
C ILE C 87 -94.78 8.22 -2.17
N GLU C 88 -95.86 8.44 -2.92
CA GLU C 88 -96.27 7.49 -3.97
C GLU C 88 -95.20 7.31 -5.05
N ARG C 89 -94.50 8.39 -5.40
CA ARG C 89 -93.45 8.31 -6.39
C ARG C 89 -92.30 7.42 -5.91
N ILE C 90 -91.95 7.54 -4.62
CA ILE C 90 -90.87 6.73 -4.04
C ILE C 90 -91.24 5.23 -4.00
N PHE C 91 -92.49 4.93 -3.65
CA PHE C 91 -93.00 3.56 -3.72
C PHE C 91 -92.87 3.03 -5.16
N GLU C 92 -93.27 3.84 -6.13
CA GLU C 92 -93.24 3.42 -7.54
C GLU C 92 -91.82 3.14 -8.05
N LEU C 93 -90.87 4.01 -7.69
CA LEU C 93 -89.45 3.81 -8.05
C LEU C 93 -88.90 2.45 -7.58
N ALA C 94 -89.45 1.93 -6.49
CA ALA C 94 -88.94 0.71 -5.87
C ALA C 94 -89.68 -0.55 -6.33
N ARG C 95 -90.72 -0.38 -7.13
CA ARG C 95 -91.64 -1.46 -7.49
C ARG C 95 -90.94 -2.60 -8.25
N THR C 96 -89.98 -2.26 -9.10
CA THR C 96 -89.25 -3.28 -9.89
C THR C 96 -87.94 -3.73 -9.22
N LEU C 97 -87.81 -3.43 -7.93
CA LEU C 97 -86.70 -3.92 -7.10
C LEU C 97 -85.33 -3.35 -7.49
N GLN C 98 -85.30 -2.15 -8.05
CA GLN C 98 -84.04 -1.42 -8.20
C GLN C 98 -83.77 -0.65 -6.91
N LEU C 99 -82.49 -0.44 -6.61
CA LEU C 99 -82.09 0.36 -5.45
C LEU C 99 -82.68 1.76 -5.59
N VAL C 100 -83.13 2.32 -4.48
CA VAL C 100 -83.70 3.67 -4.47
C VAL C 100 -82.94 4.50 -3.44
N ALA C 101 -82.43 5.65 -3.86
CA ALA C 101 -81.69 6.53 -2.96
C ALA C 101 -82.33 7.90 -3.04
N LEU C 102 -82.61 8.48 -1.88
CA LEU C 102 -83.24 9.79 -1.81
C LEU C 102 -82.22 10.83 -1.36
N ASP C 103 -82.17 11.95 -2.08
CA ASP C 103 -81.53 13.15 -1.58
C ASP C 103 -82.66 13.99 -0.97
N ALA C 104 -82.94 13.78 0.31
CA ALA C 104 -84.10 14.39 0.95
C ALA C 104 -83.68 15.59 1.80
N ASP C 105 -83.88 16.78 1.25
CA ASP C 105 -83.40 18.05 1.82
C ASP C 105 -83.76 18.27 3.29
N THR C 106 -84.96 17.86 3.66
CA THR C 106 -85.51 18.22 4.97
C THR C 106 -85.21 17.20 6.05
N ILE C 107 -84.59 16.08 5.69
CA ILE C 107 -84.39 14.99 6.65
C ILE C 107 -82.98 15.02 7.25
N ASN C 108 -82.90 15.37 8.52
CA ASN C 108 -81.62 15.49 9.21
C ASN C 108 -81.49 14.49 10.35
N HIS C 109 -82.59 13.81 10.68
CA HIS C 109 -82.62 12.94 11.84
C HIS C 109 -83.47 11.71 11.50
N PRO C 110 -83.08 10.51 11.98
CA PRO C 110 -83.87 9.31 11.69
C PRO C 110 -85.33 9.37 12.18
N ALA C 111 -85.52 9.87 13.40
CA ALA C 111 -86.88 10.03 13.95
C ALA C 111 -87.82 10.84 13.04
N GLN C 112 -87.29 11.50 12.02
CA GLN C 112 -88.14 12.30 11.13
C GLN C 112 -89.02 11.47 10.20
N LEU C 113 -88.60 10.25 9.89
CA LEU C 113 -89.38 9.41 8.97
C LEU C 113 -90.00 8.23 9.68
N SER C 114 -89.79 8.15 11.00
CA SER C 114 -90.24 7.01 11.79
C SER C 114 -91.77 6.81 11.75
N LYS C 115 -92.52 7.88 11.53
CA LYS C 115 -93.99 7.76 11.50
C LYS C 115 -94.55 7.59 10.10
N THR C 116 -93.68 7.58 9.09
CA THR C 116 -94.12 7.33 7.72
C THR C 116 -94.02 5.83 7.46
N SER C 117 -94.53 5.38 6.32
CA SER C 117 -94.37 3.99 5.91
C SER C 117 -93.26 3.87 4.87
N LEU C 118 -92.36 4.86 4.81
CA LEU C 118 -91.22 4.77 3.88
C LEU C 118 -90.16 3.74 4.30
N ALA C 119 -90.04 3.48 5.60
CA ALA C 119 -89.10 2.50 6.13
C ALA C 119 -87.69 2.67 5.54
N PRO C 120 -87.12 3.89 5.64
CA PRO C 120 -85.82 4.09 4.99
C PRO C 120 -84.69 3.23 5.55
N ILE C 121 -83.67 2.99 4.72
CA ILE C 121 -82.34 2.61 5.17
C ILE C 121 -81.64 3.91 5.54
N ILE C 122 -81.39 4.11 6.82
CA ILE C 122 -80.84 5.36 7.30
C ILE C 122 -79.34 5.23 7.43
N VAL C 123 -78.63 6.05 6.65
CA VAL C 123 -77.18 6.03 6.63
C VAL C 123 -76.66 7.25 7.36
N TYR C 124 -75.90 7.01 8.42
CA TYR C 124 -75.32 8.07 9.23
C TYR C 124 -73.92 8.37 8.70
N ILE C 125 -73.73 9.54 8.10
CA ILE C 125 -72.38 9.96 7.71
C ILE C 125 -71.85 10.68 8.94
N LYS C 126 -70.92 10.02 9.62
CA LYS C 126 -70.53 10.43 10.97
C LYS C 126 -69.10 10.93 11.00
N ILE C 127 -68.91 12.16 11.48
CA ILE C 127 -67.57 12.65 11.80
C ILE C 127 -67.35 12.46 13.31
N THR C 128 -66.43 11.56 13.68
CA THR C 128 -66.25 11.18 15.08
C THR C 128 -65.82 12.34 15.99
N SER C 129 -64.99 13.23 15.47
CA SER C 129 -64.43 14.31 16.28
C SER C 129 -65.14 15.64 16.00
N PRO C 130 -65.78 16.23 17.04
CA PRO C 130 -66.37 17.56 16.90
C PRO C 130 -65.35 18.63 16.46
N LYS C 131 -64.11 18.50 16.91
CA LYS C 131 -63.04 19.45 16.55
C LYS C 131 -62.77 19.37 15.06
N VAL C 132 -62.76 18.16 14.53
CA VAL C 132 -62.63 17.96 13.09
C VAL C 132 -63.79 18.60 12.31
N LEU C 133 -65.03 18.41 12.76
CA LEU C 133 -66.18 19.03 12.07
C LEU C 133 -66.06 20.56 12.09
N GLN C 134 -65.68 21.12 13.24
CA GLN C 134 -65.51 22.57 13.38
C GLN C 134 -64.47 23.09 12.38
N ARG C 135 -63.34 22.39 12.29
CA ARG C 135 -62.26 22.79 11.37
C ARG C 135 -62.72 22.69 9.91
N LEU C 136 -63.51 21.67 9.61
CA LEU C 136 -64.08 21.50 8.26
C LEU C 136 -65.02 22.64 7.90
N ILE C 137 -65.86 23.04 8.85
CA ILE C 137 -66.80 24.14 8.64
C ILE C 137 -66.01 25.44 8.41
N LYS C 138 -65.01 25.68 9.26
CA LYS C 138 -64.16 26.88 9.15
C LYS C 138 -63.44 26.94 7.81
N SER C 139 -63.08 25.77 7.28
CA SER C 139 -62.40 25.68 5.98
C SER C 139 -63.30 26.19 4.85
N ARG C 140 -64.60 26.23 5.06
CA ARG C 140 -65.53 26.69 4.03
C ARG C 140 -65.61 28.22 3.92
N GLY C 141 -65.04 28.94 4.90
CA GLY C 141 -65.08 30.39 4.90
C GLY C 141 -66.06 30.93 5.92
N LYS C 142 -65.93 32.21 6.21
CA LYS C 142 -66.74 32.82 7.26
C LYS C 142 -68.25 32.77 6.97
N SER C 143 -68.65 32.71 5.68
CA SER C 143 -70.06 32.61 5.31
C SER C 143 -70.69 31.32 5.85
N GLN C 144 -69.88 30.27 5.99
CA GLN C 144 -70.34 29.02 6.58
C GLN C 144 -70.03 28.98 8.08
N SER C 145 -68.88 29.53 8.48
CA SER C 145 -68.49 29.55 9.90
C SER C 145 -69.44 30.40 10.76
N LYS C 146 -70.11 31.38 10.14
CA LYS C 146 -71.19 32.13 10.81
C LYS C 146 -72.21 31.17 11.42
N HIS C 147 -72.44 30.05 10.74
CA HIS C 147 -73.46 29.09 11.14
C HIS C 147 -72.83 27.88 11.83
N LEU C 148 -71.68 28.09 12.47
CA LEU C 148 -70.97 27.02 13.13
C LEU C 148 -71.82 26.35 14.20
N ASN C 149 -72.41 27.14 15.10
CA ASN C 149 -73.06 26.57 16.28
C ASN C 149 -74.25 25.67 15.96
N VAL C 150 -75.13 26.13 15.08
CA VAL C 150 -76.29 25.33 14.70
C VAL C 150 -75.85 24.00 14.06
N GLN C 151 -74.75 24.03 13.31
CA GLN C 151 -74.21 22.79 12.73
C GLN C 151 -73.59 21.88 13.80
N ILE C 152 -72.88 22.47 14.76
CA ILE C 152 -72.24 21.71 15.83
C ILE C 152 -73.29 21.07 16.76
N ALA C 153 -74.34 21.83 17.05
CA ALA C 153 -75.44 21.31 17.89
C ALA C 153 -76.13 20.12 17.21
N ALA C 154 -76.41 20.26 15.91
CA ALA C 154 -77.05 19.19 15.15
C ALA C 154 -76.22 17.91 15.10
N SER C 155 -74.90 18.04 14.92
CA SER C 155 -74.00 16.88 14.90
C SER C 155 -73.95 16.20 16.26
N GLU C 156 -73.97 17.00 17.33
CA GLU C 156 -73.99 16.43 18.68
C GLU C 156 -75.27 15.64 18.93
N LYS C 157 -76.39 16.13 18.41
CA LYS C 157 -77.67 15.39 18.53
C LYS C 157 -77.62 14.02 17.83
N LEU C 158 -77.10 13.95 16.61
CA LEU C 158 -76.96 12.66 15.93
C LEU C 158 -76.07 11.74 16.77
N ALA C 159 -75.01 12.31 17.33
CA ALA C 159 -74.04 11.53 18.11
C ALA C 159 -74.63 10.97 19.41
N GLN C 160 -75.75 11.53 19.87
CA GLN C 160 -76.40 11.05 21.10
C GLN C 160 -77.41 9.93 20.83
N CYS C 161 -77.84 9.79 19.58
CA CYS C 161 -78.74 8.70 19.19
C CYS C 161 -78.08 7.36 19.45
N PRO C 162 -78.87 6.35 19.89
CA PRO C 162 -78.34 5.00 19.97
C PRO C 162 -78.03 4.51 18.56
N PRO C 163 -76.90 3.81 18.36
CA PRO C 163 -76.48 3.35 17.03
C PRO C 163 -77.53 2.50 16.30
N GLU C 164 -78.43 1.85 17.04
CA GLU C 164 -79.47 1.00 16.43
C GLU C 164 -80.53 1.80 15.66
N MET C 165 -80.55 3.11 15.87
CA MET C 165 -81.43 3.99 15.10
C MET C 165 -80.93 4.13 13.65
N PHE C 166 -79.69 3.74 13.40
CA PHE C 166 -79.09 3.85 12.06
C PHE C 166 -78.90 2.46 11.47
N ASP C 167 -79.15 2.35 10.17
CA ASP C 167 -78.94 1.09 9.49
C ASP C 167 -77.46 0.93 9.09
N ILE C 168 -76.83 2.04 8.74
CA ILE C 168 -75.41 2.04 8.40
C ILE C 168 -74.77 3.28 9.01
N ILE C 169 -73.60 3.12 9.62
CA ILE C 169 -72.84 4.26 10.13
C ILE C 169 -71.52 4.36 9.38
N LEU C 170 -71.33 5.45 8.66
CA LEU C 170 -70.10 5.67 7.90
C LEU C 170 -69.19 6.62 8.68
N ASP C 171 -68.34 6.08 9.52
CA ASP C 171 -67.43 6.92 10.29
C ASP C 171 -66.00 6.86 9.75
N GLU C 172 -65.84 6.37 8.53
CA GLU C 172 -64.52 6.32 7.87
C GLU C 172 -64.12 7.73 7.40
N ASN C 173 -62.84 8.09 7.58
CA ASN C 173 -62.38 9.44 7.23
C ASN C 173 -61.92 9.64 5.77
N GLN C 174 -61.92 8.55 5.00
CA GLN C 174 -61.61 8.62 3.58
C GLN C 174 -62.87 8.31 2.79
N LEU C 175 -63.18 9.17 1.81
CA LEU C 175 -64.34 8.96 0.95
C LEU C 175 -64.39 7.52 0.40
N GLU C 176 -63.29 7.03 -0.16
CA GLU C 176 -63.29 5.70 -0.76
C GLU C 176 -63.63 4.60 0.25
N ASP C 177 -63.24 4.76 1.51
CA ASP C 177 -63.55 3.75 2.54
C ASP C 177 -65.02 3.84 2.94
N ALA C 178 -65.53 5.06 3.08
CA ALA C 178 -66.95 5.26 3.38
C ALA C 178 -67.82 4.69 2.24
N CYS C 179 -67.40 4.95 1.00
CA CYS C 179 -68.11 4.42 -0.18
C CYS C 179 -68.13 2.89 -0.21
N GLU C 180 -66.98 2.27 0.07
CA GLU C 180 -66.88 0.81 0.06
C GLU C 180 -67.79 0.19 1.10
N HIS C 181 -67.83 0.79 2.29
CA HIS C 181 -68.70 0.31 3.38
C HIS C 181 -70.17 0.40 2.95
N LEU C 182 -70.58 1.55 2.43
CA LEU C 182 -71.96 1.73 2.00
C LEU C 182 -72.31 0.80 0.83
N ALA C 183 -71.39 0.66 -0.13
CA ALA C 183 -71.60 -0.24 -1.26
C ALA C 183 -71.72 -1.69 -0.81
N GLU C 184 -70.87 -2.13 0.11
CA GLU C 184 -70.94 -3.50 0.64
C GLU C 184 -72.31 -3.76 1.27
N TYR C 185 -72.79 -2.78 2.04
CA TYR C 185 -74.11 -2.90 2.67
C TYR C 185 -75.21 -3.01 1.62
N LEU C 186 -75.18 -2.15 0.61
CA LEU C 186 -76.24 -2.14 -0.42
C LEU C 186 -76.15 -3.35 -1.34
N GLU C 187 -74.94 -3.83 -1.59
CA GLU C 187 -74.77 -5.05 -2.38
C GLU C 187 -75.39 -6.24 -1.62
N ALA C 188 -75.20 -6.30 -0.31
CA ALA C 188 -75.84 -7.33 0.50
C ALA C 188 -77.37 -7.15 0.52
N TYR C 189 -77.84 -5.90 0.50
CA TYR C 189 -79.28 -5.66 0.45
C TYR C 189 -79.84 -6.11 -0.90
N TRP C 190 -79.06 -5.90 -1.96
CA TRP C 190 -79.44 -6.37 -3.28
C TRP C 190 -79.65 -7.90 -3.27
N LYS C 191 -78.70 -8.63 -2.67
CA LYS C 191 -78.82 -10.08 -2.56
C LYS C 191 -80.05 -10.49 -1.75
N ALA C 192 -80.30 -9.80 -0.63
CA ALA C 192 -81.45 -10.11 0.23
C ALA C 192 -82.77 -9.91 -0.50
N THR C 193 -82.80 -8.98 -1.45
CA THR C 193 -84.03 -8.64 -2.17
C THR C 193 -84.14 -9.36 -3.52
N HIS C 194 -83.04 -9.99 -3.96
CA HIS C 194 -83.01 -10.71 -5.24
C HIS C 194 -82.53 -12.15 -5.07
N PRO C 195 -83.40 -13.02 -4.53
CA PRO C 195 -83.01 -14.41 -4.31
C PRO C 195 -82.68 -15.11 -5.63
N PRO C 196 -81.76 -16.09 -5.60
CA PRO C 196 -81.45 -16.83 -6.83
C PRO C 196 -82.68 -17.58 -7.37
N SER C 197 -82.76 -17.71 -8.70
CA SER C 197 -83.93 -18.33 -9.32
C SER C 197 -83.90 -19.84 -9.14
N MET D 1 -12.31 -27.01 54.50
CA MET D 1 -13.18 -28.11 54.10
C MET D 1 -13.42 -28.09 52.59
N SER D 2 -14.29 -27.19 52.17
CA SER D 2 -14.89 -27.11 50.84
C SER D 2 -13.96 -27.12 49.63
N PRO D 3 -12.67 -26.68 49.70
CA PRO D 3 -11.76 -27.04 48.61
C PRO D 3 -11.44 -28.52 48.58
N THR D 4 -11.05 -29.08 49.72
CA THR D 4 -10.46 -30.41 49.76
C THR D 4 -11.48 -31.51 49.50
N GLU D 5 -12.76 -31.23 49.77
CA GLU D 5 -13.76 -32.30 49.80
C GLU D 5 -14.31 -32.59 48.42
N ALA D 6 -14.41 -31.56 47.58
CA ALA D 6 -14.89 -31.71 46.22
C ALA D 6 -13.92 -32.54 45.41
N PRO D 7 -14.40 -33.37 44.49
CA PRO D 7 -13.50 -34.23 43.72
C PRO D 7 -12.65 -33.49 42.68
N LYS D 8 -12.92 -32.19 42.54
CA LYS D 8 -12.21 -31.34 41.60
C LYS D 8 -10.73 -31.32 41.97
N VAL D 9 -10.45 -31.22 43.26
CA VAL D 9 -9.07 -31.28 43.72
C VAL D 9 -8.60 -32.73 43.75
N ARG D 10 -9.53 -33.66 43.79
CA ARG D 10 -9.15 -35.06 43.80
C ARG D 10 -8.50 -35.43 42.48
N VAL D 11 -9.18 -35.13 41.38
CA VAL D 11 -8.68 -35.48 40.05
C VAL D 11 -7.42 -34.70 39.75
N THR D 12 -7.36 -33.45 40.21
CA THR D 12 -6.26 -32.58 39.84
C THR D 12 -5.01 -32.91 40.63
N LEU D 13 -5.16 -33.26 41.90
CA LEU D 13 -3.99 -33.61 42.69
C LEU D 13 -3.43 -34.95 42.27
N PHE D 14 -4.31 -35.84 41.81
CA PHE D 14 -3.88 -37.16 41.35
C PHE D 14 -3.08 -37.07 40.07
N CYS D 15 -3.58 -36.26 39.14
CA CYS D 15 -2.91 -36.05 37.86
C CYS D 15 -1.52 -35.51 38.10
N ILE D 16 -1.39 -34.61 39.06
CA ILE D 16 -0.08 -34.04 39.38
C ILE D 16 0.86 -35.12 39.90
N LEU D 17 0.36 -36.02 40.76
CA LEU D 17 1.21 -37.05 41.35
C LEU D 17 1.64 -38.09 40.32
N VAL D 18 0.93 -38.16 39.20
CA VAL D 18 1.44 -38.88 38.04
C VAL D 18 2.65 -38.16 37.47
N GLY D 19 2.50 -36.86 37.20
CA GLY D 19 3.53 -36.12 36.52
C GLY D 19 4.75 -35.84 37.38
N ILE D 20 4.58 -35.94 38.71
CA ILE D 20 5.72 -35.87 39.61
C ILE D 20 6.64 -37.06 39.38
N VAL D 21 6.05 -38.25 39.30
CA VAL D 21 6.83 -39.48 39.07
C VAL D 21 7.45 -39.43 37.67
N LEU D 22 6.73 -38.87 36.71
CA LEU D 22 7.26 -38.68 35.37
C LEU D 22 8.40 -37.68 35.38
N ALA D 23 8.33 -36.66 36.24
CA ALA D 23 9.39 -35.66 36.31
C ALA D 23 10.64 -36.24 36.95
N MET D 24 10.46 -37.01 38.04
CA MET D 24 11.59 -37.70 38.66
C MET D 24 12.18 -38.74 37.71
N THR D 25 11.34 -39.31 36.85
CA THR D 25 11.83 -40.21 35.82
C THR D 25 12.66 -39.46 34.79
N ALA D 26 12.16 -38.31 34.35
CA ALA D 26 12.76 -37.61 33.21
C ALA D 26 14.08 -36.95 33.58
N VAL D 27 14.32 -36.72 34.87
CA VAL D 27 15.59 -36.12 35.29
C VAL D 27 16.69 -37.16 35.31
N VAL D 28 16.43 -38.30 35.94
CA VAL D 28 17.50 -39.27 36.17
C VAL D 28 17.78 -40.05 34.88
N SER D 29 16.79 -40.13 33.98
CA SER D 29 16.98 -40.84 32.72
C SER D 29 17.98 -40.11 31.82
N ASP D 30 18.44 -40.81 30.78
CA ASP D 30 19.61 -40.39 30.02
C ASP D 30 19.34 -40.21 28.53
N HIS D 31 18.09 -40.31 28.09
CA HIS D 31 17.81 -40.25 26.66
C HIS D 31 17.02 -38.98 26.33
N TRP D 32 17.76 -37.92 26.06
CA TRP D 32 17.14 -36.68 25.63
C TRP D 32 17.21 -36.52 24.12
N ALA D 33 18.41 -36.66 23.55
CA ALA D 33 18.62 -36.43 22.13
C ALA D 33 19.60 -37.44 21.59
N VAL D 34 19.36 -37.90 20.36
CA VAL D 34 20.18 -38.93 19.75
C VAL D 34 21.32 -38.25 19.00
N LEU D 35 22.55 -38.47 19.49
CA LEU D 35 23.74 -38.23 18.70
C LEU D 35 23.85 -39.34 17.68
N SER D 36 23.97 -38.98 16.41
CA SER D 36 23.99 -39.96 15.32
C SER D 36 24.87 -39.44 14.20
N PRO D 37 26.21 -39.52 14.32
CA PRO D 37 27.08 -38.92 13.30
C PRO D 37 27.09 -39.65 11.97
N HIS D 38 27.35 -40.96 12.00
CA HIS D 38 27.60 -41.82 10.83
C HIS D 38 28.49 -41.21 9.75
N CYS D 46 29.41 -46.84 15.69
CA CYS D 46 29.98 -45.50 15.52
C CYS D 46 30.29 -44.87 16.88
N GLU D 47 30.07 -43.56 16.99
CA GLU D 47 30.17 -42.86 18.26
C GLU D 47 28.85 -42.15 18.54
N ALA D 48 27.76 -42.90 18.37
CA ALA D 48 26.44 -42.44 18.74
C ALA D 48 26.34 -42.25 20.24
N ALA D 49 25.47 -41.32 20.66
CA ALA D 49 25.35 -41.05 22.09
C ALA D 49 23.97 -40.50 22.39
N HIS D 50 23.76 -40.25 23.68
CA HIS D 50 22.52 -39.68 24.18
C HIS D 50 22.90 -38.59 25.19
N PHE D 51 22.36 -37.40 24.99
CA PHE D 51 22.55 -36.34 25.97
C PHE D 51 21.76 -36.65 27.22
N GLY D 52 22.34 -36.32 28.37
CA GLY D 52 21.66 -36.45 29.64
C GLY D 52 22.00 -35.28 30.54
N LEU D 53 21.28 -35.19 31.64
CA LEU D 53 21.54 -34.11 32.58
C LEU D 53 22.78 -34.37 33.41
N TRP D 54 23.24 -35.62 33.45
CA TRP D 54 24.32 -36.01 34.34
C TRP D 54 25.33 -36.89 33.63
N ARG D 55 24.99 -37.38 32.43
CA ARG D 55 25.87 -38.32 31.76
C ARG D 55 25.63 -38.33 30.25
N ILE D 56 26.72 -38.35 29.48
CA ILE D 56 26.67 -38.37 28.02
C ILE D 56 27.33 -39.67 27.56
N CYS D 57 26.51 -40.71 27.39
CA CYS D 57 27.01 -42.06 27.23
C CYS D 57 27.14 -42.42 25.75
N THR D 58 28.31 -42.96 25.38
CA THR D 58 28.62 -43.29 23.99
C THR D 58 28.25 -44.74 23.70
N LYS D 59 27.53 -44.97 22.60
CA LYS D 59 27.17 -46.32 22.19
C LYS D 59 27.44 -46.46 20.70
N ARG D 60 27.85 -47.65 20.29
CA ARG D 60 28.11 -47.94 18.87
C ARG D 60 26.84 -47.87 18.04
N GLY D 76 27.77 -54.54 20.35
CA GLY D 76 27.11 -53.45 21.06
C GLY D 76 27.87 -52.98 22.29
N GLU D 77 28.56 -51.85 22.15
CA GLU D 77 29.47 -51.37 23.19
C GLU D 77 28.87 -50.10 23.79
N LYS D 78 28.71 -50.10 25.10
CA LYS D 78 28.15 -48.97 25.82
C LYS D 78 29.21 -48.37 26.73
N ASN D 79 29.64 -47.14 26.44
CA ASN D 79 30.70 -46.49 27.18
C ASN D 79 30.17 -45.15 27.69
N CYS D 80 29.93 -45.08 28.99
CA CYS D 80 29.29 -43.91 29.57
C CYS D 80 30.30 -43.01 30.27
N SER D 81 30.20 -41.70 30.01
CA SER D 81 31.00 -40.67 30.66
C SER D 81 30.25 -39.35 30.53
N TYR D 82 30.93 -38.24 30.78
CA TYR D 82 30.30 -36.94 30.56
C TYR D 82 31.37 -35.93 30.14
N PHE D 83 30.92 -34.89 29.46
CA PHE D 83 31.78 -33.85 28.88
C PHE D 83 32.42 -32.99 29.96
N SER D 104 26.07 -27.71 28.32
CA SER D 104 24.92 -28.38 28.92
C SER D 104 25.03 -28.38 30.45
N ILE D 105 25.90 -27.51 30.97
CA ILE D 105 26.12 -27.44 32.41
C ILE D 105 24.94 -26.75 33.09
N SER D 106 24.32 -25.81 32.37
CA SER D 106 23.31 -24.94 32.96
C SER D 106 22.05 -25.70 33.35
N ALA D 107 21.53 -26.52 32.43
CA ALA D 107 20.24 -27.17 32.64
C ALA D 107 20.31 -28.24 33.72
N ALA D 108 21.52 -28.71 34.04
CA ALA D 108 21.69 -29.66 35.13
C ALA D 108 21.39 -29.01 36.46
N ALA D 109 21.93 -27.81 36.69
CA ALA D 109 21.72 -27.15 37.97
C ALA D 109 20.31 -26.58 38.07
N ILE D 110 19.69 -26.29 36.93
CA ILE D 110 18.29 -25.87 36.92
C ILE D 110 17.40 -26.99 37.39
N SER D 111 17.69 -28.22 36.95
CA SER D 111 16.86 -29.38 37.29
C SER D 111 16.92 -29.69 38.78
N VAL D 112 17.98 -29.29 39.45
CA VAL D 112 18.05 -29.39 40.91
C VAL D 112 16.97 -28.53 41.55
N PHE D 113 16.77 -27.35 40.99
CA PHE D 113 15.75 -26.44 41.48
C PHE D 113 14.35 -26.94 41.17
N SER D 114 14.20 -27.68 40.07
CA SER D 114 12.89 -28.19 39.67
C SER D 114 12.44 -29.32 40.60
N LEU D 115 13.39 -30.13 41.07
CA LEU D 115 13.04 -31.13 42.06
C LEU D 115 12.90 -30.49 43.44
N GLY D 116 13.56 -29.36 43.65
CA GLY D 116 13.47 -28.70 44.95
C GLY D 116 12.09 -28.14 45.23
N PHE D 117 11.40 -27.66 44.19
CA PHE D 117 10.02 -27.26 44.38
C PHE D 117 9.09 -28.46 44.46
N LEU D 118 9.44 -29.55 43.77
CA LEU D 118 8.63 -30.75 43.84
C LEU D 118 8.74 -31.42 45.20
N ILE D 119 9.87 -31.23 45.89
CA ILE D 119 9.95 -31.63 47.29
C ILE D 119 9.06 -30.72 48.13
N MET D 120 9.20 -29.41 47.95
CA MET D 120 8.47 -28.46 48.79
C MET D 120 6.99 -28.44 48.44
N GLY D 121 6.65 -28.77 47.19
CA GLY D 121 5.26 -28.72 46.78
C GLY D 121 4.45 -29.89 47.31
N THR D 122 5.13 -30.93 47.79
CA THR D 122 4.42 -32.07 48.35
C THR D 122 4.37 -32.02 49.86
N ILE D 123 5.31 -31.31 50.49
CA ILE D 123 5.26 -31.13 51.94
C ILE D 123 4.04 -30.29 52.30
N CYS D 124 3.79 -29.25 51.52
CA CYS D 124 2.69 -28.35 51.79
C CYS D 124 1.36 -29.04 51.54
N ALA D 125 1.33 -29.98 50.61
CA ALA D 125 0.09 -30.67 50.31
C ALA D 125 -0.24 -31.70 51.38
N LEU D 126 0.78 -32.32 51.96
CA LEU D 126 0.51 -33.33 52.98
C LEU D 126 0.14 -32.69 54.31
N MET D 127 0.58 -31.45 54.55
CA MET D 127 0.14 -30.74 55.74
C MET D 127 -1.26 -30.18 55.56
N ALA D 128 -1.77 -30.16 54.33
CA ALA D 128 -3.02 -29.47 54.05
C ALA D 128 -4.23 -30.22 54.60
N PHE D 129 -4.23 -31.54 54.49
CA PHE D 129 -5.48 -32.27 54.65
C PHE D 129 -5.81 -32.53 56.12
N ARG D 130 -4.91 -32.18 57.03
CA ARG D 130 -4.93 -32.76 58.37
C ARG D 130 -5.33 -31.79 59.48
N LYS D 131 -5.72 -30.55 59.17
CA LYS D 131 -6.18 -29.66 60.23
C LYS D 131 -7.35 -28.82 59.71
N LYS D 132 -8.02 -29.34 58.66
CA LYS D 132 -9.01 -28.63 57.86
C LYS D 132 -8.45 -27.30 57.35
N ARG D 133 -7.17 -27.29 56.97
CA ARG D 133 -6.52 -26.08 56.49
C ARG D 133 -6.50 -26.09 54.97
N ASP D 134 -7.28 -25.20 54.37
CA ASP D 134 -7.38 -25.13 52.92
C ASP D 134 -6.26 -24.34 52.28
N TYR D 135 -5.68 -23.41 53.02
CA TYR D 135 -4.87 -22.35 52.46
C TYR D 135 -3.49 -22.85 52.04
N LEU D 136 -3.05 -24.00 52.55
CA LEU D 136 -1.75 -24.47 52.14
C LEU D 136 -1.74 -25.03 50.73
N LEU D 137 -2.90 -25.27 50.12
CA LEU D 137 -2.93 -25.58 48.70
C LEU D 137 -2.55 -24.37 47.87
N ARG D 138 -2.66 -23.16 48.42
CA ARG D 138 -2.32 -21.96 47.66
C ARG D 138 -0.82 -21.88 47.33
N PRO D 139 0.12 -22.05 48.28
CA PRO D 139 1.51 -22.10 47.82
C PRO D 139 1.87 -23.43 47.18
N ALA D 140 1.15 -24.50 47.50
CA ALA D 140 1.47 -25.80 46.95
C ALA D 140 1.15 -25.84 45.46
N SER D 141 0.12 -25.11 45.04
CA SER D 141 -0.12 -24.97 43.63
C SER D 141 0.89 -24.05 42.98
N MET D 142 1.44 -23.11 43.75
CA MET D 142 2.46 -22.22 43.21
C MET D 142 3.76 -22.96 42.94
N PHE D 143 4.15 -23.84 43.86
CA PHE D 143 5.43 -24.51 43.75
C PHE D 143 5.47 -25.48 42.59
N TYR D 144 4.32 -26.07 42.24
CA TYR D 144 4.31 -26.98 41.10
C TYR D 144 4.49 -26.24 39.78
N VAL D 145 4.01 -25.00 39.72
CA VAL D 145 4.15 -24.21 38.49
C VAL D 145 5.61 -23.87 38.24
N PHE D 146 6.31 -23.44 39.29
CA PHE D 146 7.73 -23.17 39.13
C PHE D 146 8.52 -24.45 38.99
N ALA D 147 7.96 -25.56 39.48
CA ALA D 147 8.54 -26.84 39.14
C ALA D 147 8.32 -27.16 37.68
N GLY D 148 7.23 -26.66 37.10
CA GLY D 148 6.97 -26.90 35.70
C GLY D 148 7.83 -26.04 34.79
N LEU D 149 7.97 -24.75 35.14
CA LEU D 149 8.68 -23.82 34.28
C LEU D 149 10.17 -24.10 34.28
N CYS D 150 10.71 -24.52 35.41
CA CYS D 150 12.13 -24.84 35.46
C CYS D 150 12.43 -26.14 34.74
N LEU D 151 11.42 -27.01 34.58
CA LEU D 151 11.57 -28.12 33.66
C LEU D 151 11.57 -27.63 32.22
N PHE D 152 10.82 -26.58 31.95
CA PHE D 152 10.72 -26.08 30.58
C PHE D 152 12.01 -25.37 30.16
N VAL D 153 12.70 -24.78 31.14
CA VAL D 153 13.99 -24.18 30.84
C VAL D 153 15.00 -25.26 30.52
N SER D 154 14.96 -26.35 31.27
CA SER D 154 15.84 -27.49 31.02
C SER D 154 15.55 -28.14 29.68
N LEU D 155 14.32 -27.99 29.17
CA LEU D 155 14.04 -28.37 27.79
C LEU D 155 14.81 -27.48 26.83
N GLU D 156 14.64 -26.16 26.96
CA GLU D 156 15.07 -25.28 25.89
C GLU D 156 16.55 -24.97 25.97
N VAL D 157 17.20 -25.34 27.08
CA VAL D 157 18.66 -25.37 27.06
C VAL D 157 19.15 -26.59 26.29
N MET D 158 18.49 -27.73 26.47
CA MET D 158 18.91 -28.93 25.79
C MET D 158 18.55 -28.88 24.30
N ARG D 159 17.46 -28.19 23.97
CA ARG D 159 17.18 -27.91 22.55
C ARG D 159 18.21 -26.95 21.98
N GLN D 160 18.79 -26.11 22.83
CA GLN D 160 19.79 -25.16 22.35
C GLN D 160 21.14 -25.82 22.11
N SER D 161 21.53 -26.78 22.97
CA SER D 161 22.84 -27.42 22.84
C SER D 161 22.96 -28.31 21.62
N VAL D 162 21.84 -28.72 21.02
CA VAL D 162 21.85 -29.43 19.75
C VAL D 162 22.35 -28.51 18.63
N LYS D 163 21.92 -27.25 18.66
CA LYS D 163 22.28 -26.29 17.62
C LYS D 163 23.77 -25.93 17.67
N ARG D 164 24.40 -26.12 18.83
CA ARG D 164 25.85 -25.92 18.94
C ARG D 164 26.62 -26.92 18.09
N MET D 165 26.11 -28.14 17.95
CA MET D 165 26.81 -29.19 17.21
C MET D 165 26.14 -29.48 15.87
N ILE D 174 27.06 -35.06 11.19
CA ILE D 174 26.45 -35.26 12.50
C ILE D 174 24.95 -35.01 12.34
N GLU D 175 24.12 -35.86 12.95
CA GLU D 175 22.67 -35.78 12.79
C GLU D 175 22.03 -35.94 14.16
N TYR D 176 20.98 -35.18 14.43
CA TYR D 176 20.28 -35.23 15.70
C TYR D 176 18.79 -35.43 15.56
N TYR D 177 18.22 -36.14 16.54
CA TYR D 177 16.79 -36.27 16.74
C TYR D 177 16.55 -36.37 18.23
N TYR D 178 15.32 -36.14 18.65
CA TYR D 178 15.00 -36.22 20.07
C TYR D 178 14.77 -37.68 20.48
N SER D 179 14.55 -37.87 21.78
CA SER D 179 14.42 -39.22 22.34
C SER D 179 13.17 -39.32 23.19
N TRP D 180 13.05 -40.39 23.97
CA TRP D 180 11.82 -40.65 24.71
C TRP D 180 11.72 -39.84 26.00
N SER D 181 12.82 -39.65 26.74
CA SER D 181 12.72 -38.92 27.99
C SER D 181 12.53 -37.43 27.77
N PHE D 182 12.92 -36.92 26.59
CA PHE D 182 12.52 -35.59 26.19
C PHE D 182 11.02 -35.49 26.01
N ALA D 183 10.41 -36.53 25.43
CA ALA D 183 8.96 -36.58 25.32
C ALA D 183 8.34 -36.83 26.69
N CYS D 184 9.07 -37.47 27.59
CA CYS D 184 8.61 -37.59 28.97
C CYS D 184 8.64 -36.24 29.67
N ALA D 185 9.60 -35.39 29.32
CA ALA D 185 9.70 -34.11 29.98
C ALA D 185 8.70 -33.10 29.41
N CYS D 186 8.23 -33.33 28.19
CA CYS D 186 7.19 -32.48 27.64
C CYS D 186 5.85 -32.75 28.32
N ALA D 187 5.55 -34.02 28.58
CA ALA D 187 4.30 -34.35 29.23
C ALA D 187 4.37 -34.09 30.73
N ALA D 188 5.58 -34.11 31.30
CA ALA D 188 5.74 -33.74 32.69
C ALA D 188 5.53 -32.24 32.88
N PHE D 189 5.86 -31.45 31.86
CA PHE D 189 5.54 -30.03 31.90
C PHE D 189 4.04 -29.80 31.89
N VAL D 190 3.34 -30.43 30.96
CA VAL D 190 1.93 -30.14 30.73
C VAL D 190 1.08 -30.64 31.90
N LEU D 191 1.52 -31.73 32.50
CA LEU D 191 0.88 -32.24 33.70
C LEU D 191 0.99 -31.19 34.80
N LEU D 192 2.20 -30.69 35.04
CA LEU D 192 2.43 -29.82 36.20
C LEU D 192 1.89 -28.42 35.95
N PHE D 193 2.22 -27.84 34.80
CA PHE D 193 1.88 -26.45 34.53
C PHE D 193 0.37 -26.25 34.43
N LEU D 194 -0.33 -27.16 33.75
CA LEU D 194 -1.78 -27.10 33.80
C LEU D 194 -2.30 -27.54 35.15
N GLY D 195 -1.63 -28.51 35.78
CA GLY D 195 -2.12 -29.03 37.05
C GLY D 195 -1.92 -28.08 38.20
N GLY D 196 -0.81 -27.35 38.18
CA GLY D 196 -0.58 -26.35 39.21
C GLY D 196 -1.54 -25.18 39.09
N ILE D 197 -1.78 -24.74 37.86
CA ILE D 197 -2.70 -23.62 37.62
C ILE D 197 -4.13 -24.02 37.98
N SER D 198 -4.52 -25.26 37.63
CA SER D 198 -5.87 -25.71 37.92
C SER D 198 -6.07 -25.90 39.41
N LEU D 199 -5.03 -26.33 40.12
CA LEU D 199 -5.14 -26.43 41.56
C LEU D 199 -5.11 -25.05 42.20
N LEU D 200 -4.46 -24.10 41.55
CA LEU D 200 -4.51 -22.71 42.01
C LEU D 200 -5.92 -22.15 41.86
N LEU D 201 -6.55 -22.42 40.72
CA LEU D 201 -7.89 -21.89 40.49
C LEU D 201 -8.92 -22.58 41.36
N PHE D 202 -8.73 -23.87 41.62
CA PHE D 202 -9.69 -24.59 42.44
C PHE D 202 -9.52 -24.26 43.92
N SER D 203 -8.35 -23.74 44.30
CA SER D 203 -8.14 -23.37 45.70
C SER D 203 -8.86 -22.07 46.05
N LEU D 204 -8.86 -21.12 45.12
CA LEU D 204 -9.47 -19.82 45.37
C LEU D 204 -10.98 -19.97 45.30
N PRO D 205 -11.74 -19.24 46.10
CA PRO D 205 -13.20 -19.34 46.01
C PRO D 205 -13.78 -18.57 44.85
N ARG D 206 -15.10 -18.53 44.74
CA ARG D 206 -15.76 -17.94 43.56
C ARG D 206 -15.90 -16.42 43.63
N MET D 207 -15.53 -15.73 42.56
CA MET D 207 -15.72 -14.29 42.54
C MET D 207 -17.04 -14.09 43.26
N PRO D 208 -17.14 -12.97 44.08
CA PRO D 208 -18.41 -12.91 44.83
C PRO D 208 -19.67 -13.04 43.98
N GLN D 209 -19.52 -13.08 42.66
CA GLN D 209 -20.68 -13.14 41.78
C GLN D 209 -21.65 -12.02 42.14
N ASN D 210 -22.39 -12.22 43.23
CA ASN D 210 -23.26 -11.17 43.74
C ASN D 210 -22.48 -10.33 44.75
N PRO D 211 -22.84 -8.99 44.84
CA PRO D 211 -21.90 -8.19 45.63
C PRO D 211 -22.29 -8.01 47.08
N TRP D 212 -21.93 -8.96 47.93
CA TRP D 212 -22.02 -8.73 49.40
C TRP D 212 -21.22 -9.81 50.10
N GLU D 213 -20.36 -10.47 49.34
CA GLU D 213 -19.53 -11.55 49.87
C GLU D 213 -18.21 -11.61 49.11
N SER D 214 -17.64 -10.44 48.86
CA SER D 214 -16.39 -10.31 48.12
C SER D 214 -15.11 -10.86 48.74
N CYS D 215 -14.55 -11.90 48.10
CA CYS D 215 -13.20 -12.43 48.29
C CYS D 215 -12.80 -12.72 49.73
N MET D 216 -13.49 -13.65 50.39
CA MET D 216 -13.13 -14.03 51.74
C MET D 216 -13.09 -15.55 51.88
N PHE E 29 87.87 9.92 -0.12
CA PHE E 29 88.05 11.14 -0.90
C PHE E 29 89.00 10.87 -2.06
N PRO E 30 88.44 10.55 -3.22
CA PRO E 30 89.30 10.21 -4.37
C PRO E 30 89.70 11.45 -5.15
N SER E 31 90.53 11.30 -6.17
CA SER E 31 91.07 12.43 -6.92
C SER E 31 90.67 12.34 -8.38
N ALA E 32 90.36 13.50 -8.97
CA ALA E 32 89.59 13.55 -10.23
C ALA E 32 90.37 13.01 -11.42
N VAL E 33 91.70 13.14 -11.41
CA VAL E 33 92.50 12.58 -12.49
C VAL E 33 92.50 11.06 -12.42
N THR E 34 92.57 10.53 -11.20
CA THR E 34 92.59 9.08 -11.00
C THR E 34 91.23 8.46 -11.29
N ILE E 35 90.16 9.21 -11.06
CA ILE E 35 88.82 8.73 -11.39
C ILE E 35 88.62 8.69 -12.90
N LYS E 36 88.99 9.77 -13.58
CA LYS E 36 88.76 9.89 -15.01
C LYS E 36 89.63 8.92 -15.80
N SER E 37 90.81 8.58 -15.26
CA SER E 37 91.61 7.53 -15.88
C SER E 37 90.97 6.17 -15.67
N TRP E 38 90.17 6.04 -14.61
CA TRP E 38 89.57 4.76 -14.28
C TRP E 38 88.23 4.60 -14.98
N VAL E 39 87.57 5.72 -15.28
CA VAL E 39 86.38 5.69 -16.13
C VAL E 39 86.79 5.33 -17.55
N ASP E 40 87.89 5.89 -18.03
CA ASP E 40 88.35 5.63 -19.39
C ASP E 40 88.88 4.21 -19.55
N LYS E 41 89.13 3.52 -18.43
CA LYS E 41 89.39 2.09 -18.49
C LYS E 41 88.11 1.32 -18.71
N MET E 42 87.02 1.73 -18.03
CA MET E 42 85.74 1.05 -18.22
C MET E 42 85.10 1.44 -19.53
N GLN E 43 85.48 2.59 -20.09
CA GLN E 43 85.03 2.94 -21.42
C GLN E 43 85.63 2.02 -22.46
N GLU E 44 86.94 1.80 -22.40
CA GLU E 44 87.61 0.97 -23.40
C GLU E 44 87.25 -0.51 -23.25
N ASP E 45 86.67 -0.89 -22.12
CA ASP E 45 86.20 -2.26 -21.98
C ASP E 45 84.93 -2.49 -22.79
N LEU E 46 83.88 -1.75 -22.48
CA LEU E 46 82.56 -2.04 -23.02
C LEU E 46 82.47 -1.71 -24.50
N VAL E 47 83.32 -0.80 -24.97
CA VAL E 47 83.31 -0.49 -26.40
C VAL E 47 84.04 -1.57 -27.18
N THR E 48 85.22 -1.99 -26.71
CA THR E 48 86.01 -2.96 -27.46
C THR E 48 85.37 -4.34 -27.39
N LEU E 49 84.68 -4.62 -26.27
CA LEU E 49 83.91 -5.86 -26.19
C LEU E 49 82.74 -5.83 -27.15
N ALA E 50 82.19 -4.64 -27.41
CA ALA E 50 81.09 -4.53 -28.35
C ALA E 50 81.56 -4.67 -29.79
N LYS E 51 82.66 -4.00 -30.15
CA LYS E 51 83.16 -4.07 -31.51
C LYS E 51 83.67 -5.46 -31.87
N THR E 52 84.19 -6.19 -30.90
CA THR E 52 84.73 -7.50 -31.21
C THR E 52 83.63 -8.53 -31.33
N ALA E 53 82.70 -8.53 -30.38
CA ALA E 53 81.70 -9.58 -30.34
C ALA E 53 80.61 -9.35 -31.38
N SER E 54 80.01 -8.18 -31.38
CA SER E 54 79.12 -7.83 -32.46
C SER E 54 79.94 -7.60 -33.72
N GLY E 55 79.35 -7.94 -34.85
CA GLY E 55 80.13 -7.83 -36.08
C GLY E 55 79.90 -6.53 -36.80
N VAL E 56 79.84 -5.43 -36.05
CA VAL E 56 79.42 -4.14 -36.58
C VAL E 56 80.33 -3.68 -37.70
N HIS E 57 81.64 -3.65 -37.43
CA HIS E 57 82.57 -3.27 -38.48
C HIS E 57 82.77 -4.37 -39.49
N GLN E 58 82.36 -5.59 -39.16
CA GLN E 58 82.41 -6.69 -40.11
C GLN E 58 81.17 -6.71 -41.00
N LEU E 59 80.01 -6.32 -40.47
CA LEU E 59 78.78 -6.39 -41.24
C LEU E 59 78.71 -5.30 -42.29
N VAL E 60 79.31 -4.13 -42.02
CA VAL E 60 79.39 -3.08 -43.03
C VAL E 60 80.17 -3.58 -44.25
N ASP E 61 81.24 -4.33 -43.98
CA ASP E 61 82.03 -4.92 -45.06
C ASP E 61 81.25 -5.97 -45.82
N ILE E 62 80.29 -6.62 -45.16
CA ILE E 62 79.37 -7.50 -45.87
C ILE E 62 78.46 -6.70 -46.79
N TYR E 63 77.92 -5.59 -46.29
CA TYR E 63 77.10 -4.72 -47.12
C TYR E 63 77.94 -3.99 -48.16
N GLU E 64 79.23 -3.74 -47.88
CA GLU E 64 80.09 -3.11 -48.88
C GLU E 64 80.44 -4.07 -50.01
N LYS E 65 80.68 -5.34 -49.68
CA LYS E 65 81.21 -6.29 -50.65
C LYS E 65 80.20 -6.57 -51.76
N TYR E 66 78.95 -6.77 -51.38
CA TYR E 66 77.86 -6.95 -52.32
C TYR E 66 77.39 -5.56 -52.76
N GLN E 67 78.14 -4.96 -53.69
CA GLN E 67 77.66 -3.71 -54.27
C GLN E 67 76.45 -3.95 -55.16
N ASP E 68 76.36 -5.14 -55.75
CA ASP E 68 75.18 -5.57 -56.45
C ASP E 68 74.17 -6.07 -55.42
N LEU E 69 73.08 -6.68 -55.90
CA LEU E 69 71.88 -7.03 -55.12
C LEU E 69 71.31 -5.79 -54.46
N TYR E 70 71.37 -4.66 -55.16
CA TYR E 70 70.74 -3.42 -54.74
C TYR E 70 70.37 -2.59 -55.94
N THR E 71 69.41 -1.70 -55.72
CA THR E 71 69.35 -0.42 -56.41
C THR E 71 68.69 0.49 -55.39
N VAL E 72 69.50 1.25 -54.67
CA VAL E 72 69.02 2.08 -53.57
C VAL E 72 68.18 3.21 -54.14
N GLU E 73 66.89 3.18 -53.85
CA GLU E 73 65.98 4.11 -54.47
C GLU E 73 65.47 5.12 -53.45
N PRO E 74 65.23 6.36 -53.86
CA PRO E 74 64.78 7.38 -52.90
C PRO E 74 63.33 7.19 -52.51
N ASN E 75 62.95 7.87 -51.43
CA ASN E 75 61.58 7.90 -50.97
C ASN E 75 60.90 9.11 -51.58
N ASN E 76 61.55 10.27 -51.41
CA ASN E 76 61.07 11.51 -52.01
C ASN E 76 59.98 12.19 -51.20
N ALA E 77 59.66 11.64 -50.04
CA ALA E 77 58.69 12.22 -49.13
C ALA E 77 57.45 12.74 -49.86
N ARG E 78 57.62 13.85 -50.57
CA ARG E 78 56.53 14.48 -51.29
C ARG E 78 55.74 13.51 -52.17
N GLN E 79 56.43 12.83 -53.08
CA GLN E 79 55.77 11.98 -54.03
C GLN E 79 55.06 10.84 -53.32
N LEU E 80 55.55 10.45 -52.14
CA LEU E 80 54.80 9.50 -51.33
C LEU E 80 53.51 10.12 -50.81
N VAL E 81 53.53 11.42 -50.55
CA VAL E 81 52.40 12.01 -49.85
C VAL E 81 51.27 12.28 -50.84
N GLU E 82 51.61 12.74 -52.04
CA GLU E 82 50.56 13.03 -53.01
C GLU E 82 49.96 11.76 -53.59
N ILE E 83 50.71 10.66 -53.62
CA ILE E 83 50.13 9.41 -54.08
C ILE E 83 49.25 8.80 -52.99
N ALA E 84 49.71 8.84 -51.74
CA ALA E 84 48.90 8.28 -50.67
C ALA E 84 47.71 9.18 -50.34
N ALA E 85 47.74 10.43 -50.76
CA ALA E 85 46.55 11.25 -50.58
C ALA E 85 45.50 10.92 -51.63
N ARG E 86 45.94 10.52 -52.83
CA ARG E 86 44.98 10.20 -53.87
C ARG E 86 44.30 8.86 -53.61
N ASP E 87 44.94 7.97 -52.86
CA ASP E 87 44.25 6.72 -52.55
C ASP E 87 43.30 6.88 -51.37
N ILE E 88 43.68 7.69 -50.37
CA ILE E 88 42.75 7.97 -49.29
C ILE E 88 41.58 8.81 -49.80
N GLU E 89 41.82 9.61 -50.84
CA GLU E 89 40.72 10.32 -51.47
C GLU E 89 39.78 9.38 -52.23
N LYS E 90 40.33 8.43 -52.99
CA LYS E 90 39.46 7.55 -53.78
C LYS E 90 38.74 6.55 -52.89
N LEU E 91 39.33 6.19 -51.76
CA LEU E 91 38.65 5.28 -50.84
C LEU E 91 37.47 5.96 -50.20
N LEU E 92 37.60 7.25 -49.92
CA LEU E 92 36.44 7.97 -49.39
C LEU E 92 35.54 8.44 -50.52
N SER E 93 35.97 8.26 -51.77
CA SER E 93 35.08 8.60 -52.88
C SER E 93 34.36 7.38 -53.41
N ASN E 94 35.02 6.22 -53.35
CA ASN E 94 34.44 4.98 -53.82
C ASN E 94 33.28 4.51 -52.93
N ARG E 95 33.48 4.60 -51.62
CA ARG E 95 32.45 4.21 -50.67
C ARG E 95 31.38 5.28 -50.54
N SER E 96 31.79 6.54 -50.59
CA SER E 96 30.86 7.65 -50.49
C SER E 96 29.81 7.60 -51.59
N LYS E 97 30.27 7.33 -52.81
CA LYS E 97 29.36 7.25 -53.96
C LYS E 97 28.23 6.25 -53.69
N ALA E 98 28.57 5.15 -53.04
CA ALA E 98 27.59 4.12 -52.72
C ALA E 98 26.43 4.69 -51.90
N LEU E 99 26.74 5.70 -51.08
CA LEU E 99 25.73 6.34 -50.25
C LEU E 99 24.63 6.97 -51.09
N VAL E 100 25.03 7.59 -52.20
CA VAL E 100 24.08 8.23 -53.10
C VAL E 100 23.13 7.21 -53.71
N ARG E 101 23.62 6.00 -53.93
CA ARG E 101 22.81 4.93 -54.51
C ARG E 101 21.76 4.43 -53.52
N LEU E 102 22.12 4.41 -52.24
CA LEU E 102 21.21 3.97 -51.20
C LEU E 102 20.21 5.05 -50.83
N ALA E 103 20.59 6.30 -51.07
CA ALA E 103 19.73 7.43 -50.76
C ALA E 103 18.77 7.72 -51.91
N LEU E 104 19.17 7.35 -53.11
CA LEU E 104 18.34 7.57 -54.30
C LEU E 104 17.29 6.47 -54.44
N GLU E 105 17.65 5.26 -54.02
CA GLU E 105 16.73 4.12 -54.10
C GLU E 105 15.78 4.11 -52.91
N ALA E 106 16.31 4.40 -51.73
CA ALA E 106 15.51 4.42 -50.51
C ALA E 106 14.33 5.39 -50.64
N GLU E 107 14.57 6.53 -51.29
CA GLU E 107 13.54 7.53 -51.48
C GLU E 107 12.56 7.12 -52.58
N LYS E 108 13.10 6.50 -53.63
CA LYS E 108 12.27 6.05 -54.74
C LYS E 108 11.24 5.03 -54.28
N VAL E 109 11.69 4.05 -53.50
CA VAL E 109 10.81 3.01 -52.98
C VAL E 109 9.82 3.59 -51.98
N GLN E 110 10.24 4.60 -51.24
CA GLN E 110 9.38 5.21 -50.23
C GLN E 110 8.17 5.91 -50.82
N ALA E 111 8.26 6.39 -52.06
CA ALA E 111 7.12 7.07 -52.68
C ALA E 111 5.96 6.13 -52.96
N ALA E 112 6.21 4.87 -53.28
CA ALA E 112 5.15 3.93 -53.64
C ALA E 112 4.94 3.01 -52.45
N HIS E 113 4.13 3.45 -51.49
CA HIS E 113 4.01 2.64 -50.29
C HIS E 113 2.60 2.34 -49.82
N GLN E 114 1.72 3.34 -49.89
CA GLN E 114 0.28 3.22 -49.67
C GLN E 114 -0.19 2.81 -48.28
N TRP E 115 0.72 2.64 -47.30
CA TRP E 115 0.39 2.51 -45.87
C TRP E 115 -0.53 1.35 -45.56
N ARG E 116 -0.06 0.12 -45.64
CA ARG E 116 -0.86 -1.03 -45.27
C ARG E 116 -1.14 -0.99 -43.77
N GLU E 117 -2.36 -1.33 -43.39
CA GLU E 117 -2.73 -1.25 -42.00
C GLU E 117 -2.85 -2.61 -41.34
N ASP E 118 -3.48 -3.57 -42.00
CA ASP E 118 -3.52 -4.94 -41.55
C ASP E 118 -2.37 -5.73 -42.17
N PHE E 119 -1.95 -6.78 -41.48
CA PHE E 119 -0.79 -7.54 -41.91
C PHE E 119 -1.04 -9.05 -41.85
N ALA E 120 -2.12 -9.48 -42.48
CA ALA E 120 -2.36 -10.90 -42.73
C ALA E 120 -1.72 -11.38 -44.01
N SER E 121 -0.61 -10.78 -44.44
CA SER E 121 0.18 -11.28 -45.55
C SER E 121 1.56 -11.73 -45.06
N VAL E 124 7.83 -8.49 -44.60
CA VAL E 124 7.12 -9.06 -43.48
C VAL E 124 8.05 -10.07 -42.82
N VAL E 125 8.93 -10.64 -43.64
CA VAL E 125 9.75 -11.79 -43.23
C VAL E 125 11.18 -11.29 -43.21
N TYR E 126 11.64 -10.84 -42.04
CA TYR E 126 12.80 -9.97 -42.08
C TYR E 126 14.17 -10.53 -41.66
N TYR E 127 14.60 -10.47 -40.39
CA TYR E 127 15.55 -11.41 -39.80
C TYR E 127 15.48 -11.42 -38.28
N ASN E 128 15.18 -10.26 -37.71
CA ASN E 128 15.27 -9.95 -36.29
C ASN E 128 16.58 -10.41 -35.67
N ALA E 129 17.68 -9.76 -35.98
CA ALA E 129 18.95 -10.16 -35.39
C ALA E 129 19.04 -9.83 -33.92
N LYS E 130 18.36 -10.59 -33.09
CA LYS E 130 18.71 -10.55 -31.69
C LYS E 130 18.53 -11.96 -31.15
N ASP E 131 18.25 -12.92 -32.02
CA ASP E 131 18.04 -14.30 -31.57
C ASP E 131 18.39 -15.36 -32.61
N GLN E 145 6.67 -13.91 -40.07
CA GLN E 145 7.57 -14.99 -39.70
C GLN E 145 9.00 -14.55 -39.93
N ARG E 146 9.96 -15.36 -39.51
CA ARG E 146 11.36 -14.96 -39.51
C ARG E 146 12.23 -15.99 -40.24
N ILE E 147 13.51 -15.67 -40.35
CA ILE E 147 14.44 -16.46 -41.15
C ILE E 147 15.48 -17.03 -40.20
N LYS E 148 16.11 -18.16 -40.57
CA LYS E 148 17.31 -18.66 -39.91
C LYS E 148 18.30 -19.19 -40.96
N PRO E 149 19.12 -18.32 -41.53
CA PRO E 149 19.91 -18.71 -42.71
C PRO E 149 21.22 -19.42 -42.40
N VAL E 150 21.98 -19.68 -43.46
CA VAL E 150 23.32 -20.22 -43.36
C VAL E 150 24.30 -19.13 -43.00
N PHE E 151 25.42 -19.52 -42.38
CA PHE E 151 26.50 -18.58 -42.06
C PHE E 151 27.85 -19.04 -42.56
N ILE E 152 28.61 -18.08 -43.05
CA ILE E 152 29.95 -18.27 -43.55
C ILE E 152 30.89 -17.63 -42.53
N ASP E 153 31.90 -18.36 -42.10
CA ASP E 153 32.93 -17.71 -41.30
C ASP E 153 33.78 -16.90 -42.26
N ASP E 154 33.67 -15.57 -42.16
CA ASP E 154 34.36 -14.66 -43.06
C ASP E 154 35.39 -13.86 -42.28
N ALA E 155 36.41 -13.34 -42.97
CA ALA E 155 37.57 -12.80 -42.29
C ALA E 155 37.71 -11.30 -42.40
N ASN E 156 37.09 -10.65 -43.39
CA ASN E 156 37.04 -9.20 -43.34
C ASN E 156 36.18 -8.73 -42.19
N PHE E 157 35.12 -9.45 -41.90
CA PHE E 157 34.25 -9.13 -40.78
C PHE E 157 34.68 -9.82 -39.50
N ARG E 158 35.66 -10.72 -39.57
CA ARG E 158 36.18 -11.51 -38.44
C ARG E 158 35.08 -12.28 -37.71
N ARG E 159 34.06 -12.72 -38.43
CA ARG E 159 32.80 -13.07 -37.77
C ARG E 159 31.92 -13.78 -38.79
N GLN E 160 30.85 -14.41 -38.31
CA GLN E 160 29.89 -15.07 -39.19
C GLN E 160 28.94 -14.07 -39.86
N VAL E 161 28.88 -14.10 -41.19
CA VAL E 161 28.00 -13.25 -41.96
C VAL E 161 27.12 -14.12 -42.84
N SER E 162 26.19 -13.48 -43.55
CA SER E 162 25.19 -14.19 -44.32
C SER E 162 25.34 -13.94 -45.82
N TYR E 163 25.51 -12.67 -46.20
CA TYR E 163 25.52 -12.15 -47.57
C TYR E 163 24.22 -12.32 -48.35
N GLN E 164 23.17 -12.84 -47.74
CA GLN E 164 21.95 -13.07 -48.50
C GLN E 164 20.76 -12.33 -47.92
N HIS E 165 20.88 -11.78 -46.72
CA HIS E 165 19.80 -11.04 -46.10
C HIS E 165 20.39 -9.81 -45.43
N ALA E 166 19.54 -8.84 -45.14
CA ALA E 166 19.90 -7.85 -44.18
C ALA E 166 19.35 -8.32 -42.85
N ALA E 167 19.96 -7.90 -41.77
CA ALA E 167 19.47 -8.21 -40.45
C ALA E 167 18.72 -6.99 -39.98
N VAL E 168 18.03 -7.10 -38.86
CA VAL E 168 17.27 -5.99 -38.31
C VAL E 168 17.54 -5.95 -36.82
N HIS E 169 17.80 -4.77 -36.30
CA HIS E 169 17.90 -4.53 -34.88
C HIS E 169 16.73 -3.66 -34.47
N ILE E 170 15.80 -4.22 -33.72
CA ILE E 170 14.73 -3.42 -33.13
C ILE E 170 15.04 -3.33 -31.65
N PRO E 171 15.23 -2.14 -31.09
CA PRO E 171 15.67 -2.00 -29.70
C PRO E 171 14.62 -2.55 -28.75
N THR E 172 15.06 -3.21 -27.68
CA THR E 172 14.08 -3.84 -26.81
C THR E 172 13.54 -2.82 -25.84
N ASP E 173 12.84 -1.84 -26.38
CA ASP E 173 11.98 -0.99 -25.59
C ASP E 173 10.68 -0.95 -26.37
N ILE E 174 10.90 -1.08 -27.67
CA ILE E 174 9.93 -0.97 -28.73
C ILE E 174 9.44 -2.34 -29.12
N TYR E 175 8.65 -2.37 -30.16
CA TYR E 175 8.01 -3.59 -30.66
C TYR E 175 6.89 -4.47 -30.13
N GLU E 176 5.88 -4.75 -30.94
CA GLU E 176 5.20 -6.04 -30.83
C GLU E 176 4.79 -6.52 -32.22
N GLY E 177 4.85 -5.56 -33.13
CA GLY E 177 4.27 -5.59 -34.45
C GLY E 177 3.64 -4.24 -34.73
N SER E 178 3.74 -3.31 -33.76
CA SER E 178 3.14 -1.98 -33.83
C SER E 178 3.34 -1.42 -35.19
N THR E 179 2.25 -1.09 -35.84
CA THR E 179 2.26 -0.89 -37.28
C THR E 179 3.06 0.31 -37.77
N ILE E 180 3.72 1.06 -36.88
CA ILE E 180 4.72 2.03 -37.31
C ILE E 180 6.01 1.33 -37.65
N VAL E 181 6.46 0.45 -36.74
CA VAL E 181 7.60 -0.42 -36.99
C VAL E 181 7.33 -1.35 -38.13
N LEU E 182 6.19 -2.04 -38.08
CA LEU E 182 5.97 -3.19 -38.94
C LEU E 182 5.76 -2.76 -40.37
N ASN E 183 5.30 -1.54 -40.54
CA ASN E 183 5.15 -1.01 -41.88
C ASN E 183 6.49 -0.59 -42.43
N GLU E 184 7.46 -0.29 -41.57
CA GLU E 184 8.71 0.22 -42.09
C GLU E 184 9.66 -0.92 -42.41
N LEU E 185 9.32 -2.14 -42.00
CA LEU E 185 10.03 -3.30 -42.52
C LEU E 185 9.59 -3.60 -43.94
N ASN E 186 8.45 -3.05 -44.36
CA ASN E 186 7.93 -3.31 -45.69
C ASN E 186 8.76 -2.62 -46.77
N TRP E 187 8.80 -1.28 -46.74
CA TRP E 187 9.45 -0.58 -47.85
C TRP E 187 10.97 -0.63 -47.75
N THR E 188 11.48 -0.90 -46.56
CA THR E 188 12.93 -0.97 -46.36
C THR E 188 13.49 -2.27 -46.91
N SER E 189 12.62 -3.24 -47.16
CA SER E 189 13.03 -4.53 -47.69
C SER E 189 13.56 -4.40 -49.12
N ALA E 190 13.26 -3.27 -49.75
CA ALA E 190 13.70 -3.02 -51.12
C ALA E 190 15.20 -2.75 -51.18
N LEU E 191 15.72 -2.12 -50.13
CA LEU E 191 17.14 -1.79 -50.06
C LEU E 191 17.99 -3.07 -50.05
N ASP E 192 17.34 -4.21 -50.15
CA ASP E 192 18.03 -5.50 -50.16
C ASP E 192 18.82 -5.70 -51.45
N ASP E 193 18.23 -5.27 -52.57
CA ASP E 193 18.88 -5.40 -53.85
C ASP E 193 20.03 -4.42 -53.99
N VAL E 194 19.95 -3.29 -53.31
CA VAL E 194 20.99 -2.30 -53.51
C VAL E 194 22.11 -2.50 -52.51
N PHE E 195 21.81 -3.05 -51.32
CA PHE E 195 22.87 -3.52 -50.44
C PHE E 195 23.68 -4.62 -51.14
N LYS E 196 22.97 -5.55 -51.75
CA LYS E 196 23.61 -6.68 -52.44
C LYS E 196 24.36 -6.22 -53.69
N LYS E 197 23.96 -5.10 -54.25
CA LYS E 197 24.59 -4.60 -55.47
C LYS E 197 26.02 -4.14 -55.19
N ASN E 198 26.26 -3.56 -54.02
CA ASN E 198 27.51 -2.85 -53.81
C ASN E 198 28.63 -3.79 -53.41
N ARG E 199 28.31 -5.00 -52.95
CA ARG E 199 29.35 -5.99 -52.73
C ARG E 199 29.90 -6.47 -54.05
N GLU E 200 29.04 -6.62 -55.06
CA GLU E 200 29.53 -7.07 -56.36
C GLU E 200 30.22 -5.94 -57.11
N GLU E 201 29.82 -4.70 -56.84
CA GLU E 201 30.44 -3.57 -57.54
C GLU E 201 31.83 -3.30 -57.01
N ASP E 202 32.02 -3.43 -55.69
CA ASP E 202 33.32 -3.25 -55.06
C ASP E 202 33.31 -4.05 -53.76
N PRO E 203 34.14 -5.08 -53.66
CA PRO E 203 34.21 -5.84 -52.40
C PRO E 203 34.97 -5.06 -51.35
N SER E 204 35.15 -5.71 -50.21
CA SER E 204 35.72 -5.20 -48.97
C SER E 204 34.95 -4.01 -48.43
N LEU E 205 33.68 -3.86 -48.76
CA LEU E 205 32.83 -2.97 -48.00
C LEU E 205 32.51 -3.60 -46.66
N LEU E 206 32.54 -2.78 -45.63
CA LEU E 206 32.11 -3.16 -44.29
C LEU E 206 30.63 -2.78 -44.15
N TRP E 207 30.09 -2.63 -42.94
CA TRP E 207 28.65 -2.69 -42.69
C TRP E 207 27.94 -1.54 -43.39
N GLN E 208 27.12 -1.83 -44.40
CA GLN E 208 26.17 -0.83 -44.82
C GLN E 208 25.06 -0.82 -43.80
N VAL E 209 24.37 0.30 -43.65
CA VAL E 209 23.37 0.41 -42.60
C VAL E 209 22.39 1.51 -42.97
N PHE E 210 21.10 1.21 -42.87
CA PHE E 210 20.05 2.22 -42.91
C PHE E 210 19.53 2.33 -41.49
N GLY E 211 19.86 3.38 -40.83
CA GLY E 211 19.18 3.72 -39.61
C GLY E 211 17.87 4.34 -39.94
N SER E 212 17.01 4.48 -38.96
CA SER E 212 15.70 5.02 -39.27
C SER E 212 15.17 5.78 -38.06
N ALA E 213 14.27 6.72 -38.32
CA ALA E 213 13.78 7.59 -37.25
C ALA E 213 12.90 6.88 -36.26
N THR E 214 12.44 5.68 -36.58
CA THR E 214 11.69 4.86 -35.63
C THR E 214 12.55 3.84 -34.94
N GLY E 215 13.85 3.84 -35.17
CA GLY E 215 14.79 3.09 -34.36
C GLY E 215 15.28 1.80 -34.95
N LEU E 216 14.89 1.45 -36.18
CA LEU E 216 15.40 0.18 -36.77
C LEU E 216 16.70 0.35 -37.47
N ALA E 217 17.39 -0.80 -37.67
CA ALA E 217 18.64 -0.75 -38.39
C ALA E 217 18.67 -1.94 -39.30
N ARG E 218 18.73 -1.74 -40.61
CA ARG E 218 18.94 -2.84 -41.52
C ARG E 218 20.40 -2.69 -41.87
N TYR E 219 21.16 -3.77 -41.72
CA TYR E 219 22.58 -3.78 -42.05
C TYR E 219 23.19 -4.98 -42.72
N TYR E 220 23.56 -4.83 -43.97
CA TYR E 220 24.03 -5.95 -44.77
C TYR E 220 25.54 -6.03 -44.83
N PRO E 221 26.26 -7.01 -44.33
CA PRO E 221 25.80 -8.39 -44.28
C PRO E 221 25.08 -8.73 -43.00
N ALA E 222 24.06 -9.58 -43.01
CA ALA E 222 23.36 -9.89 -41.79
C ALA E 222 24.25 -10.74 -40.91
N SER E 223 24.13 -10.54 -39.60
CA SER E 223 25.06 -11.19 -38.70
C SER E 223 24.40 -11.24 -37.34
N PRO E 224 24.73 -12.21 -36.49
CA PRO E 224 24.13 -12.24 -35.17
C PRO E 224 24.63 -11.06 -34.37
N TRP E 225 23.70 -10.38 -33.75
CA TRP E 225 24.04 -9.24 -32.96
C TRP E 225 24.67 -9.71 -31.66
N VAL E 226 25.57 -8.90 -31.12
CA VAL E 226 26.35 -9.30 -29.95
C VAL E 226 25.51 -9.43 -28.69
N LYS E 234 23.84 -8.34 -19.81
CA LYS E 234 22.84 -9.12 -20.52
C LYS E 234 21.97 -8.25 -21.44
N ILE E 235 21.57 -7.09 -20.94
CA ILE E 235 20.62 -6.22 -21.62
C ILE E 235 21.37 -5.56 -22.76
N ASP E 236 20.74 -5.44 -23.93
CA ASP E 236 21.33 -4.72 -25.04
C ASP E 236 20.59 -3.40 -25.17
N LEU E 237 21.28 -2.30 -24.91
CA LEU E 237 20.59 -1.03 -24.86
C LEU E 237 20.45 -0.44 -26.25
N TYR E 238 21.59 -0.04 -26.86
CA TYR E 238 21.83 0.26 -28.28
C TYR E 238 20.65 0.90 -29.01
N ASP E 239 20.32 2.15 -28.76
CA ASP E 239 19.31 2.76 -29.63
C ASP E 239 20.12 3.33 -30.77
N VAL E 240 19.70 3.08 -32.00
CA VAL E 240 20.48 3.53 -33.14
C VAL E 240 20.33 5.03 -33.33
N ARG E 241 19.28 5.60 -32.79
CA ARG E 241 19.03 7.02 -32.97
C ARG E 241 19.87 7.90 -32.06
N ARG E 242 20.64 7.33 -31.15
CA ARG E 242 21.59 8.10 -30.36
C ARG E 242 23.02 7.74 -30.68
N ARG E 243 23.26 7.20 -31.88
CA ARG E 243 24.60 6.78 -32.24
C ARG E 243 25.38 7.94 -32.83
N PRO E 244 26.71 8.08 -32.39
CA PRO E 244 27.38 9.26 -32.93
C PRO E 244 27.33 9.39 -34.45
N TRP E 245 27.12 8.31 -35.17
CA TRP E 245 27.10 8.38 -36.62
C TRP E 245 25.73 8.79 -37.15
N TYR E 246 24.76 8.89 -36.25
CA TYR E 246 23.42 9.32 -36.64
C TYR E 246 23.18 10.76 -36.23
N ILE E 247 23.57 11.10 -35.00
CA ILE E 247 23.39 12.45 -34.49
C ILE E 247 24.35 13.43 -35.17
N GLN E 248 25.16 12.92 -36.08
CA GLN E 248 26.12 13.74 -36.79
C GLN E 248 25.56 14.20 -38.13
N GLY E 249 25.12 13.25 -38.95
CA GLY E 249 24.57 13.56 -40.25
C GLY E 249 23.05 13.68 -40.23
N ALA E 250 22.52 14.03 -39.06
CA ALA E 250 21.08 14.19 -38.90
C ALA E 250 20.72 15.63 -38.56
N ALA E 251 21.73 16.46 -38.37
CA ALA E 251 21.53 17.87 -38.04
C ALA E 251 22.77 18.67 -38.36
N SER E 252 22.71 19.98 -38.18
CA SER E 252 23.87 20.82 -38.31
C SER E 252 24.44 21.03 -36.91
N PRO E 253 25.71 21.49 -36.78
CA PRO E 253 26.27 21.74 -35.44
C PRO E 253 25.49 22.69 -34.56
N LYS E 254 25.70 22.65 -33.25
CA LYS E 254 24.77 23.22 -32.28
C LYS E 254 25.31 24.00 -31.09
N ASP E 255 24.92 25.26 -30.96
CA ASP E 255 25.36 26.05 -29.81
C ASP E 255 24.16 25.81 -28.90
N MET E 256 24.25 24.82 -28.04
CA MET E 256 23.25 24.57 -27.00
C MET E 256 23.54 25.43 -25.78
N LEU E 257 22.54 25.62 -24.92
CA LEU E 257 22.71 26.22 -23.61
C LEU E 257 21.63 25.69 -22.70
N ILE E 258 22.00 24.94 -21.70
CA ILE E 258 21.01 24.23 -20.89
C ILE E 258 20.71 25.02 -19.63
N LEU E 259 19.47 25.45 -19.47
CA LEU E 259 19.02 26.14 -18.27
C LEU E 259 18.32 25.12 -17.39
N VAL E 260 18.64 25.09 -16.12
CA VAL E 260 18.10 24.09 -15.21
C VAL E 260 17.47 24.81 -14.05
N ASP E 261 16.17 24.72 -13.93
CA ASP E 261 15.43 25.25 -12.81
C ASP E 261 15.87 24.55 -11.55
N VAL E 262 16.56 25.26 -10.67
CA VAL E 262 17.06 24.62 -9.46
C VAL E 262 16.38 25.23 -8.25
N SER E 263 15.14 25.63 -8.42
CA SER E 263 14.48 26.32 -7.33
C SER E 263 14.04 25.37 -6.24
N GLY E 264 13.20 25.89 -5.35
CA GLY E 264 12.74 25.03 -4.28
C GLY E 264 11.67 24.07 -4.72
N SER E 265 11.12 24.26 -5.90
CA SER E 265 10.00 23.43 -6.28
C SER E 265 10.41 22.21 -7.04
N VAL E 266 11.69 22.09 -7.43
CA VAL E 266 12.13 20.96 -8.21
C VAL E 266 12.58 19.82 -7.33
N SER E 267 12.86 20.09 -6.06
CA SER E 267 13.42 19.10 -5.14
C SER E 267 12.48 17.92 -5.00
N GLY E 268 13.06 16.75 -4.76
CA GLY E 268 12.26 15.55 -4.71
C GLY E 268 12.57 14.60 -5.82
N LEU E 269 11.52 14.08 -6.48
CA LEU E 269 11.74 13.27 -7.66
C LEU E 269 12.21 14.14 -8.81
N THR E 270 11.54 15.26 -9.04
CA THR E 270 11.66 15.96 -10.31
C THR E 270 12.99 16.66 -10.46
N LEU E 271 13.82 16.64 -9.43
CA LEU E 271 15.20 17.09 -9.54
C LEU E 271 16.09 15.97 -9.99
N LYS E 272 15.90 14.79 -9.39
CA LYS E 272 16.68 13.60 -9.72
C LYS E 272 16.51 13.20 -11.17
N LEU E 273 15.37 13.56 -11.77
CA LEU E 273 15.21 13.36 -13.19
C LEU E 273 15.95 14.40 -14.01
N ILE E 274 16.27 15.55 -13.44
CA ILE E 274 17.03 16.53 -14.20
C ILE E 274 18.51 16.18 -14.19
N ARG E 275 19.00 15.69 -13.05
CA ARG E 275 20.39 15.28 -12.96
C ARG E 275 20.66 14.08 -13.86
N THR E 276 19.67 13.22 -14.05
CA THR E 276 19.82 12.14 -15.01
C THR E 276 19.73 12.66 -16.43
N SER E 277 18.78 13.55 -16.70
CA SER E 277 18.44 13.86 -18.09
C SER E 277 19.45 14.78 -18.73
N VAL E 278 20.11 15.63 -17.96
CA VAL E 278 21.20 16.40 -18.54
C VAL E 278 22.35 15.49 -18.90
N SER E 279 22.64 14.51 -18.04
CA SER E 279 23.66 13.53 -18.35
C SER E 279 23.26 12.66 -19.54
N GLU E 280 21.97 12.55 -19.83
CA GLU E 280 21.54 11.84 -21.03
C GLU E 280 21.38 12.79 -22.19
N MET E 281 21.32 14.09 -21.92
CA MET E 281 21.28 15.08 -22.99
C MET E 281 22.65 15.27 -23.60
N LEU E 282 23.68 15.36 -22.76
CA LEU E 282 24.99 15.74 -23.24
C LEU E 282 25.65 14.61 -24.02
N GLU E 283 25.14 13.39 -23.89
CA GLU E 283 25.65 12.30 -24.72
C GLU E 283 25.26 12.45 -26.18
N THR E 284 24.29 13.28 -26.50
CA THR E 284 23.89 13.50 -27.88
C THR E 284 24.60 14.67 -28.53
N LEU E 285 25.83 14.93 -28.14
CA LEU E 285 26.59 16.03 -28.70
C LEU E 285 27.84 15.51 -29.38
N SER E 286 28.07 15.99 -30.59
CA SER E 286 29.25 15.58 -31.31
C SER E 286 30.40 16.49 -30.90
N ASP E 287 31.50 16.44 -31.63
CA ASP E 287 32.63 17.24 -31.22
C ASP E 287 32.75 18.53 -32.00
N ASP E 288 31.74 18.87 -32.79
CA ASP E 288 31.58 20.19 -33.37
C ASP E 288 30.63 21.05 -32.57
N ASP E 289 29.90 20.44 -31.66
CA ASP E 289 28.84 21.09 -30.93
C ASP E 289 29.38 21.71 -29.66
N PHE E 290 28.81 22.84 -29.25
CA PHE E 290 29.22 23.52 -28.04
C PHE E 290 28.09 23.56 -27.03
N VAL E 291 28.42 23.53 -25.74
CA VAL E 291 27.41 23.72 -24.71
C VAL E 291 27.89 24.61 -23.60
N ASN E 292 27.02 24.75 -22.61
CA ASN E 292 27.29 25.24 -21.27
C ASN E 292 26.07 24.85 -20.46
N VAL E 293 26.20 24.76 -19.16
CA VAL E 293 25.08 24.40 -18.31
C VAL E 293 24.90 25.48 -17.26
N ALA E 294 23.70 26.03 -17.15
CA ALA E 294 23.47 27.23 -16.37
C ALA E 294 22.26 27.03 -15.49
N SER E 295 22.41 27.10 -14.20
CA SER E 295 21.19 27.06 -13.41
C SER E 295 20.60 28.43 -13.20
N PHE E 296 19.30 28.46 -12.95
CA PHE E 296 18.72 29.73 -12.52
C PHE E 296 17.82 29.44 -11.34
N ASN E 297 17.62 30.47 -10.51
CA ASN E 297 16.73 30.38 -9.35
C ASN E 297 16.36 31.79 -8.89
N SER E 298 16.79 32.17 -7.68
CA SER E 298 16.61 33.55 -7.24
C SER E 298 17.34 34.42 -8.25
N ASN E 299 18.65 34.21 -8.35
CA ASN E 299 19.46 34.88 -9.36
C ASN E 299 19.88 33.80 -10.38
N ALA E 300 21.02 34.02 -11.03
CA ALA E 300 21.46 33.13 -12.11
C ALA E 300 22.97 32.90 -12.12
N GLN E 301 23.39 31.72 -12.55
CA GLN E 301 24.80 31.33 -12.49
C GLN E 301 25.11 30.08 -13.30
N ASP E 302 26.33 30.00 -13.82
CA ASP E 302 26.75 28.88 -14.66
C ASP E 302 27.45 27.82 -13.83
N VAL E 303 26.69 27.12 -13.00
CA VAL E 303 27.24 26.08 -12.14
C VAL E 303 28.02 25.04 -12.93
N SER E 304 29.16 25.44 -13.48
CA SER E 304 30.02 24.54 -14.21
C SER E 304 31.50 24.75 -13.99
N CYS E 305 31.89 25.93 -13.46
CA CYS E 305 33.24 26.51 -13.56
C CYS E 305 33.64 26.70 -15.04
N PHE E 306 32.84 27.40 -15.84
CA PHE E 306 33.35 27.81 -17.14
C PHE E 306 33.09 29.27 -17.52
N GLN E 307 31.92 29.79 -17.16
CA GLN E 307 31.51 31.18 -17.36
C GLN E 307 31.36 31.60 -18.82
N HIS E 308 31.46 30.66 -19.77
CA HIS E 308 31.12 30.88 -21.18
C HIS E 308 30.96 29.55 -21.89
N LEU E 309 30.84 29.55 -23.22
CA LEU E 309 30.60 28.32 -23.95
C LEU E 309 31.88 27.55 -24.22
N VAL E 310 31.81 26.24 -24.01
CA VAL E 310 32.95 25.33 -24.11
C VAL E 310 32.83 24.44 -25.35
N GLN E 311 33.70 23.44 -25.46
CA GLN E 311 33.78 22.65 -26.70
C GLN E 311 33.02 21.32 -26.71
N ALA E 312 32.59 20.84 -25.55
CA ALA E 312 31.89 19.57 -25.49
C ALA E 312 32.73 18.41 -26.00
N ASN E 313 34.07 18.51 -25.63
CA ASN E 313 34.89 17.33 -25.78
C ASN E 313 34.36 16.18 -24.97
N VAL E 314 35.11 15.09 -24.98
CA VAL E 314 34.90 14.00 -24.04
C VAL E 314 35.17 14.52 -22.65
N ARG E 315 36.23 15.31 -22.53
N ARG E 315 36.19 15.37 -22.51
CA ARG E 315 36.71 15.81 -21.26
CA ARG E 315 36.60 15.74 -21.17
C ARG E 315 35.85 16.92 -20.71
C ARG E 315 36.01 17.05 -20.69
N ASN E 316 35.41 17.86 -21.56
CA ASN E 316 34.69 19.02 -21.05
C ASN E 316 33.27 18.65 -20.66
N LYS E 317 32.74 17.56 -21.21
CA LYS E 317 31.43 17.09 -20.77
C LYS E 317 31.53 16.39 -19.43
N LYS E 318 32.72 16.07 -18.95
CA LYS E 318 32.79 15.42 -17.65
C LYS E 318 32.68 16.44 -16.53
N VAL E 319 33.18 17.65 -16.76
CA VAL E 319 33.06 18.72 -15.76
C VAL E 319 31.59 19.05 -15.54
N LEU E 320 30.83 18.98 -16.62
CA LEU E 320 29.41 19.27 -16.55
C LEU E 320 28.66 18.17 -15.81
N LYS E 321 29.10 16.92 -15.94
CA LYS E 321 28.41 15.84 -15.27
C LYS E 321 28.77 15.77 -13.79
N ASP E 322 29.78 16.51 -13.35
CA ASP E 322 30.01 16.62 -11.91
C ASP E 322 29.41 17.89 -11.37
N ALA E 323 29.17 18.87 -12.23
CA ALA E 323 28.50 20.07 -11.79
C ALA E 323 27.01 19.83 -11.67
N VAL E 324 26.43 19.10 -12.62
CA VAL E 324 25.00 18.84 -12.60
C VAL E 324 24.65 17.91 -11.45
N ASN E 325 25.51 16.95 -11.17
CA ASN E 325 25.22 16.02 -10.09
C ASN E 325 25.44 16.62 -8.71
N ASN E 326 25.85 17.88 -8.58
CA ASN E 326 25.94 18.51 -7.27
C ASN E 326 25.15 19.82 -7.31
N ILE E 327 23.93 19.74 -7.85
CA ILE E 327 22.93 20.79 -7.79
C ILE E 327 22.17 20.66 -6.48
N THR E 328 22.01 21.77 -5.77
CA THR E 328 21.06 21.88 -4.67
C THR E 328 19.80 22.57 -5.15
N ALA E 329 18.72 22.41 -4.40
CA ALA E 329 17.42 22.93 -4.79
C ALA E 329 16.83 23.77 -3.68
N LYS E 330 16.77 25.09 -3.89
CA LYS E 330 16.22 26.09 -2.97
C LYS E 330 16.10 27.44 -3.66
N GLY E 331 15.15 28.27 -3.24
CA GLY E 331 14.97 29.59 -3.80
C GLY E 331 13.61 29.78 -4.45
N ILE E 332 13.52 30.82 -5.27
CA ILE E 332 12.27 31.24 -5.90
C ILE E 332 12.50 31.37 -7.40
N THR E 333 11.60 30.81 -8.22
CA THR E 333 11.74 30.98 -9.66
C THR E 333 11.42 32.40 -10.06
N ASP E 334 12.04 32.86 -11.13
CA ASP E 334 11.62 34.14 -11.68
C ASP E 334 11.51 34.21 -13.19
N TYR E 335 12.27 33.40 -13.94
CA TYR E 335 12.26 33.31 -15.40
C TYR E 335 12.68 34.58 -16.13
N LYS E 336 13.02 35.65 -15.43
CA LYS E 336 13.40 36.87 -16.13
C LYS E 336 14.87 37.16 -15.92
N LYS E 337 15.38 36.84 -14.73
CA LYS E 337 16.81 36.85 -14.55
C LYS E 337 17.43 35.60 -15.17
N GLY E 338 16.61 34.61 -15.50
CA GLY E 338 17.13 33.40 -16.07
C GLY E 338 17.34 33.47 -17.56
N PHE E 339 16.28 33.76 -18.32
CA PHE E 339 16.39 33.90 -19.76
C PHE E 339 17.29 35.04 -20.18
N SER E 340 17.31 36.13 -19.43
CA SER E 340 18.18 37.23 -19.83
C SER E 340 19.65 36.91 -19.58
N PHE E 341 19.92 35.89 -18.77
CA PHE E 341 21.28 35.35 -18.67
C PHE E 341 21.53 34.34 -19.77
N ALA E 342 20.46 33.79 -20.35
CA ALA E 342 20.63 32.76 -21.36
C ALA E 342 20.93 33.37 -22.72
N PHE E 343 20.27 34.47 -23.04
CA PHE E 343 20.54 35.09 -24.33
C PHE E 343 21.84 35.86 -24.33
N GLU E 344 22.39 36.22 -23.17
CA GLU E 344 23.70 36.85 -23.19
C GLU E 344 24.79 35.83 -23.47
N GLN E 345 24.64 34.61 -22.95
CA GLN E 345 25.61 33.56 -23.20
C GLN E 345 25.64 33.16 -24.66
N LEU E 346 24.51 33.22 -25.34
CA LEU E 346 24.52 32.95 -26.76
C LEU E 346 24.90 34.16 -27.58
N LEU E 347 25.45 35.17 -26.90
CA LEU E 347 26.25 36.22 -27.53
C LEU E 347 27.75 35.90 -27.28
N ASN E 348 28.48 36.87 -26.77
CA ASN E 348 29.86 36.60 -26.41
C ASN E 348 30.67 36.14 -27.60
N TYR E 349 30.35 36.69 -28.77
CA TYR E 349 31.06 36.34 -30.00
C TYR E 349 32.58 36.25 -29.76
N ASN E 350 33.04 36.88 -28.69
CA ASN E 350 34.45 36.84 -28.34
C ASN E 350 35.01 35.42 -28.42
N VAL E 351 34.36 34.51 -27.70
CA VAL E 351 34.82 33.13 -27.53
C VAL E 351 35.37 32.49 -28.81
N SER E 352 34.54 31.68 -29.47
CA SER E 352 34.96 30.97 -30.66
C SER E 352 33.91 29.94 -31.02
N ARG E 353 32.67 30.25 -30.73
CA ARG E 353 31.57 29.35 -30.98
C ARG E 353 31.54 28.86 -32.42
N ALA E 354 30.57 28.00 -32.70
CA ALA E 354 30.36 27.38 -34.00
C ALA E 354 29.42 28.14 -34.96
N ASN E 355 28.62 29.09 -34.44
CA ASN E 355 27.82 30.04 -35.22
C ASN E 355 26.76 29.31 -36.02
N CYS E 356 25.87 28.63 -35.32
CA CYS E 356 24.88 27.83 -36.01
C CYS E 356 23.63 27.78 -35.16
N ASN E 357 22.84 26.71 -35.29
CA ASN E 357 21.62 26.51 -34.50
C ASN E 357 21.84 26.81 -33.04
N LYS E 358 21.18 27.84 -32.57
CA LYS E 358 21.28 28.31 -31.20
C LYS E 358 20.10 27.71 -30.49
N ILE E 359 20.33 27.02 -29.39
CA ILE E 359 19.28 26.27 -28.72
C ILE E 359 19.32 26.67 -27.27
N ILE E 360 18.19 27.02 -26.70
CA ILE E 360 18.07 27.13 -25.24
C ILE E 360 17.16 26.02 -24.77
N MET E 361 17.64 25.15 -23.90
CA MET E 361 16.81 24.07 -23.41
C MET E 361 16.54 24.20 -21.93
N LEU E 362 15.33 23.88 -21.52
CA LEU E 362 14.75 24.36 -20.28
C LEU E 362 14.25 23.17 -19.50
N PHE E 363 14.78 22.96 -18.31
CA PHE E 363 14.41 21.79 -17.53
C PHE E 363 13.65 22.21 -16.30
N THR E 364 12.59 22.97 -16.51
CA THR E 364 11.75 23.45 -15.45
C THR E 364 10.66 22.45 -15.15
N ASP E 365 10.02 22.62 -14.00
CA ASP E 365 8.91 21.77 -13.59
C ASP E 365 7.56 22.43 -13.91
N GLY E 366 7.49 23.74 -13.69
CA GLY E 366 6.26 24.48 -13.94
C GLY E 366 6.32 25.89 -13.38
N GLY E 367 5.30 26.69 -13.68
CA GLY E 367 5.24 28.05 -13.21
C GLY E 367 4.32 28.89 -14.05
N GLU E 368 3.75 29.95 -13.47
CA GLU E 368 2.75 30.78 -14.14
C GLU E 368 3.39 32.03 -14.74
N GLU E 369 4.44 31.84 -15.53
CA GLU E 369 5.17 33.02 -15.99
C GLU E 369 5.50 32.88 -17.48
N ARG E 370 4.72 33.55 -18.32
CA ARG E 370 5.08 33.75 -19.71
C ARG E 370 6.06 34.91 -19.68
N ALA E 371 7.34 34.64 -19.93
CA ALA E 371 8.30 35.74 -19.88
C ALA E 371 8.21 36.62 -21.13
N GLN E 372 7.12 37.38 -21.27
CA GLN E 372 6.83 38.06 -22.52
C GLN E 372 7.74 39.26 -22.74
N GLU E 373 8.32 39.79 -21.66
CA GLU E 373 9.17 40.97 -21.78
C GLU E 373 10.56 40.62 -22.26
N ILE E 374 10.89 39.34 -22.35
CA ILE E 374 12.25 38.94 -22.63
C ILE E 374 12.43 38.52 -24.07
N PHE E 375 11.48 37.74 -24.61
CA PHE E 375 11.63 37.30 -25.98
C PHE E 375 11.38 38.43 -26.96
N ALA E 376 10.67 39.47 -26.53
CA ALA E 376 10.56 40.64 -27.38
C ALA E 376 11.84 41.45 -27.33
N LYS E 377 12.64 41.26 -26.30
CA LYS E 377 13.88 42.01 -26.12
C LYS E 377 14.97 41.40 -27.01
N TYR E 378 15.01 40.07 -27.09
CA TYR E 378 16.12 39.36 -27.69
C TYR E 378 15.75 38.55 -28.94
N ASN E 379 14.53 38.03 -29.01
CA ASN E 379 14.08 37.22 -30.13
C ASN E 379 13.11 37.93 -31.08
N LYS E 380 13.36 39.19 -31.42
CA LYS E 380 12.56 39.77 -32.49
C LYS E 380 12.82 39.08 -33.82
N ASP E 381 14.07 38.74 -34.10
CA ASP E 381 14.39 38.11 -35.36
C ASP E 381 14.13 36.61 -35.37
N LYS E 382 13.69 36.05 -34.23
CA LYS E 382 13.28 34.66 -34.07
C LYS E 382 14.41 33.70 -34.39
N LYS E 383 15.58 33.91 -33.81
CA LYS E 383 16.75 33.14 -34.20
C LYS E 383 17.27 32.27 -33.06
N VAL E 384 16.43 32.04 -32.07
CA VAL E 384 16.82 31.16 -30.97
C VAL E 384 15.70 30.16 -30.71
N ARG E 385 15.91 28.92 -31.10
CA ARG E 385 14.97 27.86 -30.79
C ARG E 385 14.96 27.53 -29.32
N VAL E 386 13.79 27.43 -28.71
CA VAL E 386 13.70 27.16 -27.27
C VAL E 386 12.89 25.89 -27.07
N PHE E 387 13.57 24.79 -26.78
CA PHE E 387 12.97 23.53 -26.40
C PHE E 387 12.77 23.55 -24.91
N THR E 388 11.61 23.15 -24.44
CA THR E 388 11.34 23.24 -23.02
C THR E 388 10.89 21.87 -22.59
N PHE E 389 11.41 21.35 -21.49
CA PHE E 389 10.97 20.05 -21.00
C PHE E 389 10.31 20.26 -19.66
N SER E 390 9.36 19.41 -19.29
CA SER E 390 8.78 19.55 -17.98
C SER E 390 8.70 18.20 -17.31
N VAL E 391 9.52 17.99 -16.30
CA VAL E 391 9.85 16.66 -15.82
C VAL E 391 9.06 16.31 -14.57
N GLY E 392 8.97 15.03 -14.29
CA GLY E 392 8.33 14.56 -13.07
C GLY E 392 6.83 14.59 -13.17
N GLN E 393 6.21 14.26 -12.05
CA GLN E 393 4.76 14.22 -11.94
C GLN E 393 4.27 15.30 -10.97
N HIS E 394 4.80 16.48 -11.14
CA HIS E 394 4.30 17.64 -10.45
C HIS E 394 2.91 18.00 -10.95
N ASN E 395 2.10 18.54 -10.05
CA ASN E 395 0.78 19.06 -10.42
C ASN E 395 0.86 20.58 -10.50
N TYR E 396 1.61 21.07 -11.48
CA TYR E 396 1.77 22.50 -11.67
C TYR E 396 1.23 22.87 -13.02
N ASP E 397 1.39 24.14 -13.36
CA ASP E 397 0.82 24.63 -14.60
C ASP E 397 1.82 24.37 -15.72
N ARG E 398 1.46 23.51 -16.65
CA ARG E 398 2.24 23.27 -17.85
C ARG E 398 1.82 24.19 -18.98
N GLY E 399 0.94 25.13 -18.66
CA GLY E 399 0.44 26.10 -19.61
C GLY E 399 1.46 27.05 -20.21
N PRO E 400 2.17 27.82 -19.40
CA PRO E 400 3.19 28.72 -19.95
C PRO E 400 4.37 28.02 -20.59
N ILE E 401 4.76 26.85 -20.11
CA ILE E 401 5.94 26.18 -20.65
C ILE E 401 5.64 25.67 -22.05
N GLN E 402 4.39 25.33 -22.32
CA GLN E 402 4.01 25.00 -23.69
C GLN E 402 3.99 26.25 -24.54
N TRP E 403 3.81 27.42 -23.92
CA TRP E 403 3.73 28.64 -24.71
C TRP E 403 5.11 29.08 -25.16
N MET E 404 6.13 28.92 -24.31
CA MET E 404 7.47 29.43 -24.59
C MET E 404 8.06 28.76 -25.81
N ALA E 405 7.74 27.49 -25.98
CA ALA E 405 8.33 26.70 -27.04
C ALA E 405 7.60 26.92 -28.33
N CYS E 406 6.18 27.06 -28.47
CA CYS E 406 5.40 27.34 -29.65
C CYS E 406 5.42 28.80 -30.06
N GLU E 407 5.95 29.79 -29.36
CA GLU E 407 6.33 31.05 -29.96
C GLU E 407 7.72 31.15 -30.56
N ASN E 408 8.65 30.31 -30.10
CA ASN E 408 10.04 30.53 -30.44
C ASN E 408 10.61 29.43 -31.32
N LYS E 409 9.78 28.87 -32.19
CA LYS E 409 10.12 27.75 -33.06
C LYS E 409 10.63 26.54 -32.29
N GLY E 410 10.18 26.37 -31.06
CA GLY E 410 10.67 25.31 -30.22
C GLY E 410 9.86 24.07 -30.40
N TYR E 411 9.80 23.26 -29.34
CA TYR E 411 8.92 22.09 -29.31
C TYR E 411 8.84 21.63 -27.87
N TYR E 412 7.67 21.69 -27.27
CA TYR E 412 7.47 21.18 -25.92
C TYR E 412 7.57 19.66 -25.86
N TYR E 413 8.37 19.15 -24.93
CA TYR E 413 8.47 17.74 -24.57
C TYR E 413 8.08 17.55 -23.12
N GLU E 414 7.82 16.31 -22.75
CA GLU E 414 7.37 16.00 -21.40
C GLU E 414 8.05 14.71 -20.99
N ILE E 415 8.40 14.59 -19.71
CA ILE E 415 9.13 13.45 -19.18
C ILE E 415 8.42 12.93 -17.94
N PRO E 416 7.72 11.83 -18.02
CA PRO E 416 7.05 11.30 -16.83
C PRO E 416 8.00 10.75 -15.80
N SER E 417 8.88 9.85 -16.22
CA SER E 417 9.83 9.21 -15.32
C SER E 417 11.02 8.67 -16.07
N ILE E 418 11.92 7.99 -15.35
CA ILE E 418 13.10 7.35 -15.89
C ILE E 418 12.63 6.31 -16.90
N GLY E 419 13.25 6.29 -18.07
CA GLY E 419 12.79 5.40 -19.12
C GLY E 419 12.26 6.24 -20.25
N ALA E 420 11.48 7.27 -19.95
CA ALA E 420 11.11 8.18 -21.02
C ALA E 420 12.27 9.09 -21.39
N ILE E 421 13.36 9.05 -20.61
CA ILE E 421 14.46 9.98 -20.80
C ILE E 421 15.24 9.66 -22.06
N ARG E 422 15.40 8.36 -22.34
CA ARG E 422 16.13 7.92 -23.52
C ARG E 422 15.39 8.16 -24.84
N ILE E 423 14.06 8.28 -24.79
CA ILE E 423 13.27 8.44 -25.99
C ILE E 423 13.02 9.91 -26.25
N ASN E 424 12.92 10.71 -25.20
CA ASN E 424 12.59 12.12 -25.37
C ASN E 424 13.80 12.95 -25.73
N THR E 425 14.96 12.66 -25.18
CA THR E 425 16.07 13.56 -25.45
C THR E 425 16.81 13.20 -26.73
N GLN E 426 16.18 12.49 -27.64
CA GLN E 426 16.74 12.24 -28.96
C GLN E 426 15.80 12.72 -30.05
N GLU E 427 14.54 12.99 -29.72
CA GLU E 427 13.56 13.46 -30.70
C GLU E 427 13.72 14.95 -30.86
N TYR E 428 14.58 15.54 -30.05
CA TYR E 428 14.89 16.94 -30.26
C TYR E 428 15.74 17.15 -31.51
N LEU E 429 16.31 16.10 -32.11
CA LEU E 429 16.98 16.33 -33.38
C LEU E 429 16.06 16.29 -34.57
N ASP E 430 14.79 15.87 -34.42
CA ASP E 430 13.92 15.96 -35.58
C ASP E 430 13.47 17.38 -35.84
N VAL E 431 13.55 18.24 -34.83
CA VAL E 431 13.21 19.64 -35.03
C VAL E 431 14.33 20.35 -35.76
N LEU E 432 15.57 20.04 -35.41
CA LEU E 432 16.71 20.66 -36.06
C LEU E 432 16.92 20.18 -37.48
N GLY E 433 16.30 19.07 -37.86
CA GLY E 433 16.33 18.68 -39.26
C GLY E 433 15.38 19.44 -40.14
N ARG E 434 14.48 20.22 -39.55
CA ARG E 434 13.52 20.99 -40.35
C ARG E 434 14.13 22.01 -41.29
N PRO E 435 15.20 22.75 -40.97
CA PRO E 435 15.77 23.58 -42.03
C PRO E 435 16.46 22.79 -43.11
N MET E 436 16.97 21.60 -42.80
CA MET E 436 17.75 20.85 -43.78
C MET E 436 16.89 20.29 -44.89
N VAL E 437 15.67 19.87 -44.55
CA VAL E 437 14.83 19.19 -45.53
C VAL E 437 14.32 20.16 -46.57
N LEU E 438 14.33 21.45 -46.27
CA LEU E 438 13.89 22.45 -47.21
C LEU E 438 14.95 22.81 -48.25
N ALA E 439 16.13 22.19 -48.20
CA ALA E 439 17.16 22.41 -49.21
C ALA E 439 17.65 21.05 -49.69
N GLY E 440 16.70 20.19 -50.06
CA GLY E 440 17.01 18.78 -50.27
C GLY E 440 17.85 18.48 -51.49
N ASP E 441 17.99 19.45 -52.41
CA ASP E 441 18.91 19.27 -53.51
C ASP E 441 20.36 19.32 -53.05
N LYS E 442 20.68 20.19 -52.10
CA LYS E 442 22.07 20.46 -51.76
C LYS E 442 22.45 20.14 -50.34
N ALA E 443 21.53 19.63 -49.52
CA ALA E 443 21.90 19.20 -48.18
C ALA E 443 22.51 17.83 -48.18
N LYS E 444 22.42 17.09 -49.28
CA LYS E 444 23.04 15.78 -49.37
C LYS E 444 24.52 15.92 -49.71
N GLN E 445 25.28 16.29 -48.69
CA GLN E 445 26.73 16.22 -48.71
C GLN E 445 26.95 14.90 -48.00
N VAL E 446 28.19 14.47 -47.98
CA VAL E 446 28.58 13.33 -47.16
C VAL E 446 29.34 13.87 -45.96
N GLN E 447 29.03 13.32 -44.79
CA GLN E 447 29.51 13.85 -43.53
C GLN E 447 30.14 12.74 -42.73
N TRP E 448 31.48 12.73 -42.70
CA TRP E 448 32.23 11.69 -42.03
C TRP E 448 32.47 11.97 -40.58
N THR E 449 32.29 10.89 -39.80
CA THR E 449 32.40 10.80 -38.35
C THR E 449 33.80 10.35 -37.94
N ASN E 450 34.36 11.13 -37.01
CA ASN E 450 35.78 11.24 -36.63
C ASN E 450 36.61 10.07 -36.04
N VAL E 451 36.06 8.85 -35.91
CA VAL E 451 36.63 7.62 -35.24
C VAL E 451 35.90 7.19 -33.92
N TYR E 452 35.47 5.94 -33.89
CA TYR E 452 34.82 5.38 -32.72
C TYR E 452 34.84 3.89 -32.88
N LEU E 453 34.74 3.17 -31.76
CA LEU E 453 34.74 1.71 -31.78
C LEU E 453 33.40 1.16 -32.23
N ASP E 454 33.43 0.20 -33.14
CA ASP E 454 32.22 -0.42 -33.66
C ASP E 454 31.48 -1.19 -32.57
N ALA E 455 30.17 -1.31 -32.71
CA ALA E 455 29.35 -2.02 -31.73
C ALA E 455 29.28 -3.51 -32.07
N LEU E 456 29.75 -3.87 -33.26
CA LEU E 456 29.74 -5.26 -33.70
C LEU E 456 31.12 -5.90 -33.51
N GLU E 457 32.03 -5.16 -32.91
CA GLU E 457 33.39 -5.65 -32.67
C GLU E 457 34.16 -5.79 -33.98
N LEU E 458 34.59 -4.65 -34.53
CA LEU E 458 35.34 -4.65 -35.77
C LEU E 458 36.69 -3.94 -35.65
N GLY E 459 36.86 -3.04 -34.70
CA GLY E 459 38.04 -2.20 -34.64
C GLY E 459 37.64 -0.74 -34.57
N LEU E 460 38.59 0.15 -34.81
CA LEU E 460 38.25 1.55 -35.02
C LEU E 460 37.67 1.70 -36.41
N VAL E 461 36.47 2.26 -36.50
CA VAL E 461 35.85 2.50 -37.79
C VAL E 461 35.40 3.94 -37.89
N ILE E 462 35.41 4.42 -39.12
CA ILE E 462 34.97 5.75 -39.49
C ILE E 462 33.81 5.58 -40.46
N THR E 463 32.73 6.31 -40.24
CA THR E 463 31.53 6.13 -41.03
C THR E 463 31.32 7.31 -41.96
N GLY E 464 30.68 7.05 -43.09
CA GLY E 464 30.17 8.09 -43.95
C GLY E 464 28.66 8.10 -43.96
N THR E 465 28.10 9.27 -43.70
CA THR E 465 26.67 9.38 -43.51
C THR E 465 26.08 10.38 -44.48
N LEU E 466 24.77 10.26 -44.67
CA LEU E 466 23.99 10.99 -45.64
C LEU E 466 22.54 10.83 -45.24
N PRO E 467 21.77 11.90 -45.13
CA PRO E 467 20.39 11.75 -44.68
C PRO E 467 19.48 11.32 -45.80
N VAL E 468 18.41 10.64 -45.43
CA VAL E 468 17.39 10.21 -46.37
C VAL E 468 16.10 10.95 -46.02
N PHE E 469 15.60 11.74 -46.97
CA PHE E 469 14.43 12.56 -46.71
C PHE E 469 13.21 12.11 -47.49
N ASN E 470 12.04 12.49 -46.98
CA ASN E 470 10.73 11.93 -47.30
C ASN E 470 10.19 12.66 -48.52
N ILE E 471 10.21 11.97 -49.66
CA ILE E 471 9.75 12.52 -50.93
C ILE E 471 8.51 11.77 -51.37
N THR E 472 7.35 12.40 -51.20
CA THR E 472 6.11 11.66 -51.41
C THR E 472 5.09 12.50 -52.16
N GLY E 473 5.43 13.74 -52.50
CA GLY E 473 4.59 14.51 -53.37
C GLY E 473 5.33 15.25 -54.46
N GLN E 474 6.66 15.29 -54.34
CA GLN E 474 7.50 16.29 -54.99
C GLN E 474 7.41 16.21 -56.52
N PHE E 475 7.51 17.37 -57.17
CA PHE E 475 7.31 17.65 -58.62
C PHE E 475 5.87 17.43 -59.06
N GLU E 476 4.95 17.26 -58.11
CA GLU E 476 3.51 17.22 -58.33
C GLU E 476 2.78 17.97 -57.23
N ASN E 477 3.33 19.11 -56.79
CA ASN E 477 3.85 19.20 -55.43
C ASN E 477 3.05 18.61 -54.26
N LYS E 478 1.88 19.17 -53.95
CA LYS E 478 0.81 18.54 -53.15
C LYS E 478 0.55 19.18 -51.77
N THR E 479 -0.71 19.27 -51.33
CA THR E 479 -0.90 19.69 -49.94
C THR E 479 0.40 19.67 -49.12
N ASN E 480 1.23 18.61 -49.26
CA ASN E 480 2.58 18.52 -48.68
C ASN E 480 2.58 18.62 -47.15
N LEU E 481 2.04 17.60 -46.50
CA LEU E 481 1.63 17.73 -45.11
C LEU E 481 2.83 17.67 -44.16
N LYS E 482 3.43 16.50 -44.05
CA LYS E 482 4.55 16.28 -43.11
C LYS E 482 5.87 15.91 -43.79
N ASN E 483 6.13 16.51 -44.94
CA ASN E 483 7.40 16.34 -45.64
C ASN E 483 8.57 16.92 -44.89
N GLN E 484 8.32 17.58 -43.76
CA GLN E 484 9.37 18.29 -43.04
C GLN E 484 10.03 17.45 -41.95
N LEU E 485 10.35 16.20 -42.27
CA LEU E 485 11.10 15.37 -41.34
C LEU E 485 11.89 14.35 -42.15
N ILE E 486 13.02 13.90 -41.62
CA ILE E 486 13.89 12.97 -42.34
C ILE E 486 13.45 11.56 -42.03
N LEU E 487 13.85 10.63 -42.90
CA LEU E 487 13.59 9.24 -42.59
C LEU E 487 14.68 8.66 -41.72
N GLY E 488 15.92 8.81 -42.14
CA GLY E 488 17.01 8.20 -41.40
C GLY E 488 18.30 8.56 -42.05
N VAL E 489 19.35 7.85 -41.67
CA VAL E 489 20.68 8.14 -42.16
C VAL E 489 21.33 6.85 -42.61
N MET E 490 21.73 6.80 -43.87
CA MET E 490 22.58 5.74 -44.39
C MET E 490 24.03 5.88 -43.95
N GLY E 491 24.59 4.83 -43.38
CA GLY E 491 25.96 4.86 -42.96
C GLY E 491 26.82 3.85 -43.68
N VAL E 492 28.07 4.16 -43.97
CA VAL E 492 29.02 3.25 -44.60
C VAL E 492 30.30 3.28 -43.82
N ASP E 493 30.70 2.14 -43.29
CA ASP E 493 31.87 2.11 -42.42
C ASP E 493 33.13 1.93 -43.25
N VAL E 494 34.23 2.49 -42.76
CA VAL E 494 35.57 2.18 -43.21
C VAL E 494 36.36 1.84 -41.97
N SER E 495 37.01 0.69 -41.94
CA SER E 495 37.91 0.41 -40.83
C SER E 495 39.20 1.14 -41.09
N LEU E 496 39.85 1.59 -40.03
CA LEU E 496 41.10 2.33 -40.21
C LEU E 496 42.22 1.43 -40.69
N GLU E 497 42.09 0.11 -40.50
CA GLU E 497 43.03 -0.83 -41.11
C GLU E 497 42.99 -0.72 -42.63
N ASP E 498 41.81 -0.45 -43.18
CA ASP E 498 41.68 -0.34 -44.64
C ASP E 498 42.35 0.90 -45.16
N ILE E 499 42.42 1.95 -44.35
CA ILE E 499 43.22 3.11 -44.71
C ILE E 499 44.69 2.79 -44.51
N LYS E 500 45.01 2.04 -43.47
CA LYS E 500 46.39 1.63 -43.23
C LYS E 500 46.89 0.65 -44.28
N ARG E 501 46.00 0.00 -45.00
CA ARG E 501 46.43 -0.84 -46.11
C ARG E 501 46.94 0.09 -47.20
N LEU E 502 46.43 1.30 -47.22
CA LEU E 502 46.73 2.23 -48.26
C LEU E 502 48.05 2.94 -48.00
N THR E 503 48.52 2.88 -46.78
CA THR E 503 49.64 3.70 -46.31
C THR E 503 50.78 2.83 -45.84
N PRO E 504 51.65 2.48 -46.89
CA PRO E 504 52.65 1.46 -46.54
C PRO E 504 53.74 1.92 -45.55
N ARG E 505 53.86 1.24 -44.42
CA ARG E 505 54.85 1.65 -43.41
C ARG E 505 56.05 0.74 -43.37
N PHE E 506 56.53 0.33 -44.53
CA PHE E 506 57.65 -0.56 -44.57
C PHE E 506 58.76 -0.18 -45.51
N THR E 507 58.79 1.04 -46.03
CA THR E 507 59.93 1.48 -46.83
C THR E 507 60.68 2.55 -46.05
N LEU E 508 59.99 3.17 -45.10
CA LEU E 508 60.59 4.20 -44.26
C LEU E 508 61.12 3.60 -42.97
N CYS E 509 62.20 4.18 -42.47
CA CYS E 509 62.82 3.72 -41.23
C CYS E 509 61.77 3.46 -40.17
N PRO E 510 62.07 2.40 -39.29
CA PRO E 510 61.02 2.16 -38.28
C PRO E 510 60.62 3.41 -37.51
N ASN E 511 61.33 4.51 -37.69
CA ASN E 511 61.03 5.75 -36.98
C ASN E 511 59.97 6.56 -37.72
N GLY E 512 59.96 6.40 -39.03
CA GLY E 512 59.04 7.09 -39.92
C GLY E 512 57.66 6.47 -39.98
N TYR E 513 56.64 7.28 -40.25
CA TYR E 513 55.24 6.87 -40.19
C TYR E 513 54.39 7.96 -40.79
N TYR E 514 53.33 7.55 -41.48
CA TYR E 514 52.27 8.43 -41.96
C TYR E 514 51.36 8.83 -40.81
N PHE E 515 50.57 9.87 -41.02
CA PHE E 515 49.61 10.29 -40.02
C PHE E 515 48.69 11.33 -40.62
N ALA E 516 47.57 11.57 -39.96
CA ALA E 516 46.43 12.27 -40.58
C ALA E 516 45.54 12.98 -39.56
N ILE E 517 45.19 14.25 -39.84
CA ILE E 517 44.48 15.12 -38.89
C ILE E 517 43.17 15.65 -39.46
N ASP E 518 42.04 15.46 -38.71
CA ASP E 518 40.69 15.98 -39.01
C ASP E 518 40.30 17.39 -38.45
N PRO E 519 39.59 18.18 -39.30
CA PRO E 519 39.49 19.63 -39.06
C PRO E 519 39.33 20.09 -37.56
N ASN E 520 38.90 19.23 -36.64
CA ASN E 520 38.91 19.62 -35.24
C ASN E 520 40.21 19.29 -34.56
N GLY E 521 41.22 18.91 -35.33
CA GLY E 521 42.53 18.70 -34.75
C GLY E 521 42.61 17.38 -34.04
N TYR E 522 41.87 16.37 -34.51
CA TYR E 522 41.99 15.02 -34.00
C TYR E 522 42.38 14.09 -35.12
N VAL E 523 42.71 12.85 -34.76
CA VAL E 523 43.67 11.90 -35.33
C VAL E 523 42.94 10.78 -36.07
N LEU E 524 43.41 10.44 -37.28
CA LEU E 524 42.98 9.23 -37.95
C LEU E 524 44.03 8.12 -37.93
N LEU E 525 45.31 8.42 -38.07
CA LEU E 525 46.29 7.38 -38.38
C LEU E 525 47.57 7.46 -37.58
N HIS E 526 47.61 8.16 -36.46
CA HIS E 526 48.85 8.23 -35.72
C HIS E 526 49.09 6.89 -35.05
N PRO E 527 50.21 6.39 -35.09
CA PRO E 527 50.40 5.00 -34.64
C PRO E 527 50.63 4.88 -33.13
N ASN E 528 49.83 5.62 -32.41
CA ASN E 528 49.84 5.66 -30.96
C ASN E 528 48.40 5.76 -30.50
N LEU E 529 47.48 5.27 -31.33
CA LEU E 529 46.05 5.34 -31.05
C LEU E 529 45.55 4.10 -30.33
N GLN E 530 45.44 2.99 -31.06
CA GLN E 530 44.99 1.68 -30.53
C GLN E 530 43.56 1.73 -30.00
N PRO E 531 42.84 0.60 -29.95
CA PRO E 531 41.47 0.73 -29.42
C PRO E 531 41.39 1.10 -27.93
N LYS E 532 40.36 0.59 -27.25
CA LYS E 532 40.11 0.96 -25.87
C LYS E 532 39.69 2.40 -25.84
N PRO E 533 38.68 2.77 -25.05
CA PRO E 533 38.33 4.19 -25.05
C PRO E 533 39.37 5.00 -24.29
N ILE E 534 39.29 6.31 -24.41
CA ILE E 534 40.22 7.19 -23.74
C ILE E 534 39.41 8.02 -22.77
N GLY E 535 40.08 8.75 -21.89
CA GLY E 535 39.48 9.91 -21.26
C GLY E 535 39.12 9.96 -19.79
N VAL E 536 38.63 11.12 -19.38
CA VAL E 536 38.19 11.37 -18.03
C VAL E 536 39.28 11.01 -17.02
N GLY E 537 38.98 11.17 -15.74
CA GLY E 537 39.98 10.99 -14.71
C GLY E 537 39.80 9.83 -13.76
N ILE E 538 40.60 9.84 -12.69
CA ILE E 538 40.65 8.77 -11.69
C ILE E 538 39.33 8.06 -11.45
N PRO E 539 39.18 6.81 -11.86
CA PRO E 539 37.85 6.20 -11.95
C PRO E 539 37.32 5.62 -10.65
N THR E 540 36.62 6.42 -9.84
CA THR E 540 36.12 5.91 -8.58
C THR E 540 34.92 5.00 -8.79
N ILE E 541 35.05 3.74 -8.34
CA ILE E 541 33.93 2.82 -8.22
C ILE E 541 33.87 2.37 -6.77
N ASN E 542 32.70 2.49 -6.16
CA ASN E 542 32.42 1.77 -4.93
C ASN E 542 31.83 0.39 -5.22
N LEU E 543 32.30 -0.61 -4.48
CA LEU E 543 31.70 -1.94 -4.51
C LEU E 543 30.63 -2.10 -3.45
N ARG E 544 30.45 -1.08 -2.61
CA ARG E 544 29.43 -1.11 -1.58
C ARG E 544 28.06 -0.67 -2.09
N LYS E 545 27.96 -0.38 -3.38
CA LYS E 545 26.70 0.08 -3.96
C LYS E 545 26.17 -0.83 -5.07
N ARG E 546 27.02 -1.60 -5.74
CA ARG E 546 26.61 -2.37 -6.91
C ARG E 546 25.70 -3.55 -6.54
N ARG E 547 25.36 -4.33 -7.56
CA ARG E 547 24.37 -5.39 -7.43
C ARG E 547 24.96 -6.64 -8.09
N PRO E 548 24.53 -7.86 -7.74
CA PRO E 548 24.95 -9.02 -8.54
C PRO E 548 24.20 -9.13 -9.86
N ASN E 549 24.47 -8.19 -10.77
CA ASN E 549 23.56 -7.91 -11.86
C ASN E 549 24.31 -7.08 -12.91
N VAL E 550 23.58 -6.15 -13.54
CA VAL E 550 23.73 -5.52 -14.85
C VAL E 550 25.17 -5.17 -15.25
N GLN E 551 25.46 -5.38 -16.53
CA GLN E 551 26.77 -5.30 -17.16
C GLN E 551 27.42 -3.92 -17.26
N ASN E 552 26.79 -2.86 -16.68
CA ASN E 552 27.39 -1.53 -16.49
C ASN E 552 27.80 -0.88 -17.82
N PRO E 553 26.84 -0.20 -18.53
CA PRO E 553 26.87 -0.04 -20.00
C PRO E 553 28.13 0.48 -20.69
N LYS E 554 28.12 0.29 -22.02
CA LYS E 554 29.33 0.15 -22.83
C LYS E 554 29.91 1.49 -23.30
N SER E 555 29.27 2.63 -23.00
CA SER E 555 29.81 3.96 -23.22
C SER E 555 30.12 4.28 -24.69
N GLN E 556 29.10 4.67 -25.45
CA GLN E 556 29.17 5.01 -26.87
C GLN E 556 30.12 6.16 -27.26
N GLU E 557 30.81 6.74 -26.27
CA GLU E 557 31.93 7.65 -26.41
C GLU E 557 32.87 7.31 -27.57
N PRO E 558 33.29 8.31 -28.35
CA PRO E 558 34.29 8.06 -29.38
C PRO E 558 35.71 8.16 -28.87
N VAL E 559 36.67 7.76 -29.69
CA VAL E 559 38.07 7.71 -29.31
C VAL E 559 38.76 8.85 -30.05
N THR E 560 38.79 10.01 -29.42
CA THR E 560 39.27 11.23 -30.07
C THR E 560 40.59 11.63 -29.44
N LEU E 561 41.68 11.26 -30.08
CA LEU E 561 42.98 11.60 -29.54
C LEU E 561 43.43 12.90 -30.17
N ASP E 562 43.96 13.81 -29.35
CA ASP E 562 44.44 15.09 -29.84
C ASP E 562 45.87 14.98 -30.39
N PHE E 563 46.16 15.76 -31.41
CA PHE E 563 47.48 15.76 -32.03
C PHE E 563 48.55 16.21 -31.04
N LEU E 564 48.15 17.01 -30.06
CA LEU E 564 49.08 17.52 -29.06
C LEU E 564 49.21 16.55 -27.89
N ASP E 565 48.36 15.52 -27.87
CA ASP E 565 48.38 14.53 -26.83
C ASP E 565 48.68 13.14 -27.34
N ALA E 566 49.00 13.01 -28.62
CA ALA E 566 49.63 11.79 -29.09
C ALA E 566 51.13 11.92 -29.03
N GLU E 567 51.68 13.00 -29.57
CA GLU E 567 53.09 13.27 -29.49
C GLU E 567 53.38 14.18 -28.31
N LEU E 568 54.62 14.61 -28.19
CA LEU E 568 54.96 15.55 -27.13
C LEU E 568 54.65 16.97 -27.60
N GLU E 569 54.17 17.78 -26.67
CA GLU E 569 53.82 19.14 -27.01
C GLU E 569 55.06 20.01 -27.11
N ASN E 570 55.13 20.78 -28.20
CA ASN E 570 56.29 21.59 -28.53
C ASN E 570 55.78 22.77 -29.33
N ASP E 571 56.47 23.92 -29.23
CA ASP E 571 55.97 25.13 -29.87
C ASP E 571 56.19 25.13 -31.37
N ILE E 572 56.85 24.12 -31.90
CA ILE E 572 56.93 23.95 -33.33
C ILE E 572 55.79 23.08 -33.83
N LYS E 573 55.49 21.98 -33.13
CA LYS E 573 54.42 21.09 -33.55
C LYS E 573 53.05 21.73 -33.41
N VAL E 574 52.91 22.75 -32.55
CA VAL E 574 51.71 23.57 -32.58
C VAL E 574 51.62 24.31 -33.89
N GLU E 575 52.75 24.87 -34.34
CA GLU E 575 52.79 25.64 -35.56
C GLU E 575 52.65 24.73 -36.77
N ILE E 576 52.96 23.46 -36.60
CA ILE E 576 52.66 22.50 -37.65
C ILE E 576 51.16 22.26 -37.73
N ARG E 577 50.54 21.91 -36.60
CA ARG E 577 49.12 21.53 -36.58
C ARG E 577 48.23 22.66 -37.02
N ASN E 578 48.52 23.88 -36.56
CA ASN E 578 47.68 25.01 -36.94
C ASN E 578 47.90 25.41 -38.38
N LYS E 579 48.96 24.90 -38.98
CA LYS E 579 49.21 25.08 -40.39
C LYS E 579 48.64 23.89 -41.15
N MET E 580 48.60 22.74 -40.49
CA MET E 580 48.18 21.50 -41.13
C MET E 580 46.66 21.37 -41.14
N ILE E 581 45.98 22.08 -40.25
CA ILE E 581 44.55 21.89 -40.06
C ILE E 581 43.77 22.54 -41.19
N ASP E 582 44.43 23.35 -42.00
CA ASP E 582 43.76 24.01 -43.12
C ASP E 582 44.78 24.43 -44.16
N GLY E 583 46.05 24.25 -43.81
CA GLY E 583 47.14 24.61 -44.69
C GLY E 583 47.17 23.75 -45.94
N GLU E 584 47.86 24.25 -46.95
CA GLU E 584 47.79 23.73 -48.30
C GLU E 584 48.99 22.84 -48.50
N SER E 585 50.16 23.30 -48.07
CA SER E 585 51.38 22.52 -48.18
C SER E 585 52.61 23.13 -47.50
N GLY E 586 53.38 22.28 -46.81
CA GLY E 586 54.50 22.75 -46.01
C GLY E 586 55.29 21.65 -45.33
N GLU E 587 56.61 21.86 -45.24
CA GLU E 587 57.51 20.94 -44.57
C GLU E 587 58.30 21.78 -43.56
N LYS E 588 58.82 21.15 -42.51
CA LYS E 588 59.65 21.87 -41.56
C LYS E 588 60.52 20.78 -40.96
N THR E 589 61.81 21.05 -40.91
CA THR E 589 62.81 20.16 -40.32
C THR E 589 63.30 20.77 -39.02
N PHE E 590 63.33 19.97 -37.96
CA PHE E 590 63.62 20.54 -36.64
C PHE E 590 64.08 19.45 -35.69
N ARG E 591 64.79 19.88 -34.64
CA ARG E 591 65.25 18.98 -33.59
C ARG E 591 64.22 18.91 -32.48
N THR E 592 63.65 17.72 -32.30
CA THR E 592 62.58 17.54 -31.33
C THR E 592 62.91 16.46 -30.31
N LEU E 593 62.04 16.37 -29.32
CA LEU E 593 62.09 15.27 -28.37
C LEU E 593 61.20 14.15 -28.89
N VAL E 594 61.75 12.95 -29.00
CA VAL E 594 61.02 11.83 -29.54
C VAL E 594 60.86 10.80 -28.46
N LYS E 595 59.64 10.57 -28.05
CA LYS E 595 59.35 9.62 -27.00
C LYS E 595 59.57 8.22 -27.53
N SER E 596 60.27 7.40 -26.77
CA SER E 596 60.57 6.05 -27.22
C SER E 596 59.41 5.14 -26.90
N GLN E 597 59.33 4.07 -27.69
CA GLN E 597 58.20 3.15 -27.73
C GLN E 597 58.15 2.22 -26.53
N ASP E 598 57.76 2.77 -25.39
CA ASP E 598 57.61 2.04 -24.13
C ASP E 598 57.74 3.02 -22.96
N GLU E 599 57.83 4.30 -23.29
CA GLU E 599 57.96 5.34 -22.29
C GLU E 599 59.04 5.05 -21.25
N ARG E 600 60.26 4.79 -21.69
CA ARG E 600 61.33 4.68 -20.73
C ARG E 600 62.16 5.94 -20.86
N TYR E 601 62.29 6.40 -22.09
CA TYR E 601 63.47 7.11 -22.59
C TYR E 601 62.99 8.26 -23.45
N ILE E 602 63.79 9.30 -23.58
CA ILE E 602 63.53 10.32 -24.59
C ILE E 602 64.77 10.51 -25.44
N ASP E 603 64.60 10.43 -26.75
CA ASP E 603 65.71 10.69 -27.64
C ASP E 603 65.51 12.00 -28.40
N LYS E 604 66.57 12.47 -29.03
CA LYS E 604 66.51 13.75 -29.71
C LYS E 604 67.02 13.53 -31.13
N GLY E 605 66.17 13.84 -32.11
CA GLY E 605 66.54 13.60 -33.49
C GLY E 605 65.91 14.59 -34.44
N ASN E 606 66.45 14.42 -35.65
CA ASN E 606 65.95 15.29 -36.69
C ASN E 606 64.75 14.68 -37.41
N ARG E 607 63.65 15.39 -37.52
CA ARG E 607 62.40 14.88 -38.07
C ARG E 607 62.39 15.95 -39.15
N THR E 608 62.31 15.62 -40.53
CA THR E 608 61.85 16.31 -41.74
C THR E 608 60.48 15.78 -42.09
N TYR E 609 59.43 16.55 -41.83
CA TYR E 609 58.16 15.93 -42.16
C TYR E 609 57.51 16.94 -43.07
N THR E 610 56.57 16.42 -43.86
CA THR E 610 55.76 17.21 -44.75
C THR E 610 54.31 16.78 -44.66
N TRP E 611 53.44 17.55 -45.29
CA TRP E 611 52.01 17.41 -45.22
C TRP E 611 51.36 17.98 -46.46
N THR E 612 50.12 17.55 -46.69
CA THR E 612 49.31 18.02 -47.80
C THR E 612 47.86 17.75 -47.50
N PRO E 613 46.93 18.53 -48.02
CA PRO E 613 45.53 18.19 -47.74
C PRO E 613 45.06 17.10 -48.67
N VAL E 614 43.96 16.48 -48.31
CA VAL E 614 43.25 15.65 -49.25
C VAL E 614 42.59 16.53 -50.30
N ASN E 615 42.94 16.29 -51.56
CA ASN E 615 42.47 17.13 -52.66
C ASN E 615 40.96 17.16 -52.83
N GLY E 616 40.30 16.13 -52.30
CA GLY E 616 38.87 15.98 -52.41
C GLY E 616 38.15 16.52 -51.21
N THR E 617 37.81 15.64 -50.27
CA THR E 617 37.22 16.08 -49.02
C THR E 617 38.21 16.89 -48.21
N ASP E 618 37.68 17.63 -47.24
CA ASP E 618 38.53 18.40 -46.35
C ASP E 618 38.45 17.89 -44.91
N TYR E 619 37.88 16.71 -44.72
CA TYR E 619 37.82 16.08 -43.41
C TYR E 619 39.07 15.29 -43.03
N SER E 620 40.23 15.61 -43.62
CA SER E 620 41.52 15.04 -43.25
C SER E 620 42.62 15.82 -43.95
N SER E 621 43.85 15.61 -43.49
CA SER E 621 45.07 16.10 -44.11
C SER E 621 46.26 15.29 -43.58
N LEU E 622 47.14 14.86 -44.47
CA LEU E 622 48.14 13.83 -44.18
C LEU E 622 49.52 14.37 -43.89
N ALA E 623 50.35 13.53 -43.24
CA ALA E 623 51.72 13.91 -42.92
C ALA E 623 52.61 12.67 -42.93
N LEU E 624 53.39 12.50 -43.97
CA LEU E 624 54.53 11.58 -43.92
C LEU E 624 55.76 12.00 -43.16
N VAL E 625 56.12 11.26 -42.12
CA VAL E 625 57.19 11.66 -41.22
C VAL E 625 58.46 10.83 -41.38
N LEU E 626 59.57 11.49 -41.67
CA LEU E 626 60.81 10.81 -42.02
C LEU E 626 61.98 11.42 -41.26
N PRO E 627 62.90 10.62 -40.75
CA PRO E 627 64.16 11.18 -40.28
C PRO E 627 65.04 11.51 -41.46
N THR E 628 66.17 12.15 -41.16
CA THR E 628 67.04 12.57 -42.25
C THR E 628 67.84 11.42 -42.82
N TYR E 629 67.89 10.29 -42.14
CA TYR E 629 68.64 9.14 -42.60
C TYR E 629 67.78 8.07 -43.24
N SER E 630 66.56 8.38 -43.63
CA SER E 630 65.67 7.38 -44.20
C SER E 630 65.16 7.80 -45.55
N PHE E 631 65.79 8.78 -46.17
CA PHE E 631 65.37 9.17 -47.51
C PHE E 631 65.71 8.13 -48.55
N TYR E 632 66.65 7.25 -48.28
CA TYR E 632 67.04 6.21 -49.21
C TYR E 632 66.79 4.85 -48.56
N TYR E 633 66.31 3.90 -49.35
CA TYR E 633 66.07 2.58 -48.77
C TYR E 633 66.64 1.54 -49.72
N ILE E 634 66.64 0.30 -49.27
CA ILE E 634 67.17 -0.81 -50.05
C ILE E 634 66.05 -1.46 -50.84
N LYS E 635 66.19 -1.47 -52.16
CA LYS E 635 65.33 -2.25 -53.02
C LYS E 635 66.00 -3.58 -53.29
N ALA E 636 65.32 -4.66 -52.96
CA ALA E 636 65.84 -5.98 -53.24
C ALA E 636 65.75 -6.27 -54.73
N LYS E 637 66.80 -6.89 -55.25
CA LYS E 637 66.88 -7.20 -56.67
C LYS E 637 67.75 -8.45 -56.79
N ILE E 638 67.11 -9.60 -56.93
CA ILE E 638 67.79 -10.89 -56.92
C ILE E 638 67.51 -11.58 -58.25
N GLU E 639 68.56 -12.06 -58.92
CA GLU E 639 68.50 -12.36 -60.33
C GLU E 639 69.07 -13.72 -60.73
N GLU E 640 69.62 -14.51 -59.80
CA GLU E 640 70.28 -15.74 -60.20
C GLU E 640 69.49 -17.00 -59.93
N THR E 641 68.58 -16.98 -58.94
CA THR E 641 67.56 -17.98 -58.57
C THR E 641 68.20 -19.23 -57.93
N ILE E 642 69.53 -19.36 -58.02
CA ILE E 642 70.25 -20.28 -57.15
C ILE E 642 70.57 -19.58 -55.84
N THR E 643 70.87 -18.27 -55.93
CA THR E 643 71.33 -17.49 -54.79
C THR E 643 70.23 -17.35 -53.75
N GLN E 644 69.03 -16.98 -54.20
CA GLN E 644 67.88 -16.90 -53.30
C GLN E 644 67.36 -18.27 -52.89
N ALA E 645 67.70 -19.31 -53.64
CA ALA E 645 67.39 -20.66 -53.20
C ALA E 645 68.25 -21.07 -52.02
N ARG E 646 69.52 -20.64 -52.02
CA ARG E 646 70.39 -20.93 -50.90
C ARG E 646 70.03 -20.06 -49.70
N TYR E 647 69.54 -18.86 -49.97
CA TYR E 647 69.13 -17.98 -48.90
C TYR E 647 68.01 -18.68 -48.15
N SER E 648 66.91 -19.43 -48.99
CA SER E 648 65.76 -20.07 -48.37
C SER E 648 66.19 -21.26 -47.52
N GLU E 649 67.30 -21.88 -47.89
CA GLU E 649 67.83 -22.98 -47.13
C GLU E 649 68.11 -22.52 -45.70
N THR E 650 68.71 -21.33 -45.58
CA THR E 650 69.12 -20.83 -44.28
C THR E 650 67.92 -20.69 -43.35
N LEU E 651 66.79 -20.27 -43.85
CA LEU E 651 65.66 -19.88 -43.03
C LEU E 651 64.94 -21.07 -42.40
N LYS E 652 65.29 -22.29 -42.78
CA LYS E 652 64.59 -23.48 -42.29
C LYS E 652 64.92 -23.74 -40.82
N PRO E 653 63.98 -24.24 -40.03
CA PRO E 653 64.26 -24.44 -38.59
C PRO E 653 65.17 -25.62 -38.29
N ASP E 654 65.64 -26.35 -39.31
CA ASP E 654 66.54 -27.47 -39.09
C ASP E 654 67.95 -27.02 -38.74
N ASN E 655 68.28 -25.75 -38.97
CA ASN E 655 69.65 -25.29 -38.93
C ASN E 655 69.92 -24.34 -37.78
N PHE E 656 69.12 -24.39 -36.71
CA PHE E 656 69.28 -23.45 -35.59
C PHE E 656 70.58 -23.69 -34.82
N GLU E 657 71.14 -24.89 -34.90
CA GLU E 657 72.47 -25.12 -34.36
C GLU E 657 73.53 -24.37 -35.15
N GLU E 658 73.29 -24.16 -36.43
CA GLU E 658 74.30 -23.53 -37.28
C GLU E 658 74.07 -22.03 -37.42
N SER E 659 72.82 -21.64 -37.69
CA SER E 659 72.49 -20.23 -37.85
C SER E 659 71.97 -19.64 -36.55
N GLY E 660 71.29 -20.47 -35.75
CA GLY E 660 70.74 -20.03 -34.49
C GLY E 660 69.23 -19.92 -34.52
N TYR E 661 68.66 -19.32 -33.48
CA TYR E 661 67.22 -19.14 -33.39
C TYR E 661 66.75 -17.97 -34.23
N THR E 662 66.38 -18.27 -35.48
CA THR E 662 65.91 -17.25 -36.40
C THR E 662 64.41 -17.00 -36.24
N PHE E 663 64.05 -15.72 -36.17
CA PHE E 663 62.66 -15.32 -36.09
C PHE E 663 62.11 -14.26 -37.04
N LEU E 664 60.98 -14.57 -37.68
CA LEU E 664 60.47 -13.86 -38.84
C LEU E 664 59.15 -13.12 -38.73
N ALA E 665 59.23 -11.81 -38.78
CA ALA E 665 58.23 -10.90 -38.27
C ALA E 665 56.92 -11.06 -39.03
N PRO E 666 55.79 -11.03 -38.34
CA PRO E 666 54.49 -11.15 -39.00
C PRO E 666 54.24 -10.00 -39.97
N ARG E 667 53.84 -10.36 -41.17
CA ARG E 667 53.81 -9.38 -42.26
C ARG E 667 52.59 -9.68 -43.12
N ASP E 668 52.58 -9.12 -44.32
CA ASP E 668 51.53 -9.40 -45.29
C ASP E 668 52.05 -10.16 -46.49
N TYR E 669 51.18 -11.06 -46.98
CA TYR E 669 51.06 -11.54 -48.35
C TYR E 669 49.69 -12.23 -48.60
N CYS E 670 49.62 -13.19 -49.54
CA CYS E 670 48.35 -13.75 -49.99
C CYS E 670 47.56 -14.59 -48.99
N SER E 671 48.11 -15.73 -48.55
CA SER E 671 47.34 -16.64 -47.72
C SER E 671 48.14 -17.04 -46.48
N ASP E 672 48.14 -16.17 -45.48
CA ASP E 672 48.79 -16.46 -44.21
C ASP E 672 48.01 -15.88 -43.05
N LEU E 673 48.60 -15.90 -41.87
CA LEU E 673 47.93 -15.48 -40.65
C LEU E 673 48.92 -14.71 -39.80
N LYS E 674 48.52 -14.41 -38.64
CA LYS E 674 49.22 -13.78 -37.54
C LYS E 674 49.50 -14.79 -36.44
N PRO E 675 50.75 -15.07 -36.15
CA PRO E 675 51.07 -16.06 -35.12
C PRO E 675 50.84 -15.56 -33.70
N SER E 676 50.10 -16.33 -32.91
CA SER E 676 49.91 -16.02 -31.51
C SER E 676 51.07 -16.58 -30.70
N ASP E 677 52.25 -15.96 -30.87
CA ASP E 677 53.56 -16.27 -30.32
C ASP E 677 54.18 -17.53 -30.92
N ASN E 678 53.42 -18.30 -31.69
CA ASN E 678 53.93 -19.45 -32.43
C ASN E 678 54.57 -18.95 -33.72
N ASN E 679 55.67 -18.20 -33.62
CA ASN E 679 56.40 -17.78 -34.80
C ASN E 679 56.98 -18.97 -35.54
N THR E 680 57.23 -20.06 -34.82
CA THR E 680 57.57 -21.34 -35.43
C THR E 680 56.49 -21.77 -36.40
N GLU E 681 55.22 -21.58 -36.03
CA GLU E 681 54.14 -21.93 -36.95
C GLU E 681 54.10 -20.98 -38.13
N PHE E 682 54.47 -19.72 -37.92
CA PHE E 682 54.49 -18.80 -39.05
C PHE E 682 55.70 -19.09 -39.93
N LEU E 683 56.81 -19.49 -39.32
CA LEU E 683 58.02 -19.72 -40.08
C LEU E 683 57.89 -20.95 -40.96
N LEU E 684 57.19 -21.98 -40.47
CA LEU E 684 56.94 -23.16 -41.28
C LEU E 684 55.95 -22.85 -42.39
N ASN E 685 54.95 -22.02 -42.10
CA ASN E 685 54.02 -21.59 -43.15
C ASN E 685 54.73 -20.77 -44.19
N PHE E 686 55.75 -20.02 -43.78
CA PHE E 686 56.47 -19.19 -44.72
C PHE E 686 57.33 -20.02 -45.67
N ASN E 687 57.86 -21.15 -45.18
CA ASN E 687 58.61 -22.05 -46.03
C ASN E 687 57.70 -22.72 -47.04
N GLU E 688 56.44 -22.92 -46.68
CA GLU E 688 55.49 -23.50 -47.60
C GLU E 688 55.15 -22.53 -48.72
N PHE E 689 55.37 -21.24 -48.46
CA PHE E 689 55.20 -20.22 -49.48
C PHE E 689 56.34 -20.21 -50.51
N ILE E 690 57.55 -20.54 -50.05
CA ILE E 690 58.72 -20.55 -50.92
C ILE E 690 58.75 -21.81 -51.76
N ASP E 691 58.40 -22.94 -51.16
CA ASP E 691 58.53 -24.22 -51.83
C ASP E 691 57.44 -24.42 -52.87
N ARG E 692 56.37 -23.65 -52.73
CA ARG E 692 55.33 -23.58 -53.75
C ARG E 692 55.75 -22.60 -54.84
N LYS E 693 56.58 -21.61 -54.46
CA LYS E 693 57.10 -20.65 -55.43
C LYS E 693 58.21 -21.25 -56.27
N THR E 694 58.96 -22.20 -55.71
CA THR E 694 59.97 -22.94 -56.45
C THR E 694 59.32 -23.92 -57.41
N THR E 702 55.43 -8.36 -53.97
CA THR E 702 56.56 -9.11 -54.48
C THR E 702 57.90 -8.60 -53.97
N ASP E 703 57.88 -7.57 -53.12
CA ASP E 703 59.15 -6.98 -52.71
C ASP E 703 59.47 -7.29 -51.25
N LEU E 704 58.46 -7.54 -50.44
CA LEU E 704 58.73 -8.04 -49.10
C LEU E 704 59.28 -9.46 -49.16
N ILE E 705 58.80 -10.24 -50.12
CA ILE E 705 59.30 -11.60 -50.29
C ILE E 705 60.70 -11.56 -50.87
N ASN E 706 61.03 -10.47 -51.54
CA ASN E 706 62.35 -10.37 -52.16
C ASN E 706 63.35 -9.81 -51.16
N ARG E 707 62.88 -9.03 -50.19
CA ARG E 707 63.78 -8.37 -49.25
C ARG E 707 64.24 -9.32 -48.16
N VAL E 708 63.30 -10.07 -47.58
CA VAL E 708 63.59 -10.97 -46.48
C VAL E 708 64.60 -12.04 -46.91
N LEU E 709 64.46 -12.51 -48.15
CA LEU E 709 65.41 -13.47 -48.68
C LEU E 709 66.79 -12.84 -48.87
N LEU E 710 66.83 -11.58 -49.26
CA LEU E 710 68.11 -10.89 -49.32
C LEU E 710 68.62 -10.52 -47.94
N ASP E 711 67.74 -10.33 -46.97
CA ASP E 711 68.18 -9.95 -45.65
C ASP E 711 68.75 -11.14 -44.90
N ALA E 712 68.15 -12.32 -45.07
CA ALA E 712 68.66 -13.52 -44.46
C ALA E 712 70.00 -13.93 -45.01
N GLY E 713 70.26 -13.66 -46.29
CA GLY E 713 71.53 -14.01 -46.87
C GLY E 713 72.70 -13.16 -46.40
N PHE E 714 72.42 -11.97 -45.87
CA PHE E 714 73.49 -11.14 -45.34
C PHE E 714 73.65 -11.36 -43.85
N THR E 715 72.57 -11.64 -43.14
CA THR E 715 72.70 -11.94 -41.72
C THR E 715 73.14 -13.38 -41.54
N ASN E 716 73.16 -14.16 -42.62
CA ASN E 716 73.81 -15.46 -42.58
C ASN E 716 75.31 -15.30 -42.44
N GLU E 717 75.89 -14.41 -43.23
CA GLU E 717 77.33 -14.32 -43.33
C GLU E 717 77.96 -13.62 -42.14
N LEU E 718 77.14 -13.11 -41.23
CA LEU E 718 77.70 -12.73 -39.95
C LEU E 718 77.87 -13.96 -39.06
N VAL E 719 77.00 -14.95 -39.22
CA VAL E 719 77.07 -16.14 -38.37
C VAL E 719 78.15 -17.09 -38.88
N GLN E 720 78.05 -17.49 -40.15
CA GLN E 720 78.91 -18.54 -40.65
C GLN E 720 80.30 -18.03 -41.00
N ASN E 721 80.54 -16.72 -40.89
CA ASN E 721 81.86 -16.20 -41.20
C ASN E 721 82.46 -15.35 -40.10
N TYR E 722 81.69 -14.97 -39.07
CA TYR E 722 82.28 -14.19 -37.98
C TYR E 722 81.94 -14.77 -36.62
N TRP E 723 80.79 -15.44 -36.47
CA TRP E 723 80.44 -16.00 -35.17
C TRP E 723 80.73 -17.49 -35.09
N SER E 724 80.78 -18.18 -36.22
CA SER E 724 81.20 -19.57 -36.23
C SER E 724 82.68 -19.72 -35.99
N LYS E 725 83.45 -18.65 -36.18
CA LYS E 725 84.88 -18.65 -35.93
C LYS E 725 85.21 -18.16 -34.54
N GLN E 726 84.23 -18.02 -33.67
CA GLN E 726 84.53 -17.59 -32.31
C GLN E 726 84.06 -18.60 -31.28
N LYS E 727 82.82 -19.10 -31.43
CA LYS E 727 82.32 -20.26 -30.70
C LYS E 727 82.36 -20.13 -29.17
N ASN E 728 81.41 -19.35 -28.63
CA ASN E 728 81.20 -19.14 -27.19
C ASN E 728 82.38 -18.43 -26.55
N ILE E 729 82.54 -17.15 -26.90
CA ILE E 729 83.41 -16.17 -26.24
C ILE E 729 83.20 -16.18 -24.73
N LYS E 730 84.30 -15.97 -23.98
CA LYS E 730 84.39 -15.89 -22.52
C LYS E 730 83.28 -15.07 -21.86
N GLY E 731 82.95 -13.93 -22.47
CA GLY E 731 82.04 -12.99 -21.85
C GLY E 731 80.68 -12.99 -22.51
N VAL E 732 80.21 -11.80 -22.86
CA VAL E 732 78.93 -11.65 -23.53
C VAL E 732 77.89 -12.46 -22.78
N LYS E 733 76.95 -13.03 -23.51
CA LYS E 733 75.91 -13.88 -22.94
C LYS E 733 75.06 -14.44 -24.06
N ALA E 734 74.90 -13.63 -25.10
CA ALA E 734 74.19 -14.01 -26.32
C ALA E 734 74.13 -12.90 -27.38
N ARG E 735 74.90 -13.08 -28.47
CA ARG E 735 74.80 -12.17 -29.62
C ARG E 735 73.54 -12.18 -30.49
N PHE E 736 73.02 -10.99 -30.83
CA PHE E 736 71.78 -10.90 -31.59
C PHE E 736 71.84 -9.83 -32.69
N VAL E 737 71.11 -10.09 -33.79
CA VAL E 737 71.04 -9.20 -34.95
C VAL E 737 69.59 -9.00 -35.33
N VAL E 738 69.14 -7.75 -35.30
CA VAL E 738 67.77 -7.40 -35.63
C VAL E 738 67.84 -6.46 -36.82
N THR E 739 67.21 -6.83 -37.92
CA THR E 739 67.24 -5.99 -39.11
C THR E 739 65.82 -5.58 -39.48
N ASP E 740 65.72 -4.73 -40.49
CA ASP E 740 64.44 -4.52 -41.13
C ASP E 740 64.29 -5.44 -42.33
N GLY E 741 63.07 -5.93 -42.51
CA GLY E 741 62.87 -7.21 -43.12
C GLY E 741 62.47 -8.28 -42.14
N GLY E 742 62.74 -8.06 -40.86
CA GLY E 742 62.10 -8.79 -39.80
C GLY E 742 62.74 -10.11 -39.48
N ILE E 743 64.06 -10.18 -39.61
CA ILE E 743 64.81 -11.38 -39.31
C ILE E 743 65.68 -11.10 -38.10
N THR E 744 65.26 -11.59 -36.95
CA THR E 744 66.05 -11.40 -35.75
C THR E 744 66.68 -12.73 -35.39
N ARG E 745 68.01 -12.78 -35.40
CA ARG E 745 68.75 -14.00 -35.09
C ARG E 745 69.45 -13.84 -33.76
N VAL E 746 69.38 -14.87 -32.93
CA VAL E 746 70.16 -14.96 -31.71
C VAL E 746 71.05 -16.18 -31.82
N TYR E 747 72.34 -16.03 -31.52
CA TYR E 747 73.29 -17.06 -31.93
C TYR E 747 73.34 -18.38 -31.15
N PRO E 748 73.42 -18.42 -29.81
CA PRO E 748 73.63 -19.72 -29.18
C PRO E 748 72.40 -20.63 -29.17
N LYS E 749 71.19 -20.04 -29.10
CA LYS E 749 69.86 -20.66 -29.10
C LYS E 749 69.49 -21.34 -27.78
N GLU E 750 70.43 -21.48 -26.85
CA GLU E 750 70.04 -22.13 -25.60
C GLU E 750 69.35 -21.15 -24.65
N ALA E 751 70.05 -20.09 -24.27
CA ALA E 751 69.43 -19.00 -23.53
C ALA E 751 68.82 -17.96 -24.44
N GLY E 752 68.96 -18.12 -25.76
CA GLY E 752 68.28 -17.23 -26.68
C GLY E 752 66.82 -17.56 -26.85
N GLU E 753 66.37 -18.63 -26.21
CA GLU E 753 64.94 -18.92 -26.18
C GLU E 753 64.27 -17.94 -25.23
N ASN E 754 65.03 -17.38 -24.29
CA ASN E 754 64.52 -16.33 -23.41
C ASN E 754 64.53 -14.96 -24.06
N TRP E 755 64.61 -14.89 -25.39
CA TRP E 755 64.51 -13.60 -26.08
C TRP E 755 63.06 -13.20 -26.03
N GLN E 756 62.73 -12.30 -25.11
CA GLN E 756 61.33 -12.03 -24.81
C GLN E 756 60.82 -10.78 -25.48
N GLU E 757 61.28 -10.51 -26.70
CA GLU E 757 60.96 -9.27 -27.37
C GLU E 757 60.04 -9.50 -28.57
N ASN E 758 59.36 -8.44 -28.96
CA ASN E 758 58.38 -8.53 -30.03
C ASN E 758 59.09 -8.74 -31.36
N PRO E 759 58.83 -9.84 -32.06
CA PRO E 759 59.61 -10.13 -33.27
C PRO E 759 59.33 -9.21 -34.42
N GLU E 760 58.18 -8.52 -34.43
CA GLU E 760 57.96 -7.47 -35.41
C GLU E 760 58.86 -6.29 -35.10
N THR E 761 59.77 -6.00 -36.02
CA THR E 761 60.83 -5.05 -35.77
C THR E 761 60.35 -3.62 -35.81
N TYR E 762 59.28 -3.31 -36.52
CA TYR E 762 58.86 -1.92 -36.52
C TYR E 762 58.02 -1.58 -35.30
N GLU E 763 57.67 -2.58 -34.50
CA GLU E 763 56.96 -2.32 -33.25
C GLU E 763 57.93 -2.50 -32.11
N ASP E 764 59.16 -2.88 -32.45
CA ASP E 764 60.19 -3.25 -31.48
C ASP E 764 60.80 -2.05 -30.76
N SER E 765 61.01 -2.19 -29.45
CA SER E 765 61.25 -1.04 -28.60
C SER E 765 62.67 -0.53 -28.63
N PHE E 766 63.64 -1.40 -28.89
CA PHE E 766 65.02 -0.94 -28.87
C PHE E 766 65.55 -0.70 -30.27
N TYR E 767 64.88 -1.25 -31.28
CA TYR E 767 65.36 -1.07 -32.64
C TYR E 767 65.22 0.39 -33.04
N LYS E 768 64.18 1.05 -32.54
CA LYS E 768 63.92 2.41 -32.97
C LYS E 768 64.83 3.37 -32.24
N ARG E 769 65.24 3.01 -31.03
CA ARG E 769 66.09 3.90 -30.24
C ARG E 769 67.50 3.92 -30.80
N SER E 770 68.02 2.77 -31.21
CA SER E 770 69.41 2.68 -31.59
C SER E 770 69.68 3.31 -32.94
N LEU E 771 68.62 3.58 -33.71
CA LEU E 771 68.83 4.23 -34.99
C LEU E 771 69.13 5.70 -34.82
N ASP E 772 68.57 6.33 -33.78
CA ASP E 772 68.80 7.75 -33.57
C ASP E 772 70.22 8.02 -33.07
N ASN E 773 70.65 7.29 -32.05
CA ASN E 773 71.94 7.52 -31.46
C ASN E 773 73.05 7.00 -32.35
N ASP E 774 74.14 7.75 -32.42
CA ASP E 774 75.33 7.33 -33.14
C ASP E 774 76.34 6.61 -32.26
N ASN E 775 75.85 5.93 -31.22
CA ASN E 775 76.73 5.19 -30.34
C ASN E 775 76.00 4.07 -29.60
N TYR E 776 76.68 3.50 -28.62
CA TYR E 776 76.18 2.35 -27.89
C TYR E 776 75.05 2.77 -26.97
N VAL E 777 73.97 1.99 -26.99
CA VAL E 777 72.79 2.25 -26.18
C VAL E 777 72.64 1.09 -25.23
N PHE E 778 72.54 1.38 -23.95
CA PHE E 778 72.36 0.30 -22.98
C PHE E 778 70.95 0.34 -22.46
N THR E 779 70.24 -0.76 -22.65
CA THR E 779 68.89 -0.84 -22.16
C THR E 779 68.94 -1.48 -20.79
N ALA E 780 68.05 -1.05 -19.91
CA ALA E 780 68.02 -1.65 -18.61
C ALA E 780 66.70 -2.42 -18.49
N PRO E 781 66.76 -3.66 -18.21
CA PRO E 781 65.55 -4.50 -18.20
C PRO E 781 64.62 -4.18 -17.05
N TYR E 782 63.38 -4.64 -17.14
CA TYR E 782 62.39 -4.39 -16.11
C TYR E 782 62.80 -5.10 -14.82
N PHE E 783 62.17 -4.75 -13.70
CA PHE E 783 62.45 -5.50 -12.48
C PHE E 783 61.17 -6.18 -11.99
N ASN E 784 61.32 -7.48 -11.73
CA ASN E 784 60.40 -8.62 -11.53
C ASN E 784 59.74 -9.07 -12.82
N LYS E 785 59.32 -8.09 -13.62
CA LYS E 785 58.71 -8.06 -14.97
C LYS E 785 57.57 -9.04 -15.26
N SER E 786 57.70 -10.31 -14.89
CA SER E 786 56.72 -11.24 -14.35
C SER E 786 57.58 -12.37 -13.81
N GLY E 787 58.83 -12.33 -14.24
CA GLY E 787 59.59 -13.50 -14.63
C GLY E 787 61.08 -13.24 -14.79
N PRO E 788 61.83 -14.24 -15.28
CA PRO E 788 63.30 -14.38 -15.20
C PRO E 788 64.18 -13.42 -16.00
N GLY E 789 63.67 -12.37 -16.64
CA GLY E 789 64.59 -11.46 -17.31
C GLY E 789 65.42 -10.66 -16.31
N ALA E 790 66.67 -11.05 -16.18
CA ALA E 790 67.43 -10.81 -14.96
C ALA E 790 68.91 -11.11 -15.15
N TYR E 791 69.56 -11.46 -14.04
CA TYR E 791 70.73 -12.33 -14.02
C TYR E 791 70.70 -13.43 -15.09
N GLU E 792 69.58 -14.15 -15.20
CA GLU E 792 69.33 -15.08 -16.29
C GLU E 792 69.42 -14.44 -17.67
N SER E 793 69.14 -13.15 -17.79
CA SER E 793 69.14 -12.53 -19.11
C SER E 793 70.35 -11.62 -19.30
N GLY E 794 70.51 -10.64 -18.43
CA GLY E 794 71.58 -9.68 -18.59
C GLY E 794 71.08 -8.43 -19.31
N ILE E 795 71.98 -7.46 -19.42
CA ILE E 795 71.65 -6.20 -20.03
C ILE E 795 72.17 -6.20 -21.45
N MET E 796 71.71 -5.23 -22.24
CA MET E 796 71.98 -5.23 -23.68
C MET E 796 72.81 -4.06 -24.17
N VAL E 797 73.47 -4.28 -25.30
CA VAL E 797 74.26 -3.26 -26.00
C VAL E 797 73.66 -3.19 -27.39
N SER E 798 73.72 -2.02 -28.03
CA SER E 798 73.25 -1.94 -29.40
C SER E 798 73.95 -0.84 -30.19
N LYS E 799 74.10 -1.07 -31.48
CA LYS E 799 74.63 -0.05 -32.38
C LYS E 799 74.06 -0.27 -33.76
N ALA E 800 73.50 0.77 -34.37
CA ALA E 800 73.02 0.64 -35.72
C ALA E 800 74.19 0.62 -36.70
N VAL E 801 73.91 0.25 -37.92
CA VAL E 801 74.95 -0.07 -38.89
C VAL E 801 74.87 0.92 -40.05
N GLU E 802 75.78 1.88 -40.08
CA GLU E 802 75.81 2.86 -41.15
C GLU E 802 76.47 2.28 -42.38
N ILE E 803 75.89 2.58 -43.54
CA ILE E 803 76.34 2.00 -44.81
C ILE E 803 76.76 3.13 -45.75
N TYR E 804 77.94 3.01 -46.33
CA TYR E 804 78.43 4.03 -47.24
C TYR E 804 78.49 3.46 -48.67
N ILE E 805 77.33 3.50 -49.33
CA ILE E 805 77.20 3.32 -50.77
C ILE E 805 77.50 4.72 -51.32
N GLN E 806 77.53 4.91 -52.66
CA GLN E 806 78.38 5.87 -53.38
C GLN E 806 78.24 7.36 -53.03
N GLY E 807 77.74 7.66 -51.83
CA GLY E 807 77.60 8.97 -51.24
C GLY E 807 76.14 9.17 -51.00
N LYS E 808 75.72 8.70 -49.83
CA LYS E 808 74.40 8.31 -49.34
C LYS E 808 74.62 7.91 -47.89
N LEU E 809 73.53 7.65 -47.18
CA LEU E 809 73.59 7.18 -45.81
C LEU E 809 72.40 6.25 -45.56
N LEU E 810 72.69 5.02 -45.17
CA LEU E 810 71.71 3.98 -44.98
C LEU E 810 71.97 3.30 -43.66
N LYS E 811 70.92 3.07 -42.87
CA LYS E 811 71.07 2.41 -41.58
C LYS E 811 70.08 1.25 -41.44
N PRO E 812 70.31 0.13 -42.15
CA PRO E 812 69.33 -0.96 -42.14
C PRO E 812 69.29 -1.79 -40.87
N ALA E 813 70.44 -2.14 -40.31
CA ALA E 813 70.47 -3.19 -39.32
C ALA E 813 70.90 -2.68 -37.96
N VAL E 814 70.41 -3.35 -36.93
CA VAL E 814 70.84 -3.17 -35.56
C VAL E 814 71.52 -4.44 -35.10
N VAL E 815 72.75 -4.32 -34.63
CA VAL E 815 73.51 -5.46 -34.15
C VAL E 815 73.75 -5.29 -32.67
N GLY E 816 73.47 -6.33 -31.90
CA GLY E 816 73.54 -6.18 -30.47
C GLY E 816 74.15 -7.31 -29.68
N ILE E 817 74.63 -7.01 -28.49
CA ILE E 817 75.17 -7.98 -27.55
C ILE E 817 74.30 -7.92 -26.32
N LYS E 818 74.17 -9.02 -25.58
CA LYS E 818 73.33 -9.07 -24.41
C LYS E 818 74.37 -9.45 -23.36
N ILE E 819 74.86 -8.46 -22.61
CA ILE E 819 75.99 -8.62 -21.69
C ILE E 819 75.63 -9.48 -20.49
N ASP E 820 76.47 -10.47 -20.23
CA ASP E 820 76.43 -11.29 -19.02
C ASP E 820 76.65 -10.37 -17.83
N VAL E 821 75.77 -10.44 -16.83
CA VAL E 821 75.89 -9.53 -15.69
C VAL E 821 77.05 -9.92 -14.80
N ASN E 822 77.35 -11.22 -14.69
CA ASN E 822 78.28 -11.67 -13.67
C ASN E 822 79.72 -11.36 -14.04
N SER E 823 80.07 -11.54 -15.32
CA SER E 823 81.44 -11.28 -15.74
C SER E 823 81.77 -9.80 -15.72
N TRP E 824 80.77 -8.94 -15.91
CA TRP E 824 81.03 -7.52 -15.92
C TRP E 824 81.03 -6.97 -14.50
N ILE E 825 80.50 -7.73 -13.55
CA ILE E 825 80.80 -7.43 -12.15
C ILE E 825 82.26 -7.72 -11.85
N GLU E 826 82.80 -8.79 -12.43
CA GLU E 826 84.13 -9.27 -12.06
C GLU E 826 85.22 -8.32 -12.53
N ASN E 827 85.07 -7.74 -13.72
CA ASN E 827 85.99 -6.67 -14.10
C ASN E 827 85.82 -5.46 -13.19
N PHE E 828 84.58 -5.13 -12.83
CA PHE E 828 84.28 -3.85 -12.18
C PHE E 828 84.88 -3.75 -10.78
N THR E 829 85.12 -4.88 -10.13
CA THR E 829 85.68 -4.85 -8.77
C THR E 829 87.19 -5.11 -8.80
N LYS E 830 87.66 -5.91 -9.75
CA LYS E 830 89.09 -6.13 -9.90
C LYS E 830 89.78 -4.89 -10.47
N THR E 831 89.03 -4.04 -11.17
CA THR E 831 89.58 -2.75 -11.56
C THR E 831 89.71 -1.80 -10.38
N SER E 832 89.01 -2.04 -9.28
CA SER E 832 89.05 -1.12 -8.14
C SER E 832 90.14 -1.49 -7.15
N ILE E 833 90.72 -2.68 -7.26
CA ILE E 833 91.82 -3.07 -6.38
C ILE E 833 93.14 -2.75 -7.06
N ARG E 834 93.08 -2.37 -8.34
CA ARG E 834 94.28 -2.06 -9.10
C ARG E 834 94.43 -0.56 -9.26
N MET E 851 83.47 5.10 -0.91
CA MET E 851 83.39 4.31 -2.12
C MET E 851 82.03 3.67 -2.27
N ASP E 852 81.21 4.19 -3.20
CA ASP E 852 79.96 3.53 -3.54
C ASP E 852 79.63 3.87 -4.99
N CYS E 853 80.02 2.99 -5.90
CA CYS E 853 80.01 3.28 -7.34
C CYS E 853 78.75 2.72 -7.98
N VAL E 854 78.13 3.53 -8.85
CA VAL E 854 76.89 3.18 -9.53
C VAL E 854 77.03 3.52 -11.01
N ILE E 855 76.84 2.51 -11.86
CA ILE E 855 76.61 2.73 -13.28
C ILE E 855 75.14 3.04 -13.47
N LEU E 856 74.85 4.13 -14.18
CA LEU E 856 73.50 4.66 -14.24
C LEU E 856 73.28 5.22 -15.64
N ASP E 857 72.22 4.80 -16.30
CA ASP E 857 72.09 5.01 -17.74
C ASP E 857 71.28 6.26 -18.06
N ASP E 858 70.88 6.39 -19.32
CA ASP E 858 69.98 7.45 -19.75
C ASP E 858 68.60 7.16 -19.20
N GLY E 859 68.29 7.68 -18.03
CA GLY E 859 66.95 7.46 -17.57
C GLY E 859 66.90 7.03 -16.13
N GLY E 860 68.04 7.07 -15.47
CA GLY E 860 68.08 6.80 -14.05
C GLY E 860 67.91 5.36 -13.67
N PHE E 861 68.13 4.43 -14.58
CA PHE E 861 67.97 3.02 -14.27
C PHE E 861 69.32 2.45 -13.89
N LEU E 862 69.33 1.72 -12.80
CA LEU E 862 70.55 1.04 -12.36
C LEU E 862 70.95 -0.05 -13.35
N LEU E 863 72.15 0.07 -13.90
CA LEU E 863 72.70 -1.06 -14.64
C LEU E 863 73.58 -1.95 -13.78
N MET E 864 74.65 -1.44 -13.20
CA MET E 864 75.31 -2.24 -12.18
C MET E 864 75.79 -1.33 -11.08
N ALA E 865 76.20 -1.95 -9.98
CA ALA E 865 76.76 -1.21 -8.86
C ALA E 865 77.45 -2.14 -7.88
N ASN E 866 78.43 -1.61 -7.16
CA ASN E 866 78.96 -2.35 -6.04
C ASN E 866 78.00 -2.20 -4.85
N HIS E 867 78.43 -2.73 -3.70
CA HIS E 867 77.72 -2.70 -2.41
C HIS E 867 76.65 -3.78 -2.29
N ASP E 868 76.30 -4.43 -3.41
CA ASP E 868 75.67 -5.75 -3.54
C ASP E 868 74.26 -5.83 -2.94
N ASP E 869 73.80 -4.77 -2.29
CA ASP E 869 72.38 -4.63 -1.99
C ASP E 869 71.64 -4.07 -3.18
N TYR E 870 72.37 -3.50 -4.13
CA TYR E 870 71.82 -2.91 -5.33
C TYR E 870 71.69 -3.90 -6.47
N THR E 871 72.51 -4.95 -6.47
CA THR E 871 72.46 -5.94 -7.55
C THR E 871 71.22 -6.81 -7.49
N ASN E 872 70.48 -6.79 -6.40
CA ASN E 872 69.15 -7.37 -6.39
C ASN E 872 68.12 -6.47 -7.06
N GLN E 873 68.51 -5.25 -7.41
CA GLN E 873 67.63 -4.28 -8.02
C GLN E 873 67.74 -4.02 -9.51
N ILE E 874 68.68 -4.67 -10.20
CA ILE E 874 69.20 -4.25 -11.48
C ILE E 874 68.05 -3.86 -12.40
N GLY E 875 68.09 -2.64 -12.92
CA GLY E 875 67.06 -2.15 -13.80
C GLY E 875 66.02 -1.30 -13.12
N ARG E 876 66.09 -1.16 -11.80
CA ARG E 876 65.13 -0.31 -11.12
C ARG E 876 65.62 1.13 -11.19
N PHE E 877 64.67 2.06 -11.22
CA PHE E 877 64.98 3.47 -11.33
C PHE E 877 65.64 4.04 -10.08
N PHE E 878 66.69 4.85 -10.25
CA PHE E 878 67.62 5.13 -9.16
C PHE E 878 66.95 5.96 -8.07
N GLY E 879 65.88 6.67 -8.42
CA GLY E 879 65.12 7.43 -7.46
C GLY E 879 64.45 6.60 -6.38
N GLU E 880 64.19 5.33 -6.64
CA GLU E 880 63.71 4.45 -5.59
C GLU E 880 64.84 3.78 -4.82
N ILE E 881 66.08 4.17 -5.08
CA ILE E 881 67.23 3.71 -4.30
C ILE E 881 67.78 4.84 -3.43
N ASP E 882 68.29 5.90 -4.05
CA ASP E 882 68.83 7.05 -3.33
C ASP E 882 68.20 8.30 -3.93
N PRO E 883 67.04 8.72 -3.43
CA PRO E 883 66.37 9.89 -4.00
C PRO E 883 67.05 11.21 -3.69
N SER E 884 67.78 11.30 -2.58
CA SER E 884 68.41 12.56 -2.20
C SER E 884 69.53 12.92 -3.15
N LEU E 885 70.18 11.93 -3.75
CA LEU E 885 71.06 12.20 -4.86
C LEU E 885 70.28 12.66 -6.07
N MET E 886 69.16 12.00 -6.35
CA MET E 886 68.54 12.16 -7.67
C MET E 886 67.68 13.41 -7.72
N ARG E 887 67.01 13.76 -6.62
CA ARG E 887 66.36 15.06 -6.53
C ARG E 887 67.38 16.17 -6.63
N HIS E 888 68.58 15.94 -6.13
CA HIS E 888 69.65 16.92 -6.30
C HIS E 888 70.12 16.96 -7.74
N LEU E 889 70.25 15.79 -8.37
CA LEU E 889 70.95 15.69 -9.64
C LEU E 889 70.15 16.30 -10.78
N VAL E 890 68.82 16.37 -10.63
CA VAL E 890 68.04 17.09 -11.63
C VAL E 890 68.13 18.59 -11.40
N ASN E 891 68.50 18.99 -10.18
CA ASN E 891 68.43 20.38 -9.79
C ASN E 891 69.70 21.11 -10.18
N ILE E 892 70.68 20.35 -10.64
CA ILE E 892 71.94 20.92 -11.11
C ILE E 892 72.22 20.51 -12.55
N SER E 893 71.16 20.23 -13.30
CA SER E 893 71.29 19.82 -14.69
C SER E 893 71.90 18.42 -14.81
N VAL E 894 71.49 17.68 -15.83
CA VAL E 894 71.93 16.31 -15.99
C VAL E 894 71.44 15.48 -14.81
N TYR E 895 70.27 14.83 -14.95
CA TYR E 895 69.49 14.86 -16.19
C TYR E 895 68.11 15.48 -15.98
N ALA E 896 67.67 16.22 -16.98
CA ALA E 896 66.37 16.87 -17.00
C ALA E 896 65.26 15.87 -17.30
N PHE E 897 64.04 16.36 -17.51
CA PHE E 897 62.92 15.45 -17.74
C PHE E 897 61.84 16.11 -18.58
N ASN E 898 60.77 15.35 -18.80
CA ASN E 898 59.48 15.84 -19.28
C ASN E 898 58.36 15.03 -18.65
N LYS E 899 57.15 15.59 -18.69
CA LYS E 899 55.99 14.91 -18.14
C LYS E 899 54.79 15.00 -19.09
N SER E 900 54.53 13.91 -19.81
CA SER E 900 53.42 13.88 -20.74
C SER E 900 52.31 13.01 -20.20
N TYR E 901 51.17 13.05 -20.86
CA TYR E 901 49.99 12.32 -20.43
C TYR E 901 49.66 11.27 -21.47
N ASP E 902 49.25 10.10 -21.02
CA ASP E 902 48.82 9.06 -21.94
C ASP E 902 47.39 8.76 -21.59
N TYR E 903 46.48 9.09 -22.50
CA TYR E 903 45.07 9.07 -22.18
C TYR E 903 44.44 7.69 -22.23
N GLN E 904 45.17 6.66 -22.60
CA GLN E 904 44.55 5.37 -22.81
C GLN E 904 45.06 4.26 -21.92
N SER E 905 45.85 4.58 -20.91
CA SER E 905 46.44 3.55 -20.08
C SER E 905 45.43 3.05 -19.06
N VAL E 906 45.29 1.75 -18.99
CA VAL E 906 44.28 1.12 -18.15
C VAL E 906 44.85 0.89 -16.77
N CYS E 907 44.10 1.27 -15.73
CA CYS E 907 44.52 1.06 -14.36
C CYS E 907 43.34 0.58 -13.53
N GLU E 908 43.57 0.47 -12.23
CA GLU E 908 42.57 -0.06 -11.31
C GLU E 908 41.80 1.07 -10.65
N PRO E 909 40.51 0.82 -10.40
CA PRO E 909 39.65 1.83 -9.77
C PRO E 909 39.89 1.99 -8.28
N GLY E 910 39.70 3.21 -7.80
CA GLY E 910 40.05 3.59 -6.45
C GLY E 910 38.99 3.27 -5.43
N ALA E 911 38.83 4.17 -4.48
CA ALA E 911 37.87 4.03 -3.40
C ALA E 911 36.94 5.24 -3.33
N ALA E 912 35.81 5.06 -2.65
CA ALA E 912 34.79 6.10 -2.57
C ALA E 912 34.57 6.59 -1.16
N SER E 973 36.84 -4.51 -13.18
CA SER E 973 38.19 -4.91 -12.76
C SER E 973 39.22 -3.94 -13.28
N LYS E 974 39.36 -3.87 -14.60
CA LYS E 974 40.33 -2.98 -15.23
C LYS E 974 39.59 -2.04 -16.15
N GLN E 975 39.90 -0.75 -16.07
CA GLN E 975 39.28 0.25 -16.93
C GLN E 975 40.20 1.44 -17.10
N SER E 976 39.85 2.31 -18.04
CA SER E 976 40.73 3.31 -18.60
C SER E 976 40.87 4.51 -17.68
N CYS E 977 42.06 5.12 -17.69
CA CYS E 977 42.35 6.23 -16.81
C CYS E 977 43.51 7.01 -17.42
N ILE E 978 43.75 8.20 -16.89
CA ILE E 978 44.87 9.01 -17.34
C ILE E 978 46.06 8.74 -16.45
N THR E 979 47.20 8.48 -17.05
CA THR E 979 48.44 8.29 -16.32
C THR E 979 49.43 9.37 -16.70
N GLU E 980 50.21 9.81 -15.72
CA GLU E 980 51.36 10.68 -15.97
C GLU E 980 52.54 9.82 -16.36
N GLN E 981 53.45 10.39 -17.13
CA GLN E 981 54.64 9.65 -17.56
C GLN E 981 55.84 10.58 -17.52
N THR E 982 56.76 10.31 -16.60
CA THR E 982 57.87 11.22 -16.36
C THR E 982 59.18 10.55 -16.80
N GLN E 983 59.76 11.13 -17.83
CA GLN E 983 60.83 10.48 -18.56
C GLN E 983 62.08 11.35 -18.52
N TYR E 984 63.20 10.76 -18.11
CA TYR E 984 64.41 11.51 -17.82
C TYR E 984 65.41 11.34 -18.94
N PHE E 985 66.24 12.37 -19.20
CA PHE E 985 67.14 12.33 -20.34
C PHE E 985 68.24 13.38 -20.18
N PHE E 986 69.33 13.20 -20.93
CA PHE E 986 70.51 14.06 -20.81
C PHE E 986 70.26 15.45 -21.38
N ASP E 987 70.92 16.46 -20.81
CA ASP E 987 70.67 17.81 -21.31
C ASP E 987 71.88 18.41 -22.02
N ASN E 988 73.01 18.55 -21.34
CA ASN E 988 74.09 19.32 -21.94
C ASN E 988 75.23 18.41 -22.39
N ASP E 989 76.38 19.03 -22.66
CA ASP E 989 77.60 18.30 -22.93
C ASP E 989 78.43 18.28 -21.65
N SER E 990 79.75 18.39 -21.79
CA SER E 990 80.65 18.48 -20.63
C SER E 990 80.50 17.29 -19.70
N LYS E 991 81.10 16.17 -20.10
CA LYS E 991 81.01 14.93 -19.34
C LYS E 991 81.87 14.93 -18.08
N SER E 992 81.59 15.89 -17.20
CA SER E 992 82.29 15.99 -15.93
C SER E 992 81.51 16.85 -14.94
N PHE E 993 80.77 16.19 -14.06
CA PHE E 993 79.91 16.87 -13.10
C PHE E 993 80.38 16.64 -11.67
N SER E 994 81.03 17.66 -11.11
CA SER E 994 81.55 17.61 -9.76
C SER E 994 80.71 18.49 -8.85
N GLY E 995 80.50 18.04 -7.63
CA GLY E 995 79.66 18.78 -6.72
C GLY E 995 79.44 18.06 -5.41
N VAL E 996 79.01 18.80 -4.38
CA VAL E 996 78.88 18.26 -3.03
C VAL E 996 77.44 18.38 -2.60
N LEU E 997 76.91 17.29 -2.06
CA LEU E 997 75.57 17.26 -1.48
C LEU E 997 75.52 17.46 0.02
N ASP E 998 74.72 18.43 0.47
CA ASP E 998 74.52 18.67 1.89
C ASP E 998 73.05 18.46 2.21
N CYS E 999 72.72 17.33 2.84
CA CYS E 999 71.37 17.17 3.36
C CYS E 999 71.20 17.87 4.72
N GLY E 1000 71.88 17.36 5.74
CA GLY E 1000 72.04 18.06 7.00
C GLY E 1000 72.70 17.16 8.02
N ASN E 1001 73.76 17.65 8.69
CA ASN E 1001 74.58 16.99 9.73
C ASN E 1001 75.30 15.74 9.17
N CYS E 1002 75.09 15.41 7.90
CA CYS E 1002 75.90 14.46 7.15
C CYS E 1002 75.98 15.30 5.88
N SER E 1003 77.15 15.29 5.26
CA SER E 1003 77.35 15.72 3.89
C SER E 1003 78.16 14.64 3.17
N ARG E 1004 78.05 14.65 1.85
CA ARG E 1004 78.80 13.69 1.05
C ARG E 1004 79.06 14.28 -0.33
N ILE E 1005 80.05 13.72 -1.02
CA ILE E 1005 80.61 14.35 -2.20
C ILE E 1005 80.30 13.49 -3.41
N PHE E 1006 79.79 14.12 -4.47
CA PHE E 1006 79.49 13.43 -5.71
C PHE E 1006 80.55 13.62 -6.77
N HIS E 1007 80.75 12.60 -7.60
CA HIS E 1007 81.52 12.88 -8.80
C HIS E 1007 80.84 12.16 -9.95
N VAL E 1008 80.04 12.90 -10.69
CA VAL E 1008 79.21 12.37 -11.77
C VAL E 1008 79.98 12.51 -13.07
N GLU E 1009 80.28 11.38 -13.69
CA GLU E 1009 81.07 11.35 -14.90
C GLU E 1009 80.36 10.54 -15.98
N LYS E 1010 80.11 11.18 -17.11
CA LYS E 1010 79.53 10.47 -18.24
C LYS E 1010 80.62 9.73 -19.00
N LEU E 1011 80.30 8.51 -19.42
CA LEU E 1011 81.21 7.76 -20.25
C LEU E 1011 81.06 8.19 -21.70
N MET E 1012 82.17 8.35 -22.38
CA MET E 1012 82.17 8.93 -23.72
C MET E 1012 81.89 7.83 -24.73
N ASN E 1013 81.29 8.22 -25.88
CA ASN E 1013 80.98 7.35 -27.03
C ASN E 1013 79.96 6.28 -26.64
N THR E 1014 79.18 6.55 -25.60
CA THR E 1014 78.20 5.59 -25.10
C THR E 1014 77.19 6.30 -24.22
N ASN E 1015 76.14 5.58 -23.89
CA ASN E 1015 75.02 6.13 -23.14
C ASN E 1015 75.15 5.76 -21.68
N LEU E 1016 76.05 6.43 -20.97
CA LEU E 1016 76.15 6.17 -19.54
C LEU E 1016 76.69 7.29 -18.67
N ILE E 1017 76.18 7.32 -17.44
CA ILE E 1017 76.68 8.15 -16.36
C ILE E 1017 77.33 7.25 -15.34
N PHE E 1018 78.51 7.61 -14.86
CA PHE E 1018 79.13 6.96 -13.70
C PHE E 1018 79.11 7.91 -12.52
N ILE E 1019 78.55 7.46 -11.41
CA ILE E 1019 78.39 8.27 -10.21
C ILE E 1019 79.19 7.66 -9.09
N MET E 1020 80.00 8.50 -8.43
CA MET E 1020 80.70 8.14 -7.21
C MET E 1020 80.12 8.89 -6.02
N VAL E 1021 79.24 8.22 -5.26
CA VAL E 1021 78.64 8.84 -4.09
C VAL E 1021 79.23 8.26 -2.82
N GLU E 1022 79.49 9.12 -1.85
CA GLU E 1022 80.29 8.75 -0.69
C GLU E 1022 79.36 8.32 0.43
N SER E 1023 79.45 7.05 0.82
CA SER E 1023 78.98 6.52 2.10
C SER E 1023 77.49 6.65 2.41
N LYS E 1024 76.64 5.86 1.76
CA LYS E 1024 75.55 5.34 2.58
C LYS E 1024 76.27 4.50 3.61
N GLY E 1025 75.87 4.66 4.86
CA GLY E 1025 76.84 4.69 5.93
C GLY E 1025 76.33 5.72 6.90
N THR E 1026 77.01 6.87 6.93
CA THR E 1026 76.61 8.04 7.70
C THR E 1026 75.16 8.45 7.42
N CYS E 1027 74.59 9.22 8.36
CA CYS E 1027 73.17 9.34 8.69
C CYS E 1027 72.27 9.60 7.49
N PRO E 1028 71.15 8.87 7.40
CA PRO E 1028 70.32 8.93 6.19
C PRO E 1028 69.43 10.16 6.11
N CYS E 1029 68.86 10.35 4.93
CA CYS E 1029 67.88 11.39 4.64
C CYS E 1029 66.71 10.84 3.85
N ASP E 1030 66.09 9.78 4.37
CA ASP E 1030 64.99 9.12 3.66
C ASP E 1030 63.75 10.01 3.67
N THR E 1031 63.72 10.99 2.77
CA THR E 1031 62.63 11.94 2.69
C THR E 1031 61.43 11.41 1.91
N ARG E 1032 61.62 11.18 0.62
CA ARG E 1032 60.56 10.67 -0.25
C ARG E 1032 61.15 9.84 -1.38
N LEU E 1033 60.46 9.76 -2.51
CA LEU E 1033 60.98 9.01 -3.65
C LEU E 1033 60.66 9.76 -4.93
N LEU E 1034 61.63 9.88 -5.83
CA LEU E 1034 61.26 10.14 -7.21
C LEU E 1034 60.82 8.83 -7.86
N ILE E 1035 59.61 8.83 -8.42
CA ILE E 1035 58.99 7.62 -8.88
C ILE E 1035 58.73 7.79 -10.37
N GLN E 1036 59.17 6.81 -11.15
CA GLN E 1036 58.94 6.79 -12.57
C GLN E 1036 57.71 5.93 -12.79
N ALA E 1037 57.74 5.09 -13.82
CA ALA E 1037 56.57 4.28 -14.13
C ALA E 1037 55.40 5.23 -14.31
N GLU E 1038 54.19 4.70 -14.39
CA GLU E 1038 53.04 5.60 -14.53
C GLU E 1038 52.27 5.71 -13.23
N GLN E 1039 51.82 6.92 -12.92
CA GLN E 1039 50.93 7.16 -11.81
C GLN E 1039 49.59 7.66 -12.31
N THR E 1040 48.51 7.04 -11.83
CA THR E 1040 47.15 7.45 -12.17
C THR E 1040 46.91 8.87 -11.69
N SER E 1041 46.43 9.72 -12.59
CA SER E 1041 46.27 11.11 -12.24
C SER E 1041 45.05 11.66 -12.94
N ASP E 1042 44.67 12.87 -12.53
CA ASP E 1042 43.69 13.61 -13.30
C ASP E 1042 44.37 14.22 -14.52
N GLY E 1043 43.55 14.81 -15.37
CA GLY E 1043 44.04 15.50 -16.54
C GLY E 1043 44.61 16.85 -16.19
N PRO E 1044 44.98 17.61 -17.21
CA PRO E 1044 45.15 19.05 -17.02
C PRO E 1044 43.86 19.68 -16.52
N ASP E 1045 43.98 20.82 -15.87
CA ASP E 1045 42.85 21.54 -15.34
C ASP E 1045 41.97 22.03 -16.48
N PRO E 1046 40.76 21.50 -16.62
CA PRO E 1046 39.94 21.89 -17.76
C PRO E 1046 39.29 23.24 -17.58
N CYS E 1047 39.18 23.75 -16.34
CA CYS E 1047 38.68 25.11 -16.14
C CYS E 1047 39.67 26.13 -16.66
N ASP E 1048 40.95 25.76 -16.72
CA ASP E 1048 41.99 26.67 -17.23
C ASP E 1048 42.38 26.33 -18.65
N MET E 1049 42.14 25.10 -19.08
CA MET E 1049 42.46 24.67 -20.43
C MET E 1049 41.50 25.25 -21.47
N VAL E 1050 40.31 25.62 -21.02
CA VAL E 1050 39.30 26.17 -21.92
C VAL E 1050 39.58 27.65 -22.21
N LYS E 1051 40.15 28.34 -21.22
CA LYS E 1051 40.37 29.78 -21.29
C LYS E 1051 40.96 30.16 -22.63
N GLN E 1052 42.17 29.68 -22.89
CA GLN E 1052 42.82 29.90 -24.16
C GLN E 1052 42.87 28.55 -24.85
N PRO E 1053 41.77 28.25 -25.67
CA PRO E 1053 41.76 26.86 -26.14
C PRO E 1053 42.63 26.67 -27.35
N ARG E 1054 42.57 25.48 -27.94
CA ARG E 1054 43.37 25.15 -29.10
C ARG E 1054 42.67 25.56 -30.38
N TYR E 1055 43.41 26.23 -31.25
CA TYR E 1055 42.93 26.62 -32.57
C TYR E 1055 42.21 25.45 -33.22
N ARG E 1056 41.11 25.72 -33.91
CA ARG E 1056 40.44 24.68 -34.66
C ARG E 1056 39.67 25.34 -35.80
N LYS E 1057 39.13 24.52 -36.69
CA LYS E 1057 38.25 25.02 -37.74
C LYS E 1057 37.03 24.11 -37.85
N GLY E 1058 35.84 24.69 -37.81
CA GLY E 1058 34.62 23.92 -37.99
C GLY E 1058 34.20 23.76 -39.44
N PRO E 1059 33.12 22.89 -39.68
CA PRO E 1059 32.75 22.79 -41.11
C PRO E 1059 32.26 24.13 -41.67
N ASP E 1060 31.86 24.15 -42.93
CA ASP E 1060 31.50 25.40 -43.60
C ASP E 1060 30.02 25.48 -44.01
N VAL E 1061 29.34 24.35 -44.11
CA VAL E 1061 27.95 24.34 -44.56
C VAL E 1061 26.98 25.04 -43.60
N CYS E 1062 26.23 24.25 -42.85
CA CYS E 1062 25.27 24.75 -41.85
C CYS E 1062 23.87 25.05 -42.43
N PHE E 1063 22.84 24.84 -41.72
CA PHE E 1063 21.49 24.99 -42.26
C PHE E 1063 20.55 25.44 -41.14
N ASP E 1064 20.00 26.64 -41.28
CA ASP E 1064 19.12 27.21 -40.26
C ASP E 1064 18.16 28.20 -40.90
N ASN E 1065 16.91 28.22 -40.40
CA ASN E 1065 15.93 29.28 -40.64
C ASN E 1065 15.52 29.54 -42.08
N ASN E 1066 14.75 28.64 -42.68
CA ASN E 1066 14.09 28.94 -43.94
C ASN E 1066 12.83 29.77 -43.70
N VAL E 1067 12.37 30.42 -44.75
CA VAL E 1067 11.17 31.25 -44.67
C VAL E 1067 9.92 30.41 -44.47
N LEU E 1068 9.89 29.24 -45.11
CA LEU E 1068 8.74 28.34 -45.00
C LEU E 1068 8.68 27.69 -43.62
N GLU E 1069 9.26 26.51 -43.50
CA GLU E 1069 9.27 25.79 -42.23
C GLU E 1069 7.86 25.43 -41.79
N ASP E 1070 7.14 26.42 -41.28
CA ASP E 1070 5.78 26.22 -40.80
C ASP E 1070 5.76 25.51 -39.46
N TYR E 1071 6.07 26.25 -38.40
CA TYR E 1071 6.09 25.69 -37.05
C TYR E 1071 4.70 25.70 -36.44
N THR E 1072 3.98 24.59 -36.56
CA THR E 1072 2.64 24.48 -36.01
C THR E 1072 2.40 23.10 -35.42
N ASP E 1073 3.40 22.57 -34.71
CA ASP E 1073 3.30 21.26 -34.09
C ASP E 1073 3.66 21.32 -32.61
N CYS E 1074 4.91 21.15 -32.31
CA CYS E 1074 5.34 21.20 -30.91
C CYS E 1074 4.36 20.43 -30.01
#